data_1RVX
#
_entry.id   1RVX
#
_cell.length_a   227.878
_cell.length_b   131.344
_cell.length_c   174.708
_cell.angle_alpha   90.00
_cell.angle_beta   110.09
_cell.angle_gamma   90.00
#
_symmetry.space_group_name_H-M   'C 1 2 1'
#
loop_
_entity.id
_entity.type
_entity.pdbx_description
1 polymer hemagglutinin
2 polymer Hemagglutinin
3 branched 'N-acetyl-alpha-neuraminic acid-(2-3)-beta-D-galactopyranose-(1-4)-2-acetamido-2-deoxy-beta-D-glucopyranose'
4 non-polymer 2-acetamido-2-deoxy-beta-D-glucopyranose
5 water water
#
loop_
_entity_poly.entity_id
_entity_poly.type
_entity_poly.pdbx_seq_one_letter_code
_entity_poly.pdbx_strand_id
1 'polypeptide(L)'
;ATNADTICIGYHANNSTDTVDTVLEKNVTVTHSVNLLEDSHNGKLCRLKGIAPLQLGKCNIAGWLLGNPECDPLLPVRSW
SYIVETPNSENGICYPGDFIDYEELREQLSSVSSFERFEIFPKESSWPNHNTNGVTAACSHEGKSSFYRNLLWLTEKEGS
YPKLKNSYVNKKGKEVLVLWGIHHPPNSKEQQNLYQNENAYVSVVTSNYNRRFTPEIAERPKVRDQAGRMNYYWTLLKPG
DTIIFEANGNLIAPMYAFALRRGFGSGIITSNASMHECNTKCQTPLGAINSSLPYQNIHPVTIGECPKYVRSAKLRMVTG
LRNIPAR
;
A,C,E,G,I,K
2 'polypeptide(L)'
;GLFGAIAGFIEGGWTGMIDGWYGYHHQNEQGSGYAADQKSTQNAINGITNKVNSVIEKMNIQFTAVGKEFNKLEKRMENL
NNKVDDGFLDIWTYNAELLVLLENERTLDFHDSNVKNLYEKVKSQLKNNAKEIGNGCFEFYHKCDNECMESVRNGTYDYP
;
B,D,F,H,J,L
#
loop_
_chem_comp.id
_chem_comp.type
_chem_comp.name
_chem_comp.formula
GAL D-saccharide, beta linking beta-D-galactopyranose 'C6 H12 O6'
NAG D-saccharide, beta linking 2-acetamido-2-deoxy-beta-D-glucopyranose 'C8 H15 N O6'
SIA D-saccharide, alpha linking 'N-acetyl-alpha-neuraminic acid' 'C11 H19 N O9'
#
# COMPACT_ATOMS: atom_id res chain seq x y z
N ASP A 5 0.52 -21.92 14.14
CA ASP A 5 -0.27 -21.08 13.19
C ASP A 5 -1.46 -20.44 13.89
N THR A 6 -1.48 -19.11 13.91
CA THR A 6 -2.55 -18.36 14.56
C THR A 6 -3.11 -17.25 13.70
N ILE A 7 -4.43 -17.07 13.74
CA ILE A 7 -5.10 -16.01 12.99
C ILE A 7 -5.98 -15.23 13.95
N CYS A 8 -5.78 -13.92 14.00
CA CYS A 8 -6.56 -13.08 14.91
C CYS A 8 -7.43 -12.06 14.19
N ILE A 9 -8.58 -11.76 14.78
CA ILE A 9 -9.51 -10.78 14.27
C ILE A 9 -9.31 -9.52 15.11
N GLY A 10 -9.01 -8.40 14.45
CA GLY A 10 -8.80 -7.17 15.17
C GLY A 10 -9.26 -5.94 14.43
N TYR A 11 -9.08 -4.78 15.05
CA TYR A 11 -9.50 -3.52 14.45
C TYR A 11 -8.42 -2.45 14.42
N HIS A 12 -8.57 -1.53 13.47
CA HIS A 12 -7.64 -0.42 13.27
C HIS A 12 -7.45 0.46 14.49
N ALA A 13 -6.28 1.10 14.54
CA ALA A 13 -5.90 2.02 15.61
C ALA A 13 -4.87 2.97 14.99
N ASN A 14 -4.59 4.09 15.64
CA ASN A 14 -3.60 5.03 15.10
C ASN A 14 -3.11 6.05 16.13
N ASN A 15 -2.53 7.14 15.63
CA ASN A 15 -1.97 8.18 16.49
C ASN A 15 -2.97 9.29 16.80
N SER A 16 -3.99 9.42 15.95
CA SER A 16 -5.02 10.44 16.10
C SER A 16 -5.39 10.76 17.55
N THR A 17 -5.53 12.05 17.85
CA THR A 17 -5.91 12.49 19.18
C THR A 17 -7.28 13.16 19.17
N ASP A 18 -8.00 12.98 18.06
CA ASP A 18 -9.35 13.53 17.89
C ASP A 18 -10.28 13.01 18.97
N THR A 19 -11.12 13.89 19.51
CA THR A 19 -12.06 13.47 20.53
C THR A 19 -13.47 13.91 20.19
N VAL A 20 -14.44 13.17 20.70
CA VAL A 20 -15.85 13.47 20.48
C VAL A 20 -16.62 13.10 21.73
N ASP A 21 -17.84 13.63 21.85
CA ASP A 21 -18.67 13.31 22.98
C ASP A 21 -19.78 12.39 22.51
N THR A 22 -20.29 11.57 23.44
CA THR A 22 -21.39 10.66 23.18
C THR A 22 -22.30 10.84 24.39
N VAL A 23 -23.43 10.16 24.40
CA VAL A 23 -24.36 10.27 25.50
C VAL A 23 -23.83 9.65 26.78
N LEU A 24 -23.12 8.54 26.66
CA LEU A 24 -22.59 7.83 27.83
C LEU A 24 -21.22 8.28 28.28
N GLU A 25 -20.39 8.71 27.34
CA GLU A 25 -19.03 9.11 27.67
C GLU A 25 -18.59 10.37 26.93
N LYS A 26 -17.76 11.18 27.60
CA LYS A 26 -17.24 12.42 27.02
C LYS A 26 -15.76 12.25 26.66
N ASN A 27 -15.33 13.02 25.67
CA ASN A 27 -13.93 12.98 25.20
C ASN A 27 -13.46 11.60 24.82
N VAL A 28 -14.14 10.95 23.89
CA VAL A 28 -13.73 9.63 23.45
C VAL A 28 -12.75 9.82 22.30
N THR A 29 -11.50 9.41 22.52
CA THR A 29 -10.48 9.53 21.49
C THR A 29 -10.85 8.56 20.38
N VAL A 30 -10.88 9.04 19.15
CA VAL A 30 -11.26 8.19 18.03
C VAL A 30 -10.24 8.26 16.88
N THR A 31 -10.25 7.24 16.03
CA THR A 31 -9.30 7.19 14.92
C THR A 31 -9.58 8.19 13.81
N HIS A 32 -10.85 8.35 13.45
CA HIS A 32 -11.25 9.28 12.40
C HIS A 32 -12.50 10.03 12.82
N SER A 33 -12.68 11.23 12.28
CA SER A 33 -13.84 12.07 12.58
C SER A 33 -13.92 13.25 11.62
N VAL A 34 -15.04 13.96 11.68
CA VAL A 34 -15.26 15.12 10.82
C VAL A 34 -15.89 16.25 11.61
N ASN A 35 -15.37 17.45 11.42
CA ASN A 35 -15.90 18.63 12.10
C ASN A 35 -17.08 19.13 11.27
N LEU A 36 -18.17 19.50 11.93
CA LEU A 36 -19.35 19.99 11.24
C LEU A 36 -19.62 21.46 11.55
N LEU A 37 -18.79 22.02 12.42
CA LEU A 37 -18.93 23.40 12.87
C LEU A 37 -17.87 24.35 12.33
N GLU A 38 -18.26 25.24 11.43
CA GLU A 38 -17.33 26.20 10.85
C GLU A 38 -17.07 27.34 11.84
N ASP A 39 -15.81 27.52 12.22
CA ASP A 39 -15.44 28.57 13.16
C ASP A 39 -14.42 29.56 12.56
N SER A 40 -14.15 29.41 11.26
CA SER A 40 -13.20 30.28 10.58
C SER A 40 -13.83 31.23 9.57
N HIS A 41 -13.34 32.45 9.55
CA HIS A 41 -13.79 33.46 8.60
C HIS A 41 -12.54 34.29 8.25
N ASN A 42 -12.58 35.05 7.17
CA ASN A 42 -11.39 35.79 6.76
C ASN A 42 -11.24 37.20 7.31
N GLY A 43 -12.10 37.57 8.26
CA GLY A 43 -12.05 38.89 8.88
C GLY A 43 -12.21 40.10 7.97
N LYS A 44 -12.72 39.89 6.76
CA LYS A 44 -12.88 40.99 5.81
C LYS A 44 -14.30 41.07 5.24
N LEU A 45 -14.62 42.22 4.66
CA LEU A 45 -15.92 42.40 4.00
C LEU A 45 -15.56 42.15 2.54
N CYS A 46 -16.33 41.29 1.89
CA CYS A 46 -16.05 40.95 0.50
C CYS A 46 -17.19 41.23 -0.44
N ARG A 47 -16.93 40.99 -1.72
CA ARG A 47 -17.96 41.13 -2.73
C ARG A 47 -18.77 39.86 -2.57
N LEU A 48 -20.03 39.92 -2.99
CA LEU A 48 -20.90 38.77 -2.90
C LEU A 48 -21.13 38.34 -4.33
N LYS A 49 -20.53 37.22 -4.70
CA LYS A 49 -20.64 36.73 -6.07
C LYS A 49 -20.26 37.82 -7.06
N GLY A 50 -19.15 38.50 -6.80
CA GLY A 50 -18.69 39.54 -7.70
C GLY A 50 -19.18 40.96 -7.49
N ILE A 51 -20.28 41.16 -6.77
CA ILE A 51 -20.81 42.50 -6.55
C ILE A 51 -20.37 43.09 -5.21
N ALA A 52 -19.90 44.32 -5.25
CA ALA A 52 -19.43 44.99 -4.05
C ALA A 52 -20.59 45.54 -3.21
N PRO A 53 -20.40 45.58 -1.89
CA PRO A 53 -21.46 46.11 -1.03
C PRO A 53 -21.41 47.62 -1.01
N LEU A 54 -22.46 48.23 -0.48
CA LEU A 54 -22.51 49.68 -0.36
C LEU A 54 -22.03 50.00 1.04
N GLN A 55 -20.92 50.72 1.14
CA GLN A 55 -20.38 51.08 2.44
C GLN A 55 -20.79 52.51 2.78
N LEU A 56 -21.73 52.64 3.70
CA LEU A 56 -22.21 53.95 4.12
C LEU A 56 -21.16 54.65 4.97
N GLY A 57 -20.28 53.86 5.59
CA GLY A 57 -19.23 54.41 6.42
C GLY A 57 -19.69 55.23 7.61
N LYS A 58 -19.39 56.52 7.54
CA LYS A 58 -19.73 57.50 8.58
C LYS A 58 -21.19 57.95 8.46
N CYS A 59 -21.85 57.52 7.39
CA CYS A 59 -23.24 57.88 7.16
C CYS A 59 -24.17 56.71 7.43
N ASN A 60 -25.46 56.99 7.55
CA ASN A 60 -26.45 55.94 7.75
C ASN A 60 -27.45 56.10 6.62
N ILE A 61 -28.44 55.21 6.55
CA ILE A 61 -29.44 55.26 5.49
C ILE A 61 -30.03 56.65 5.29
N ALA A 62 -30.41 57.29 6.38
CA ALA A 62 -31.00 58.63 6.32
C ALA A 62 -30.05 59.63 5.68
N GLY A 63 -28.81 59.68 6.14
CA GLY A 63 -27.84 60.61 5.56
C GLY A 63 -27.67 60.35 4.09
N TRP A 64 -27.59 59.08 3.73
CA TRP A 64 -27.43 58.68 2.35
C TRP A 64 -28.60 59.08 1.46
N LEU A 65 -29.82 58.67 1.81
CA LEU A 65 -30.98 59.00 0.98
C LEU A 65 -31.36 60.48 0.93
N LEU A 66 -31.13 61.23 2.00
CA LEU A 66 -31.47 62.65 2.01
C LEU A 66 -30.41 63.45 1.27
N GLY A 67 -29.17 63.00 1.35
CA GLY A 67 -28.09 63.70 0.69
C GLY A 67 -27.32 64.60 1.65
N ASN A 68 -27.11 64.11 2.86
CA ASN A 68 -26.36 64.85 3.87
C ASN A 68 -25.03 65.17 3.16
N PRO A 69 -24.61 66.45 3.18
CA PRO A 69 -23.35 66.85 2.53
C PRO A 69 -22.15 65.99 2.90
N GLU A 70 -22.19 65.42 4.10
CA GLU A 70 -21.11 64.55 4.59
C GLU A 70 -21.08 63.18 3.91
N CYS A 71 -22.07 62.91 3.04
CA CYS A 71 -22.15 61.62 2.37
C CYS A 71 -22.02 61.74 0.85
N ASP A 72 -21.44 62.83 0.36
CA ASP A 72 -21.30 63.04 -1.07
C ASP A 72 -20.64 61.87 -1.82
N PRO A 73 -19.61 61.24 -1.24
CA PRO A 73 -18.93 60.12 -1.90
C PRO A 73 -19.88 58.99 -2.32
N LEU A 74 -21.03 58.90 -1.64
CA LEU A 74 -22.01 57.87 -1.93
C LEU A 74 -22.92 58.21 -3.11
N LEU A 75 -23.05 59.49 -3.42
CA LEU A 75 -23.91 59.93 -4.51
C LEU A 75 -23.81 59.16 -5.84
N PRO A 76 -22.60 58.78 -6.27
CA PRO A 76 -22.43 58.05 -7.52
C PRO A 76 -22.75 56.54 -7.52
N VAL A 77 -22.82 55.92 -6.35
CA VAL A 77 -23.11 54.50 -6.27
C VAL A 77 -24.51 54.15 -6.77
N ARG A 78 -24.60 53.19 -7.68
CA ARG A 78 -25.88 52.78 -8.25
C ARG A 78 -26.31 51.35 -8.00
N SER A 79 -25.36 50.48 -7.65
CA SER A 79 -25.69 49.08 -7.40
C SER A 79 -24.82 48.56 -6.27
N TRP A 80 -25.29 47.50 -5.61
CA TRP A 80 -24.57 46.91 -4.49
C TRP A 80 -25.18 45.56 -4.17
N SER A 81 -24.43 44.72 -3.45
CA SER A 81 -24.88 43.38 -3.10
C SER A 81 -25.51 43.32 -1.70
N TYR A 82 -25.11 44.26 -0.84
CA TYR A 82 -25.63 44.40 0.51
C TYR A 82 -25.17 45.75 1.06
N ILE A 83 -25.88 46.25 2.07
CA ILE A 83 -25.55 47.54 2.65
C ILE A 83 -24.82 47.38 3.97
N VAL A 84 -23.78 48.20 4.16
CA VAL A 84 -22.98 48.12 5.37
C VAL A 84 -22.97 49.44 6.11
N GLU A 85 -23.30 49.38 7.41
CA GLU A 85 -23.27 50.55 8.27
C GLU A 85 -22.18 50.22 9.28
N THR A 86 -21.63 51.25 9.92
CA THR A 86 -20.56 51.04 10.90
C THR A 86 -20.99 51.59 12.24
N PRO A 87 -20.25 51.23 13.31
CA PRO A 87 -20.57 51.72 14.65
C PRO A 87 -20.53 53.25 14.65
N ASN A 88 -19.85 53.81 13.66
CA ASN A 88 -19.72 55.25 13.54
C ASN A 88 -20.61 55.89 12.47
N SER A 89 -21.69 55.20 12.09
CA SER A 89 -22.61 55.75 11.10
C SER A 89 -23.51 56.75 11.82
N GLU A 90 -22.95 57.91 12.15
CA GLU A 90 -23.66 58.95 12.87
C GLU A 90 -24.27 60.07 12.02
N ASN A 91 -23.82 60.18 10.77
CA ASN A 91 -24.32 61.21 9.87
C ASN A 91 -25.60 60.81 9.14
N GLY A 92 -26.72 61.22 9.71
CA GLY A 92 -28.01 60.93 9.11
C GLY A 92 -28.63 62.28 8.82
N ILE A 93 -29.73 62.60 9.48
CA ILE A 93 -30.34 63.91 9.27
C ILE A 93 -29.39 64.91 9.93
N CYS A 94 -29.24 66.09 9.34
CA CYS A 94 -28.35 67.09 9.93
C CYS A 94 -29.18 68.21 10.56
N TYR A 95 -30.35 68.47 10.00
CA TYR A 95 -31.23 69.46 10.57
C TYR A 95 -32.16 68.67 11.50
N PRO A 96 -32.19 69.02 12.80
CA PRO A 96 -33.02 68.31 13.78
C PRO A 96 -34.47 68.10 13.35
N GLY A 97 -35.01 66.94 13.69
CA GLY A 97 -36.39 66.63 13.34
C GLY A 97 -36.65 65.13 13.40
N ASP A 98 -37.79 64.72 12.88
CA ASP A 98 -38.14 63.31 12.91
C ASP A 98 -38.28 62.74 11.51
N PHE A 99 -37.70 61.57 11.29
CA PHE A 99 -37.78 60.90 9.99
C PHE A 99 -38.91 59.87 10.14
N ILE A 100 -40.07 60.19 9.57
CA ILE A 100 -41.23 59.34 9.67
C ILE A 100 -41.13 58.01 8.91
N ASP A 101 -41.45 56.93 9.64
CA ASP A 101 -41.41 55.57 9.11
C ASP A 101 -40.03 55.25 8.58
N TYR A 102 -39.02 55.71 9.31
CA TYR A 102 -37.63 55.48 8.92
C TYR A 102 -37.24 54.00 8.89
N GLU A 103 -37.66 53.25 9.91
CA GLU A 103 -37.33 51.83 9.96
C GLU A 103 -37.92 51.10 8.76
N GLU A 104 -39.11 51.51 8.34
CA GLU A 104 -39.76 50.88 7.19
C GLU A 104 -39.00 51.26 5.89
N LEU A 105 -38.46 52.48 5.83
CA LEU A 105 -37.71 52.88 4.65
C LEU A 105 -36.46 51.99 4.57
N ARG A 106 -35.82 51.77 5.71
CA ARG A 106 -34.63 50.92 5.75
C ARG A 106 -35.00 49.51 5.29
N GLU A 107 -36.16 49.02 5.70
CA GLU A 107 -36.58 47.69 5.30
C GLU A 107 -36.77 47.66 3.79
N GLN A 108 -37.33 48.75 3.24
CA GLN A 108 -37.55 48.87 1.80
C GLN A 108 -36.24 48.82 1.04
N LEU A 109 -35.23 49.53 1.52
CA LEU A 109 -33.92 49.56 0.87
C LEU A 109 -33.20 48.23 0.95
N SER A 110 -33.61 47.37 1.88
CA SER A 110 -33.00 46.06 2.07
C SER A 110 -33.22 45.09 0.90
N SER A 111 -34.23 45.36 0.07
CA SER A 111 -34.48 44.49 -1.07
C SER A 111 -34.26 45.22 -2.38
N VAL A 112 -33.49 46.31 -2.34
CA VAL A 112 -33.19 47.08 -3.53
C VAL A 112 -31.79 46.65 -3.98
N SER A 113 -31.68 46.22 -5.23
CA SER A 113 -30.38 45.80 -5.76
C SER A 113 -29.70 46.98 -6.44
N SER A 114 -30.49 47.94 -6.90
CA SER A 114 -29.93 49.12 -7.56
C SER A 114 -30.99 50.18 -7.84
N PHE A 115 -30.54 51.42 -8.05
CA PHE A 115 -31.46 52.50 -8.37
C PHE A 115 -30.77 53.59 -9.17
N GLU A 116 -31.55 54.49 -9.73
CA GLU A 116 -30.95 55.61 -10.45
C GLU A 116 -31.38 56.90 -9.79
N ARG A 117 -30.41 57.68 -9.34
CA ARG A 117 -30.66 58.97 -8.73
C ARG A 117 -30.86 59.93 -9.87
N PHE A 118 -32.02 60.57 -9.91
CA PHE A 118 -32.33 61.51 -10.98
C PHE A 118 -33.08 62.72 -10.46
N GLU A 119 -32.96 63.83 -11.17
CA GLU A 119 -33.63 65.07 -10.80
C GLU A 119 -35.11 64.96 -11.10
N ILE A 120 -35.93 65.00 -10.05
CA ILE A 120 -37.37 64.90 -10.22
C ILE A 120 -37.90 66.33 -10.40
N PHE A 121 -37.27 67.27 -9.70
CA PHE A 121 -37.64 68.67 -9.79
C PHE A 121 -36.39 69.54 -9.92
N PRO A 122 -35.90 69.73 -11.15
CA PRO A 122 -34.70 70.55 -11.41
C PRO A 122 -34.68 71.87 -10.63
N LYS A 123 -33.64 72.06 -9.83
CA LYS A 123 -33.45 73.24 -9.00
C LYS A 123 -33.91 74.53 -9.66
N GLU A 124 -33.59 74.67 -10.94
CA GLU A 124 -33.97 75.84 -11.70
C GLU A 124 -34.89 75.48 -12.86
N SER A 125 -36.14 75.93 -12.76
CA SER A 125 -37.20 75.72 -13.75
C SER A 125 -38.41 75.14 -13.04
N SER A 126 -38.18 74.56 -11.86
CA SER A 126 -39.26 73.97 -11.08
C SER A 126 -39.92 75.01 -10.19
N TRP A 127 -39.12 75.89 -9.59
CA TRP A 127 -39.67 76.90 -8.68
C TRP A 127 -39.30 78.33 -9.10
N PRO A 128 -39.92 78.83 -10.18
CA PRO A 128 -39.69 80.18 -10.71
C PRO A 128 -39.99 81.32 -9.74
N ASN A 129 -41.03 81.15 -8.92
CA ASN A 129 -41.43 82.20 -8.00
C ASN A 129 -41.04 82.02 -6.54
N HIS A 130 -39.97 81.28 -6.28
CA HIS A 130 -39.53 81.05 -4.91
C HIS A 130 -38.01 81.02 -4.81
N ASN A 131 -37.48 81.39 -3.63
CA ASN A 131 -36.04 81.32 -3.43
C ASN A 131 -35.70 79.87 -3.09
N THR A 132 -34.56 79.40 -3.57
CA THR A 132 -34.15 78.01 -3.34
C THR A 132 -32.74 77.92 -2.78
N ASN A 133 -32.20 79.04 -2.33
CA ASN A 133 -30.84 79.07 -1.79
C ASN A 133 -30.78 78.81 -0.29
N GLY A 134 -31.91 78.47 0.31
CA GLY A 134 -31.94 78.20 1.74
C GLY A 134 -30.84 77.23 2.15
N VAL A 135 -30.12 77.58 3.20
CA VAL A 135 -29.00 76.76 3.69
C VAL A 135 -28.96 76.81 5.22
N THR A 136 -28.20 75.90 5.84
CA THR A 136 -28.12 75.86 7.30
C THR A 136 -26.76 75.37 7.80
N ALA A 137 -26.33 75.92 8.93
CA ALA A 137 -25.04 75.53 9.52
C ALA A 137 -25.15 74.12 10.08
N ALA A 138 -26.38 73.66 10.28
CA ALA A 138 -26.62 72.33 10.81
C ALA A 138 -26.19 71.30 9.77
N CYS A 139 -26.23 71.70 8.50
CA CYS A 139 -25.83 70.84 7.39
C CYS A 139 -24.69 71.53 6.67
N SER A 140 -23.59 71.73 7.36
CA SER A 140 -22.45 72.40 6.77
C SER A 140 -21.52 71.46 6.01
N HIS A 141 -20.77 72.06 5.09
CA HIS A 141 -19.80 71.33 4.29
C HIS A 141 -18.65 72.26 3.97
N GLU A 142 -17.42 71.78 4.19
CA GLU A 142 -16.23 72.59 3.97
C GLU A 142 -16.31 73.80 4.90
N GLY A 143 -16.74 73.56 6.13
CA GLY A 143 -16.87 74.62 7.12
C GLY A 143 -17.83 75.72 6.72
N LYS A 144 -18.66 75.47 5.72
CA LYS A 144 -19.60 76.47 5.25
C LYS A 144 -21.03 75.91 5.22
N SER A 145 -21.99 76.71 5.69
CA SER A 145 -23.40 76.31 5.71
C SER A 145 -23.85 75.76 4.37
N SER A 146 -24.56 74.64 4.39
CA SER A 146 -25.03 74.02 3.17
C SER A 146 -26.40 73.36 3.36
N PHE A 147 -26.73 72.38 2.51
CA PHE A 147 -28.02 71.71 2.61
C PHE A 147 -28.01 70.33 1.94
N TYR A 148 -29.04 69.55 2.22
CA TYR A 148 -29.18 68.21 1.64
C TYR A 148 -29.07 68.28 0.12
N ARG A 149 -28.32 67.34 -0.46
CA ARG A 149 -28.14 67.32 -1.91
C ARG A 149 -29.39 66.93 -2.67
N ASN A 150 -30.27 66.15 -2.04
CA ASN A 150 -31.46 65.70 -2.74
C ASN A 150 -32.73 66.50 -2.49
N LEU A 151 -32.65 67.49 -1.61
CA LEU A 151 -33.80 68.32 -1.30
C LEU A 151 -33.49 69.81 -1.52
N LEU A 152 -34.53 70.63 -1.56
CA LEU A 152 -34.40 72.08 -1.73
C LEU A 152 -35.22 72.84 -0.71
N TRP A 153 -34.60 73.79 -0.03
CA TRP A 153 -35.30 74.60 0.96
C TRP A 153 -35.93 75.78 0.23
N LEU A 154 -37.25 75.76 0.09
CA LEU A 154 -37.94 76.85 -0.59
C LEU A 154 -38.30 77.92 0.43
N THR A 155 -38.10 79.19 0.04
CA THR A 155 -38.45 80.31 0.91
C THR A 155 -39.08 81.45 0.13
N GLU A 156 -39.53 82.45 0.88
CA GLU A 156 -40.16 83.63 0.32
C GLU A 156 -39.24 84.33 -0.69
N LYS A 157 -39.82 84.76 -1.80
CA LYS A 157 -39.07 85.46 -2.83
C LYS A 157 -39.60 86.88 -2.97
N GLU A 158 -38.82 87.84 -2.49
CA GLU A 158 -39.18 89.26 -2.56
C GLU A 158 -40.40 89.58 -1.71
N GLY A 159 -40.43 89.03 -0.49
CA GLY A 159 -41.53 89.25 0.42
C GLY A 159 -42.82 88.56 0.01
N SER A 160 -42.69 87.57 -0.87
CA SER A 160 -43.85 86.85 -1.36
C SER A 160 -43.63 85.34 -1.51
N TYR A 161 -44.59 84.55 -1.05
CA TYR A 161 -44.51 83.10 -1.17
C TYR A 161 -45.78 82.60 -1.84
N PRO A 162 -45.79 82.59 -3.19
CA PRO A 162 -46.94 82.13 -3.98
C PRO A 162 -47.30 80.68 -3.68
N LYS A 163 -48.57 80.34 -3.82
CA LYS A 163 -49.01 78.97 -3.60
C LYS A 163 -48.47 78.17 -4.78
N LEU A 164 -47.59 77.22 -4.48
CA LEU A 164 -46.98 76.39 -5.52
C LEU A 164 -47.68 75.05 -5.71
N LYS A 165 -47.54 74.51 -6.92
CA LYS A 165 -48.12 73.21 -7.24
C LYS A 165 -47.31 72.61 -8.38
N ASN A 166 -46.54 71.57 -8.07
CA ASN A 166 -45.73 70.90 -9.07
C ASN A 166 -46.04 69.42 -9.10
N SER A 167 -46.01 68.84 -10.29
CA SER A 167 -46.31 67.42 -10.46
C SER A 167 -45.18 66.70 -11.19
N TYR A 168 -45.13 65.40 -10.96
CA TYR A 168 -44.15 64.55 -11.60
C TYR A 168 -44.84 63.25 -11.96
N VAL A 169 -44.75 62.88 -13.23
CA VAL A 169 -45.36 61.65 -13.70
C VAL A 169 -44.25 60.61 -13.80
N ASN A 170 -44.46 59.47 -13.14
CA ASN A 170 -43.46 58.42 -13.14
C ASN A 170 -43.45 57.66 -14.46
N LYS A 171 -42.45 57.93 -15.29
CA LYS A 171 -42.33 57.25 -16.57
C LYS A 171 -41.05 56.43 -16.63
N LYS A 172 -40.58 56.01 -15.44
CA LYS A 172 -39.36 55.21 -15.33
C LYS A 172 -39.59 53.72 -15.51
N GLY A 173 -40.84 53.28 -15.39
CA GLY A 173 -41.12 51.85 -15.53
C GLY A 173 -40.67 51.11 -14.27
N LYS A 174 -40.52 51.86 -13.18
CA LYS A 174 -40.10 51.30 -11.89
C LYS A 174 -40.60 52.18 -10.75
N GLU A 175 -40.57 51.63 -9.54
CA GLU A 175 -41.00 52.39 -8.37
C GLU A 175 -40.06 53.55 -8.17
N VAL A 176 -40.59 54.70 -7.80
CA VAL A 176 -39.75 55.85 -7.56
C VAL A 176 -39.92 56.33 -6.12
N LEU A 177 -38.83 56.24 -5.35
CA LEU A 177 -38.84 56.68 -3.97
C LEU A 177 -38.70 58.19 -3.98
N VAL A 178 -39.70 58.88 -3.43
CA VAL A 178 -39.67 60.33 -3.35
C VAL A 178 -39.58 60.74 -1.89
N LEU A 179 -38.65 61.63 -1.58
CA LEU A 179 -38.46 62.11 -0.23
C LEU A 179 -38.65 63.62 -0.17
N TRP A 180 -39.05 64.11 0.99
CA TRP A 180 -39.26 65.55 1.17
C TRP A 180 -39.31 65.87 2.65
N GLY A 181 -39.39 67.16 2.96
CA GLY A 181 -39.43 67.58 4.34
C GLY A 181 -40.42 68.70 4.59
N ILE A 182 -40.70 68.93 5.87
CA ILE A 182 -41.61 69.98 6.29
C ILE A 182 -40.85 70.74 7.35
N HIS A 183 -40.64 72.03 7.16
CA HIS A 183 -39.91 72.80 8.16
C HIS A 183 -40.84 73.42 9.19
N HIS A 184 -40.40 73.45 10.45
CA HIS A 184 -41.21 73.99 11.54
C HIS A 184 -40.49 75.09 12.33
N PRO A 185 -40.76 76.35 11.99
CA PRO A 185 -40.13 77.49 12.69
C PRO A 185 -40.44 77.44 14.18
N PRO A 186 -39.55 78.00 15.02
CA PRO A 186 -39.80 77.99 16.46
C PRO A 186 -40.75 79.11 16.91
N ASN A 187 -40.97 80.10 16.05
CA ASN A 187 -41.86 81.22 16.36
C ASN A 187 -42.52 81.84 15.14
N SER A 188 -43.62 82.54 15.38
CA SER A 188 -44.39 83.19 14.34
C SER A 188 -43.60 84.19 13.48
N LYS A 189 -42.66 84.90 14.10
CA LYS A 189 -41.85 85.87 13.37
C LYS A 189 -41.11 85.17 12.23
N GLU A 190 -40.40 84.10 12.57
CA GLU A 190 -39.65 83.34 11.59
C GLU A 190 -40.55 82.83 10.47
N GLN A 191 -41.65 82.18 10.84
CA GLN A 191 -42.59 81.67 9.85
C GLN A 191 -42.93 82.76 8.84
N GLN A 192 -43.20 83.94 9.34
CA GLN A 192 -43.55 85.08 8.51
C GLN A 192 -42.39 85.49 7.61
N ASN A 193 -41.19 85.60 8.19
CA ASN A 193 -40.01 85.99 7.43
C ASN A 193 -39.60 84.98 6.37
N LEU A 194 -39.81 83.70 6.63
CA LEU A 194 -39.42 82.68 5.67
C LEU A 194 -40.48 82.31 4.64
N TYR A 195 -41.74 82.27 5.06
CA TYR A 195 -42.80 81.86 4.14
C TYR A 195 -43.96 82.82 3.91
N GLN A 196 -43.89 84.01 4.50
CA GLN A 196 -44.94 85.02 4.34
C GLN A 196 -46.27 84.65 4.97
N ASN A 197 -46.93 83.62 4.43
CA ASN A 197 -48.23 83.19 4.95
C ASN A 197 -48.12 82.65 6.38
N GLU A 198 -48.93 83.18 7.27
CA GLU A 198 -48.91 82.77 8.67
C GLU A 198 -49.45 81.35 8.87
N ASN A 199 -50.55 81.05 8.17
CA ASN A 199 -51.16 79.73 8.26
C ASN A 199 -50.96 78.97 6.97
N ALA A 200 -49.80 78.33 6.87
CA ALA A 200 -49.43 77.58 5.69
C ALA A 200 -49.76 76.10 5.84
N TYR A 201 -49.60 75.36 4.75
CA TYR A 201 -49.87 73.94 4.73
C TYR A 201 -49.14 73.35 3.54
N VAL A 202 -48.93 72.04 3.57
CA VAL A 202 -48.29 71.34 2.47
C VAL A 202 -49.15 70.12 2.20
N SER A 203 -49.37 69.85 0.93
CA SER A 203 -50.17 68.70 0.55
C SER A 203 -49.36 67.86 -0.44
N VAL A 204 -49.34 66.55 -0.22
CA VAL A 204 -48.63 65.63 -1.10
C VAL A 204 -49.59 64.49 -1.39
N VAL A 205 -49.85 64.25 -2.67
CA VAL A 205 -50.78 63.19 -3.03
C VAL A 205 -50.37 62.44 -4.30
N THR A 206 -50.75 61.16 -4.35
CA THR A 206 -50.52 60.30 -5.50
C THR A 206 -51.82 59.50 -5.63
N SER A 207 -51.78 58.37 -6.32
CA SER A 207 -52.98 57.56 -6.48
C SER A 207 -53.30 56.76 -5.21
N ASN A 208 -52.27 56.48 -4.42
CA ASN A 208 -52.48 55.71 -3.20
C ASN A 208 -51.90 56.37 -1.95
N TYR A 209 -51.41 57.60 -2.08
CA TYR A 209 -50.85 58.33 -0.96
C TYR A 209 -51.62 59.65 -0.86
N ASN A 210 -51.88 60.11 0.35
CA ASN A 210 -52.64 61.32 0.56
C ASN A 210 -52.39 61.88 1.96
N ARG A 211 -51.55 62.90 2.05
CA ARG A 211 -51.25 63.48 3.36
C ARG A 211 -51.11 65.00 3.29
N ARG A 212 -51.53 65.66 4.36
CA ARG A 212 -51.47 67.10 4.48
C ARG A 212 -50.66 67.43 5.71
N PHE A 213 -49.82 68.46 5.62
CA PHE A 213 -48.98 68.84 6.73
C PHE A 213 -49.20 70.29 7.15
N THR A 214 -49.26 70.51 8.45
CA THR A 214 -49.45 71.84 9.01
C THR A 214 -48.29 72.19 9.93
N PRO A 215 -47.72 73.38 9.75
CA PRO A 215 -46.60 73.79 10.62
C PRO A 215 -47.06 73.85 12.07
N GLU A 216 -46.24 73.36 12.98
CA GLU A 216 -46.56 73.40 14.40
C GLU A 216 -45.44 74.25 14.98
N ILE A 217 -45.78 75.48 15.32
CA ILE A 217 -44.82 76.46 15.84
C ILE A 217 -44.76 76.55 17.35
N ALA A 218 -43.57 76.34 17.89
CA ALA A 218 -43.36 76.40 19.34
C ALA A 218 -41.87 76.51 19.63
N GLU A 219 -41.56 77.07 20.78
CA GLU A 219 -40.17 77.22 21.21
C GLU A 219 -39.67 75.83 21.55
N ARG A 220 -38.45 75.50 21.12
CA ARG A 220 -37.92 74.16 21.41
C ARG A 220 -36.44 74.20 21.76
N PRO A 221 -35.97 73.16 22.46
CA PRO A 221 -34.55 73.09 22.84
C PRO A 221 -33.76 73.05 21.56
N LYS A 222 -32.56 73.61 21.56
CA LYS A 222 -31.74 73.61 20.36
C LYS A 222 -31.05 72.26 20.20
N VAL A 223 -31.09 71.74 18.98
CA VAL A 223 -30.45 70.46 18.66
C VAL A 223 -29.59 70.84 17.46
N ARG A 224 -28.29 70.55 17.55
CA ARG A 224 -27.37 70.91 16.48
C ARG A 224 -27.44 72.40 16.26
N ASP A 225 -27.61 73.12 17.37
CA ASP A 225 -27.67 74.57 17.41
C ASP A 225 -28.89 75.20 16.74
N GLN A 226 -29.97 74.43 16.60
CA GLN A 226 -31.19 74.94 15.97
C GLN A 226 -32.42 74.64 16.82
N ALA A 227 -33.33 75.60 16.89
CA ALA A 227 -34.57 75.42 17.65
C ALA A 227 -35.65 75.01 16.66
N GLY A 228 -35.36 75.20 15.38
CA GLY A 228 -36.28 74.81 14.35
C GLY A 228 -36.28 73.30 14.25
N ARG A 229 -37.17 72.75 13.43
CA ARG A 229 -37.25 71.31 13.26
C ARG A 229 -37.68 71.01 11.84
N MET A 230 -37.22 69.88 11.33
CA MET A 230 -37.59 69.45 9.99
C MET A 230 -38.04 68.00 10.08
N ASN A 231 -39.25 67.71 9.62
CA ASN A 231 -39.74 66.34 9.63
C ASN A 231 -39.63 65.80 8.21
N TYR A 232 -39.07 64.60 8.09
CA TYR A 232 -38.87 63.98 6.78
C TYR A 232 -39.85 62.87 6.47
N TYR A 233 -40.38 62.89 5.25
CA TYR A 233 -41.34 61.90 4.80
C TYR A 233 -40.92 61.29 3.46
N TRP A 234 -41.54 60.18 3.10
CA TRP A 234 -41.23 59.51 1.84
C TRP A 234 -42.42 58.68 1.39
N THR A 235 -42.41 58.30 0.13
CA THR A 235 -43.46 57.46 -0.40
C THR A 235 -42.93 56.81 -1.66
N LEU A 236 -43.57 55.71 -2.07
CA LEU A 236 -43.15 55.01 -3.28
C LEU A 236 -44.18 55.33 -4.37
N LEU A 237 -43.70 55.89 -5.47
CA LEU A 237 -44.57 56.24 -6.59
C LEU A 237 -44.49 55.08 -7.58
N LYS A 238 -45.63 54.45 -7.83
CA LYS A 238 -45.73 53.31 -8.73
C LYS A 238 -45.54 53.74 -10.18
N PRO A 239 -45.05 52.83 -11.02
CA PRO A 239 -44.84 53.13 -12.44
C PRO A 239 -46.12 53.73 -13.03
N GLY A 240 -45.97 54.85 -13.73
CA GLY A 240 -47.12 55.49 -14.35
C GLY A 240 -47.95 56.43 -13.50
N ASP A 241 -47.81 56.38 -12.19
CA ASP A 241 -48.62 57.27 -11.34
C ASP A 241 -48.02 58.67 -11.29
N THR A 242 -48.79 59.62 -10.75
CA THR A 242 -48.37 61.00 -10.64
C THR A 242 -48.36 61.50 -9.20
N ILE A 243 -47.30 62.20 -8.81
CA ILE A 243 -47.22 62.75 -7.46
C ILE A 243 -47.36 64.28 -7.58
N ILE A 244 -48.20 64.85 -6.73
CA ILE A 244 -48.45 66.28 -6.74
C ILE A 244 -48.11 66.95 -5.43
N PHE A 245 -47.30 68.01 -5.51
CA PHE A 245 -46.92 68.78 -4.34
C PHE A 245 -47.63 70.13 -4.39
N GLU A 246 -48.26 70.51 -3.30
CA GLU A 246 -48.96 71.78 -3.21
C GLU A 246 -48.62 72.42 -1.88
N ALA A 247 -48.26 73.70 -1.91
CA ALA A 247 -47.90 74.37 -0.67
C ALA A 247 -47.88 75.89 -0.77
N ASN A 248 -47.89 76.52 0.39
CA ASN A 248 -47.82 77.96 0.47
C ASN A 248 -46.87 78.25 1.63
N GLY A 249 -45.91 77.34 1.79
CA GLY A 249 -44.91 77.48 2.83
C GLY A 249 -44.41 76.18 3.43
N ASN A 250 -43.31 76.27 4.17
CA ASN A 250 -42.73 75.14 4.89
C ASN A 250 -42.30 73.87 4.14
N LEU A 251 -42.46 73.84 2.83
CA LEU A 251 -42.05 72.67 2.07
C LEU A 251 -40.55 72.60 1.80
N ILE A 252 -39.95 71.47 2.14
CA ILE A 252 -38.54 71.21 1.86
C ILE A 252 -38.71 70.23 0.70
N ALA A 253 -38.82 70.79 -0.49
CA ALA A 253 -39.06 70.05 -1.71
C ALA A 253 -38.04 69.02 -2.20
N PRO A 254 -38.52 68.03 -2.96
CA PRO A 254 -37.66 66.98 -3.52
C PRO A 254 -36.94 67.59 -4.73
N MET A 255 -35.66 67.27 -4.89
CA MET A 255 -34.90 67.74 -6.04
C MET A 255 -34.47 66.49 -6.78
N TYR A 256 -33.94 65.52 -6.04
CA TYR A 256 -33.54 64.24 -6.60
C TYR A 256 -34.40 63.12 -5.98
N ALA A 257 -34.76 62.15 -6.82
CA ALA A 257 -35.56 61.00 -6.39
C ALA A 257 -34.84 59.72 -6.84
N PHE A 258 -35.37 58.56 -6.47
CA PHE A 258 -34.72 57.29 -6.84
C PHE A 258 -35.63 56.28 -7.51
N ALA A 259 -35.23 55.84 -8.70
CA ALA A 259 -35.97 54.82 -9.45
C ALA A 259 -35.37 53.50 -8.96
N LEU A 260 -36.16 52.73 -8.23
CA LEU A 260 -35.69 51.47 -7.62
C LEU A 260 -35.82 50.19 -8.42
N ARG A 261 -34.81 49.34 -8.30
CA ARG A 261 -34.79 48.03 -8.95
C ARG A 261 -34.72 47.07 -7.77
N ARG A 262 -35.62 46.09 -7.73
CA ARG A 262 -35.64 45.12 -6.64
C ARG A 262 -34.80 43.89 -6.91
N GLY A 263 -34.25 43.31 -5.84
CA GLY A 263 -33.43 42.12 -5.93
C GLY A 263 -33.69 41.22 -4.74
N PHE A 264 -32.96 40.12 -4.64
CA PHE A 264 -33.14 39.20 -3.52
C PHE A 264 -31.82 38.96 -2.82
N GLY A 265 -31.89 38.57 -1.55
CA GLY A 265 -30.69 38.26 -0.80
C GLY A 265 -29.91 39.41 -0.18
N SER A 266 -30.34 40.65 -0.38
CA SER A 266 -29.61 41.77 0.20
C SER A 266 -30.06 42.01 1.64
N GLY A 267 -29.41 42.96 2.30
CA GLY A 267 -29.73 43.28 3.67
C GLY A 267 -28.78 44.34 4.20
N ILE A 268 -29.07 44.84 5.39
CA ILE A 268 -28.23 45.85 5.99
C ILE A 268 -27.54 45.23 7.20
N ILE A 269 -26.22 45.33 7.24
CA ILE A 269 -25.48 44.80 8.38
C ILE A 269 -24.64 45.91 8.98
N THR A 270 -24.17 45.70 10.20
CA THR A 270 -23.33 46.66 10.89
C THR A 270 -22.00 45.97 11.11
N SER A 271 -20.93 46.59 10.67
CA SER A 271 -19.61 45.96 10.81
C SER A 271 -18.49 46.97 10.95
N ASN A 272 -17.43 46.58 11.64
CA ASN A 272 -16.28 47.47 11.75
C ASN A 272 -15.11 46.84 10.98
N ALA A 273 -15.44 45.85 10.16
CA ALA A 273 -14.43 45.17 9.34
C ALA A 273 -14.25 45.98 8.05
N SER A 274 -13.11 45.80 7.37
CA SER A 274 -12.86 46.56 6.15
C SER A 274 -13.15 45.82 4.86
N MET A 275 -13.45 46.60 3.82
CA MET A 275 -13.72 46.08 2.48
C MET A 275 -12.38 45.69 1.86
N HIS A 276 -12.37 44.56 1.18
CA HIS A 276 -11.17 44.09 0.53
C HIS A 276 -11.58 43.52 -0.81
N GLU A 277 -10.61 43.31 -1.69
CA GLU A 277 -10.91 42.73 -2.98
C GLU A 277 -10.89 41.23 -2.82
N CYS A 278 -11.98 40.70 -2.29
CA CYS A 278 -12.18 39.27 -2.07
C CYS A 278 -13.59 38.96 -2.48
N ASN A 279 -13.85 37.70 -2.82
CA ASN A 279 -15.18 37.30 -3.23
C ASN A 279 -15.65 36.16 -2.33
N THR A 280 -16.95 36.12 -2.04
CA THR A 280 -17.49 35.09 -1.19
C THR A 280 -18.95 34.84 -1.52
N LYS A 281 -19.49 33.74 -0.98
CA LYS A 281 -20.89 33.43 -1.17
C LYS A 281 -21.57 33.64 0.17
N CYS A 282 -20.76 33.80 1.22
CA CYS A 282 -21.27 34.01 2.56
C CYS A 282 -20.52 35.08 3.35
N GLN A 283 -21.24 36.13 3.74
CA GLN A 283 -20.64 37.24 4.48
C GLN A 283 -21.27 37.49 5.84
N THR A 284 -20.44 37.67 6.86
CA THR A 284 -20.93 37.98 8.20
C THR A 284 -20.29 39.31 8.59
N PRO A 285 -20.85 40.01 9.59
CA PRO A 285 -20.27 41.29 10.02
C PRO A 285 -18.81 41.17 10.45
N LEU A 286 -18.39 39.96 10.81
CA LEU A 286 -17.01 39.72 11.26
C LEU A 286 -16.05 39.35 10.12
N GLY A 287 -16.58 38.73 9.07
CA GLY A 287 -15.74 38.31 7.96
C GLY A 287 -16.48 37.33 7.07
N ALA A 288 -15.94 37.05 5.89
CA ALA A 288 -16.60 36.13 4.98
C ALA A 288 -16.27 34.69 5.35
N ILE A 289 -17.15 33.78 4.94
CA ILE A 289 -16.98 32.35 5.21
C ILE A 289 -16.97 31.56 3.90
N ASN A 290 -16.04 30.62 3.80
CA ASN A 290 -15.92 29.75 2.63
C ASN A 290 -15.96 28.34 3.23
N SER A 291 -17.14 27.73 3.23
CA SER A 291 -17.27 26.42 3.84
C SER A 291 -18.47 25.60 3.37
N SER A 292 -18.39 24.29 3.57
CA SER A 292 -19.47 23.38 3.19
C SER A 292 -20.08 22.73 4.43
N LEU A 293 -19.56 23.07 5.60
CA LEU A 293 -20.07 22.51 6.84
C LEU A 293 -21.50 23.02 7.05
N PRO A 294 -22.33 22.24 7.74
CA PRO A 294 -23.73 22.61 8.01
C PRO A 294 -23.92 23.68 9.08
N TYR A 295 -22.96 23.82 9.98
CA TYR A 295 -23.07 24.81 11.05
C TYR A 295 -21.87 25.74 11.14
N GLN A 296 -22.08 26.86 11.83
CA GLN A 296 -21.03 27.84 12.08
C GLN A 296 -21.38 28.57 13.37
N ASN A 297 -20.37 28.90 14.16
CA ASN A 297 -20.58 29.61 15.41
C ASN A 297 -19.92 30.99 15.30
N ILE A 298 -19.76 31.48 14.08
CA ILE A 298 -19.12 32.77 13.84
C ILE A 298 -20.03 33.95 14.13
N HIS A 299 -21.19 34.00 13.48
CA HIS A 299 -22.10 35.11 13.73
C HIS A 299 -23.51 34.79 13.23
N PRO A 300 -24.54 35.28 13.94
CA PRO A 300 -25.94 35.04 13.57
C PRO A 300 -26.42 35.83 12.35
N VAL A 301 -25.73 36.91 12.02
CA VAL A 301 -26.09 37.73 10.86
C VAL A 301 -25.33 37.22 9.64
N THR A 302 -26.08 36.90 8.59
CA THR A 302 -25.46 36.38 7.38
C THR A 302 -26.12 36.93 6.11
N ILE A 303 -25.31 37.03 5.07
CA ILE A 303 -25.77 37.47 3.77
C ILE A 303 -25.27 36.42 2.78
N GLY A 304 -26.19 35.90 1.97
CA GLY A 304 -25.82 34.90 0.98
C GLY A 304 -26.26 33.49 1.36
N GLU A 305 -25.38 32.52 1.09
CA GLU A 305 -25.65 31.12 1.40
C GLU A 305 -24.61 30.72 2.43
N CYS A 306 -25.07 30.53 3.65
CA CYS A 306 -24.19 30.23 4.75
C CYS A 306 -24.59 29.03 5.58
N PRO A 307 -23.71 28.62 6.51
CA PRO A 307 -23.99 27.48 7.39
C PRO A 307 -24.96 28.04 8.44
N LYS A 308 -25.67 27.15 9.11
CA LYS A 308 -26.65 27.51 10.14
C LYS A 308 -25.92 27.95 11.41
N TYR A 309 -26.27 29.11 11.94
CA TYR A 309 -25.65 29.59 13.16
C TYR A 309 -26.16 28.86 14.40
N VAL A 310 -25.24 28.44 15.26
CA VAL A 310 -25.55 27.78 16.52
C VAL A 310 -24.55 28.30 17.55
N ARG A 311 -24.89 28.20 18.82
CA ARG A 311 -24.01 28.68 19.89
C ARG A 311 -22.95 27.67 20.28
N SER A 312 -22.92 26.52 19.60
CA SER A 312 -21.97 25.48 19.93
C SER A 312 -20.50 25.87 19.77
N ALA A 313 -19.67 25.31 20.65
CA ALA A 313 -18.24 25.53 20.61
C ALA A 313 -17.63 24.37 19.86
N LYS A 314 -18.35 23.24 19.84
CA LYS A 314 -17.86 22.05 19.17
C LYS A 314 -18.94 21.08 18.68
N LEU A 315 -18.79 20.63 17.45
CA LEU A 315 -19.71 19.67 16.85
C LEU A 315 -18.87 18.78 15.93
N ARG A 316 -18.39 17.67 16.48
CA ARG A 316 -17.56 16.73 15.72
C ARG A 316 -18.21 15.35 15.70
N MET A 317 -18.38 14.83 14.49
CA MET A 317 -19.00 13.54 14.28
C MET A 317 -17.96 12.44 14.03
N VAL A 318 -17.87 11.49 14.94
CA VAL A 318 -16.92 10.40 14.80
C VAL A 318 -17.28 9.51 13.60
N THR A 319 -16.27 9.09 12.85
CA THR A 319 -16.48 8.22 11.69
C THR A 319 -15.73 6.91 11.94
N GLY A 320 -14.51 7.02 12.42
CA GLY A 320 -13.71 5.84 12.71
C GLY A 320 -14.21 5.19 13.98
N LEU A 321 -13.33 4.49 14.68
CA LEU A 321 -13.71 3.84 15.91
C LEU A 321 -12.89 4.29 17.11
N ARG A 322 -13.28 3.81 18.28
CA ARG A 322 -12.60 4.14 19.52
C ARG A 322 -11.12 3.79 19.30
N ASN A 323 -10.26 4.79 19.44
CA ASN A 323 -8.84 4.59 19.23
C ASN A 323 -8.09 4.06 20.45
N ILE A 324 -7.51 2.87 20.30
CA ILE A 324 -6.77 2.25 21.39
C ILE A 324 -5.43 1.70 20.91
N PRO A 325 -4.38 2.54 20.91
CA PRO A 325 -3.04 2.14 20.46
C PRO A 325 -2.56 0.89 21.21
N ALA A 326 -3.02 0.75 22.44
CA ALA A 326 -2.68 -0.39 23.28
C ALA A 326 -1.19 -0.43 23.62
N ARG A 327 -0.56 0.74 23.69
CA ARG A 327 0.86 0.82 24.01
C ARG A 327 1.15 0.41 25.45
N GLY B 1 -18.24 -1.70 25.30
CA GLY B 1 -19.09 -1.50 24.14
C GLY B 1 -20.34 -2.33 24.20
N LEU B 2 -21.36 -1.93 23.44
CA LEU B 2 -22.65 -2.62 23.42
C LEU B 2 -22.53 -4.10 22.98
N PHE B 3 -21.60 -4.38 22.07
CA PHE B 3 -21.45 -5.74 21.57
C PHE B 3 -20.29 -6.57 22.11
N GLY B 4 -19.59 -6.05 23.12
CA GLY B 4 -18.49 -6.78 23.74
C GLY B 4 -17.13 -6.96 23.07
N ALA B 5 -17.02 -6.66 21.78
CA ALA B 5 -15.76 -6.84 21.08
C ALA B 5 -14.73 -5.72 21.30
N ILE B 6 -14.95 -4.57 20.66
CA ILE B 6 -14.03 -3.44 20.78
C ILE B 6 -13.85 -3.01 22.23
N ALA B 7 -12.59 -2.93 22.66
CA ALA B 7 -12.25 -2.57 24.04
C ALA B 7 -12.90 -3.60 24.97
N GLY B 8 -13.26 -4.74 24.40
CA GLY B 8 -13.89 -5.81 25.14
C GLY B 8 -13.00 -7.04 25.14
N PHE B 9 -13.50 -8.18 24.66
CA PHE B 9 -12.68 -9.38 24.65
C PHE B 9 -11.49 -9.23 23.71
N ILE B 10 -11.53 -8.19 22.87
CA ILE B 10 -10.42 -7.89 21.97
C ILE B 10 -9.89 -6.56 22.48
N GLU B 11 -9.13 -6.64 23.58
CA GLU B 11 -8.55 -5.48 24.27
C GLU B 11 -8.16 -4.23 23.49
N GLY B 12 -7.32 -4.35 22.47
CA GLY B 12 -6.91 -3.16 21.74
C GLY B 12 -6.92 -3.18 20.23
N GLY B 13 -6.48 -2.08 19.65
CA GLY B 13 -6.43 -1.94 18.20
C GLY B 13 -5.03 -2.18 17.68
N TRP B 14 -4.92 -2.32 16.37
CA TRP B 14 -3.63 -2.57 15.74
C TRP B 14 -3.14 -1.38 14.92
N THR B 15 -2.21 -0.61 15.47
CA THR B 15 -1.66 0.53 14.74
C THR B 15 -0.95 -0.04 13.51
N GLY B 16 -0.68 -1.34 13.56
CA GLY B 16 -0.02 -2.02 12.46
C GLY B 16 -0.92 -2.20 11.26
N MET B 17 -2.22 -2.39 11.49
CA MET B 17 -3.17 -2.56 10.39
C MET B 17 -3.58 -1.19 9.89
N ILE B 18 -3.35 -0.92 8.60
CA ILE B 18 -3.67 0.37 8.03
C ILE B 18 -4.52 0.30 6.76
N ASP B 19 -4.93 -0.90 6.39
CA ASP B 19 -5.74 -1.11 5.19
C ASP B 19 -7.24 -0.91 5.39
N GLY B 20 -7.69 -0.92 6.65
CA GLY B 20 -9.10 -0.74 6.92
C GLY B 20 -9.40 -0.65 8.39
N TRP B 21 -10.68 -0.67 8.74
CA TRP B 21 -11.08 -0.59 10.14
C TRP B 21 -11.06 -1.94 10.83
N TYR B 22 -11.45 -2.98 10.10
CA TYR B 22 -11.49 -4.34 10.65
C TYR B 22 -10.63 -5.26 9.78
N GLY B 23 -9.89 -6.16 10.43
CA GLY B 23 -9.05 -7.06 9.68
C GLY B 23 -8.53 -8.25 10.48
N TYR B 24 -7.66 -9.02 9.85
CA TYR B 24 -7.08 -10.20 10.48
C TYR B 24 -5.58 -9.99 10.67
N HIS B 25 -4.98 -10.74 11.58
CA HIS B 25 -3.55 -10.64 11.80
C HIS B 25 -2.80 -11.76 11.08
N HIS B 26 -3.02 -12.98 11.54
CA HIS B 26 -2.38 -14.18 10.95
C HIS B 26 -0.87 -14.23 11.21
N GLN B 27 -0.44 -15.33 11.86
CA GLN B 27 0.96 -15.55 12.20
C GLN B 27 1.30 -16.99 11.81
N ASN B 28 1.27 -17.24 10.50
CA ASN B 28 1.54 -18.56 9.92
C ASN B 28 3.03 -18.79 9.72
N GLU B 29 3.38 -20.01 9.30
CA GLU B 29 4.79 -20.37 9.09
C GLU B 29 5.53 -19.59 8.02
N GLN B 30 4.88 -19.32 6.89
CA GLN B 30 5.53 -18.56 5.82
C GLN B 30 5.81 -17.13 6.28
N GLY B 31 5.33 -16.83 7.48
CA GLY B 31 5.52 -15.49 8.04
C GLY B 31 4.23 -14.96 8.62
N SER B 32 4.25 -13.70 9.05
CA SER B 32 3.07 -13.07 9.63
C SER B 32 2.80 -11.70 9.01
N GLY B 33 1.88 -10.96 9.61
CA GLY B 33 1.54 -9.63 9.11
C GLY B 33 0.13 -9.20 9.43
N TYR B 34 -0.39 -8.26 8.64
CA TYR B 34 -1.75 -7.75 8.82
C TYR B 34 -2.48 -7.68 7.48
N ALA B 35 -3.80 -7.77 7.54
CA ALA B 35 -4.63 -7.69 6.34
C ALA B 35 -6.05 -7.29 6.74
N ALA B 36 -6.54 -6.21 6.13
CA ALA B 36 -7.88 -5.71 6.45
C ALA B 36 -8.94 -6.37 5.58
N ASP B 37 -10.10 -6.62 6.17
CA ASP B 37 -11.21 -7.24 5.46
C ASP B 37 -11.94 -6.16 4.65
N GLN B 38 -11.79 -6.21 3.34
CA GLN B 38 -12.44 -5.22 2.47
C GLN B 38 -13.96 -5.24 2.63
N LYS B 39 -14.53 -6.44 2.65
CA LYS B 39 -15.98 -6.61 2.79
C LYS B 39 -16.58 -5.74 3.90
N SER B 40 -16.30 -6.10 5.14
CA SER B 40 -16.82 -5.38 6.29
C SER B 40 -16.40 -3.91 6.32
N THR B 41 -15.11 -3.67 6.15
CA THR B 41 -14.59 -2.29 6.18
C THR B 41 -15.29 -1.39 5.17
N GLN B 42 -15.33 -1.80 3.92
CA GLN B 42 -15.96 -1.01 2.88
C GLN B 42 -17.45 -0.81 3.18
N ASN B 43 -18.09 -1.85 3.70
CA ASN B 43 -19.50 -1.79 4.03
C ASN B 43 -19.73 -0.76 5.12
N ALA B 44 -18.82 -0.71 6.09
CA ALA B 44 -18.93 0.23 7.19
C ALA B 44 -18.76 1.65 6.65
N ILE B 45 -17.83 1.81 5.72
CA ILE B 45 -17.58 3.12 5.12
C ILE B 45 -18.82 3.65 4.42
N ASN B 46 -19.55 2.79 3.72
CA ASN B 46 -20.74 3.23 3.02
C ASN B 46 -21.84 3.66 3.99
N GLY B 47 -21.92 2.99 5.13
CA GLY B 47 -22.93 3.33 6.11
C GLY B 47 -22.63 4.66 6.76
N ILE B 48 -21.42 4.77 7.33
CA ILE B 48 -21.00 5.99 8.00
C ILE B 48 -20.98 7.20 7.07
N THR B 49 -20.64 6.96 5.80
CA THR B 49 -20.60 8.05 4.84
C THR B 49 -22.01 8.54 4.57
N ASN B 50 -22.96 7.60 4.59
CA ASN B 50 -24.35 7.94 4.36
C ASN B 50 -24.87 8.69 5.57
N LYS B 51 -24.46 8.26 6.76
CA LYS B 51 -24.90 8.92 7.98
C LYS B 51 -24.46 10.39 7.99
N VAL B 52 -23.17 10.61 7.79
CA VAL B 52 -22.63 11.97 7.76
C VAL B 52 -23.31 12.85 6.72
N ASN B 53 -23.53 12.30 5.53
CA ASN B 53 -24.19 13.08 4.49
C ASN B 53 -25.65 13.35 4.81
N SER B 54 -26.27 12.49 5.60
CA SER B 54 -27.67 12.68 5.97
C SER B 54 -27.74 13.88 6.92
N VAL B 55 -26.92 13.83 7.95
CA VAL B 55 -26.87 14.90 8.94
C VAL B 55 -26.65 16.24 8.25
N ILE B 56 -25.74 16.27 7.28
CA ILE B 56 -25.43 17.48 6.55
C ILE B 56 -26.58 17.88 5.63
N GLU B 57 -27.15 16.90 4.94
CA GLU B 57 -28.25 17.15 4.02
C GLU B 57 -29.46 17.77 4.71
N LYS B 58 -29.80 17.26 5.89
CA LYS B 58 -30.95 17.75 6.62
C LYS B 58 -30.81 19.22 7.05
N MET B 59 -29.57 19.65 7.24
CA MET B 59 -29.31 21.04 7.63
C MET B 59 -29.04 21.90 6.41
N ASN B 60 -30.04 22.03 5.55
CA ASN B 60 -29.90 22.84 4.35
C ASN B 60 -29.36 24.22 4.72
N ILE B 61 -28.83 24.93 3.71
CA ILE B 61 -28.23 26.25 3.91
C ILE B 61 -29.09 27.37 4.46
N GLN B 62 -28.46 28.22 5.28
CA GLN B 62 -29.12 29.37 5.88
C GLN B 62 -28.97 30.54 4.92
N PHE B 63 -30.10 31.05 4.42
CA PHE B 63 -30.03 32.18 3.50
C PHE B 63 -29.96 33.48 4.31
N THR B 64 -29.85 34.60 3.61
CA THR B 64 -29.74 35.91 4.26
C THR B 64 -30.67 36.12 5.46
N ALA B 65 -30.05 36.41 6.59
CA ALA B 65 -30.74 36.67 7.85
C ALA B 65 -30.01 37.82 8.54
N VAL B 66 -30.69 38.95 8.73
CA VAL B 66 -30.07 40.11 9.36
C VAL B 66 -30.93 40.77 10.44
N GLY B 67 -30.31 41.64 11.23
CA GLY B 67 -31.04 42.33 12.28
C GLY B 67 -32.06 43.29 11.72
N LYS B 68 -32.83 43.92 12.60
CA LYS B 68 -33.84 44.88 12.18
C LYS B 68 -33.87 46.03 13.16
N GLU B 69 -34.31 47.19 12.70
CA GLU B 69 -34.41 48.35 13.56
C GLU B 69 -35.86 48.56 13.99
N PHE B 70 -36.03 49.13 15.18
CA PHE B 70 -37.35 49.42 15.74
C PHE B 70 -37.25 50.79 16.38
N ASN B 71 -38.25 51.64 16.23
CA ASN B 71 -38.13 52.94 16.88
C ASN B 71 -38.42 52.82 18.36
N LYS B 72 -38.27 53.92 19.09
CA LYS B 72 -38.45 53.92 20.54
C LYS B 72 -39.84 53.53 21.02
N LEU B 73 -40.82 53.58 20.13
CA LEU B 73 -42.18 53.21 20.50
C LEU B 73 -42.58 51.83 19.97
N GLU B 74 -41.58 51.03 19.62
CA GLU B 74 -41.86 49.68 19.12
C GLU B 74 -41.04 48.67 19.92
N LYS B 75 -41.01 48.87 21.23
CA LYS B 75 -40.28 48.01 22.14
C LYS B 75 -40.84 46.60 22.19
N ARG B 76 -42.17 46.49 22.19
CA ARG B 76 -42.81 45.17 22.22
C ARG B 76 -42.46 44.39 20.95
N MET B 77 -42.51 45.06 19.81
CA MET B 77 -42.20 44.44 18.54
C MET B 77 -40.73 44.03 18.50
N GLU B 78 -39.85 44.86 19.07
CA GLU B 78 -38.43 44.56 19.11
C GLU B 78 -38.17 43.36 20.02
N ASN B 79 -38.93 43.26 21.10
CA ASN B 79 -38.76 42.13 22.01
C ASN B 79 -39.33 40.85 21.42
N LEU B 80 -40.37 40.98 20.60
CA LEU B 80 -41.00 39.83 19.96
C LEU B 80 -39.98 39.25 18.98
N ASN B 81 -39.38 40.14 18.18
CA ASN B 81 -38.38 39.75 17.19
C ASN B 81 -37.23 39.05 17.89
N ASN B 82 -36.88 39.56 19.07
CA ASN B 82 -35.81 39.01 19.86
C ASN B 82 -36.17 37.61 20.40
N LYS B 83 -37.42 37.45 20.81
CA LYS B 83 -37.88 36.17 21.33
C LYS B 83 -37.81 35.12 20.22
N VAL B 84 -38.23 35.53 19.02
CA VAL B 84 -38.22 34.64 17.87
C VAL B 84 -36.80 34.18 17.55
N ASP B 85 -35.89 35.14 17.38
CA ASP B 85 -34.51 34.82 17.07
C ASP B 85 -33.83 33.94 18.11
N ASP B 86 -34.01 34.25 19.39
CA ASP B 86 -33.38 33.44 20.44
C ASP B 86 -34.00 32.06 20.57
N GLY B 87 -35.31 31.98 20.31
CA GLY B 87 -36.01 30.71 20.39
C GLY B 87 -35.56 29.75 19.31
N PHE B 88 -35.44 30.24 18.08
CA PHE B 88 -35.00 29.39 16.99
C PHE B 88 -33.55 29.00 17.22
N LEU B 89 -32.75 29.93 17.74
CA LEU B 89 -31.35 29.64 18.01
C LEU B 89 -31.21 28.57 19.10
N ASP B 90 -32.04 28.67 20.15
CA ASP B 90 -32.00 27.67 21.22
C ASP B 90 -32.26 26.27 20.67
N ILE B 91 -33.31 26.15 19.89
CA ILE B 91 -33.72 24.88 19.31
C ILE B 91 -32.68 24.29 18.36
N TRP B 92 -32.18 25.08 17.43
CA TRP B 92 -31.17 24.56 16.51
C TRP B 92 -29.88 24.16 17.20
N THR B 93 -29.50 24.90 18.23
CA THR B 93 -28.28 24.58 18.96
C THR B 93 -28.51 23.25 19.67
N TYR B 94 -29.68 23.12 20.27
CA TYR B 94 -30.06 21.91 20.98
C TYR B 94 -30.08 20.73 20.02
N ASN B 95 -30.76 20.90 18.89
CA ASN B 95 -30.89 19.85 17.88
C ASN B 95 -29.54 19.37 17.37
N ALA B 96 -28.68 20.32 17.00
CA ALA B 96 -27.37 19.99 16.49
C ALA B 96 -26.55 19.19 17.51
N GLU B 97 -26.42 19.71 18.72
CA GLU B 97 -25.64 19.04 19.75
C GLU B 97 -26.17 17.66 20.14
N LEU B 98 -27.48 17.51 20.24
CA LEU B 98 -28.07 16.23 20.58
C LEU B 98 -27.87 15.21 19.47
N LEU B 99 -28.16 15.61 18.23
CA LEU B 99 -28.01 14.69 17.11
C LEU B 99 -26.60 14.13 17.06
N VAL B 100 -25.60 15.00 17.17
CA VAL B 100 -24.21 14.57 17.14
C VAL B 100 -23.86 13.65 18.30
N LEU B 101 -24.31 13.99 19.50
CA LEU B 101 -24.03 13.17 20.68
C LEU B 101 -24.66 11.79 20.52
N LEU B 102 -25.93 11.78 20.14
CA LEU B 102 -26.66 10.54 19.95
C LEU B 102 -26.09 9.68 18.84
N GLU B 103 -25.75 10.27 17.71
CA GLU B 103 -25.21 9.50 16.60
C GLU B 103 -23.77 9.05 16.78
N ASN B 104 -23.00 9.77 17.59
CA ASN B 104 -21.63 9.38 17.85
C ASN B 104 -21.66 8.06 18.64
N GLU B 105 -22.61 7.96 19.55
CA GLU B 105 -22.76 6.76 20.35
C GLU B 105 -23.10 5.61 19.42
N ARG B 106 -24.08 5.84 18.56
CA ARG B 106 -24.53 4.84 17.61
C ARG B 106 -23.40 4.37 16.69
N THR B 107 -22.56 5.31 16.26
CA THR B 107 -21.45 4.98 15.37
C THR B 107 -20.47 4.05 16.06
N LEU B 108 -20.11 4.36 17.30
CA LEU B 108 -19.17 3.51 18.03
C LEU B 108 -19.71 2.10 18.19
N ASP B 109 -21.01 1.98 18.51
CA ASP B 109 -21.62 0.66 18.66
C ASP B 109 -21.66 -0.06 17.30
N PHE B 110 -21.80 0.71 16.23
CA PHE B 110 -21.83 0.16 14.89
C PHE B 110 -20.53 -0.61 14.63
N HIS B 111 -19.41 0.04 14.90
CA HIS B 111 -18.11 -0.59 14.72
C HIS B 111 -17.99 -1.80 15.63
N ASP B 112 -18.34 -1.62 16.90
CA ASP B 112 -18.27 -2.70 17.88
C ASP B 112 -18.98 -3.92 17.32
N SER B 113 -20.14 -3.67 16.70
CA SER B 113 -20.94 -4.71 16.11
C SER B 113 -20.27 -5.36 14.92
N ASN B 114 -19.63 -4.55 14.07
CA ASN B 114 -18.96 -5.10 12.89
C ASN B 114 -17.80 -6.01 13.23
N VAL B 115 -17.06 -5.66 14.28
CA VAL B 115 -15.94 -6.48 14.73
C VAL B 115 -16.49 -7.78 15.27
N LYS B 116 -17.51 -7.67 16.10
CA LYS B 116 -18.19 -8.81 16.71
C LYS B 116 -18.67 -9.83 15.68
N ASN B 117 -19.39 -9.37 14.66
CA ASN B 117 -19.91 -10.26 13.63
C ASN B 117 -18.80 -10.86 12.78
N LEU B 118 -17.76 -10.08 12.51
CA LEU B 118 -16.64 -10.58 11.71
C LEU B 118 -16.00 -11.73 12.45
N TYR B 119 -15.88 -11.57 13.76
CA TYR B 119 -15.30 -12.59 14.62
C TYR B 119 -16.12 -13.88 14.57
N GLU B 120 -17.39 -13.80 14.95
CA GLU B 120 -18.26 -14.97 14.96
C GLU B 120 -18.34 -15.60 13.58
N LYS B 121 -18.10 -14.80 12.54
CA LYS B 121 -18.16 -15.30 11.17
C LYS B 121 -17.00 -16.23 10.86
N VAL B 122 -15.83 -15.90 11.41
CA VAL B 122 -14.64 -16.71 11.21
C VAL B 122 -14.76 -17.94 12.11
N LYS B 123 -15.25 -17.72 13.32
CA LYS B 123 -15.42 -18.79 14.28
C LYS B 123 -16.33 -19.90 13.75
N SER B 124 -17.45 -19.52 13.14
CA SER B 124 -18.38 -20.51 12.60
C SER B 124 -17.77 -21.29 11.44
N GLN B 125 -16.64 -20.82 10.93
CA GLN B 125 -15.97 -21.49 9.82
C GLN B 125 -14.97 -22.51 10.36
N LEU B 126 -14.04 -22.03 11.17
CA LEU B 126 -13.01 -22.88 11.75
C LEU B 126 -13.66 -24.02 12.54
N LYS B 127 -14.68 -23.70 13.31
CA LYS B 127 -15.41 -24.67 14.10
C LYS B 127 -14.51 -25.51 15.00
N ASN B 128 -13.94 -26.57 14.46
CA ASN B 128 -13.09 -27.48 15.24
C ASN B 128 -11.64 -27.54 14.81
N ASN B 129 -11.27 -26.81 13.75
CA ASN B 129 -9.90 -26.83 13.28
C ASN B 129 -9.01 -25.81 13.96
N ALA B 130 -9.40 -25.39 15.16
CA ALA B 130 -8.65 -24.41 15.93
C ALA B 130 -9.44 -24.08 17.19
N LYS B 131 -8.75 -23.48 18.17
CA LYS B 131 -9.41 -23.10 19.41
C LYS B 131 -9.34 -21.59 19.62
N GLU B 132 -10.12 -21.09 20.58
CA GLU B 132 -10.14 -19.67 20.89
C GLU B 132 -9.20 -19.37 22.06
N ILE B 133 -8.15 -18.59 21.80
CA ILE B 133 -7.17 -18.28 22.84
C ILE B 133 -7.29 -16.88 23.41
N GLY B 134 -6.34 -16.02 23.06
CA GLY B 134 -6.30 -14.65 23.55
C GLY B 134 -7.42 -13.74 23.10
N ASN B 135 -8.58 -14.33 22.83
CA ASN B 135 -9.74 -13.58 22.39
C ASN B 135 -9.44 -12.75 21.15
N GLY B 136 -10.13 -13.09 20.07
CA GLY B 136 -9.92 -12.42 18.81
C GLY B 136 -9.00 -13.33 18.01
N CYS B 137 -8.26 -14.17 18.73
CA CYS B 137 -7.32 -15.09 18.10
C CYS B 137 -7.76 -16.55 18.06
N PHE B 138 -7.31 -17.25 17.02
CA PHE B 138 -7.60 -18.67 16.84
C PHE B 138 -6.31 -19.43 16.56
N GLU B 139 -6.06 -20.48 17.33
CA GLU B 139 -4.86 -21.31 17.16
C GLU B 139 -5.19 -22.51 16.29
N PHE B 140 -4.80 -22.46 15.02
CA PHE B 140 -5.08 -23.57 14.11
C PHE B 140 -4.52 -24.89 14.63
N TYR B 141 -5.17 -25.97 14.23
CA TYR B 141 -4.77 -27.31 14.63
C TYR B 141 -3.96 -27.96 13.51
N HIS B 142 -4.53 -27.96 12.31
CA HIS B 142 -3.88 -28.56 11.15
C HIS B 142 -2.74 -27.74 10.57
N LYS B 143 -2.54 -26.53 11.09
CA LYS B 143 -1.47 -25.67 10.57
C LYS B 143 -1.71 -25.37 9.10
N CYS B 144 -2.08 -24.13 8.79
CA CYS B 144 -2.34 -23.75 7.41
C CYS B 144 -1.44 -22.63 6.89
N ASP B 145 -0.90 -22.85 5.70
CA ASP B 145 0.00 -21.90 5.06
C ASP B 145 -0.65 -20.54 4.76
N ASN B 146 0.17 -19.60 4.32
CA ASN B 146 -0.29 -18.25 3.98
C ASN B 146 -1.31 -18.33 2.86
N GLU B 147 -1.48 -19.53 2.31
CA GLU B 147 -2.43 -19.73 1.23
C GLU B 147 -3.79 -20.06 1.84
N CYS B 148 -3.77 -20.79 2.94
CA CYS B 148 -4.98 -21.19 3.64
C CYS B 148 -5.47 -20.08 4.56
N MET B 149 -4.53 -19.30 5.11
CA MET B 149 -4.90 -18.20 5.97
C MET B 149 -5.77 -17.25 5.17
N GLU B 150 -5.60 -17.30 3.85
CA GLU B 150 -6.36 -16.46 2.94
C GLU B 150 -7.79 -16.98 2.77
N SER B 151 -7.95 -18.29 2.72
CA SER B 151 -9.27 -18.89 2.56
C SER B 151 -10.21 -18.42 3.67
N VAL B 152 -9.61 -18.10 4.82
CA VAL B 152 -10.36 -17.62 5.98
C VAL B 152 -10.81 -16.19 5.74
N ARG B 153 -9.87 -15.35 5.30
CA ARG B 153 -10.15 -13.93 5.04
C ARG B 153 -11.30 -13.75 4.06
N ASN B 154 -11.28 -14.53 2.98
CA ASN B 154 -12.31 -14.45 1.95
C ASN B 154 -13.54 -15.28 2.29
N GLY B 155 -13.46 -16.01 3.40
CA GLY B 155 -14.58 -16.83 3.83
C GLY B 155 -14.91 -18.02 2.95
N THR B 156 -13.96 -18.95 2.83
CA THR B 156 -14.17 -20.18 2.04
C THR B 156 -13.65 -21.38 2.81
N TYR B 157 -12.61 -21.16 3.60
CA TYR B 157 -11.99 -22.20 4.43
C TYR B 157 -12.51 -23.62 4.19
N ASP B 158 -13.60 -23.98 4.86
CA ASP B 158 -14.21 -25.31 4.74
C ASP B 158 -13.35 -26.47 5.24
N TYR B 159 -13.77 -27.04 6.36
CA TYR B 159 -13.10 -28.18 7.01
C TYR B 159 -13.60 -28.40 8.45
N PRO B 160 -14.87 -28.07 8.73
CA PRO B 160 -15.46 -28.22 10.07
C PRO B 160 -14.91 -29.37 10.94
N ASP C 5 -21.29 -27.48 43.19
CA ASP C 5 -20.77 -26.08 43.19
C ASP C 5 -21.23 -25.32 41.94
N THR C 6 -22.02 -24.28 42.15
CA THR C 6 -22.55 -23.47 41.06
C THR C 6 -22.37 -21.97 41.25
N ILE C 7 -22.17 -21.27 40.14
CA ILE C 7 -22.02 -19.81 40.16
C ILE C 7 -22.94 -19.28 39.06
N CYS C 8 -23.78 -18.31 39.40
CA CYS C 8 -24.71 -17.75 38.43
C CYS C 8 -24.50 -16.25 38.22
N ILE C 9 -24.82 -15.80 37.01
CA ILE C 9 -24.73 -14.39 36.66
C ILE C 9 -26.17 -13.90 36.58
N GLY C 10 -26.46 -12.81 37.31
CA GLY C 10 -27.80 -12.28 37.29
C GLY C 10 -27.85 -10.78 37.45
N TYR C 11 -29.05 -10.24 37.65
CA TYR C 11 -29.21 -8.80 37.79
C TYR C 11 -30.07 -8.39 38.98
N HIS C 12 -29.85 -7.15 39.41
CA HIS C 12 -30.56 -6.56 40.55
C HIS C 12 -32.06 -6.47 40.32
N ALA C 13 -32.81 -6.50 41.41
CA ALA C 13 -34.25 -6.39 41.37
C ALA C 13 -34.68 -5.91 42.75
N ASN C 14 -35.81 -5.23 42.82
CA ASN C 14 -36.33 -4.73 44.09
C ASN C 14 -37.84 -4.57 44.03
N ASN C 15 -38.41 -3.80 44.93
CA ASN C 15 -39.86 -3.62 44.94
C ASN C 15 -40.32 -2.26 44.48
N SER C 16 -39.43 -1.53 43.82
CA SER C 16 -39.78 -0.21 43.32
C SER C 16 -40.96 -0.36 42.38
N THR C 17 -41.86 0.60 42.37
CA THR C 17 -43.02 0.55 41.49
C THR C 17 -42.93 1.67 40.45
N ASP C 18 -41.78 2.32 40.39
CA ASP C 18 -41.54 3.39 39.42
C ASP C 18 -41.77 2.86 38.01
N THR C 19 -42.46 3.63 37.18
CA THR C 19 -42.72 3.22 35.81
C THR C 19 -42.27 4.30 34.83
N VAL C 20 -41.93 3.87 33.63
CA VAL C 20 -41.51 4.79 32.58
C VAL C 20 -42.01 4.26 31.25
N ASP C 21 -42.03 5.13 30.25
CA ASP C 21 -42.46 4.72 28.92
C ASP C 21 -41.25 4.64 28.01
N THR C 22 -41.35 3.80 26.99
CA THR C 22 -40.29 3.65 26.01
C THR C 22 -40.99 3.70 24.66
N VAL C 23 -40.22 3.62 23.58
CA VAL C 23 -40.79 3.65 22.25
C VAL C 23 -41.60 2.38 21.97
N LEU C 24 -41.08 1.24 22.43
CA LEU C 24 -41.74 -0.04 22.20
C LEU C 24 -42.75 -0.48 23.26
N GLU C 25 -42.60 0.00 24.48
CA GLU C 25 -43.50 -0.41 25.54
C GLU C 25 -43.77 0.67 26.59
N LYS C 26 -45.04 0.82 26.93
CA LYS C 26 -45.45 1.82 27.91
C LYS C 26 -45.57 1.21 29.31
N ASN C 27 -45.54 2.06 30.33
CA ASN C 27 -45.69 1.63 31.71
C ASN C 27 -44.79 0.47 32.07
N VAL C 28 -43.48 0.67 31.95
CA VAL C 28 -42.50 -0.36 32.28
C VAL C 28 -41.93 -0.12 33.66
N THR C 29 -42.16 -1.08 34.56
CA THR C 29 -41.68 -1.00 35.94
C THR C 29 -40.17 -1.17 36.01
N VAL C 30 -39.50 -0.22 36.66
CA VAL C 30 -38.04 -0.26 36.76
C VAL C 30 -37.53 -0.13 38.18
N THR C 31 -36.30 -0.58 38.39
CA THR C 31 -35.67 -0.55 39.70
C THR C 31 -35.32 0.87 40.18
N HIS C 32 -34.81 1.69 39.26
CA HIS C 32 -34.45 3.06 39.59
C HIS C 32 -34.79 4.00 38.43
N SER C 33 -35.23 5.21 38.76
CA SER C 33 -35.57 6.20 37.75
C SER C 33 -35.44 7.60 38.35
N VAL C 34 -35.45 8.60 37.48
CA VAL C 34 -35.31 9.99 37.91
C VAL C 34 -36.36 10.88 37.26
N ASN C 35 -37.02 11.68 38.06
CA ASN C 35 -38.02 12.59 37.51
C ASN C 35 -37.31 13.84 37.01
N LEU C 36 -37.68 14.30 35.81
CA LEU C 36 -37.08 15.48 35.22
C LEU C 36 -38.11 16.61 35.08
N LEU C 37 -39.34 16.32 35.51
CA LEU C 37 -40.43 17.29 35.39
C LEU C 37 -40.93 17.83 36.73
N GLU C 38 -40.69 19.12 36.97
CA GLU C 38 -41.13 19.74 38.22
C GLU C 38 -42.61 20.10 38.24
N ASP C 39 -43.36 19.54 39.18
CA ASP C 39 -44.79 19.84 39.28
C ASP C 39 -45.15 20.47 40.63
N SER C 40 -44.14 20.80 41.43
CA SER C 40 -44.39 21.37 42.76
C SER C 40 -44.00 22.83 42.90
N HIS C 41 -44.84 23.59 43.61
CA HIS C 41 -44.59 25.00 43.88
C HIS C 41 -45.27 25.35 45.21
N ASN C 42 -44.86 26.46 45.82
CA ASN C 42 -45.50 26.89 47.06
C ASN C 42 -46.42 28.05 46.70
N GLY C 43 -47.69 27.74 46.48
CA GLY C 43 -48.67 28.75 46.09
C GLY C 43 -48.57 30.14 46.69
N LYS C 44 -47.38 30.70 46.67
CA LYS C 44 -47.13 32.02 47.24
C LYS C 44 -46.27 32.87 46.31
N LEU C 45 -46.34 34.18 46.49
CA LEU C 45 -45.51 35.10 45.75
C LEU C 45 -44.38 35.37 46.72
N CYS C 46 -43.14 35.28 46.25
CA CYS C 46 -41.99 35.48 47.11
C CYS C 46 -41.07 36.58 46.64
N ARG C 47 -40.07 36.87 47.47
CA ARG C 47 -39.07 37.85 47.12
C ARG C 47 -38.21 37.14 46.09
N LEU C 48 -37.65 37.89 45.16
CA LEU C 48 -36.79 37.30 44.15
C LEU C 48 -35.39 37.70 44.59
N LYS C 49 -34.66 36.75 45.15
CA LYS C 49 -33.31 37.00 45.63
C LYS C 49 -33.29 38.14 46.64
N GLY C 50 -34.21 38.07 47.61
CA GLY C 50 -34.28 39.09 48.64
C GLY C 50 -35.08 40.34 48.33
N ILE C 51 -35.32 40.62 47.04
CA ILE C 51 -36.07 41.81 46.67
C ILE C 51 -37.56 41.51 46.45
N ALA C 52 -38.40 42.25 47.15
CA ALA C 52 -39.85 42.07 47.08
C ALA C 52 -40.46 42.64 45.80
N PRO C 53 -41.55 42.03 45.31
CA PRO C 53 -42.19 42.51 44.09
C PRO C 53 -43.08 43.68 44.45
N LEU C 54 -43.51 44.41 43.43
CA LEU C 54 -44.41 45.54 43.60
C LEU C 54 -45.81 44.98 43.36
N GLN C 55 -46.66 44.99 44.40
CA GLN C 55 -48.03 44.49 44.27
C GLN C 55 -48.99 45.65 44.01
N LEU C 56 -49.53 45.72 42.80
CA LEU C 56 -50.44 46.79 42.45
C LEU C 56 -51.83 46.59 43.05
N GLY C 57 -52.10 45.39 43.54
CA GLY C 57 -53.40 45.11 44.14
C GLY C 57 -54.56 45.41 43.22
N LYS C 58 -55.44 46.30 43.67
CA LYS C 58 -56.62 46.69 42.90
C LYS C 58 -56.30 47.74 41.84
N CYS C 59 -55.02 48.05 41.68
CA CYS C 59 -54.60 49.04 40.69
C CYS C 59 -53.84 48.40 39.54
N ASN C 60 -53.80 49.08 38.39
CA ASN C 60 -53.03 48.58 37.27
C ASN C 60 -51.92 49.60 37.02
N ILE C 61 -51.02 49.30 36.08
CA ILE C 61 -49.91 50.20 35.79
C ILE C 61 -50.34 51.65 35.59
N ALA C 62 -51.43 51.86 34.86
CA ALA C 62 -51.93 53.20 34.58
C ALA C 62 -52.32 53.94 35.86
N GLY C 63 -53.05 53.27 36.74
CA GLY C 63 -53.46 53.89 37.99
C GLY C 63 -52.25 54.24 38.85
N TRP C 64 -51.25 53.39 38.80
CA TRP C 64 -50.02 53.58 39.55
C TRP C 64 -49.20 54.79 39.10
N LEU C 65 -48.86 54.85 37.81
CA LEU C 65 -48.05 55.94 37.28
C LEU C 65 -48.74 57.30 37.24
N LEU C 66 -50.04 57.33 36.99
CA LEU C 66 -50.78 58.58 36.93
C LEU C 66 -51.07 59.12 38.34
N GLY C 67 -51.20 58.21 39.29
CA GLY C 67 -51.48 58.61 40.66
C GLY C 67 -52.94 58.50 41.05
N ASN C 68 -53.63 57.49 40.52
CA ASN C 68 -55.04 57.28 40.86
C ASN C 68 -55.12 57.30 42.39
N PRO C 69 -56.03 58.11 42.96
CA PRO C 69 -56.18 58.21 44.42
C PRO C 69 -56.30 56.85 45.10
N GLU C 70 -56.92 55.90 44.42
CA GLU C 70 -57.10 54.56 44.96
C GLU C 70 -55.80 53.76 45.01
N CYS C 71 -54.71 54.36 44.54
CA CYS C 71 -53.42 53.66 44.55
C CYS C 71 -52.38 54.35 45.43
N ASP C 72 -52.84 55.22 46.34
CA ASP C 72 -51.94 55.94 47.24
C ASP C 72 -50.90 55.07 47.96
N PRO C 73 -51.32 53.88 48.47
CA PRO C 73 -50.36 53.02 49.17
C PRO C 73 -49.10 52.72 48.35
N LEU C 74 -49.21 52.83 47.02
CA LEU C 74 -48.09 52.56 46.12
C LEU C 74 -47.08 53.70 46.02
N LEU C 75 -47.53 54.92 46.27
CA LEU C 75 -46.69 56.12 46.17
C LEU C 75 -45.25 56.06 46.68
N PRO C 76 -45.01 55.45 47.85
CA PRO C 76 -43.65 55.38 48.40
C PRO C 76 -42.72 54.27 47.90
N VAL C 77 -43.25 53.24 47.26
CA VAL C 77 -42.39 52.15 46.77
C VAL C 77 -41.41 52.62 45.70
N ARG C 78 -40.12 52.39 45.95
CA ARG C 78 -39.07 52.82 45.04
C ARG C 78 -38.38 51.72 44.22
N SER C 79 -38.36 50.49 44.72
CA SER C 79 -37.72 49.39 43.98
C SER C 79 -38.49 48.09 44.15
N TRP C 80 -38.31 47.18 43.20
CA TRP C 80 -38.99 45.90 43.20
C TRP C 80 -38.27 44.92 42.27
N SER C 81 -38.56 43.64 42.42
CA SER C 81 -37.92 42.62 41.62
C SER C 81 -38.81 42.24 40.43
N TYR C 82 -40.10 42.46 40.59
CA TYR C 82 -41.07 42.19 39.54
C TYR C 82 -42.37 42.86 39.92
N ILE C 83 -43.23 43.06 38.93
CA ILE C 83 -44.52 43.71 39.14
C ILE C 83 -45.66 42.71 39.05
N VAL C 84 -46.59 42.82 39.99
CA VAL C 84 -47.73 41.91 40.05
C VAL C 84 -49.07 42.60 39.94
N GLU C 85 -49.86 42.20 38.96
CA GLU C 85 -51.21 42.74 38.79
C GLU C 85 -52.12 41.57 39.14
N THR C 86 -53.35 41.88 39.57
CA THR C 86 -54.28 40.83 39.95
C THR C 86 -55.52 40.87 39.07
N PRO C 87 -56.36 39.83 39.16
CA PRO C 87 -57.59 39.79 38.36
C PRO C 87 -58.42 41.03 38.68
N ASN C 88 -58.31 41.54 39.89
CA ASN C 88 -59.06 42.72 40.33
C ASN C 88 -58.33 44.06 40.14
N SER C 89 -57.29 44.08 39.32
CA SER C 89 -56.56 45.32 39.07
C SER C 89 -57.38 46.17 38.12
N GLU C 90 -58.44 46.79 38.65
CA GLU C 90 -59.36 47.60 37.86
C GLU C 90 -59.12 49.12 37.91
N ASN C 91 -58.43 49.59 38.95
CA ASN C 91 -58.17 51.03 39.10
C ASN C 91 -57.03 51.54 38.23
N GLY C 92 -57.38 52.05 37.05
CA GLY C 92 -56.39 52.60 36.15
C GLY C 92 -56.69 54.07 36.04
N ILE C 93 -57.06 54.52 34.86
CA ILE C 93 -57.43 55.92 34.70
C ILE C 93 -58.81 56.06 35.32
N CYS C 94 -59.03 57.12 36.09
CA CYS C 94 -60.34 57.32 36.70
C CYS C 94 -61.17 58.32 35.90
N TYR C 95 -60.53 59.27 35.22
CA TYR C 95 -61.28 60.19 34.37
C TYR C 95 -61.24 59.49 33.00
N PRO C 96 -62.41 59.22 32.41
CA PRO C 96 -62.46 58.54 31.11
C PRO C 96 -61.63 59.13 29.99
N GLY C 97 -61.01 58.24 29.21
CA GLY C 97 -60.18 58.68 28.10
C GLY C 97 -59.33 57.58 27.51
N ASP C 98 -58.35 57.99 26.72
CA ASP C 98 -57.46 57.04 26.06
C ASP C 98 -56.04 57.26 26.55
N PHE C 99 -55.38 56.18 26.96
CA PHE C 99 -53.99 56.26 27.43
C PHE C 99 -53.15 55.86 26.21
N ILE C 100 -52.59 56.86 25.53
CA ILE C 100 -51.79 56.64 24.32
C ILE C 100 -50.49 55.87 24.54
N ASP C 101 -50.28 54.85 23.73
CA ASP C 101 -49.10 53.98 23.77
C ASP C 101 -48.92 53.36 25.15
N TYR C 102 -50.04 53.00 25.75
CA TYR C 102 -50.07 52.40 27.07
C TYR C 102 -49.30 51.09 27.15
N GLU C 103 -49.53 50.20 26.18
CA GLU C 103 -48.84 48.92 26.20
C GLU C 103 -47.33 49.12 26.13
N GLU C 104 -46.88 50.08 25.32
CA GLU C 104 -45.44 50.37 25.23
C GLU C 104 -44.92 50.87 26.59
N LEU C 105 -45.73 51.66 27.30
CA LEU C 105 -45.30 52.16 28.61
C LEU C 105 -45.12 50.97 29.56
N ARG C 106 -46.02 49.99 29.46
CA ARG C 106 -45.94 48.79 30.31
C ARG C 106 -44.66 48.03 30.02
N GLU C 107 -44.31 47.95 28.73
CA GLU C 107 -43.10 47.26 28.30
C GLU C 107 -41.86 48.02 28.79
N GLN C 108 -41.95 49.33 28.87
CA GLN C 108 -40.82 50.13 29.35
C GLN C 108 -40.61 49.86 30.85
N LEU C 109 -41.70 49.91 31.62
CA LEU C 109 -41.64 49.66 33.05
C LEU C 109 -41.14 48.26 33.38
N SER C 110 -41.25 47.35 32.42
CA SER C 110 -40.82 45.96 32.62
C SER C 110 -39.31 45.78 32.80
N SER C 111 -38.54 46.78 32.37
CA SER C 111 -37.09 46.69 32.53
C SER C 111 -36.62 47.75 33.54
N VAL C 112 -37.55 48.25 34.34
CA VAL C 112 -37.23 49.26 35.36
C VAL C 112 -37.07 48.53 36.68
N SER C 113 -35.90 48.67 37.30
CA SER C 113 -35.62 48.02 38.57
C SER C 113 -35.96 48.95 39.75
N SER C 114 -36.02 50.26 39.50
CA SER C 114 -36.35 51.22 40.55
C SER C 114 -36.39 52.63 39.98
N PHE C 115 -37.08 53.51 40.68
CA PHE C 115 -37.15 54.90 40.25
C PHE C 115 -37.36 55.85 41.42
N GLU C 116 -37.21 57.14 41.15
CA GLU C 116 -37.45 58.12 42.18
C GLU C 116 -38.56 59.04 41.68
N ARG C 117 -39.66 59.06 42.43
CA ARG C 117 -40.80 59.91 42.10
C ARG C 117 -40.44 61.27 42.68
N PHE C 118 -40.36 62.29 41.81
CA PHE C 118 -40.01 63.64 42.26
C PHE C 118 -40.91 64.70 41.63
N GLU C 119 -40.90 65.89 42.20
CA GLU C 119 -41.71 66.99 41.70
C GLU C 119 -41.02 67.67 40.53
N ILE C 120 -41.56 67.51 39.34
CA ILE C 120 -40.97 68.15 38.17
C ILE C 120 -41.50 69.58 38.09
N PHE C 121 -42.75 69.77 38.51
CA PHE C 121 -43.39 71.08 38.52
C PHE C 121 -44.18 71.29 39.83
N PRO C 122 -43.51 71.76 40.89
CA PRO C 122 -44.18 71.99 42.18
C PRO C 122 -45.50 72.73 42.04
N LYS C 123 -46.52 72.21 42.70
CA LYS C 123 -47.86 72.82 42.66
C LYS C 123 -47.83 74.31 43.00
N GLU C 124 -47.13 74.65 44.07
CA GLU C 124 -47.02 76.04 44.50
C GLU C 124 -45.73 76.64 43.97
N SER C 125 -45.83 77.44 42.91
CA SER C 125 -44.70 78.13 42.27
C SER C 125 -44.57 77.85 40.79
N SER C 126 -45.22 76.81 40.30
CA SER C 126 -45.13 76.48 38.88
C SER C 126 -46.18 77.18 38.03
N TRP C 127 -47.38 77.37 38.56
CA TRP C 127 -48.45 78.01 37.79
C TRP C 127 -49.05 79.23 38.50
N PRO C 128 -48.24 80.28 38.68
CA PRO C 128 -48.64 81.53 39.34
C PRO C 128 -49.92 82.16 38.82
N ASN C 129 -50.13 82.10 37.51
CA ASN C 129 -51.30 82.71 36.90
C ASN C 129 -52.43 81.76 36.53
N HIS C 130 -52.53 80.63 37.21
CA HIS C 130 -53.59 79.66 36.90
C HIS C 130 -54.04 78.95 38.16
N ASN C 131 -55.29 78.47 38.15
CA ASN C 131 -55.80 77.72 39.29
C ASN C 131 -55.33 76.27 39.14
N THR C 132 -55.04 75.61 40.25
CA THR C 132 -54.56 74.24 40.21
C THR C 132 -55.35 73.31 41.12
N ASN C 133 -56.56 73.71 41.49
CA ASN C 133 -57.38 72.90 42.39
C ASN C 133 -58.52 72.14 41.74
N GLY C 134 -58.54 72.08 40.41
CA GLY C 134 -59.59 71.34 39.75
C GLY C 134 -59.60 69.88 40.19
N VAL C 135 -60.79 69.35 40.44
CA VAL C 135 -60.96 67.96 40.86
C VAL C 135 -62.15 67.35 40.12
N THR C 136 -62.38 66.06 40.32
CA THR C 136 -63.48 65.40 39.65
C THR C 136 -64.04 64.27 40.50
N ALA C 137 -65.35 64.04 40.37
CA ALA C 137 -65.99 62.97 41.12
C ALA C 137 -65.57 61.62 40.52
N ALA C 138 -65.04 61.66 39.30
CA ALA C 138 -64.58 60.45 38.62
C ALA C 138 -63.34 59.88 39.29
N CYS C 139 -62.61 60.72 40.03
CA CYS C 139 -61.41 60.30 40.74
C CYS C 139 -61.61 60.70 42.20
N SER C 140 -62.72 60.27 42.79
CA SER C 140 -62.99 60.62 44.17
C SER C 140 -62.13 59.82 45.14
N HIS C 141 -62.00 60.34 46.35
CA HIS C 141 -61.22 59.69 47.38
C HIS C 141 -61.87 60.09 48.70
N GLU C 142 -62.22 59.08 49.50
CA GLU C 142 -62.88 59.28 50.78
C GLU C 142 -64.24 59.91 50.50
N GLY C 143 -64.90 59.41 49.47
CA GLY C 143 -66.21 59.92 49.09
C GLY C 143 -66.21 61.39 48.72
N LYS C 144 -65.04 61.92 48.38
CA LYS C 144 -64.93 63.34 48.03
C LYS C 144 -64.14 63.55 46.72
N SER C 145 -64.66 64.41 45.84
CA SER C 145 -64.01 64.70 44.57
C SER C 145 -62.51 64.95 44.74
N SER C 146 -61.69 64.32 43.91
CA SER C 146 -60.25 64.50 44.01
C SER C 146 -59.59 64.43 42.63
N PHE C 147 -58.29 64.15 42.58
CA PHE C 147 -57.58 64.06 41.31
C PHE C 147 -56.31 63.23 41.42
N TYR C 148 -55.71 62.93 40.27
CA TYR C 148 -54.47 62.17 40.21
C TYR C 148 -53.42 62.84 41.06
N ARG C 149 -52.61 62.06 41.76
CA ARG C 149 -51.58 62.60 42.62
C ARG C 149 -50.35 63.07 41.85
N ASN C 150 -50.20 62.63 40.61
CA ASN C 150 -49.02 63.01 39.86
C ASN C 150 -49.26 64.04 38.77
N LEU C 151 -50.52 64.45 38.62
CA LEU C 151 -50.90 65.43 37.63
C LEU C 151 -51.68 66.57 38.29
N LEU C 152 -51.75 67.71 37.59
CA LEU C 152 -52.48 68.87 38.07
C LEU C 152 -53.45 69.36 37.01
N TRP C 153 -54.67 69.66 37.42
CA TRP C 153 -55.66 70.17 36.49
C TRP C 153 -55.58 71.69 36.51
N LEU C 154 -55.07 72.28 35.43
CA LEU C 154 -54.95 73.73 35.37
C LEU C 154 -56.17 74.34 34.74
N THR C 155 -56.70 75.39 35.37
CA THR C 155 -57.88 76.06 34.84
C THR C 155 -57.74 77.56 34.95
N GLU C 156 -58.72 78.26 34.37
CA GLU C 156 -58.77 79.70 34.36
C GLU C 156 -58.71 80.31 35.76
N LYS C 157 -58.03 81.45 35.86
CA LYS C 157 -57.93 82.16 37.13
C LYS C 157 -58.36 83.61 36.95
N GLU C 158 -59.38 84.03 37.69
CA GLU C 158 -59.91 85.39 37.64
C GLU C 158 -60.44 85.77 36.26
N GLY C 159 -61.10 84.81 35.61
CA GLY C 159 -61.67 85.05 34.29
C GLY C 159 -60.71 84.91 33.13
N SER C 160 -59.48 84.47 33.37
CA SER C 160 -58.54 84.34 32.27
C SER C 160 -57.56 83.17 32.36
N TYR C 161 -57.22 82.61 31.20
CA TYR C 161 -56.26 81.51 31.10
C TYR C 161 -55.12 82.00 30.21
N PRO C 162 -54.09 82.61 30.81
CA PRO C 162 -52.92 83.14 30.09
C PRO C 162 -52.09 82.03 29.45
N LYS C 163 -51.45 82.34 28.32
CA LYS C 163 -50.61 81.36 27.65
C LYS C 163 -49.52 81.03 28.65
N LEU C 164 -49.31 79.73 28.87
CA LEU C 164 -48.29 79.31 29.79
C LEU C 164 -47.16 78.64 29.06
N LYS C 165 -45.97 78.72 29.64
CA LYS C 165 -44.79 78.08 29.08
C LYS C 165 -43.89 77.77 30.25
N ASN C 166 -43.69 76.49 30.50
CA ASN C 166 -42.83 76.08 31.60
C ASN C 166 -41.98 74.94 31.09
N SER C 167 -40.76 74.86 31.59
CA SER C 167 -39.87 73.82 31.15
C SER C 167 -39.10 73.22 32.32
N TYR C 168 -38.51 72.05 32.07
CA TYR C 168 -37.73 71.35 33.07
C TYR C 168 -36.48 70.77 32.43
N VAL C 169 -35.35 70.94 33.09
CA VAL C 169 -34.09 70.41 32.59
C VAL C 169 -33.76 69.17 33.40
N ASN C 170 -33.51 68.07 32.71
CA ASN C 170 -33.20 66.82 33.39
C ASN C 170 -31.77 66.76 33.88
N LYS C 171 -31.59 66.93 35.19
CA LYS C 171 -30.26 66.87 35.79
C LYS C 171 -30.16 65.68 36.72
N LYS C 172 -31.07 64.72 36.55
CA LYS C 172 -31.09 63.51 37.38
C LYS C 172 -30.01 62.50 36.98
N GLY C 173 -29.51 62.61 35.76
CA GLY C 173 -28.48 61.69 35.29
C GLY C 173 -29.11 60.34 34.96
N LYS C 174 -30.40 60.36 34.65
CA LYS C 174 -31.17 59.18 34.31
C LYS C 174 -32.37 59.59 33.48
N GLU C 175 -32.95 58.65 32.74
CA GLU C 175 -34.15 58.94 31.95
C GLU C 175 -35.25 59.35 32.93
N VAL C 176 -36.04 60.33 32.55
CA VAL C 176 -37.15 60.73 33.39
C VAL C 176 -38.45 60.52 32.63
N LEU C 177 -39.33 59.70 33.20
CA LEU C 177 -40.62 59.45 32.59
C LEU C 177 -41.55 60.60 32.97
N VAL C 178 -42.07 61.30 31.97
CA VAL C 178 -42.99 62.40 32.23
C VAL C 178 -44.34 62.03 31.66
N LEU C 179 -45.40 62.28 32.43
CA LEU C 179 -46.77 62.01 32.01
C LEU C 179 -47.59 63.28 32.11
N TRP C 180 -48.62 63.39 31.26
CA TRP C 180 -49.47 64.56 31.25
C TRP C 180 -50.76 64.19 30.53
N GLY C 181 -51.73 65.08 30.57
CA GLY C 181 -52.98 64.81 29.92
C GLY C 181 -53.50 66.00 29.15
N ILE C 182 -54.51 65.74 28.34
CA ILE C 182 -55.16 66.78 27.54
C ILE C 182 -56.63 66.53 27.79
N HIS C 183 -57.31 67.53 28.34
CA HIS C 183 -58.73 67.42 28.62
C HIS C 183 -59.57 67.85 27.43
N HIS C 184 -60.64 67.11 27.19
CA HIS C 184 -61.53 67.38 26.08
C HIS C 184 -62.98 67.58 26.54
N PRO C 185 -63.41 68.84 26.70
CA PRO C 185 -64.78 69.12 27.14
C PRO C 185 -65.82 68.61 26.14
N PRO C 186 -67.04 68.32 26.60
CA PRO C 186 -68.13 67.83 25.76
C PRO C 186 -68.84 68.96 25.00
N ASN C 187 -68.60 70.20 25.40
CA ASN C 187 -69.20 71.36 24.75
C ASN C 187 -68.37 72.63 24.92
N SER C 188 -68.63 73.59 24.06
CA SER C 188 -67.91 74.87 24.08
C SER C 188 -68.15 75.70 25.32
N LYS C 189 -69.30 75.52 25.97
CA LYS C 189 -69.60 76.29 27.19
C LYS C 189 -68.57 75.93 28.25
N GLU C 190 -68.36 74.63 28.43
CA GLU C 190 -67.41 74.13 29.41
C GLU C 190 -65.98 74.50 29.03
N GLN C 191 -65.67 74.39 27.74
CA GLN C 191 -64.34 74.73 27.26
C GLN C 191 -64.09 76.19 27.63
N GLN C 192 -65.14 76.99 27.51
CA GLN C 192 -65.02 78.41 27.81
C GLN C 192 -64.85 78.78 29.28
N ASN C 193 -65.65 78.20 30.17
CA ASN C 193 -65.50 78.56 31.58
C ASN C 193 -64.38 77.85 32.33
N LEU C 194 -63.70 76.93 31.64
CA LEU C 194 -62.58 76.22 32.27
C LEU C 194 -61.28 76.80 31.72
N TYR C 195 -61.28 77.15 30.43
CA TYR C 195 -60.08 77.66 29.80
C TYR C 195 -60.24 79.01 29.08
N GLN C 196 -61.47 79.50 29.02
CA GLN C 196 -61.78 80.76 28.36
C GLN C 196 -61.46 80.76 26.87
N ASN C 197 -60.18 80.57 26.54
CA ASN C 197 -59.76 80.53 25.14
C ASN C 197 -60.49 79.39 24.43
N GLU C 198 -61.28 79.75 23.43
CA GLU C 198 -62.07 78.78 22.68
C GLU C 198 -61.22 77.83 21.82
N ASN C 199 -60.24 78.38 21.11
CA ASN C 199 -59.37 77.58 20.27
C ASN C 199 -58.00 77.44 20.91
N ALA C 200 -57.93 76.59 21.94
CA ALA C 200 -56.71 76.37 22.67
C ALA C 200 -55.87 75.27 22.05
N TYR C 201 -54.67 75.09 22.59
CA TYR C 201 -53.78 74.07 22.09
C TYR C 201 -52.73 73.84 23.15
N VAL C 202 -52.10 72.67 23.09
CA VAL C 202 -51.04 72.30 24.01
C VAL C 202 -49.89 71.81 23.16
N SER C 203 -48.67 72.13 23.59
CA SER C 203 -47.48 71.70 22.88
C SER C 203 -46.50 71.14 23.88
N VAL C 204 -45.86 70.04 23.52
CA VAL C 204 -44.87 69.40 24.39
C VAL C 204 -43.69 69.01 23.50
N VAL C 205 -42.51 69.50 23.84
CA VAL C 205 -41.34 69.22 23.03
C VAL C 205 -40.09 68.97 23.85
N THR C 206 -39.18 68.19 23.28
CA THR C 206 -37.89 67.88 23.88
C THR C 206 -36.96 67.88 22.67
N SER C 207 -35.76 67.34 22.82
CA SER C 207 -34.83 67.29 21.70
C SER C 207 -35.22 66.20 20.72
N ASN C 208 -35.93 65.18 21.22
CA ASN C 208 -36.35 64.07 20.38
C ASN C 208 -37.84 63.77 20.39
N TYR C 209 -38.62 64.65 21.00
CA TYR C 209 -40.07 64.49 21.06
C TYR C 209 -40.71 65.83 20.67
N ASN C 210 -41.78 65.77 19.91
CA ASN C 210 -42.44 66.98 19.46
C ASN C 210 -43.89 66.71 19.09
N ARG C 211 -44.82 67.18 19.92
CA ARG C 211 -46.23 66.96 19.65
C ARG C 211 -47.11 68.14 20.04
N ARG C 212 -48.18 68.33 19.28
CA ARG C 212 -49.12 69.42 19.53
C ARG C 212 -50.50 68.81 19.71
N PHE C 213 -51.28 69.34 20.65
CA PHE C 213 -52.61 68.80 20.92
C PHE C 213 -53.71 69.84 20.81
N THR C 214 -54.80 69.44 20.18
CA THR C 214 -55.94 70.32 20.00
C THR C 214 -57.17 69.70 20.65
N PRO C 215 -57.95 70.51 21.39
CA PRO C 215 -59.15 70.00 22.04
C PRO C 215 -60.16 69.60 20.98
N GLU C 216 -60.81 68.47 21.17
CA GLU C 216 -61.83 68.02 20.23
C GLU C 216 -63.10 68.01 21.06
N ILE C 217 -63.91 69.05 20.87
CA ILE C 217 -65.15 69.21 21.63
C ILE C 217 -66.35 68.52 21.00
N ALA C 218 -66.97 67.63 21.76
CA ALA C 218 -68.14 66.90 21.28
C ALA C 218 -68.88 66.16 22.41
N GLU C 219 -70.20 66.03 22.25
CA GLU C 219 -71.04 65.33 23.22
C GLU C 219 -70.66 63.84 23.14
N ARG C 220 -70.45 63.21 24.29
CA ARG C 220 -70.06 61.80 24.30
C ARG C 220 -70.80 61.02 25.38
N PRO C 221 -70.99 59.71 25.16
CA PRO C 221 -71.68 58.91 26.18
C PRO C 221 -70.90 59.08 27.47
N LYS C 222 -71.61 59.22 28.59
CA LYS C 222 -70.93 59.40 29.87
C LYS C 222 -70.26 58.12 30.33
N VAL C 223 -69.04 58.26 30.85
CA VAL C 223 -68.28 57.14 31.35
C VAL C 223 -67.86 57.59 32.74
N ARG C 224 -68.17 56.80 33.75
CA ARG C 224 -67.88 57.15 35.13
C ARG C 224 -68.58 58.47 35.39
N ASP C 225 -69.75 58.60 34.78
CA ASP C 225 -70.59 59.79 34.90
C ASP C 225 -70.00 61.04 34.25
N GLN C 226 -69.06 60.86 33.33
CA GLN C 226 -68.43 62.01 32.65
C GLN C 226 -68.54 61.96 31.13
N ALA C 227 -69.06 63.02 30.53
CA ALA C 227 -69.19 63.09 29.08
C ALA C 227 -67.88 63.61 28.50
N GLY C 228 -67.04 64.14 29.38
CA GLY C 228 -65.75 64.65 28.96
C GLY C 228 -64.77 63.50 28.80
N ARG C 229 -63.58 63.82 28.31
CA ARG C 229 -62.54 62.84 28.10
C ARG C 229 -61.19 63.46 28.36
N MET C 230 -60.26 62.62 28.78
CA MET C 230 -58.90 63.04 29.05
C MET C 230 -57.98 62.00 28.43
N ASN C 231 -57.13 62.42 27.51
CA ASN C 231 -56.17 61.51 26.91
C ASN C 231 -54.85 61.72 27.63
N TYR C 232 -54.18 60.62 27.95
CA TYR C 232 -52.92 60.67 28.67
C TYR C 232 -51.75 60.32 27.75
N TYR C 233 -50.64 61.03 27.94
CA TYR C 233 -49.44 60.83 27.13
C TYR C 233 -48.22 60.79 28.02
N TRP C 234 -47.11 60.29 27.45
CA TRP C 234 -45.85 60.21 28.17
C TRP C 234 -44.67 60.23 27.21
N THR C 235 -43.49 60.52 27.74
CA THR C 235 -42.27 60.50 26.95
C THR C 235 -41.15 60.27 27.92
N LEU C 236 -40.00 59.90 27.39
CA LEU C 236 -38.81 59.69 28.20
C LEU C 236 -37.89 60.86 27.90
N LEU C 237 -37.52 61.60 28.93
CA LEU C 237 -36.61 62.73 28.78
C LEU C 237 -35.20 62.24 29.06
N LYS C 238 -34.34 62.30 28.06
CA LYS C 238 -32.97 61.85 28.23
C LYS C 238 -32.22 62.75 29.20
N PRO C 239 -31.16 62.21 29.84
CA PRO C 239 -30.36 63.00 30.79
C PRO C 239 -29.83 64.27 30.11
N GLY C 240 -29.90 65.39 30.83
CA GLY C 240 -29.42 66.65 30.30
C GLY C 240 -30.37 67.37 29.36
N ASP C 241 -31.37 66.66 28.84
CA ASP C 241 -32.31 67.28 27.92
C ASP C 241 -33.38 68.09 28.65
N THR C 242 -34.09 68.91 27.91
CA THR C 242 -35.14 69.76 28.45
C THR C 242 -36.49 69.50 27.81
N ILE C 243 -37.53 69.53 28.61
CA ILE C 243 -38.88 69.35 28.10
C ILE C 243 -39.60 70.68 28.33
N ILE C 244 -40.33 71.13 27.32
CA ILE C 244 -41.05 72.39 27.41
C ILE C 244 -42.55 72.22 27.19
N PHE C 245 -43.34 72.69 28.13
CA PHE C 245 -44.80 72.66 28.03
C PHE C 245 -45.28 74.06 27.73
N GLU C 246 -46.12 74.18 26.71
CA GLU C 246 -46.66 75.47 26.33
C GLU C 246 -48.13 75.22 26.07
N ALA C 247 -48.99 76.08 26.58
CA ALA C 247 -50.42 75.90 26.38
C ALA C 247 -51.24 77.11 26.72
N ASN C 248 -52.44 77.17 26.16
CA ASN C 248 -53.35 78.26 26.46
C ASN C 248 -54.69 77.61 26.81
N GLY C 249 -54.61 76.41 27.38
CA GLY C 249 -55.79 75.69 27.80
C GLY C 249 -55.72 74.17 27.65
N ASN C 250 -56.66 73.48 28.29
CA ASN C 250 -56.79 72.04 28.20
C ASN C 250 -55.65 71.16 28.70
N LEU C 251 -54.59 71.74 29.25
CA LEU C 251 -53.47 70.94 29.73
C LEU C 251 -53.62 70.37 31.14
N ILE C 252 -53.46 69.06 31.25
CA ILE C 252 -53.49 68.40 32.55
C ILE C 252 -52.00 68.24 32.78
N ALA C 253 -51.44 69.23 33.46
CA ALA C 253 -50.00 69.28 33.70
C ALA C 253 -49.35 68.24 34.59
N PRO C 254 -48.08 67.96 34.32
CA PRO C 254 -47.29 67.00 35.09
C PRO C 254 -46.93 67.66 36.41
N MET C 255 -47.01 66.91 37.51
CA MET C 255 -46.63 67.46 38.80
C MET C 255 -45.44 66.63 39.28
N TYR C 256 -45.62 65.31 39.28
CA TYR C 256 -44.54 64.40 39.66
C TYR C 256 -44.13 63.61 38.42
N ALA C 257 -42.83 63.28 38.34
CA ALA C 257 -42.28 62.50 37.24
C ALA C 257 -41.37 61.44 37.87
N PHE C 258 -40.86 60.51 37.07
CA PHE C 258 -40.00 59.46 37.62
C PHE C 258 -38.63 59.34 36.96
N ALA C 259 -37.60 59.33 37.79
CA ALA C 259 -36.23 59.15 37.31
C ALA C 259 -36.03 57.63 37.35
N LEU C 260 -35.93 57.02 36.19
CA LEU C 260 -35.81 55.57 36.07
C LEU C 260 -34.41 54.97 36.07
N ARG C 261 -34.31 53.79 36.67
CA ARG C 261 -33.07 53.03 36.73
C ARG C 261 -33.47 51.68 36.10
N ARG C 262 -32.68 51.21 35.14
CA ARG C 262 -32.97 49.94 34.45
C ARG C 262 -32.30 48.72 35.09
N GLY C 263 -32.91 47.56 34.85
CA GLY C 263 -32.37 46.31 35.36
C GLY C 263 -32.74 45.16 34.44
N PHE C 264 -32.32 43.95 34.77
CA PHE C 264 -32.63 42.79 33.94
C PHE C 264 -33.39 41.73 34.75
N GLY C 265 -34.22 40.96 34.06
CA GLY C 265 -34.96 39.90 34.73
C GLY C 265 -36.33 40.22 35.30
N SER C 266 -36.79 41.45 35.15
CA SER C 266 -38.08 41.82 35.70
C SER C 266 -39.20 41.65 34.67
N GLY C 267 -40.43 41.81 35.12
CA GLY C 267 -41.56 41.69 34.22
C GLY C 267 -42.87 41.86 34.97
N ILE C 268 -43.95 41.98 34.23
CA ILE C 268 -45.27 42.13 34.83
C ILE C 268 -46.03 40.80 34.71
N ILE C 269 -46.53 40.30 35.84
CA ILE C 269 -47.31 39.07 35.83
C ILE C 269 -48.65 39.32 36.49
N THR C 270 -49.62 38.47 36.19
CA THR C 270 -50.96 38.58 36.77
C THR C 270 -51.14 37.38 37.69
N SER C 271 -51.47 37.64 38.94
CA SER C 271 -51.63 36.57 39.91
C SER C 271 -52.61 36.87 41.03
N ASN C 272 -53.30 35.84 41.51
CA ASN C 272 -54.21 36.01 42.62
C ASN C 272 -53.63 35.34 43.87
N ALA C 273 -52.33 35.02 43.80
CA ALA C 273 -51.64 34.41 44.93
C ALA C 273 -51.20 35.51 45.89
N SER C 274 -50.93 35.14 47.14
CA SER C 274 -50.53 36.14 48.11
C SER C 274 -49.03 36.19 48.38
N MET C 275 -48.56 37.38 48.72
CA MET C 275 -47.17 37.63 49.06
C MET C 275 -46.91 37.10 50.46
N HIS C 276 -45.79 36.43 50.65
CA HIS C 276 -45.41 35.88 51.93
C HIS C 276 -43.94 36.20 52.11
N GLU C 277 -43.44 36.10 53.33
CA GLU C 277 -42.03 36.35 53.57
C GLU C 277 -41.24 35.10 53.21
N CYS C 278 -41.00 34.93 51.93
CA CYS C 278 -40.25 33.79 51.40
C CYS C 278 -39.30 34.30 50.32
N ASN C 279 -38.28 33.51 50.03
CA ASN C 279 -37.31 33.89 49.01
C ASN C 279 -37.23 32.79 47.96
N THR C 280 -37.00 33.17 46.71
CA THR C 280 -36.93 32.20 45.64
C THR C 280 -36.13 32.74 44.47
N LYS C 281 -35.70 31.83 43.60
CA LYS C 281 -34.96 32.23 42.41
C LYS C 281 -35.88 32.08 41.22
N CYS C 282 -37.02 31.42 41.45
CA CYS C 282 -37.99 31.20 40.38
C CYS C 282 -39.46 31.39 40.79
N GLN C 283 -40.10 32.40 40.22
CA GLN C 283 -41.50 32.71 40.53
C GLN C 283 -42.45 32.57 39.34
N THR C 284 -43.62 31.98 39.59
CA THR C 284 -44.65 31.87 38.55
C THR C 284 -45.90 32.49 39.17
N PRO C 285 -46.92 32.78 38.35
CA PRO C 285 -48.15 33.37 38.88
C PRO C 285 -48.90 32.50 39.88
N LEU C 286 -48.58 31.20 39.89
CA LEU C 286 -49.24 30.27 40.80
C LEU C 286 -48.48 30.08 42.10
N GLY C 287 -47.16 30.20 42.02
CA GLY C 287 -46.33 30.03 43.19
C GLY C 287 -44.87 29.98 42.80
N ALA C 288 -44.01 29.94 43.81
CA ALA C 288 -42.57 29.92 43.61
C ALA C 288 -42.09 28.48 43.43
N ILE C 289 -41.04 28.32 42.64
CA ILE C 289 -40.45 27.01 42.35
C ILE C 289 -39.02 26.92 42.88
N ASN C 290 -38.70 25.82 43.54
CA ASN C 290 -37.34 25.59 44.05
C ASN C 290 -36.95 24.22 43.51
N SER C 291 -36.26 24.22 42.37
CA SER C 291 -35.89 22.96 41.73
C SER C 291 -34.68 23.07 40.81
N SER C 292 -34.06 21.92 40.55
CA SER C 292 -32.91 21.85 39.66
C SER C 292 -33.29 21.02 38.44
N LEU C 293 -34.55 20.63 38.36
CA LEU C 293 -35.04 19.83 37.25
C LEU C 293 -35.08 20.66 35.97
N PRO C 294 -34.82 20.02 34.81
CA PRO C 294 -34.83 20.73 33.53
C PRO C 294 -36.18 21.23 33.06
N TYR C 295 -37.26 20.54 33.44
CA TYR C 295 -38.59 20.97 33.01
C TYR C 295 -39.55 21.16 34.17
N GLN C 296 -40.67 21.83 33.88
CA GLN C 296 -41.74 22.10 34.83
C GLN C 296 -43.02 22.23 34.01
N ASN C 297 -44.14 21.76 34.56
CA ASN C 297 -45.42 21.86 33.87
C ASN C 297 -46.36 22.73 34.69
N ILE C 298 -45.79 23.53 35.58
CA ILE C 298 -46.57 24.41 36.45
C ILE C 298 -47.15 25.64 35.73
N HIS C 299 -46.31 26.43 35.08
CA HIS C 299 -46.83 27.61 34.39
C HIS C 299 -45.86 28.14 33.33
N PRO C 300 -46.39 28.67 32.22
CA PRO C 300 -45.50 29.21 31.18
C PRO C 300 -44.86 30.54 31.57
N VAL C 301 -45.55 31.33 32.40
CA VAL C 301 -45.02 32.62 32.85
C VAL C 301 -44.04 32.40 34.01
N THR C 302 -42.82 32.91 33.87
CA THR C 302 -41.80 32.74 34.90
C THR C 302 -40.91 33.97 35.05
N ILE C 303 -40.40 34.17 36.26
CA ILE C 303 -39.50 35.27 36.55
C ILE C 303 -38.30 34.68 37.27
N GLY C 304 -37.10 35.01 36.79
CA GLY C 304 -35.88 34.50 37.40
C GLY C 304 -35.21 33.43 36.58
N GLU C 305 -34.72 32.39 37.25
CA GLU C 305 -34.05 31.26 36.59
C GLU C 305 -34.94 30.07 36.87
N CYS C 306 -35.68 29.65 35.85
CA CYS C 306 -36.62 28.56 36.01
C CYS C 306 -36.45 27.40 35.06
N PRO C 307 -37.15 26.29 35.33
CA PRO C 307 -37.09 25.12 34.46
C PRO C 307 -37.93 25.48 33.25
N LYS C 308 -37.65 24.84 32.12
CA LYS C 308 -38.38 25.07 30.88
C LYS C 308 -39.81 24.53 31.00
N TYR C 309 -40.79 25.33 30.61
CA TYR C 309 -42.18 24.90 30.68
C TYR C 309 -42.55 24.02 29.48
N VAL C 310 -43.27 22.94 29.77
CA VAL C 310 -43.75 22.01 28.75
C VAL C 310 -45.15 21.57 29.17
N ARG C 311 -45.93 21.07 28.21
CA ARG C 311 -47.29 20.64 28.52
C ARG C 311 -47.36 19.21 29.07
N SER C 312 -46.20 18.55 29.17
CA SER C 312 -46.13 17.17 29.65
C SER C 312 -46.67 16.91 31.05
N ALA C 313 -47.29 15.74 31.22
CA ALA C 313 -47.83 15.33 32.51
C ALA C 313 -46.78 14.52 33.26
N LYS C 314 -45.91 13.87 32.49
CA LYS C 314 -44.86 13.05 33.06
C LYS C 314 -43.61 12.98 32.19
N LEU C 315 -42.45 13.08 32.83
CA LEU C 315 -41.16 12.98 32.15
C LEU C 315 -40.21 12.31 33.14
N ARG C 316 -40.16 10.99 33.08
CA ARG C 316 -39.30 10.24 33.97
C ARG C 316 -38.30 9.42 33.17
N MET C 317 -37.03 9.56 33.53
CA MET C 317 -35.97 8.85 32.84
C MET C 317 -35.59 7.65 33.68
N VAL C 318 -35.46 6.49 33.05
CA VAL C 318 -35.08 5.30 33.80
C VAL C 318 -33.56 5.23 33.88
N THR C 319 -33.06 4.86 35.05
CA THR C 319 -31.63 4.72 35.26
C THR C 319 -31.31 3.25 35.58
N GLY C 320 -32.18 2.61 36.34
CA GLY C 320 -31.98 1.22 36.70
C GLY C 320 -32.41 0.29 35.59
N LEU C 321 -32.76 -0.95 35.94
CA LEU C 321 -33.18 -1.90 34.92
C LEU C 321 -34.63 -2.32 35.06
N ARG C 322 -35.09 -3.09 34.09
CA ARG C 322 -36.45 -3.60 34.10
C ARG C 322 -36.55 -4.38 35.42
N ASN C 323 -37.54 -4.04 36.24
CA ASN C 323 -37.68 -4.71 37.54
C ASN C 323 -38.50 -5.99 37.48
N ILE C 324 -37.82 -7.10 37.75
CA ILE C 324 -38.45 -8.43 37.73
C ILE C 324 -38.12 -9.19 39.01
N PRO C 325 -38.82 -8.89 40.10
CA PRO C 325 -38.62 -9.54 41.40
C PRO C 325 -38.73 -11.06 41.32
N ALA C 326 -39.47 -11.53 40.32
CA ALA C 326 -39.66 -12.95 40.07
C ALA C 326 -40.12 -13.69 41.34
N ARG C 327 -41.24 -13.25 41.89
CA ARG C 327 -41.80 -13.87 43.09
C ARG C 327 -42.86 -14.91 42.75
N GLY D 1 -35.53 -8.17 25.54
CA GLY D 1 -34.48 -7.19 25.34
C GLY D 1 -33.66 -7.48 24.10
N LEU D 2 -33.03 -6.44 23.57
CA LEU D 2 -32.22 -6.55 22.36
C LEU D 2 -31.10 -7.58 22.45
N PHE D 3 -30.52 -7.73 23.64
CA PHE D 3 -29.43 -8.67 23.79
C PHE D 3 -29.78 -10.02 24.38
N GLY D 4 -31.08 -10.25 24.61
CA GLY D 4 -31.57 -11.53 25.11
C GLY D 4 -31.25 -12.01 26.51
N ALA D 5 -30.55 -11.21 27.31
CA ALA D 5 -30.19 -11.63 28.67
C ALA D 5 -31.28 -11.31 29.69
N ILE D 6 -31.46 -10.03 29.99
CA ILE D 6 -32.49 -9.62 30.96
C ILE D 6 -33.86 -10.03 30.44
N ALA D 7 -34.64 -10.68 31.31
CA ALA D 7 -35.96 -11.18 30.95
C ALA D 7 -35.82 -12.10 29.74
N GLY D 8 -34.62 -12.65 29.58
CA GLY D 8 -34.33 -13.55 28.48
C GLY D 8 -33.87 -14.89 29.01
N PHE D 9 -32.65 -15.33 28.65
CA PHE D 9 -32.18 -16.61 29.15
C PHE D 9 -31.89 -16.54 30.65
N ILE D 10 -31.87 -15.32 31.18
CA ILE D 10 -31.70 -15.09 32.60
C ILE D 10 -33.05 -14.48 32.92
N GLU D 11 -34.00 -15.38 33.15
CA GLU D 11 -35.41 -15.06 33.40
C GLU D 11 -35.82 -14.04 34.45
N GLY D 12 -35.05 -13.89 35.52
CA GLY D 12 -35.46 -12.94 36.55
C GLY D 12 -34.37 -12.22 37.30
N GLY D 13 -34.76 -11.22 38.07
CA GLY D 13 -33.81 -10.46 38.84
C GLY D 13 -33.71 -10.98 40.26
N TRP D 14 -32.65 -10.58 40.96
CA TRP D 14 -32.44 -11.01 42.34
C TRP D 14 -32.70 -9.89 43.34
N THR D 15 -33.81 -9.96 44.05
CA THR D 15 -34.10 -8.96 45.06
C THR D 15 -33.13 -9.21 46.21
N GLY D 16 -32.35 -10.29 46.07
CA GLY D 16 -31.38 -10.65 47.09
C GLY D 16 -30.04 -9.97 46.90
N MET D 17 -29.79 -9.46 45.70
CA MET D 17 -28.54 -8.76 45.44
C MET D 17 -28.79 -7.26 45.58
N ILE D 18 -28.07 -6.62 46.49
CA ILE D 18 -28.26 -5.19 46.73
C ILE D 18 -26.98 -4.35 46.70
N ASP D 19 -25.92 -4.87 46.10
CA ASP D 19 -24.66 -4.14 46.03
C ASP D 19 -24.44 -3.51 44.66
N GLY D 20 -25.31 -3.82 43.71
CA GLY D 20 -25.16 -3.28 42.39
C GLY D 20 -26.26 -3.76 41.44
N TRP D 21 -26.12 -3.44 40.17
CA TRP D 21 -27.11 -3.83 39.17
C TRP D 21 -26.84 -5.21 38.58
N TYR D 22 -25.56 -5.55 38.45
CA TYR D 22 -25.15 -6.83 37.90
C TYR D 22 -24.27 -7.56 38.91
N GLY D 23 -24.40 -8.88 38.97
CA GLY D 23 -23.59 -9.63 39.92
C GLY D 23 -23.63 -11.14 39.79
N TYR D 24 -23.11 -11.80 40.82
CA TYR D 24 -23.05 -13.26 40.84
C TYR D 24 -23.74 -13.84 42.06
N HIS D 25 -23.89 -15.16 42.04
CA HIS D 25 -24.50 -15.90 43.13
C HIS D 25 -23.77 -17.24 43.22
N HIS D 26 -22.97 -17.40 44.27
CA HIS D 26 -22.22 -18.64 44.44
C HIS D 26 -22.92 -19.58 45.41
N GLN D 27 -22.85 -20.86 45.10
CA GLN D 27 -23.47 -21.90 45.93
C GLN D 27 -22.50 -23.07 46.06
N ASN D 28 -21.54 -22.93 46.97
CA ASN D 28 -20.54 -23.98 47.18
C ASN D 28 -20.79 -24.65 48.54
N GLU D 29 -19.86 -25.51 48.94
CA GLU D 29 -19.98 -26.23 50.20
C GLU D 29 -19.91 -25.30 51.41
N GLN D 30 -19.13 -24.23 51.28
CA GLN D 30 -18.96 -23.26 52.36
C GLN D 30 -20.22 -22.42 52.56
N GLY D 31 -21.08 -22.39 51.56
CA GLY D 31 -22.31 -21.61 51.67
C GLY D 31 -22.70 -20.93 50.38
N SER D 32 -23.74 -20.09 50.45
CA SER D 32 -24.24 -19.37 49.29
C SER D 32 -24.06 -17.87 49.48
N GLY D 33 -24.85 -17.08 48.76
CA GLY D 33 -24.77 -15.64 48.88
C GLY D 33 -24.62 -14.89 47.56
N TYR D 34 -25.07 -13.64 47.55
CA TYR D 34 -24.98 -12.81 46.36
C TYR D 34 -23.77 -11.89 46.42
N ALA D 35 -23.40 -11.31 45.29
CA ALA D 35 -22.26 -10.40 45.22
C ALA D 35 -22.26 -9.60 43.93
N ALA D 36 -22.41 -8.28 44.05
CA ALA D 36 -22.43 -7.41 42.88
C ALA D 36 -21.06 -7.23 42.26
N ASP D 37 -21.00 -7.21 40.93
CA ASP D 37 -19.76 -7.02 40.20
C ASP D 37 -19.53 -5.51 40.09
N GLN D 38 -18.64 -4.98 40.93
CA GLN D 38 -18.34 -3.55 40.95
C GLN D 38 -17.86 -2.98 39.63
N LYS D 39 -17.05 -3.75 38.91
CA LYS D 39 -16.51 -3.33 37.62
C LYS D 39 -17.66 -2.89 36.71
N SER D 40 -18.57 -3.81 36.42
CA SER D 40 -19.72 -3.56 35.56
C SER D 40 -20.74 -2.58 36.09
N THR D 41 -21.07 -2.70 37.38
CA THR D 41 -22.07 -1.81 37.98
C THR D 41 -21.61 -0.36 37.93
N GLN D 42 -20.35 -0.11 38.25
CA GLN D 42 -19.83 1.25 38.25
C GLN D 42 -19.79 1.85 36.86
N ASN D 43 -19.34 1.07 35.88
CA ASN D 43 -19.27 1.57 34.51
C ASN D 43 -20.67 1.95 34.04
N ALA D 44 -21.65 1.13 34.41
CA ALA D 44 -23.04 1.38 34.03
C ALA D 44 -23.52 2.67 34.68
N ILE D 45 -23.10 2.89 35.92
CA ILE D 45 -23.49 4.08 36.66
C ILE D 45 -22.88 5.32 36.04
N ASN D 46 -21.60 5.23 35.67
CA ASN D 46 -20.96 6.38 35.07
C ASN D 46 -21.62 6.76 33.76
N GLY D 47 -21.95 5.75 32.94
CA GLY D 47 -22.59 6.00 31.66
C GLY D 47 -23.97 6.62 31.78
N ILE D 48 -24.79 6.05 32.65
CA ILE D 48 -26.14 6.54 32.86
C ILE D 48 -26.16 7.88 33.61
N THR D 49 -25.12 8.14 34.39
CA THR D 49 -25.04 9.41 35.11
C THR D 49 -24.74 10.49 34.07
N ASN D 50 -23.82 10.18 33.18
CA ASN D 50 -23.44 11.12 32.13
C ASN D 50 -24.60 11.34 31.16
N LYS D 51 -25.44 10.33 30.98
CA LYS D 51 -26.57 10.46 30.08
C LYS D 51 -27.58 11.44 30.67
N VAL D 52 -28.03 11.14 31.89
CA VAL D 52 -29.00 11.98 32.56
C VAL D 52 -28.49 13.42 32.68
N ASN D 53 -27.22 13.59 33.03
CA ASN D 53 -26.67 14.92 33.16
C ASN D 53 -26.63 15.65 31.83
N SER D 54 -26.41 14.91 30.74
CA SER D 54 -26.37 15.52 29.42
C SER D 54 -27.75 16.08 29.07
N VAL D 55 -28.78 15.27 29.30
CA VAL D 55 -30.15 15.69 29.01
C VAL D 55 -30.46 16.97 29.77
N ILE D 56 -30.08 17.00 31.04
CA ILE D 56 -30.33 18.16 31.87
C ILE D 56 -29.52 19.39 31.41
N GLU D 57 -28.26 19.17 31.09
CA GLU D 57 -27.40 20.26 30.66
C GLU D 57 -27.84 20.91 29.36
N LYS D 58 -28.37 20.12 28.43
CA LYS D 58 -28.81 20.66 27.16
C LYS D 58 -30.01 21.60 27.30
N MET D 59 -30.79 21.42 28.37
CA MET D 59 -31.94 22.28 28.62
C MET D 59 -31.53 23.44 29.51
N ASN D 60 -30.73 24.34 28.97
CA ASN D 60 -30.28 25.50 29.74
C ASN D 60 -31.50 26.13 30.42
N ILE D 61 -31.25 26.87 31.50
CA ILE D 61 -32.29 27.52 32.28
C ILE D 61 -33.16 28.51 31.50
N GLN D 62 -34.46 28.50 31.81
CA GLN D 62 -35.40 29.43 31.18
C GLN D 62 -35.40 30.72 31.99
N PHE D 63 -35.05 31.82 31.35
CA PHE D 63 -35.06 33.10 32.05
C PHE D 63 -36.42 33.75 31.91
N THR D 64 -36.62 34.86 32.62
CA THR D 64 -37.89 35.57 32.61
C THR D 64 -38.62 35.62 31.27
N ALA D 65 -39.83 35.09 31.27
CA ALA D 65 -40.69 35.06 30.09
C ALA D 65 -42.09 35.36 30.60
N VAL D 66 -42.70 36.40 30.08
CA VAL D 66 -44.04 36.80 30.49
C VAL D 66 -44.88 37.21 29.29
N GLY D 67 -46.16 37.46 29.54
CA GLY D 67 -47.05 37.87 28.47
C GLY D 67 -46.84 39.34 28.15
N LYS D 68 -47.54 39.80 27.11
CA LYS D 68 -47.45 41.18 26.67
C LYS D 68 -48.89 41.58 26.40
N GLU D 69 -49.18 42.87 26.46
CA GLU D 69 -50.53 43.35 26.17
C GLU D 69 -50.55 43.98 24.79
N PHE D 70 -51.73 44.04 24.20
CA PHE D 70 -51.89 44.62 22.87
C PHE D 70 -53.18 45.39 22.92
N ASN D 71 -53.24 46.54 22.26
CA ASN D 71 -54.47 47.29 22.28
C ASN D 71 -55.46 46.62 21.33
N LYS D 72 -56.70 47.10 21.32
CA LYS D 72 -57.76 46.51 20.51
C LYS D 72 -57.49 46.57 19.01
N LEU D 73 -56.52 47.38 18.61
CA LEU D 73 -56.20 47.50 17.18
C LEU D 73 -54.90 46.80 16.83
N GLU D 74 -54.44 45.91 17.73
CA GLU D 74 -53.23 45.15 17.50
C GLU D 74 -53.52 43.66 17.56
N LYS D 75 -54.67 43.27 16.99
CA LYS D 75 -55.09 41.88 17.00
C LYS D 75 -54.14 40.96 16.21
N ARG D 76 -53.63 41.42 15.07
CA ARG D 76 -52.71 40.61 14.28
C ARG D 76 -51.41 40.39 15.06
N MET D 77 -50.93 41.43 15.73
CA MET D 77 -49.69 41.33 16.50
C MET D 77 -49.89 40.40 17.70
N GLU D 78 -51.06 40.47 18.32
CA GLU D 78 -51.37 39.62 19.46
C GLU D 78 -51.41 38.17 18.99
N ASN D 79 -51.96 37.94 17.81
CA ASN D 79 -52.02 36.57 17.29
C ASN D 79 -50.65 36.07 16.86
N LEU D 80 -49.79 36.96 16.40
CA LEU D 80 -48.45 36.56 15.98
C LEU D 80 -47.71 36.12 17.24
N ASN D 81 -47.83 36.91 18.30
CA ASN D 81 -47.17 36.60 19.57
C ASN D 81 -47.66 35.24 20.07
N ASN D 82 -48.95 34.99 19.88
CA ASN D 82 -49.57 33.75 20.30
C ASN D 82 -49.06 32.57 19.47
N LYS D 83 -48.95 32.76 18.15
CA LYS D 83 -48.45 31.71 17.28
C LYS D 83 -47.01 31.38 17.69
N VAL D 84 -46.23 32.41 17.98
CA VAL D 84 -44.84 32.22 18.41
C VAL D 84 -44.76 31.42 19.70
N ASP D 85 -45.46 31.85 20.74
CA ASP D 85 -45.42 31.15 22.03
C ASP D 85 -45.90 29.70 21.95
N ASP D 86 -47.01 29.45 21.25
CA ASP D 86 -47.53 28.10 21.12
C ASP D 86 -46.58 27.23 20.30
N GLY D 87 -46.02 27.83 19.25
CA GLY D 87 -45.10 27.10 18.39
C GLY D 87 -43.89 26.61 19.13
N PHE D 88 -43.27 27.47 19.92
CA PHE D 88 -42.09 27.05 20.68
C PHE D 88 -42.49 26.01 21.74
N LEU D 89 -43.64 26.22 22.37
CA LEU D 89 -44.10 25.30 23.39
C LEU D 89 -44.36 23.91 22.79
N ASP D 90 -44.96 23.85 21.60
CA ASP D 90 -45.22 22.57 20.94
C ASP D 90 -43.92 21.83 20.68
N ILE D 91 -42.92 22.56 20.19
CA ILE D 91 -41.63 21.99 19.87
C ILE D 91 -40.88 21.45 21.08
N TRP D 92 -40.84 22.22 22.16
CA TRP D 92 -40.15 21.78 23.36
C TRP D 92 -40.84 20.63 24.06
N THR D 93 -42.17 20.58 24.01
CA THR D 93 -42.89 19.48 24.65
C THR D 93 -42.60 18.20 23.85
N TYR D 94 -42.68 18.31 22.53
CA TYR D 94 -42.39 17.20 21.64
C TYR D 94 -40.96 16.73 21.89
N ASN D 95 -40.01 17.66 21.86
CA ASN D 95 -38.60 17.34 22.08
C ASN D 95 -38.35 16.62 23.41
N ALA D 96 -38.85 17.19 24.50
CA ALA D 96 -38.66 16.59 25.83
C ALA D 96 -39.23 15.17 25.90
N GLU D 97 -40.47 14.99 25.48
CA GLU D 97 -41.12 13.69 25.53
C GLU D 97 -40.46 12.63 24.63
N LEU D 98 -40.10 13.03 23.41
CA LEU D 98 -39.46 12.12 22.49
C LEU D 98 -38.08 11.69 23.01
N LEU D 99 -37.30 12.66 23.48
CA LEU D 99 -35.97 12.35 23.99
C LEU D 99 -36.01 11.34 25.13
N VAL D 100 -36.96 11.52 26.05
CA VAL D 100 -37.08 10.61 27.19
C VAL D 100 -37.49 9.21 26.74
N LEU D 101 -38.49 9.11 25.87
CA LEU D 101 -38.97 7.84 25.35
C LEU D 101 -37.86 7.07 24.63
N LEU D 102 -37.16 7.77 23.74
CA LEU D 102 -36.08 7.18 22.96
C LEU D 102 -34.89 6.75 23.82
N GLU D 103 -34.55 7.56 24.82
CA GLU D 103 -33.42 7.23 25.68
C GLU D 103 -33.73 6.18 26.75
N ASN D 104 -34.99 6.10 27.17
CA ASN D 104 -35.36 5.09 28.15
C ASN D 104 -35.22 3.72 27.49
N GLU D 105 -35.59 3.64 26.23
CA GLU D 105 -35.48 2.38 25.49
C GLU D 105 -34.00 2.03 25.43
N ARG D 106 -33.17 3.00 25.07
CA ARG D 106 -31.73 2.82 24.96
C ARG D 106 -31.07 2.41 26.28
N THR D 107 -31.57 2.95 27.39
CA THR D 107 -31.00 2.62 28.69
C THR D 107 -31.27 1.17 29.05
N LEU D 108 -32.48 0.70 28.74
CA LEU D 108 -32.83 -0.68 29.03
C LEU D 108 -31.98 -1.64 28.17
N ASP D 109 -31.79 -1.32 26.89
CA ASP D 109 -30.96 -2.16 26.02
C ASP D 109 -29.56 -2.16 26.59
N PHE D 110 -29.15 -1.00 27.10
CA PHE D 110 -27.82 -0.84 27.68
C PHE D 110 -27.58 -1.86 28.79
N HIS D 111 -28.46 -1.89 29.78
CA HIS D 111 -28.33 -2.84 30.87
C HIS D 111 -28.34 -4.26 30.34
N ASP D 112 -29.25 -4.55 29.43
CA ASP D 112 -29.34 -5.89 28.84
C ASP D 112 -27.97 -6.26 28.31
N SER D 113 -27.37 -5.35 27.55
CA SER D 113 -26.05 -5.56 26.98
C SER D 113 -24.99 -5.81 28.04
N ASN D 114 -25.08 -5.10 29.16
CA ASN D 114 -24.10 -5.26 30.24
C ASN D 114 -24.15 -6.66 30.86
N VAL D 115 -25.36 -7.16 31.07
CA VAL D 115 -25.54 -8.49 31.65
C VAL D 115 -25.06 -9.55 30.66
N LYS D 116 -25.39 -9.34 29.39
CA LYS D 116 -24.99 -10.26 28.34
C LYS D 116 -23.47 -10.37 28.27
N ASN D 117 -22.79 -9.23 28.15
CA ASN D 117 -21.34 -9.24 28.05
C ASN D 117 -20.66 -9.79 29.30
N LEU D 118 -21.26 -9.55 30.46
CA LEU D 118 -20.67 -10.06 31.69
C LEU D 118 -20.74 -11.58 31.66
N TYR D 119 -21.90 -12.10 31.28
CA TYR D 119 -22.12 -13.53 31.20
C TYR D 119 -21.13 -14.18 30.23
N GLU D 120 -20.93 -13.56 29.07
CA GLU D 120 -20.01 -14.09 28.08
C GLU D 120 -18.56 -14.02 28.56
N LYS D 121 -18.27 -13.06 29.44
CA LYS D 121 -16.92 -12.92 29.96
C LYS D 121 -16.62 -14.11 30.85
N VAL D 122 -17.55 -14.41 31.76
CA VAL D 122 -17.39 -15.54 32.67
C VAL D 122 -17.44 -16.87 31.92
N LYS D 123 -18.30 -16.96 30.92
CA LYS D 123 -18.43 -18.17 30.14
C LYS D 123 -17.09 -18.52 29.49
N SER D 124 -16.41 -17.51 28.97
CA SER D 124 -15.11 -17.73 28.33
C SER D 124 -14.04 -18.13 29.36
N GLN D 125 -14.32 -17.91 30.63
CA GLN D 125 -13.38 -18.30 31.67
C GLN D 125 -13.64 -19.76 32.04
N LEU D 126 -14.91 -20.07 32.27
CA LEU D 126 -15.31 -21.42 32.65
C LEU D 126 -15.52 -22.30 31.42
N LYS D 127 -14.93 -21.89 30.29
CA LYS D 127 -15.04 -22.63 29.03
C LYS D 127 -15.06 -24.14 29.23
N ASN D 128 -13.96 -24.67 29.77
CA ASN D 128 -13.83 -26.10 29.97
C ASN D 128 -13.53 -26.50 31.40
N ASN D 129 -14.42 -26.11 32.32
CA ASN D 129 -14.25 -26.44 33.72
C ASN D 129 -15.60 -26.48 34.42
N ALA D 130 -16.65 -26.31 33.65
CA ALA D 130 -18.01 -26.32 34.16
C ALA D 130 -18.94 -26.40 32.97
N LYS D 131 -20.21 -26.66 33.21
CA LYS D 131 -21.15 -26.74 32.11
C LYS D 131 -22.25 -25.68 32.24
N GLU D 132 -22.61 -25.10 31.10
CA GLU D 132 -23.65 -24.08 31.06
C GLU D 132 -24.97 -24.72 31.44
N ILE D 133 -25.55 -24.27 32.55
CA ILE D 133 -26.83 -24.80 32.99
C ILE D 133 -27.87 -24.33 31.99
N GLY D 134 -27.61 -23.19 31.35
CA GLY D 134 -28.53 -22.65 30.36
C GLY D 134 -29.17 -21.33 30.74
N ASN D 135 -29.44 -21.11 32.02
CA ASN D 135 -30.08 -19.88 32.45
C ASN D 135 -29.20 -18.97 33.32
N GLY D 136 -27.97 -18.74 32.87
CA GLY D 136 -27.07 -17.86 33.59
C GLY D 136 -26.18 -18.53 34.62
N CYS D 137 -26.36 -19.82 34.85
CA CYS D 137 -25.56 -20.52 35.84
C CYS D 137 -24.52 -21.47 35.24
N PHE D 138 -23.54 -21.83 36.06
CA PHE D 138 -22.48 -22.74 35.66
C PHE D 138 -22.18 -23.73 36.78
N GLU D 139 -22.17 -25.02 36.45
CA GLU D 139 -21.87 -26.06 37.43
C GLU D 139 -20.42 -26.47 37.20
N PHE D 140 -19.58 -26.23 38.20
CA PHE D 140 -18.17 -26.58 38.07
C PHE D 140 -17.96 -28.09 38.05
N TYR D 141 -17.04 -28.54 37.20
CA TYR D 141 -16.72 -29.95 37.09
C TYR D 141 -16.10 -30.42 38.40
N HIS D 142 -15.31 -29.55 39.01
CA HIS D 142 -14.65 -29.87 40.27
C HIS D 142 -15.14 -28.93 41.38
N LYS D 143 -14.35 -28.83 42.45
CA LYS D 143 -14.70 -27.96 43.57
C LYS D 143 -14.39 -26.51 43.21
N CYS D 144 -14.89 -25.58 44.01
CA CYS D 144 -14.64 -24.16 43.74
C CYS D 144 -14.76 -23.30 44.99
N ASP D 145 -14.77 -23.95 46.16
CA ASP D 145 -14.85 -23.28 47.46
C ASP D 145 -15.35 -21.83 47.40
N ASN D 146 -14.58 -20.91 47.96
CA ASN D 146 -14.94 -19.49 47.99
C ASN D 146 -13.81 -18.65 47.39
N GLU D 147 -12.59 -19.08 47.61
CA GLU D 147 -11.44 -18.35 47.09
C GLU D 147 -11.37 -18.56 45.58
N CYS D 148 -11.94 -19.66 45.11
CA CYS D 148 -11.96 -19.95 43.68
C CYS D 148 -13.08 -19.13 43.05
N MET D 149 -14.19 -19.02 43.77
CA MET D 149 -15.34 -18.26 43.29
C MET D 149 -14.89 -16.83 43.00
N GLU D 150 -14.07 -16.28 43.90
CA GLU D 150 -13.58 -14.93 43.75
C GLU D 150 -12.70 -14.77 42.52
N SER D 151 -11.92 -15.80 42.20
CA SER D 151 -11.06 -15.74 41.02
C SER D 151 -11.91 -15.55 39.78
N VAL D 152 -13.17 -16.01 39.88
CA VAL D 152 -14.10 -15.89 38.78
C VAL D 152 -14.68 -14.48 38.74
N ARG D 153 -14.96 -13.94 39.93
CA ARG D 153 -15.52 -12.60 40.05
C ARG D 153 -14.56 -11.51 39.59
N ASN D 154 -13.27 -11.64 39.93
CA ASN D 154 -12.28 -10.64 39.54
C ASN D 154 -11.63 -10.91 38.20
N GLY D 155 -12.26 -11.77 37.40
CA GLY D 155 -11.75 -12.08 36.07
C GLY D 155 -10.43 -12.81 35.92
N THR D 156 -10.08 -13.66 36.88
CA THR D 156 -8.84 -14.42 36.78
C THR D 156 -9.12 -15.90 36.56
N TYR D 157 -9.32 -16.65 37.65
CA TYR D 157 -9.61 -18.08 37.57
C TYR D 157 -8.48 -18.87 36.93
N ASP D 158 -8.36 -18.79 35.60
CA ASP D 158 -7.33 -19.50 34.85
C ASP D 158 -7.14 -20.96 35.27
N TYR D 159 -7.71 -21.87 34.49
CA TYR D 159 -7.61 -23.30 34.76
C TYR D 159 -8.23 -24.18 33.66
N PRO D 160 -8.19 -23.74 32.38
CA PRO D 160 -8.76 -24.55 31.31
C PRO D 160 -8.16 -25.96 31.24
N ASP E 5 -33.76 -35.69 10.33
CA ASP E 5 -34.76 -34.65 10.73
C ASP E 5 -34.07 -33.32 10.95
N THR E 6 -34.71 -32.25 10.48
CA THR E 6 -34.14 -30.92 10.60
C THR E 6 -35.17 -29.84 10.93
N ILE E 7 -34.71 -28.80 11.60
CA ILE E 7 -35.56 -27.67 11.95
C ILE E 7 -34.72 -26.41 11.77
N CYS E 8 -35.24 -25.47 10.99
CA CYS E 8 -34.54 -24.22 10.73
C CYS E 8 -35.29 -23.02 11.29
N ILE E 9 -34.53 -22.00 11.70
CA ILE E 9 -35.11 -20.77 12.22
C ILE E 9 -34.92 -19.74 11.10
N GLY E 10 -36.00 -19.07 10.73
CA GLY E 10 -35.91 -18.08 9.66
C GLY E 10 -36.85 -16.90 9.82
N TYR E 11 -36.88 -16.04 8.79
CA TYR E 11 -37.72 -14.87 8.83
C TYR E 11 -38.55 -14.66 7.56
N HIS E 12 -39.67 -13.97 7.72
CA HIS E 12 -40.61 -13.69 6.64
C HIS E 12 -40.00 -12.98 5.44
N ALA E 13 -40.65 -13.14 4.30
CA ALA E 13 -40.22 -12.53 3.05
C ALA E 13 -41.47 -12.45 2.19
N ASN E 14 -41.48 -11.56 1.19
CA ASN E 14 -42.62 -11.43 0.30
C ASN E 14 -42.27 -10.74 -1.00
N ASN E 15 -43.29 -10.30 -1.72
CA ASN E 15 -43.10 -9.64 -3.01
C ASN E 15 -43.19 -8.11 -2.91
N SER E 16 -43.24 -7.60 -1.69
CA SER E 16 -43.33 -6.16 -1.47
C SER E 16 -42.16 -5.41 -2.08
N THR E 17 -42.44 -4.23 -2.62
CA THR E 17 -41.40 -3.40 -3.21
C THR E 17 -41.27 -2.10 -2.41
N ASP E 18 -42.00 -2.00 -1.31
CA ASP E 18 -41.94 -0.83 -0.43
C ASP E 18 -40.49 -0.55 -0.09
N THR E 19 -40.13 0.72 -0.05
CA THR E 19 -38.76 1.10 0.29
C THR E 19 -38.79 2.21 1.34
N VAL E 20 -37.74 2.27 2.14
CA VAL E 20 -37.62 3.27 3.19
C VAL E 20 -36.16 3.67 3.31
N ASP E 21 -35.93 4.82 3.93
CA ASP E 21 -34.57 5.29 4.14
C ASP E 21 -34.22 5.10 5.60
N THR E 22 -32.94 4.85 5.86
CA THR E 22 -32.44 4.70 7.21
C THR E 22 -31.25 5.63 7.30
N VAL E 23 -30.61 5.68 8.45
CA VAL E 23 -29.45 6.54 8.64
C VAL E 23 -28.26 5.99 7.87
N LEU E 24 -28.11 4.67 7.90
CA LEU E 24 -26.99 4.02 7.24
C LEU E 24 -27.22 3.69 5.76
N GLU E 25 -28.47 3.48 5.36
CA GLU E 25 -28.73 3.13 3.98
C GLU E 25 -30.06 3.65 3.42
N LYS E 26 -30.04 4.06 2.16
CA LYS E 26 -31.24 4.58 1.50
C LYS E 26 -31.91 3.51 0.63
N ASN E 27 -33.19 3.71 0.37
CA ASN E 27 -33.98 2.80 -0.45
C ASN E 27 -33.81 1.33 -0.10
N VAL E 28 -34.25 0.97 1.10
CA VAL E 28 -34.17 -0.40 1.56
C VAL E 28 -35.55 -1.02 1.37
N THR E 29 -35.63 -2.10 0.59
CA THR E 29 -36.90 -2.76 0.34
C THR E 29 -37.30 -3.52 1.61
N VAL E 30 -38.55 -3.35 2.02
CA VAL E 30 -39.01 -4.00 3.24
C VAL E 30 -40.34 -4.72 3.05
N THR E 31 -40.58 -5.72 3.90
CA THR E 31 -41.79 -6.53 3.84
C THR E 31 -43.08 -5.76 4.15
N HIS E 32 -43.03 -4.91 5.17
CA HIS E 32 -44.19 -4.11 5.56
C HIS E 32 -43.75 -2.72 6.00
N SER E 33 -44.57 -1.72 5.68
CA SER E 33 -44.27 -0.35 6.05
C SER E 33 -45.56 0.45 6.08
N VAL E 34 -45.51 1.62 6.71
CA VAL E 34 -46.67 2.50 6.81
C VAL E 34 -46.30 3.92 6.40
N ASN E 35 -47.16 4.55 5.60
CA ASN E 35 -46.93 5.91 5.16
C ASN E 35 -47.51 6.87 6.20
N LEU E 36 -46.75 7.90 6.54
CA LEU E 36 -47.19 8.88 7.54
C LEU E 36 -47.41 10.25 6.93
N LEU E 37 -47.20 10.36 5.62
CA LEU E 37 -47.34 11.62 4.91
C LEU E 37 -48.53 11.65 3.97
N GLU E 38 -49.50 12.49 4.27
CA GLU E 38 -50.69 12.62 3.44
C GLU E 38 -50.40 13.53 2.25
N ASP E 39 -50.65 13.04 1.04
CA ASP E 39 -50.42 13.83 -0.15
C ASP E 39 -51.65 13.87 -1.06
N SER E 40 -52.77 13.36 -0.57
CA SER E 40 -54.01 13.34 -1.35
C SER E 40 -55.04 14.31 -0.83
N HIS E 41 -55.69 15.03 -1.74
CA HIS E 41 -56.74 15.96 -1.37
C HIS E 41 -57.84 15.92 -2.42
N ASN E 42 -58.99 16.50 -2.06
CA ASN E 42 -60.16 16.56 -2.95
C ASN E 42 -59.83 17.16 -4.29
N GLY E 43 -58.90 19.12 -5.63
CA GLY E 43 -59.72 20.31 -5.86
C GLY E 43 -60.83 20.31 -4.85
N LYS E 44 -61.86 21.10 -5.10
CA LYS E 44 -63.01 21.15 -4.19
C LYS E 44 -62.86 21.81 -2.81
N LEU E 45 -63.72 22.81 -2.59
CA LEU E 45 -63.81 23.50 -1.33
C LEU E 45 -65.03 22.82 -0.74
N CYS E 46 -64.95 22.39 0.51
CA CYS E 46 -66.08 21.71 1.12
C CYS E 46 -66.66 22.43 2.32
N ARG E 47 -67.76 21.89 2.80
CA ARG E 47 -68.42 22.41 3.99
C ARG E 47 -67.49 21.90 5.09
N LEU E 48 -67.46 22.61 6.21
CA LEU E 48 -66.62 22.22 7.33
C LEU E 48 -67.56 21.79 8.44
N LYS E 49 -67.59 20.50 8.71
CA LYS E 49 -68.49 19.97 9.72
C LYS E 49 -69.91 20.46 9.44
N GLY E 50 -70.31 20.30 8.17
CA GLY E 50 -71.64 20.69 7.75
C GLY E 50 -71.91 22.14 7.41
N ILE E 51 -71.00 23.05 7.73
CA ILE E 51 -71.25 24.47 7.44
C ILE E 51 -70.48 24.99 6.23
N ALA E 52 -71.21 25.65 5.34
CA ALA E 52 -70.64 26.20 4.12
C ALA E 52 -69.80 27.47 4.33
N PRO E 53 -68.76 27.64 3.51
CA PRO E 53 -67.85 28.80 3.55
C PRO E 53 -68.53 30.02 2.94
N LEU E 54 -67.93 31.18 3.14
CA LEU E 54 -68.44 32.39 2.54
C LEU E 54 -67.51 32.62 1.36
N GLN E 55 -68.07 32.61 0.15
CA GLN E 55 -67.27 32.82 -1.04
C GLN E 55 -67.46 34.24 -1.55
N LEU E 56 -66.46 35.08 -1.34
CA LEU E 56 -66.54 36.47 -1.78
C LEU E 56 -66.37 36.59 -3.30
N GLY E 57 -65.88 35.52 -3.91
CA GLY E 57 -65.68 35.51 -5.35
C GLY E 57 -64.88 36.68 -5.91
N LYS E 58 -65.52 37.52 -6.72
CA LYS E 58 -64.85 38.67 -7.32
C LYS E 58 -64.71 39.82 -6.34
N CYS E 59 -65.25 39.66 -5.13
CA CYS E 59 -65.17 40.70 -4.11
C CYS E 59 -64.18 40.38 -3.01
N ASN E 60 -63.70 41.40 -2.31
CA ASN E 60 -62.81 41.18 -1.18
C ASN E 60 -63.58 41.63 0.05
N ILE E 61 -62.99 41.46 1.23
CA ILE E 61 -63.67 41.83 2.45
C ILE E 61 -64.22 43.26 2.47
N ALA E 62 -63.44 44.21 1.97
CA ALA E 62 -63.86 45.60 1.91
C ALA E 62 -65.13 45.76 1.07
N GLY E 63 -65.15 45.15 -0.11
CA GLY E 63 -66.32 45.25 -0.97
C GLY E 63 -67.55 44.66 -0.31
N TRP E 64 -67.35 43.56 0.40
CA TRP E 64 -68.42 42.87 1.11
C TRP E 64 -68.97 43.72 2.25
N LEU E 65 -68.10 44.14 3.17
CA LEU E 65 -68.54 44.92 4.32
C LEU E 65 -69.10 46.32 4.00
N LEU E 66 -68.54 47.00 3.01
CA LEU E 66 -69.04 48.33 2.65
C LEU E 66 -70.31 48.23 1.80
N GLY E 67 -70.45 47.13 1.08
CA GLY E 67 -71.63 46.97 0.25
C GLY E 67 -71.40 47.42 -1.18
N ASN E 68 -70.21 47.13 -1.70
CA ASN E 68 -69.89 47.46 -3.08
C ASN E 68 -71.02 46.84 -3.92
N PRO E 69 -71.71 47.64 -4.73
CA PRO E 69 -72.83 47.15 -5.56
C PRO E 69 -72.54 45.84 -6.31
N GLU E 70 -71.26 45.57 -6.60
CA GLU E 70 -70.88 44.35 -7.31
C GLU E 70 -70.88 43.14 -6.37
N CYS E 71 -71.16 43.35 -5.09
CA CYS E 71 -71.15 42.26 -4.11
C CYS E 71 -72.54 41.96 -3.52
N ASP E 72 -73.58 42.42 -4.19
CA ASP E 72 -74.95 42.20 -3.72
C ASP E 72 -75.28 40.74 -3.39
N PRO E 73 -74.84 39.78 -4.22
CA PRO E 73 -75.14 38.37 -3.95
C PRO E 73 -74.72 37.91 -2.56
N LEU E 74 -73.83 38.68 -1.92
CA LEU E 74 -73.36 38.34 -0.58
C LEU E 74 -74.22 38.93 0.53
N LEU E 75 -75.06 39.91 0.20
CA LEU E 75 -75.92 40.57 1.19
C LEU E 75 -76.74 39.69 2.13
N PRO E 76 -77.30 38.57 1.63
CA PRO E 76 -78.10 37.69 2.49
C PRO E 76 -77.36 36.69 3.37
N VAL E 77 -76.10 36.39 3.06
CA VAL E 77 -75.34 35.42 3.83
C VAL E 77 -75.16 35.85 5.28
N ARG E 78 -75.56 34.99 6.22
CA ARG E 78 -75.47 35.31 7.64
C ARG E 78 -74.46 34.49 8.45
N SER E 79 -74.07 33.33 7.98
CA SER E 79 -73.12 32.50 8.71
C SER E 79 -72.24 31.71 7.77
N TRP E 80 -71.07 31.30 8.25
CA TRP E 80 -70.11 30.57 7.45
C TRP E 80 -69.08 29.90 8.35
N SER E 81 -68.35 28.95 7.79
CA SER E 81 -67.32 28.21 8.53
C SER E 81 -65.91 28.76 8.28
N TYR E 82 -65.75 29.49 7.18
CA TYR E 82 -64.48 30.12 6.82
C TYR E 82 -64.73 31.01 5.63
N ILE E 83 -63.85 31.97 5.41
CA ILE E 83 -64.01 32.91 4.31
C ILE E 83 -63.04 32.60 3.19
N VAL E 84 -63.53 32.70 1.95
CA VAL E 84 -62.70 32.41 0.79
C VAL E 84 -62.60 33.57 -0.18
N GLU E 85 -61.37 33.99 -0.45
CA GLU E 85 -61.14 35.04 -1.42
C GLU E 85 -60.48 34.34 -2.59
N THR E 86 -60.58 34.93 -3.77
CA THR E 86 -60.00 34.34 -4.97
C THR E 86 -58.94 35.26 -5.53
N PRO E 87 -58.15 34.79 -6.50
CA PRO E 87 -57.12 35.63 -7.10
C PRO E 87 -57.80 36.81 -7.80
N ASN E 88 -59.07 36.64 -8.13
CA ASN E 88 -59.84 37.69 -8.80
C ASN E 88 -60.72 38.55 -7.89
N SER E 89 -60.47 38.47 -6.58
CA SER E 89 -61.23 39.27 -5.62
C SER E 89 -60.71 40.70 -5.69
N GLU E 90 -61.09 41.43 -6.74
CA GLU E 90 -60.63 42.81 -6.93
C GLU E 90 -61.62 43.90 -6.53
N ASN E 91 -62.90 43.55 -6.42
CA ASN E 91 -63.91 44.54 -6.05
C ASN E 91 -63.96 44.85 -4.56
N GLY E 92 -63.21 45.86 -4.14
CA GLY E 92 -63.20 46.28 -2.75
C GLY E 92 -63.90 47.61 -2.68
N ILE E 93 -63.18 48.66 -2.32
CA ILE E 93 -63.78 49.99 -2.28
C ILE E 93 -63.92 50.38 -3.75
N CYS E 94 -64.98 51.10 -4.10
CA CYS E 94 -65.14 51.55 -5.49
C CYS E 94 -64.84 53.04 -5.62
N TYR E 95 -65.02 53.78 -4.54
CA TYR E 95 -64.69 55.21 -4.57
C TYR E 95 -63.27 55.26 -4.00
N PRO E 96 -62.30 55.80 -4.77
CA PRO E 96 -60.91 55.89 -4.33
C PRO E 96 -60.68 56.48 -2.93
N GLY E 97 -59.71 55.92 -2.21
CA GLY E 97 -59.41 56.40 -0.88
C GLY E 97 -58.64 55.37 -0.07
N ASP E 98 -58.58 55.58 1.24
CA ASP E 98 -57.86 54.67 2.14
C ASP E 98 -58.84 54.04 3.13
N PHE E 99 -58.71 52.74 3.34
CA PHE E 99 -59.55 52.02 4.29
C PHE E 99 -58.67 51.88 5.53
N ILE E 100 -58.92 52.70 6.54
CA ILE E 100 -58.10 52.70 7.75
C ILE E 100 -58.25 51.44 8.59
N ASP E 101 -57.10 50.87 8.96
CA ASP E 101 -57.00 49.65 9.76
C ASP E 101 -57.73 48.48 9.10
N TYR E 102 -57.64 48.43 7.79
CA TYR E 102 -58.27 47.38 7.00
C TYR E 102 -57.78 45.98 7.35
N GLU E 103 -56.47 45.81 7.54
CA GLU E 103 -55.95 44.48 7.86
C GLU E 103 -56.47 44.01 9.23
N GLU E 104 -56.59 44.93 10.17
CA GLU E 104 -57.11 44.59 11.50
C GLU E 104 -58.59 44.23 11.40
N LEU E 105 -59.32 44.86 10.49
CA LEU E 105 -60.74 44.55 10.34
C LEU E 105 -60.84 43.14 9.76
N ARG E 106 -59.95 42.81 8.83
CA ARG E 106 -59.93 41.47 8.24
C ARG E 106 -59.66 40.46 9.35
N GLU E 107 -58.70 40.79 10.22
CA GLU E 107 -58.37 39.89 11.31
C GLU E 107 -59.58 39.70 12.22
N GLN E 108 -60.35 40.76 12.43
CA GLN E 108 -61.55 40.68 13.27
C GLN E 108 -62.59 39.73 12.66
N LEU E 109 -62.92 39.94 11.39
CA LEU E 109 -63.90 39.08 10.72
C LEU E 109 -63.49 37.62 10.69
N SER E 110 -62.21 37.35 10.95
CA SER E 110 -61.68 35.99 10.94
C SER E 110 -62.14 35.12 12.11
N SER E 111 -62.66 35.74 13.16
CA SER E 111 -63.14 34.99 14.31
C SER E 111 -64.64 35.21 14.47
N VAL E 112 -65.27 35.64 13.38
CA VAL E 112 -66.72 35.87 13.37
C VAL E 112 -67.33 34.65 12.69
N SER E 113 -68.27 34.00 13.37
CA SER E 113 -68.92 32.81 12.81
C SER E 113 -70.22 33.18 12.10
N SER E 114 -70.81 34.30 12.49
CA SER E 114 -72.04 34.76 11.86
C SER E 114 -72.39 36.17 12.35
N PHE E 115 -73.24 36.86 11.60
CA PHE E 115 -73.68 38.18 12.01
C PHE E 115 -75.04 38.51 11.45
N GLU E 116 -75.65 39.59 11.92
CA GLU E 116 -76.93 40.00 11.37
C GLU E 116 -76.72 41.41 10.82
N ARG E 117 -77.04 41.60 9.55
CA ARG E 117 -76.92 42.90 8.91
C ARG E 117 -78.24 43.62 9.18
N PHE E 118 -78.18 44.80 9.78
CA PHE E 118 -79.39 45.56 10.09
C PHE E 118 -79.24 47.05 9.88
N GLU E 119 -80.36 47.73 9.64
CA GLU E 119 -80.34 49.17 9.44
C GLU E 119 -80.09 49.85 10.77
N ILE E 120 -78.93 50.47 10.92
CA ILE E 120 -78.58 51.17 12.15
C ILE E 120 -79.13 52.59 12.03
N PHE E 121 -79.19 53.09 10.80
CA PHE E 121 -79.72 54.42 10.53
C PHE E 121 -80.60 54.35 9.27
N PRO E 122 -81.89 54.05 9.43
CA PRO E 122 -82.81 53.96 8.29
C PRO E 122 -82.73 55.17 7.38
N LYS E 123 -82.52 54.90 6.09
CA LYS E 123 -82.41 55.93 5.06
C LYS E 123 -83.55 56.94 5.20
N GLU E 124 -84.75 56.43 5.46
CA GLU E 124 -85.93 57.26 5.63
C GLU E 124 -86.17 57.48 7.13
N SER E 125 -86.08 58.74 7.56
CA SER E 125 -86.31 59.15 8.95
C SER E 125 -85.05 59.55 9.73
N SER E 126 -83.90 59.04 9.34
CA SER E 126 -82.67 59.38 10.04
C SER E 126 -82.10 60.74 9.63
N TRP E 127 -82.25 61.09 8.35
CA TRP E 127 -81.70 62.34 7.86
C TRP E 127 -82.74 63.24 7.18
N PRO E 128 -83.66 63.81 7.97
CA PRO E 128 -84.73 64.69 7.51
C PRO E 128 -84.27 65.95 6.76
N ASN E 129 -83.20 66.57 7.27
CA ASN E 129 -82.70 67.81 6.68
C ASN E 129 -81.56 67.68 5.68
N HIS E 130 -81.29 66.46 5.21
CA HIS E 130 -80.19 66.29 4.27
C HIS E 130 -80.60 65.42 3.09
N ASN E 131 -79.93 65.60 1.96
CA ASN E 131 -80.21 64.77 0.78
C ASN E 131 -79.39 63.51 0.98
N THR E 132 -79.87 62.39 0.46
CA THR E 132 -79.17 61.11 0.62
C THR E 132 -79.11 60.30 -0.66
N ASN E 133 -79.51 60.90 -1.78
CA ASN E 133 -79.49 60.20 -3.06
C ASN E 133 -78.16 60.27 -3.79
N GLY E 134 -77.15 60.84 -3.15
CA GLY E 134 -75.84 60.96 -3.77
C GLY E 134 -75.27 59.63 -4.26
N VAL E 135 -74.87 59.60 -5.54
CA VAL E 135 -74.30 58.40 -6.14
C VAL E 135 -73.02 58.74 -6.89
N THR E 136 -72.37 57.73 -7.46
CA THR E 136 -71.12 57.95 -8.19
C THR E 136 -70.92 56.88 -9.26
N ALA E 137 -70.31 57.27 -10.38
CA ALA E 137 -70.03 56.34 -11.47
C ALA E 137 -68.90 55.42 -11.06
N ALA E 138 -68.24 55.77 -9.96
CA ALA E 138 -67.14 54.96 -9.45
C ALA E 138 -67.72 53.67 -8.86
N CYS E 139 -68.97 53.74 -8.39
CA CYS E 139 -69.65 52.59 -7.82
C CYS E 139 -70.89 52.36 -8.64
N SER E 140 -70.69 52.10 -9.93
CA SER E 140 -71.81 51.88 -10.84
C SER E 140 -72.35 50.47 -10.75
N HIS E 141 -73.61 50.33 -11.15
CA HIS E 141 -74.27 49.04 -11.14
C HIS E 141 -75.31 49.06 -12.25
N GLU E 142 -75.28 48.02 -13.08
CA GLU E 142 -76.20 47.92 -14.22
C GLU E 142 -75.93 49.09 -15.17
N GLY E 143 -74.67 49.50 -15.23
CA GLY E 143 -74.29 50.60 -16.10
C GLY E 143 -74.75 51.97 -15.61
N LYS E 144 -75.20 52.04 -14.37
CA LYS E 144 -75.68 53.31 -13.81
C LYS E 144 -74.94 53.67 -12.52
N SER E 145 -74.77 54.96 -12.28
CA SER E 145 -74.11 55.41 -11.06
C SER E 145 -74.91 54.91 -9.86
N SER E 146 -74.20 54.39 -8.86
CA SER E 146 -74.86 53.89 -7.67
C SER E 146 -73.99 54.19 -6.44
N PHE E 147 -74.19 53.43 -5.36
CA PHE E 147 -73.42 53.64 -4.14
C PHE E 147 -73.47 52.42 -3.23
N TYR E 148 -72.56 52.40 -2.27
CA TYR E 148 -72.47 51.33 -1.29
C TYR E 148 -73.84 51.02 -0.69
N ARG E 149 -74.15 49.75 -0.48
CA ARG E 149 -75.44 49.38 0.07
C ARG E 149 -75.54 49.66 1.56
N ASN E 150 -74.39 49.69 2.24
CA ASN E 150 -74.41 49.91 3.68
C ASN E 150 -74.10 51.32 4.15
N LEU E 151 -73.86 52.23 3.22
CA LEU E 151 -73.55 53.61 3.55
C LEU E 151 -74.45 54.58 2.79
N LEU E 152 -74.53 55.82 3.27
CA LEU E 152 -75.34 56.87 2.64
C LEU E 152 -74.54 58.15 2.45
N TRP E 153 -74.56 58.67 1.24
CA TRP E 153 -73.83 59.91 0.95
C TRP E 153 -74.76 61.07 1.30
N LEU E 154 -74.43 61.79 2.36
CA LEU E 154 -75.24 62.94 2.76
C LEU E 154 -74.71 64.20 2.07
N THR E 155 -75.63 64.98 1.52
CA THR E 155 -75.27 66.22 0.86
C THR E 155 -76.29 67.30 1.21
N GLU E 156 -75.96 68.52 0.84
CA GLU E 156 -76.80 69.68 1.08
C GLU E 156 -78.23 69.48 0.59
N LYS E 157 -79.18 70.14 1.26
CA LYS E 157 -80.58 70.06 0.87
C LYS E 157 -81.16 71.47 0.83
N GLU E 158 -81.55 71.91 -0.37
CA GLU E 158 -82.12 73.23 -0.55
C GLU E 158 -81.12 74.28 -0.08
N GLY E 159 -79.91 74.21 -0.63
CA GLY E 159 -78.86 75.15 -0.29
C GLY E 159 -78.33 75.12 1.14
N SER E 160 -78.64 74.08 1.89
CA SER E 160 -78.16 74.02 3.27
C SER E 160 -77.85 72.62 3.81
N TYR E 161 -76.80 72.56 4.64
CA TYR E 161 -76.38 71.31 5.28
C TYR E 161 -76.35 71.60 6.77
N PRO E 162 -77.48 71.39 7.46
CA PRO E 162 -77.56 71.64 8.90
C PRO E 162 -76.60 70.76 9.68
N LYS E 163 -76.22 71.19 10.87
CA LYS E 163 -75.33 70.43 11.70
C LYS E 163 -76.13 69.22 12.17
N LEU E 164 -75.65 68.02 11.89
CA LEU E 164 -76.39 66.84 12.29
C LEU E 164 -75.76 66.13 13.48
N LYS E 165 -76.59 65.41 14.22
CA LYS E 165 -76.16 64.63 15.36
C LYS E 165 -77.12 63.46 15.49
N ASN E 166 -76.62 62.25 15.21
CA ASN E 166 -77.43 61.06 15.28
C ASN E 166 -76.70 60.03 16.12
N SER E 167 -77.45 59.33 16.97
CA SER E 167 -76.84 58.32 17.81
C SER E 167 -77.59 57.02 17.74
N TYR E 168 -76.91 55.95 18.11
CA TYR E 168 -77.50 54.62 18.10
C TYR E 168 -77.07 53.88 19.36
N VAL E 169 -78.03 53.27 20.04
CA VAL E 169 -77.74 52.52 21.26
C VAL E 169 -77.72 51.04 20.89
N ASN E 170 -76.62 50.37 21.20
CA ASN E 170 -76.49 48.96 20.88
C ASN E 170 -77.27 48.07 21.84
N LYS E 171 -78.45 47.63 21.38
CA LYS E 171 -79.30 46.77 22.18
C LYS E 171 -79.36 45.38 21.56
N LYS E 172 -78.36 45.04 20.77
CA LYS E 172 -78.30 43.73 20.12
C LYS E 172 -77.76 42.62 21.02
N GLY E 173 -77.07 43.00 22.09
CA GLY E 173 -76.51 42.00 22.99
C GLY E 173 -75.26 41.37 22.41
N LYS E 174 -74.65 42.08 21.46
CA LYS E 174 -73.43 41.63 20.78
C LYS E 174 -72.68 42.86 20.30
N GLU E 175 -71.43 42.67 19.90
CA GLU E 175 -70.62 43.77 19.36
C GLU E 175 -71.23 44.14 18.03
N VAL E 176 -71.29 45.43 17.73
CA VAL E 176 -71.83 45.86 16.45
C VAL E 176 -70.74 46.56 15.65
N LEU E 177 -70.43 45.99 14.48
CA LEU E 177 -69.42 46.58 13.63
C LEU E 177 -70.08 47.74 12.90
N VAL E 178 -69.53 48.94 13.07
CA VAL E 178 -70.08 50.11 12.39
C VAL E 178 -69.02 50.66 11.44
N LEU E 179 -69.42 50.95 10.21
CA LEU E 179 -68.50 51.51 9.23
C LEU E 179 -69.06 52.81 8.67
N TRP E 180 -68.18 53.69 8.21
CA TRP E 180 -68.61 54.95 7.64
C TRP E 180 -67.45 55.55 6.88
N GLY E 181 -67.70 56.63 6.16
CA GLY E 181 -66.64 57.25 5.41
C GLY E 181 -66.62 58.75 5.56
N ILE E 182 -65.52 59.35 5.12
CA ILE E 182 -65.34 60.79 5.15
C ILE E 182 -64.97 61.14 3.72
N HIS E 183 -65.73 62.02 3.10
CA HIS E 183 -65.45 62.41 1.72
C HIS E 183 -64.56 63.64 1.64
N HIS E 184 -63.58 63.60 0.73
CA HIS E 184 -62.62 64.68 0.54
C HIS E 184 -62.67 65.31 -0.86
N PRO E 185 -63.37 66.43 -1.01
CA PRO E 185 -63.47 67.10 -2.31
C PRO E 185 -62.09 67.54 -2.81
N PRO E 186 -61.89 67.62 -4.14
CA PRO E 186 -60.60 68.03 -4.70
C PRO E 186 -60.37 69.56 -4.69
N ASN E 187 -61.45 70.33 -4.55
CA ASN E 187 -61.37 71.79 -4.51
C ASN E 187 -62.44 72.37 -3.59
N SER E 188 -62.23 73.57 -3.11
CA SER E 188 -63.16 74.24 -2.19
C SER E 188 -64.55 74.51 -2.77
N LYS E 189 -64.61 74.72 -4.07
CA LYS E 189 -65.90 74.98 -4.70
C LYS E 189 -66.79 73.78 -4.51
N GLU E 190 -66.28 72.59 -4.80
CA GLU E 190 -67.04 71.36 -4.64
C GLU E 190 -67.43 71.16 -3.18
N GLN E 191 -66.52 71.50 -2.29
CA GLN E 191 -66.78 71.39 -0.86
C GLN E 191 -67.98 72.26 -0.52
N GLN E 192 -68.04 73.42 -1.18
CA GLN E 192 -69.13 74.38 -0.97
C GLN E 192 -70.50 73.91 -1.43
N ASN E 193 -70.62 73.55 -2.71
CA ASN E 193 -71.94 73.14 -3.18
C ASN E 193 -72.44 71.80 -2.64
N LEU E 194 -71.54 70.93 -2.19
CA LEU E 194 -71.97 69.65 -1.65
C LEU E 194 -72.35 69.74 -0.17
N TYR E 195 -71.56 70.48 0.60
CA TYR E 195 -71.80 70.60 2.05
C TYR E 195 -72.00 72.02 2.58
N GLN E 196 -72.00 73.01 1.68
CA GLN E 196 -72.21 74.42 2.05
C GLN E 196 -71.17 75.04 2.97
N ASN E 197 -70.80 74.34 4.04
CA ASN E 197 -69.81 74.86 4.98
C ASN E 197 -68.40 74.61 4.47
N GLU E 198 -67.54 75.61 4.55
CA GLU E 198 -66.16 75.47 4.08
C GLU E 198 -65.26 74.80 5.11
N ASN E 199 -65.59 74.99 6.39
CA ASN E 199 -64.82 74.39 7.47
C ASN E 199 -65.67 73.38 8.23
N ALA E 200 -65.89 72.24 7.58
CA ALA E 200 -66.71 71.17 8.12
C ALA E 200 -65.87 70.19 8.93
N TYR E 201 -66.56 69.35 9.68
CA TYR E 201 -65.88 68.36 10.49
C TYR E 201 -66.86 67.23 10.79
N VAL E 202 -66.31 66.09 11.14
CA VAL E 202 -67.10 64.93 11.49
C VAL E 202 -66.53 64.40 12.78
N SER E 203 -67.41 64.09 13.71
CA SER E 203 -67.03 63.54 15.00
C SER E 203 -67.79 62.23 15.18
N VAL E 204 -67.11 61.23 15.71
CA VAL E 204 -67.72 59.91 15.95
C VAL E 204 -67.19 59.48 17.31
N VAL E 205 -68.09 59.15 18.22
CA VAL E 205 -67.67 58.74 19.56
C VAL E 205 -68.54 57.66 20.18
N THR E 206 -67.92 56.85 21.04
CA THR E 206 -68.61 55.81 21.79
C THR E 206 -67.99 55.93 23.18
N SER E 207 -68.21 54.96 24.04
CA SER E 207 -67.62 55.00 25.36
C SER E 207 -66.13 54.72 25.31
N ASN E 208 -65.66 54.09 24.23
CA ASN E 208 -64.24 53.79 24.14
C ASN E 208 -63.61 54.17 22.79
N TYR E 209 -64.34 54.92 21.99
CA TYR E 209 -63.82 55.38 20.69
C TYR E 209 -64.05 56.88 20.62
N ASN E 210 -63.04 57.61 20.17
CA ASN E 210 -63.13 59.05 20.11
C ASN E 210 -62.28 59.60 18.96
N ARG E 211 -62.92 59.98 17.86
CA ARG E 211 -62.17 60.52 16.72
C ARG E 211 -62.87 61.65 15.97
N ARG E 212 -62.06 62.58 15.48
CA ARG E 212 -62.56 63.74 14.75
C ARG E 212 -61.96 63.75 13.33
N PHE E 213 -62.78 64.09 12.35
CA PHE E 213 -62.32 64.11 10.98
C PHE E 213 -62.50 65.48 10.32
N THR E 214 -61.45 65.91 9.62
CA THR E 214 -61.44 67.19 8.94
C THR E 214 -61.16 66.98 7.45
N PRO E 215 -61.91 67.68 6.59
CA PRO E 215 -61.71 67.58 5.14
C PRO E 215 -60.33 68.13 4.75
N GLU E 216 -59.63 67.42 3.87
CA GLU E 216 -58.33 67.87 3.40
C GLU E 216 -58.52 68.00 1.90
N ILE E 217 -58.70 69.25 1.47
CA ILE E 217 -58.96 69.56 0.06
C ILE E 217 -57.69 69.82 -0.75
N ALA E 218 -57.60 69.15 -1.90
CA ALA E 218 -56.45 69.31 -2.77
C ALA E 218 -56.70 68.57 -4.09
N GLU E 219 -56.12 69.07 -5.18
CA GLU E 219 -56.28 68.42 -6.48
C GLU E 219 -55.52 67.11 -6.38
N ARG E 220 -56.03 66.06 -7.02
CA ARG E 220 -55.35 64.77 -6.96
C ARG E 220 -55.49 64.04 -8.29
N PRO E 221 -54.56 63.11 -8.55
CA PRO E 221 -54.62 62.35 -9.80
C PRO E 221 -55.96 61.61 -9.74
N LYS E 222 -56.57 61.33 -10.89
CA LYS E 222 -57.84 60.63 -10.90
C LYS E 222 -57.66 59.13 -10.70
N VAL E 223 -58.57 58.54 -9.94
CA VAL E 223 -58.57 57.11 -9.68
C VAL E 223 -60.03 56.74 -9.90
N ARG E 224 -60.27 55.82 -10.83
CA ARG E 224 -61.63 55.41 -11.17
C ARG E 224 -62.41 56.63 -11.61
N ASP E 225 -61.71 57.49 -12.36
CA ASP E 225 -62.25 58.73 -12.90
C ASP E 225 -62.60 59.79 -11.87
N GLN E 226 -62.16 59.60 -10.63
CA GLN E 226 -62.47 60.58 -9.59
C GLN E 226 -61.24 61.20 -8.97
N ALA E 227 -61.29 62.52 -8.81
CA ALA E 227 -60.20 63.27 -8.19
C ALA E 227 -60.49 63.31 -6.70
N GLY E 228 -61.76 63.06 -6.37
CA GLY E 228 -62.17 63.04 -4.98
C GLY E 228 -61.63 61.82 -4.28
N ARG E 229 -61.77 61.80 -2.96
CA ARG E 229 -61.31 60.68 -2.15
C ARG E 229 -62.27 60.43 -1.00
N MET E 230 -62.37 59.17 -0.61
CA MET E 230 -63.23 58.78 0.49
C MET E 230 -62.41 57.88 1.39
N ASN E 231 -62.23 58.29 2.64
CA ASN E 231 -61.51 57.48 3.60
C ASN E 231 -62.57 56.73 4.42
N TYR E 232 -62.33 55.44 4.63
CA TYR E 232 -63.26 54.59 5.35
C TYR E 232 -62.76 54.20 6.73
N TYR E 233 -63.67 54.20 7.69
CA TYR E 233 -63.33 53.88 9.07
C TYR E 233 -64.36 52.92 9.69
N TRP E 234 -63.98 52.30 10.81
CA TRP E 234 -64.86 51.37 11.49
C TRP E 234 -64.53 51.30 12.96
N THR E 235 -65.48 50.80 13.74
CA THR E 235 -65.23 50.60 15.15
C THR E 235 -66.19 49.52 15.63
N LEU E 236 -65.86 48.92 16.77
CA LEU E 236 -66.71 47.89 17.37
C LEU E 236 -67.43 48.51 18.54
N LEU E 237 -68.74 48.65 18.39
CA LEU E 237 -69.58 49.23 19.44
C LEU E 237 -69.97 48.11 20.41
N LYS E 238 -69.47 48.20 21.65
CA LYS E 238 -69.78 47.20 22.66
C LYS E 238 -71.27 47.13 23.01
N PRO E 239 -71.74 45.96 23.51
CA PRO E 239 -73.16 45.78 23.88
C PRO E 239 -73.56 46.83 24.91
N GLY E 240 -74.71 47.47 24.69
CA GLY E 240 -75.18 48.47 25.61
C GLY E 240 -74.58 49.85 25.42
N ASP E 241 -73.53 49.96 24.61
CA ASP E 241 -72.91 51.27 24.40
C ASP E 241 -73.60 52.10 23.32
N THR E 242 -73.29 53.39 23.27
CA THR E 242 -73.89 54.28 22.29
C THR E 242 -72.85 54.92 21.37
N ILE E 243 -73.22 55.08 20.10
CA ILE E 243 -72.31 55.74 19.18
C ILE E 243 -73.00 57.00 18.70
N ILE E 244 -72.26 58.10 18.71
CA ILE E 244 -72.82 59.37 18.28
C ILE E 244 -72.08 59.95 17.08
N PHE E 245 -72.82 60.24 16.03
CA PHE E 245 -72.27 60.83 14.82
C PHE E 245 -72.67 62.30 14.79
N GLU E 246 -71.68 63.18 14.64
CA GLU E 246 -71.94 64.61 14.57
C GLU E 246 -71.16 65.17 13.40
N ALA E 247 -71.78 66.02 12.60
CA ALA E 247 -71.10 66.58 11.43
C ALA E 247 -71.85 67.70 10.74
N ASN E 248 -71.11 68.55 10.04
CA ASN E 248 -71.71 69.62 9.27
C ASN E 248 -71.22 69.53 7.84
N GLY E 249 -70.89 68.30 7.44
CA GLY E 249 -70.44 68.04 6.08
C GLY E 249 -69.48 66.88 5.94
N ASN E 250 -69.31 66.40 4.71
CA ASN E 250 -68.35 65.33 4.42
C ASN E 250 -68.56 63.93 4.97
N LEU E 251 -69.64 63.71 5.71
CA LEU E 251 -69.88 62.38 6.28
C LEU E 251 -70.58 61.40 5.34
N ILE E 252 -69.97 60.24 5.18
CA ILE E 252 -70.58 59.18 4.39
C ILE E 252 -71.10 58.32 5.55
N ALA E 253 -72.34 58.57 5.94
CA ALA E 253 -72.96 57.90 7.08
C ALA E 253 -73.29 56.42 6.97
N PRO E 254 -73.28 55.72 8.12
CA PRO E 254 -73.59 54.30 8.17
C PRO E 254 -75.09 54.14 7.92
N MET E 255 -75.47 53.11 7.18
CA MET E 255 -76.90 52.86 6.97
C MET E 255 -77.17 51.48 7.55
N TYR E 256 -76.29 50.52 7.22
CA TYR E 256 -76.39 49.17 7.75
C TYR E 256 -75.15 48.87 8.55
N ALA E 257 -75.33 48.18 9.68
CA ALA E 257 -74.23 47.78 10.56
C ALA E 257 -74.33 46.27 10.76
N PHE E 258 -73.39 45.68 11.49
CA PHE E 258 -73.39 44.23 11.71
C PHE E 258 -73.26 43.81 13.16
N ALA E 259 -74.21 43.00 13.63
CA ALA E 259 -74.17 42.47 15.00
C ALA E 259 -73.37 41.18 14.87
N LEU E 260 -72.19 41.15 15.47
CA LEU E 260 -71.29 40.00 15.37
C LEU E 260 -71.38 38.91 16.43
N ARG E 261 -71.22 37.68 15.98
CA ARG E 261 -71.20 36.52 16.86
C ARG E 261 -69.81 35.91 16.64
N ARG E 262 -69.10 35.66 17.74
CA ARG E 262 -67.76 35.09 17.68
C ARG E 262 -67.75 33.56 17.68
N GLY E 263 -66.73 32.99 17.04
CA GLY E 263 -66.59 31.54 16.96
C GLY E 263 -65.12 31.18 16.90
N PHE E 264 -64.83 29.90 16.79
CA PHE E 264 -63.44 29.45 16.72
C PHE E 264 -63.18 28.61 15.48
N GLY E 265 -61.92 28.56 15.05
CA GLY E 265 -61.54 27.74 13.90
C GLY E 265 -61.70 28.36 12.53
N SER E 266 -62.31 29.53 12.44
CA SER E 266 -62.50 30.17 11.16
C SER E 266 -61.23 30.90 10.70
N GLY E 267 -61.28 31.40 9.48
CA GLY E 267 -60.14 32.11 8.91
C GLY E 267 -60.45 32.50 7.48
N ILE E 268 -59.55 33.26 6.87
CA ILE E 268 -59.72 33.70 5.50
C ILE E 268 -58.67 33.02 4.66
N ILE E 269 -59.07 32.42 3.55
CA ILE E 269 -58.10 31.77 2.66
C ILE E 269 -58.30 32.26 1.23
N THR E 270 -57.31 32.02 0.40
CA THR E 270 -57.39 32.41 -1.00
C THR E 270 -57.31 31.13 -1.81
N SER E 271 -58.30 30.92 -2.68
CA SER E 271 -58.32 29.70 -3.46
C SER E 271 -59.02 29.86 -4.79
N ASN E 272 -58.56 29.11 -5.80
CA ASN E 272 -59.24 29.16 -7.09
C ASN E 272 -60.03 27.86 -7.26
N ALA E 273 -60.07 27.04 -6.20
CA ALA E 273 -60.82 25.79 -6.24
C ALA E 273 -62.30 26.12 -6.15
N SER E 274 -63.15 25.19 -6.55
CA SER E 274 -64.60 25.41 -6.52
C SER E 274 -65.31 24.75 -5.35
N MET E 275 -66.42 25.36 -4.94
CA MET E 275 -67.24 24.84 -3.86
C MET E 275 -68.09 23.68 -4.40
N HIS E 276 -68.12 22.59 -3.65
CA HIS E 276 -68.91 21.42 -4.03
C HIS E 276 -69.69 21.00 -2.80
N GLU E 277 -70.69 20.15 -2.99
CA GLU E 277 -71.48 19.69 -1.85
C GLU E 277 -70.77 18.50 -1.21
N CYS E 278 -69.68 18.79 -0.52
CA CYS E 278 -68.87 17.80 0.18
C CYS E 278 -68.67 18.29 1.61
N ASN E 279 -68.30 17.38 2.50
CA ASN E 279 -68.08 17.73 3.89
C ASN E 279 -66.69 17.27 4.28
N THR E 280 -66.02 18.04 5.14
CA THR E 280 -64.66 17.68 5.54
C THR E 280 -64.37 18.24 6.93
N LYS E 281 -63.29 17.75 7.52
CA LYS E 281 -62.87 18.23 8.83
C LYS E 281 -61.59 19.05 8.64
N CYS E 282 -61.01 18.91 7.44
CA CYS E 282 -59.79 19.63 7.09
C CYS E 282 -59.82 20.20 5.67
N GLN E 283 -59.72 21.52 5.57
CA GLN E 283 -59.76 22.19 4.26
C GLN E 283 -58.50 23.00 3.97
N THR E 284 -57.98 22.88 2.75
CA THR E 284 -56.82 23.67 2.34
C THR E 284 -57.24 24.43 1.08
N PRO E 285 -56.45 25.43 0.66
CA PRO E 285 -56.79 26.20 -0.55
C PRO E 285 -56.81 25.35 -1.82
N LEU E 286 -56.17 24.18 -1.76
CA LEU E 286 -56.11 23.28 -2.92
C LEU E 286 -57.23 22.24 -2.94
N GLY E 287 -57.71 21.89 -1.76
CA GLY E 287 -58.77 20.91 -1.66
C GLY E 287 -58.89 20.41 -0.23
N ALA E 288 -59.87 19.54 0.01
CA ALA E 288 -60.09 18.99 1.33
C ALA E 288 -59.29 17.72 1.57
N ILE E 289 -58.91 17.51 2.83
CA ILE E 289 -58.14 16.34 3.24
C ILE E 289 -58.97 15.47 4.19
N ASN E 290 -58.92 14.17 3.98
CA ASN E 290 -59.61 13.22 4.85
C ASN E 290 -58.56 12.20 5.20
N SER E 291 -57.91 12.39 6.34
CA SER E 291 -56.83 11.52 6.74
C SER E 291 -56.59 11.50 8.24
N SER E 292 -55.85 10.48 8.70
CA SER E 292 -55.50 10.34 10.11
C SER E 292 -53.99 10.35 10.23
N LEU E 293 -53.30 10.53 9.11
CA LEU E 293 -51.84 10.54 9.12
C LEU E 293 -51.35 11.79 9.85
N PRO E 294 -50.19 11.70 10.51
CA PRO E 294 -49.65 12.85 11.24
C PRO E 294 -49.19 14.02 10.38
N TYR E 295 -48.73 13.76 9.17
CA TYR E 295 -48.23 14.84 8.31
C TYR E 295 -48.89 14.94 6.94
N GLN E 296 -48.67 16.07 6.29
CA GLN E 296 -49.17 16.34 4.96
C GLN E 296 -48.24 17.33 4.26
N ASN E 297 -48.13 17.23 2.95
CA ASN E 297 -47.29 18.14 2.17
C ASN E 297 -48.12 18.85 1.13
N ILE E 298 -49.43 18.89 1.36
CA ILE E 298 -50.35 19.53 0.45
C ILE E 298 -50.27 21.05 0.49
N HIS E 299 -50.53 21.65 1.66
CA HIS E 299 -50.49 23.10 1.77
C HIS E 299 -50.32 23.55 3.24
N PRO E 300 -49.56 24.64 3.46
CA PRO E 300 -49.35 25.13 4.83
C PRO E 300 -50.58 25.79 5.46
N VAL E 301 -51.48 26.28 4.61
CA VAL E 301 -52.71 26.93 5.07
C VAL E 301 -53.81 25.87 5.26
N THR E 302 -54.34 25.79 6.48
CA THR E 302 -55.37 24.81 6.79
C THR E 302 -56.48 25.33 7.69
N ILE E 303 -57.70 24.86 7.44
CA ILE E 303 -58.86 25.20 8.23
C ILE E 303 -59.37 23.90 8.85
N GLY E 304 -59.60 23.91 10.16
CA GLY E 304 -60.12 22.73 10.82
C GLY E 304 -59.12 21.93 11.65
N GLU E 305 -59.15 20.61 11.47
CA GLU E 305 -58.26 19.70 12.19
C GLU E 305 -57.52 18.96 11.09
N CYS E 306 -56.24 19.27 10.95
CA CYS E 306 -55.43 18.72 9.89
C CYS E 306 -54.08 18.17 10.33
N PRO E 307 -53.41 17.43 9.41
CA PRO E 307 -52.10 16.87 9.70
C PRO E 307 -51.14 18.05 9.61
N LYS E 308 -50.00 17.95 10.28
CA LYS E 308 -49.01 19.02 10.27
C LYS E 308 -48.33 19.13 8.90
N TYR E 309 -48.24 20.35 8.37
CA TYR E 309 -47.60 20.56 7.09
C TYR E 309 -46.07 20.49 7.19
N VAL E 310 -45.46 19.76 6.26
CA VAL E 310 -44.01 19.62 6.17
C VAL E 310 -43.62 19.67 4.69
N ARG E 311 -42.37 20.02 4.40
CA ARG E 311 -41.93 20.11 3.00
C ARG E 311 -41.48 18.76 2.44
N SER E 312 -41.55 17.73 3.27
CA SER E 312 -41.12 16.40 2.88
C SER E 312 -41.90 15.82 1.70
N ALA E 313 -41.18 15.06 0.87
CA ALA E 313 -41.79 14.41 -0.29
C ALA E 313 -42.19 13.00 0.13
N LYS E 314 -41.43 12.44 1.07
CA LYS E 314 -41.70 11.09 1.54
C LYS E 314 -41.40 10.90 3.03
N LEU E 315 -42.31 10.21 3.72
CA LEU E 315 -42.15 9.89 5.13
C LEU E 315 -42.82 8.54 5.32
N ARG E 316 -42.01 7.49 5.25
CA ARG E 316 -42.53 6.14 5.40
C ARG E 316 -41.74 5.41 6.48
N MET E 317 -42.46 4.78 7.39
CA MET E 317 -41.86 4.06 8.51
C MET E 317 -41.95 2.56 8.24
N VAL E 318 -40.82 1.87 8.38
CA VAL E 318 -40.83 0.42 8.15
C VAL E 318 -41.37 -0.26 9.40
N THR E 319 -42.20 -1.26 9.19
CA THR E 319 -42.78 -2.02 10.29
C THR E 319 -42.25 -3.45 10.19
N GLY E 320 -42.22 -3.97 8.97
CA GLY E 320 -41.72 -5.31 8.74
C GLY E 320 -40.20 -5.30 8.72
N LEU E 321 -39.61 -6.20 7.94
CA LEU E 321 -38.15 -6.26 7.87
C LEU E 321 -37.59 -6.15 6.47
N ARG E 322 -36.26 -6.21 6.39
CA ARG E 322 -35.56 -6.15 5.14
C ARG E 322 -36.08 -7.33 4.31
N ASN E 323 -36.66 -7.04 3.14
CA ASN E 323 -37.23 -8.08 2.29
C ASN E 323 -36.19 -8.79 1.42
N ILE E 324 -35.95 -10.05 1.74
CA ILE E 324 -34.97 -10.84 0.99
C ILE E 324 -35.62 -12.14 0.49
N PRO E 325 -36.31 -12.08 -0.65
CA PRO E 325 -37.02 -13.20 -1.30
C PRO E 325 -36.18 -14.47 -1.47
N ALA E 326 -34.87 -14.34 -1.31
CA ALA E 326 -33.95 -15.48 -1.46
C ALA E 326 -34.12 -16.17 -2.81
N ARG E 327 -34.67 -15.44 -3.77
CA ARG E 327 -34.89 -15.97 -5.11
C ARG E 327 -33.61 -16.01 -5.93
N GLY F 1 -26.72 -6.60 9.13
CA GLY F 1 -27.51 -6.25 10.30
C GLY F 1 -26.66 -6.04 11.54
N LEU F 2 -27.22 -5.38 12.53
CA LEU F 2 -26.51 -5.09 13.76
C LEU F 2 -26.29 -6.37 14.59
N PHE F 3 -27.20 -7.32 14.49
CA PHE F 3 -27.05 -8.55 15.27
C PHE F 3 -26.59 -9.78 14.49
N GLY F 4 -26.25 -9.58 13.21
CA GLY F 4 -25.74 -10.65 12.38
C GLY F 4 -26.64 -11.76 11.87
N ALA F 5 -27.93 -11.73 12.21
CA ALA F 5 -28.85 -12.77 11.76
C ALA F 5 -29.41 -12.52 10.37
N ILE F 6 -30.32 -11.55 10.25
CA ILE F 6 -30.92 -11.24 8.97
C ILE F 6 -29.87 -10.75 7.98
N ALA F 7 -29.91 -11.30 6.77
CA ALA F 7 -28.94 -10.97 5.73
C ALA F 7 -27.55 -11.29 6.27
N GLY F 8 -27.51 -12.09 7.33
CA GLY F 8 -26.25 -12.48 7.95
C GLY F 8 -26.07 -13.98 7.91
N PHE F 9 -25.86 -14.61 9.06
CA PHE F 9 -25.67 -16.05 9.08
C PHE F 9 -26.94 -16.79 8.64
N ILE F 10 -27.94 -16.01 8.24
CA ILE F 10 -29.20 -16.53 7.72
C ILE F 10 -29.45 -15.68 6.49
N GLU F 11 -28.71 -16.03 5.44
CA GLU F 11 -28.71 -15.35 4.14
C GLU F 11 -29.99 -14.69 3.63
N GLY F 12 -31.12 -15.39 3.66
CA GLY F 12 -32.35 -14.80 3.16
C GLY F 12 -33.61 -15.15 3.92
N GLY F 13 -34.74 -14.68 3.42
CA GLY F 13 -36.02 -14.94 4.05
C GLY F 13 -36.86 -16.00 3.35
N TRP F 14 -37.94 -16.41 4.01
CA TRP F 14 -38.82 -17.43 3.46
C TRP F 14 -40.17 -16.92 2.98
N THR F 15 -40.33 -16.81 1.66
CA THR F 15 -41.61 -16.36 1.12
C THR F 15 -42.63 -17.45 1.45
N GLY F 16 -42.13 -18.62 1.82
CA GLY F 16 -43.00 -19.74 2.16
C GLY F 16 -43.71 -19.54 3.49
N MET F 17 -43.10 -18.80 4.40
CA MET F 17 -43.72 -18.54 5.70
C MET F 17 -44.56 -17.28 5.59
N ILE F 18 -45.84 -17.39 5.93
CA ILE F 18 -46.75 -16.26 5.83
C ILE F 18 -47.61 -16.02 7.07
N ASP F 19 -47.27 -16.66 8.18
CA ASP F 19 -48.02 -16.50 9.42
C ASP F 19 -47.48 -15.41 10.34
N GLY F 20 -46.20 -15.12 10.22
CA GLY F 20 -45.59 -14.11 11.05
C GLY F 20 -44.26 -13.66 10.50
N TRP F 21 -43.54 -12.86 11.27
CA TRP F 21 -42.23 -12.37 10.85
C TRP F 21 -41.10 -13.35 11.10
N TYR F 22 -41.21 -14.14 12.17
CA TYR F 22 -40.18 -15.11 12.51
C TYR F 22 -40.82 -16.49 12.67
N GLY F 23 -40.08 -17.53 12.32
CA GLY F 23 -40.61 -18.88 12.45
C GLY F 23 -39.64 -20.01 12.20
N TYR F 24 -40.17 -21.22 12.09
CA TYR F 24 -39.36 -22.41 11.88
C TYR F 24 -39.75 -23.13 10.59
N HIS F 25 -38.88 -24.03 10.13
CA HIS F 25 -39.16 -24.79 8.92
C HIS F 25 -39.56 -26.23 9.24
N HIS F 26 -38.60 -27.03 9.69
CA HIS F 26 -38.84 -28.44 10.04
C HIS F 26 -39.23 -29.33 8.87
N GLN F 27 -38.90 -30.62 8.96
CA GLN F 27 -39.25 -31.56 7.90
C GLN F 27 -38.89 -33.01 8.16
N ASN F 28 -38.76 -33.75 7.06
CA ASN F 28 -38.43 -35.17 7.03
C ASN F 28 -39.63 -36.08 7.28
N GLU F 29 -39.59 -36.80 8.39
CA GLU F 29 -40.64 -37.75 8.77
C GLU F 29 -42.00 -37.57 8.09
N GLN F 30 -42.92 -36.89 8.79
CA GLN F 30 -44.27 -36.67 8.30
C GLN F 30 -44.41 -35.57 7.25
N GLY F 31 -43.27 -35.01 6.80
CA GLY F 31 -43.33 -33.97 5.80
C GLY F 31 -42.70 -32.65 6.21
N SER F 32 -42.59 -31.73 5.26
CA SER F 32 -42.00 -30.42 5.50
C SER F 32 -43.08 -29.37 5.77
N GLY F 33 -42.67 -28.10 5.73
CA GLY F 33 -43.62 -27.03 5.98
C GLY F 33 -43.00 -25.84 6.70
N TYR F 34 -43.83 -24.84 7.00
CA TYR F 34 -43.39 -23.66 7.71
C TYR F 34 -44.33 -23.41 8.88
N ALA F 35 -43.84 -22.70 9.87
CA ALA F 35 -44.63 -22.38 11.05
C ALA F 35 -44.02 -21.16 11.73
N ALA F 36 -44.83 -20.12 11.91
CA ALA F 36 -44.35 -18.90 12.54
C ALA F 36 -44.36 -19.01 14.06
N ASP F 37 -43.38 -18.39 14.69
CA ASP F 37 -43.29 -18.40 16.15
C ASP F 37 -44.14 -17.24 16.64
N GLN F 38 -45.37 -17.55 17.06
CA GLN F 38 -46.30 -16.53 17.52
C GLN F 38 -45.75 -15.68 18.66
N LYS F 39 -45.14 -16.33 19.64
CA LYS F 39 -44.58 -15.61 20.78
C LYS F 39 -43.75 -14.41 20.32
N SER F 40 -42.76 -14.68 19.47
CA SER F 40 -41.87 -13.64 18.97
C SER F 40 -42.53 -12.67 18.01
N THR F 41 -43.35 -13.18 17.11
CA THR F 41 -44.01 -12.33 16.14
C THR F 41 -44.95 -11.35 16.83
N GLN F 42 -45.73 -11.84 17.79
CA GLN F 42 -46.67 -10.97 18.48
C GLN F 42 -45.95 -9.89 19.29
N ASN F 43 -44.95 -10.29 20.09
CA ASN F 43 -44.20 -9.33 20.89
C ASN F 43 -43.63 -8.24 19.99
N ALA F 44 -43.15 -8.66 18.83
CA ALA F 44 -42.57 -7.74 17.86
C ALA F 44 -43.67 -6.83 17.31
N ILE F 45 -44.85 -7.41 17.11
CA ILE F 45 -45.97 -6.64 16.58
C ILE F 45 -46.42 -5.60 17.60
N ASN F 46 -46.47 -5.99 18.87
CA ASN F 46 -46.88 -5.05 19.90
C ASN F 46 -45.89 -3.89 19.99
N GLY F 47 -44.60 -4.22 20.00
CA GLY F 47 -43.57 -3.21 20.09
C GLY F 47 -43.58 -2.21 18.95
N ILE F 48 -43.62 -2.71 17.71
CA ILE F 48 -43.62 -1.84 16.54
C ILE F 48 -44.93 -1.05 16.40
N THR F 49 -46.02 -1.65 16.83
CA THR F 49 -47.31 -0.97 16.76
C THR F 49 -47.25 0.21 17.72
N ASN F 50 -46.59 0.01 18.85
CA ASN F 50 -46.47 1.07 19.85
C ASN F 50 -45.57 2.18 19.31
N LYS F 51 -44.46 1.81 18.69
CA LYS F 51 -43.55 2.81 18.14
C LYS F 51 -44.29 3.73 17.19
N VAL F 52 -44.93 3.14 16.18
CA VAL F 52 -45.68 3.90 15.18
C VAL F 52 -46.76 4.77 15.83
N ASN F 53 -47.49 4.21 16.79
CA ASN F 53 -48.55 4.98 17.44
C ASN F 53 -47.97 6.13 18.25
N SER F 54 -46.76 5.95 18.78
CA SER F 54 -46.12 6.99 19.54
C SER F 54 -45.74 8.14 18.61
N VAL F 55 -45.12 7.79 17.48
CA VAL F 55 -44.72 8.80 16.51
C VAL F 55 -45.93 9.65 16.12
N ILE F 56 -47.03 8.97 15.79
CA ILE F 56 -48.26 9.64 15.40
C ILE F 56 -48.85 10.47 16.52
N GLU F 57 -48.94 9.89 17.70
CA GLU F 57 -49.49 10.59 18.86
C GLU F 57 -48.77 11.88 19.23
N LYS F 58 -47.44 11.87 19.14
CA LYS F 58 -46.65 13.04 19.49
C LYS F 58 -46.93 14.24 18.61
N MET F 59 -47.39 14.00 17.39
CA MET F 59 -47.73 15.07 16.47
C MET F 59 -49.18 15.45 16.70
N ASN F 60 -49.42 16.48 17.49
CA ASN F 60 -50.78 16.90 17.75
C ASN F 60 -51.38 17.38 16.43
N ILE F 61 -52.71 17.39 16.36
CA ILE F 61 -53.40 17.83 15.16
C ILE F 61 -53.09 19.30 14.92
N GLN F 62 -52.91 19.68 13.65
CA GLN F 62 -52.64 21.07 13.32
C GLN F 62 -53.99 21.78 13.18
N PHE F 63 -54.25 22.73 14.07
CA PHE F 63 -55.51 23.46 14.00
C PHE F 63 -55.40 24.59 12.99
N THR F 64 -56.49 25.33 12.80
CA THR F 64 -56.52 26.42 11.84
C THR F 64 -55.28 27.33 11.87
N ALA F 65 -54.63 27.41 10.71
CA ALA F 65 -53.44 28.25 10.53
C ALA F 65 -53.55 28.84 9.13
N VAL F 66 -53.68 30.16 9.06
CA VAL F 66 -53.81 30.83 7.77
C VAL F 66 -52.88 32.03 7.62
N GLY F 67 -52.87 32.62 6.44
CA GLY F 67 -52.03 33.78 6.19
C GLY F 67 -52.62 35.04 6.81
N LYS F 68 -51.84 36.11 6.79
CA LYS F 68 -52.27 37.40 7.32
C LYS F 68 -51.87 38.47 6.33
N GLU F 69 -52.61 39.57 6.33
CA GLU F 69 -52.30 40.67 5.44
C GLU F 69 -51.61 41.80 6.22
N PHE F 70 -50.77 42.55 5.53
CA PHE F 70 -50.04 43.67 6.13
C PHE F 70 -50.09 44.80 5.11
N ASN F 71 -50.26 46.04 5.58
CA ASN F 71 -50.30 47.12 4.61
C ASN F 71 -48.88 47.47 4.17
N LYS F 72 -48.78 48.38 3.21
CA LYS F 72 -47.50 48.80 2.63
C LYS F 72 -46.48 49.35 3.62
N LEU F 73 -46.96 49.80 4.78
CA LEU F 73 -46.06 50.36 5.78
C LEU F 73 -45.80 49.38 6.93
N GLU F 74 -46.07 48.09 6.70
CA GLU F 74 -45.83 47.08 7.73
C GLU F 74 -44.97 45.98 7.15
N LYS F 75 -43.94 46.36 6.42
CA LYS F 75 -43.05 45.40 5.79
C LYS F 75 -42.23 44.60 6.80
N ARG F 76 -41.74 45.26 7.84
CA ARG F 76 -40.95 44.56 8.86
C ARG F 76 -41.81 43.51 9.56
N MET F 77 -43.07 43.85 9.84
CA MET F 77 -43.97 42.91 10.50
C MET F 77 -44.24 41.72 9.57
N GLU F 78 -44.47 42.02 8.29
CA GLU F 78 -44.72 40.99 7.28
C GLU F 78 -43.53 40.03 7.21
N ASN F 79 -42.32 40.58 7.24
CA ASN F 79 -41.14 39.75 7.18
C ASN F 79 -40.91 38.97 8.47
N LEU F 80 -41.37 39.52 9.60
CA LEU F 80 -41.23 38.83 10.88
C LEU F 80 -42.16 37.61 10.83
N ASN F 81 -43.39 37.83 10.38
CA ASN F 81 -44.40 36.77 10.28
C ASN F 81 -43.82 35.66 9.40
N ASN F 82 -43.19 36.08 8.31
CA ASN F 82 -42.58 35.16 7.35
C ASN F 82 -41.45 34.37 8.02
N LYS F 83 -40.62 35.07 8.80
CA LYS F 83 -39.51 34.42 9.48
C LYS F 83 -40.03 33.36 10.45
N VAL F 84 -41.14 33.66 11.10
CA VAL F 84 -41.76 32.74 12.04
C VAL F 84 -42.33 31.50 11.36
N ASP F 85 -43.13 31.68 10.31
CA ASP F 85 -43.71 30.53 9.60
C ASP F 85 -42.66 29.61 8.98
N ASP F 86 -41.65 30.20 8.34
CA ASP F 86 -40.59 29.41 7.72
C ASP F 86 -39.71 28.74 8.77
N GLY F 87 -39.49 29.43 9.89
CA GLY F 87 -38.67 28.87 10.95
C GLY F 87 -39.28 27.63 11.57
N PHE F 88 -40.57 27.68 11.88
CA PHE F 88 -41.26 26.53 12.45
C PHE F 88 -41.35 25.43 11.42
N LEU F 89 -41.62 25.79 10.17
CA LEU F 89 -41.73 24.79 9.12
C LEU F 89 -40.40 24.06 8.94
N ASP F 90 -39.29 24.79 8.99
CA ASP F 90 -37.98 24.17 8.86
C ASP F 90 -37.76 23.15 9.97
N ILE F 91 -38.11 23.53 11.19
CA ILE F 91 -37.93 22.66 12.33
C ILE F 91 -38.75 21.38 12.29
N TRP F 92 -40.04 21.50 11.96
CA TRP F 92 -40.90 20.33 11.88
C TRP F 92 -40.55 19.39 10.73
N THR F 93 -40.11 19.95 9.61
CA THR F 93 -39.72 19.15 8.45
C THR F 93 -38.47 18.37 8.83
N TYR F 94 -37.57 19.03 9.53
CA TYR F 94 -36.33 18.43 10.00
C TYR F 94 -36.64 17.33 11.01
N ASN F 95 -37.49 17.66 11.98
CA ASN F 95 -37.86 16.71 13.03
C ASN F 95 -38.49 15.43 12.46
N ALA F 96 -39.50 15.60 11.61
CA ALA F 96 -40.19 14.47 11.01
C ALA F 96 -39.28 13.56 10.20
N GLU F 97 -38.42 14.13 9.36
CA GLU F 97 -37.52 13.33 8.54
C GLU F 97 -36.47 12.59 9.35
N LEU F 98 -35.91 13.26 10.35
CA LEU F 98 -34.90 12.65 11.19
C LEU F 98 -35.47 11.53 12.04
N LEU F 99 -36.63 11.77 12.65
CA LEU F 99 -37.23 10.75 13.50
C LEU F 99 -37.50 9.49 12.71
N VAL F 100 -38.02 9.64 11.49
CA VAL F 100 -38.32 8.49 10.66
C VAL F 100 -37.04 7.76 10.26
N LEU F 101 -36.04 8.51 9.81
CA LEU F 101 -34.76 7.92 9.43
C LEU F 101 -34.15 7.12 10.58
N LEU F 102 -34.10 7.75 11.74
CA LEU F 102 -33.53 7.14 12.93
C LEU F 102 -34.30 5.92 13.42
N GLU F 103 -35.64 5.99 13.42
CA GLU F 103 -36.42 4.85 13.87
C GLU F 103 -36.45 3.70 12.88
N ASN F 104 -36.33 3.99 11.59
CA ASN F 104 -36.31 2.93 10.60
C ASN F 104 -35.08 2.06 10.81
N GLU F 105 -33.97 2.70 11.17
CA GLU F 105 -32.74 1.97 11.43
C GLU F 105 -32.98 1.08 12.65
N ARG F 106 -33.55 1.68 13.69
CA ARG F 106 -33.83 0.96 14.92
C ARG F 106 -34.78 -0.22 14.72
N THR F 107 -35.80 -0.03 13.89
CA THR F 107 -36.76 -1.11 13.66
C THR F 107 -36.08 -2.32 13.01
N LEU F 108 -35.27 -2.08 11.99
CA LEU F 108 -34.56 -3.17 11.32
C LEU F 108 -33.67 -3.92 12.29
N ASP F 109 -32.91 -3.21 13.12
CA ASP F 109 -32.03 -3.86 14.10
C ASP F 109 -32.88 -4.66 15.07
N PHE F 110 -34.05 -4.13 15.41
CA PHE F 110 -34.96 -4.79 16.33
C PHE F 110 -35.31 -6.19 15.80
N HIS F 111 -35.67 -6.27 14.52
CA HIS F 111 -36.01 -7.55 13.91
C HIS F 111 -34.81 -8.48 13.89
N ASP F 112 -33.66 -7.95 13.49
CA ASP F 112 -32.41 -8.72 13.43
C ASP F 112 -32.19 -9.36 14.79
N SER F 113 -32.38 -8.55 15.83
CA SER F 113 -32.22 -9.00 17.20
C SER F 113 -33.19 -10.13 17.53
N ASN F 114 -34.44 -9.98 17.11
CA ASN F 114 -35.44 -10.99 17.38
C ASN F 114 -35.09 -12.34 16.75
N VAL F 115 -34.64 -12.31 15.50
CA VAL F 115 -34.27 -13.55 14.83
C VAL F 115 -33.13 -14.20 15.59
N LYS F 116 -32.11 -13.39 15.88
CA LYS F 116 -30.94 -13.83 16.61
C LYS F 116 -31.31 -14.49 17.93
N ASN F 117 -32.11 -13.81 18.75
CA ASN F 117 -32.50 -14.37 20.03
C ASN F 117 -33.30 -15.64 19.88
N LEU F 118 -34.13 -15.72 18.85
CA LEU F 118 -34.94 -16.92 18.61
C LEU F 118 -34.01 -18.09 18.28
N TYR F 119 -33.02 -17.83 17.42
CA TYR F 119 -32.07 -18.85 17.04
C TYR F 119 -31.33 -19.39 18.26
N GLU F 120 -30.76 -18.49 19.05
CA GLU F 120 -30.02 -18.88 20.25
C GLU F 120 -30.89 -19.61 21.27
N LYS F 121 -32.19 -19.31 21.26
CA LYS F 121 -33.11 -19.94 22.20
C LYS F 121 -33.29 -21.42 21.88
N VAL F 122 -33.47 -21.72 20.60
CA VAL F 122 -33.64 -23.09 20.14
C VAL F 122 -32.33 -23.86 20.34
N LYS F 123 -31.22 -23.18 20.09
CA LYS F 123 -29.90 -23.80 20.23
C LYS F 123 -29.64 -24.28 21.65
N SER F 124 -29.88 -23.41 22.63
CA SER F 124 -29.66 -23.78 24.02
C SER F 124 -30.66 -24.85 24.47
N GLN F 125 -31.67 -25.09 23.65
CA GLN F 125 -32.67 -26.12 23.94
C GLN F 125 -32.20 -27.48 23.41
N LEU F 126 -31.71 -27.49 22.19
CA LEU F 126 -31.25 -28.72 21.54
C LEU F 126 -29.93 -29.27 22.08
N LYS F 127 -29.00 -28.39 22.40
CA LYS F 127 -27.69 -28.81 22.91
C LYS F 127 -27.05 -29.87 22.01
N ASN F 128 -26.67 -30.99 22.60
CA ASN F 128 -26.03 -32.07 21.86
C ASN F 128 -26.96 -32.94 21.03
N ASN F 129 -28.26 -32.85 21.29
CA ASN F 129 -29.22 -33.66 20.56
C ASN F 129 -29.33 -33.30 19.07
N ALA F 130 -28.57 -32.30 18.65
CA ALA F 130 -28.59 -31.87 17.26
C ALA F 130 -27.33 -31.08 16.93
N LYS F 131 -27.05 -30.91 15.65
CA LYS F 131 -25.86 -30.15 15.25
C LYS F 131 -26.20 -28.94 14.39
N GLU F 132 -25.52 -27.83 14.68
CA GLU F 132 -25.70 -26.60 13.92
C GLU F 132 -25.09 -26.83 12.54
N ILE F 133 -25.85 -26.58 11.48
CA ILE F 133 -25.32 -26.80 10.15
C ILE F 133 -25.61 -25.72 9.10
N GLY F 134 -26.75 -25.84 8.42
CA GLY F 134 -27.13 -24.90 7.38
C GLY F 134 -27.48 -23.47 7.75
N ASN F 135 -26.73 -22.86 8.67
CA ASN F 135 -27.00 -21.49 9.05
C ASN F 135 -28.47 -21.28 9.40
N GLY F 136 -28.79 -21.45 10.67
CA GLY F 136 -30.15 -21.29 11.12
C GLY F 136 -30.86 -22.62 11.24
N CYS F 137 -30.20 -23.68 10.79
CA CYS F 137 -30.78 -25.02 10.84
C CYS F 137 -30.03 -25.97 11.79
N PHE F 138 -30.80 -26.85 12.44
CA PHE F 138 -30.23 -27.84 13.35
C PHE F 138 -30.64 -29.22 12.88
N GLU F 139 -29.66 -30.11 12.69
CA GLU F 139 -29.95 -31.47 12.26
C GLU F 139 -30.00 -32.37 13.48
N PHE F 140 -31.19 -32.90 13.77
CA PHE F 140 -31.36 -33.77 14.92
C PHE F 140 -30.60 -35.08 14.83
N TYR F 141 -30.35 -35.66 16.00
CA TYR F 141 -29.65 -36.92 16.08
C TYR F 141 -30.67 -38.01 16.41
N HIS F 142 -31.46 -37.77 17.45
CA HIS F 142 -32.47 -38.73 17.87
C HIS F 142 -33.66 -38.76 16.92
N LYS F 143 -33.63 -37.90 15.90
CA LYS F 143 -34.72 -37.86 14.93
C LYS F 143 -36.09 -37.70 15.62
N CYS F 144 -36.63 -36.48 15.57
CA CYS F 144 -37.93 -36.21 16.19
C CYS F 144 -39.06 -36.16 15.16
N ASP F 145 -40.29 -36.31 15.65
CA ASP F 145 -41.47 -36.31 14.79
C ASP F 145 -42.11 -34.95 14.55
N ASN F 146 -43.40 -34.84 14.85
CA ASN F 146 -44.13 -33.58 14.69
C ASN F 146 -44.51 -33.02 16.04
N GLU F 147 -44.95 -33.89 16.94
CA GLU F 147 -45.32 -33.44 18.27
C GLU F 147 -44.04 -32.95 18.94
N CYS F 148 -42.92 -33.57 18.58
CA CYS F 148 -41.63 -33.17 19.12
C CYS F 148 -41.20 -31.83 18.54
N MET F 149 -41.43 -31.65 17.24
CA MET F 149 -41.07 -30.40 16.58
C MET F 149 -41.80 -29.25 17.26
N GLU F 150 -43.04 -29.52 17.69
CA GLU F 150 -43.82 -28.49 18.37
C GLU F 150 -43.24 -28.14 19.73
N SER F 151 -42.65 -29.12 20.41
CA SER F 151 -42.07 -28.85 21.72
C SER F 151 -40.89 -27.90 21.54
N VAL F 152 -40.31 -27.91 20.34
CA VAL F 152 -39.19 -27.03 20.05
C VAL F 152 -39.73 -25.63 19.78
N ARG F 153 -40.90 -25.57 19.15
CA ARG F 153 -41.53 -24.30 18.82
C ARG F 153 -42.11 -23.60 20.04
N ASN F 154 -42.81 -24.32 20.90
CA ASN F 154 -43.37 -23.68 22.09
C ASN F 154 -42.37 -23.70 23.25
N GLY F 155 -41.13 -24.03 22.93
CA GLY F 155 -40.07 -24.05 23.93
C GLY F 155 -40.19 -25.01 25.11
N THR F 156 -40.62 -26.25 24.85
CA THR F 156 -40.75 -27.23 25.92
C THR F 156 -39.97 -28.50 25.58
N TYR F 157 -39.15 -28.43 24.54
CA TYR F 157 -38.34 -29.56 24.09
C TYR F 157 -37.72 -30.31 25.27
N ASP F 158 -38.15 -31.55 25.47
CA ASP F 158 -37.65 -32.39 26.56
C ASP F 158 -36.31 -32.98 26.13
N TYR F 159 -35.24 -32.22 26.34
CA TYR F 159 -33.90 -32.65 25.95
C TYR F 159 -33.70 -34.15 26.03
N ASP G 5 81.76 -82.44 -19.09
CA ASP G 5 80.89 -81.68 -20.02
C ASP G 5 79.64 -81.18 -19.30
N THR G 6 79.52 -79.85 -19.20
CA THR G 6 78.38 -79.23 -18.52
C THR G 6 77.90 -77.98 -19.23
N ILE G 7 76.58 -77.89 -19.45
CA ILE G 7 75.99 -76.74 -20.11
C ILE G 7 75.10 -75.98 -19.12
N CYS G 8 75.23 -74.66 -19.07
CA CYS G 8 74.44 -73.85 -18.16
C CYS G 8 73.56 -72.84 -18.90
N ILE G 9 72.49 -72.40 -18.23
CA ILE G 9 71.56 -71.42 -18.76
C ILE G 9 71.74 -70.16 -17.95
N GLY G 10 72.07 -69.06 -18.62
CA GLY G 10 72.27 -67.80 -17.92
C GLY G 10 71.80 -66.56 -18.66
N TYR G 11 71.96 -65.41 -18.01
CA TYR G 11 71.54 -64.15 -18.60
C TYR G 11 72.62 -63.08 -18.59
N HIS G 12 72.47 -62.11 -19.49
CA HIS G 12 73.40 -61.00 -19.65
C HIS G 12 73.61 -60.15 -18.40
N ALA G 13 74.79 -59.56 -18.31
CA ALA G 13 75.18 -58.66 -17.23
C ALA G 13 76.20 -57.74 -17.86
N ASN G 14 76.41 -56.56 -17.28
CA ASN G 14 77.39 -55.62 -17.84
C ASN G 14 77.84 -54.56 -16.85
N ASN G 15 78.47 -53.51 -17.37
CA ASN G 15 78.98 -52.44 -16.54
C ASN G 15 78.00 -51.30 -16.31
N SER G 16 76.90 -51.30 -17.07
CA SER G 16 75.89 -50.25 -16.94
C SER G 16 75.57 -49.93 -15.49
N THR G 17 75.39 -48.64 -15.21
CA THR G 17 75.06 -48.17 -13.87
C THR G 17 73.67 -47.54 -13.84
N ASP G 18 72.97 -47.63 -14.95
CA ASP G 18 71.62 -47.08 -15.08
C ASP G 18 70.71 -47.65 -14.01
N THR G 19 69.87 -46.80 -13.42
CA THR G 19 68.94 -47.27 -12.41
C THR G 19 67.53 -46.80 -12.74
N VAL G 20 66.55 -47.62 -12.37
CA VAL G 20 65.15 -47.30 -12.59
C VAL G 20 64.40 -47.65 -11.31
N ASP G 21 63.19 -47.16 -11.20
CA ASP G 21 62.38 -47.46 -10.03
C ASP G 21 61.26 -48.38 -10.46
N THR G 22 60.86 -49.27 -9.56
CA THR G 22 59.76 -50.19 -9.81
C THR G 22 58.79 -49.90 -8.68
N VAL G 23 57.67 -50.61 -8.66
CA VAL G 23 56.70 -50.37 -7.61
C VAL G 23 57.12 -51.07 -6.31
N LEU G 24 57.91 -52.14 -6.44
CA LEU G 24 58.35 -52.87 -5.26
C LEU G 24 59.73 -52.44 -4.76
N GLU G 25 60.56 -51.95 -5.67
CA GLU G 25 61.90 -51.56 -5.30
C GLU G 25 62.36 -50.32 -6.06
N LYS G 26 63.06 -49.42 -5.37
CA LYS G 26 63.54 -48.21 -6.01
C LYS G 26 65.01 -48.33 -6.39
N ASN G 27 65.40 -47.56 -7.39
CA ASN G 27 66.79 -47.53 -7.87
C ASN G 27 67.40 -48.92 -8.08
N VAL G 28 66.88 -49.62 -9.09
CA VAL G 28 67.33 -50.96 -9.45
C VAL G 28 68.27 -50.85 -10.66
N THR G 29 69.52 -51.27 -10.50
CA THR G 29 70.50 -51.19 -11.59
C THR G 29 70.13 -52.19 -12.67
N VAL G 30 70.08 -51.73 -13.91
CA VAL G 30 69.71 -52.58 -15.03
C VAL G 30 70.70 -52.51 -16.18
N THR G 31 70.77 -53.57 -16.97
CA THR G 31 71.70 -53.65 -18.10
C THR G 31 71.45 -52.60 -19.18
N HIS G 32 70.17 -52.42 -19.56
CA HIS G 32 69.80 -51.44 -20.57
C HIS G 32 68.52 -50.70 -20.15
N SER G 33 68.35 -49.49 -20.66
CA SER G 33 67.18 -48.69 -20.36
C SER G 33 67.10 -47.52 -21.33
N VAL G 34 65.98 -46.80 -21.29
CA VAL G 34 65.79 -45.65 -22.16
C VAL G 34 65.13 -44.52 -21.39
N ASN G 35 65.61 -43.30 -21.63
CA ASN G 35 65.06 -42.12 -20.97
C ASN G 35 63.86 -41.62 -21.76
N LEU G 36 62.79 -41.26 -21.07
CA LEU G 36 61.58 -40.78 -21.74
C LEU G 36 61.33 -39.30 -21.43
N LEU G 37 62.12 -38.76 -20.52
CA LEU G 37 61.98 -37.37 -20.09
C LEU G 37 63.08 -36.46 -20.64
N GLU G 38 62.70 -35.55 -21.52
CA GLU G 38 63.65 -34.60 -22.10
C GLU G 38 63.93 -33.45 -21.14
N ASP G 39 65.18 -33.28 -20.75
CA ASP G 39 65.57 -32.21 -19.83
C ASP G 39 66.59 -31.25 -20.43
N SER G 40 66.80 -31.35 -21.74
CA SER G 40 67.77 -30.49 -22.42
C SER G 40 67.14 -29.52 -23.42
N HIS G 41 67.61 -28.27 -23.39
CA HIS G 41 67.17 -27.25 -24.33
C HIS G 41 68.43 -26.45 -24.68
N ASN G 42 68.42 -25.73 -25.80
CA ASN G 42 69.60 -24.99 -26.22
C ASN G 42 69.76 -23.59 -25.65
N GLY G 43 68.88 -23.21 -24.72
CA GLY G 43 68.94 -21.90 -24.09
C GLY G 43 68.78 -20.68 -25.00
N LYS G 44 68.20 -20.87 -26.18
CA LYS G 44 68.04 -19.75 -27.12
C LYS G 44 66.65 -19.66 -27.73
N LEU G 45 66.33 -18.48 -28.26
CA LEU G 45 65.07 -18.27 -28.96
C LEU G 45 65.43 -18.54 -30.41
N CYS G 46 64.66 -19.39 -31.07
CA CYS G 46 64.95 -19.76 -32.44
C CYS G 46 63.81 -19.50 -33.39
N ARG G 47 64.09 -19.70 -34.67
CA ARG G 47 63.08 -19.58 -35.70
C ARG G 47 62.25 -20.85 -35.52
N LEU G 48 60.99 -20.79 -35.90
CA LEU G 48 60.13 -21.94 -35.80
C LEU G 48 59.87 -22.35 -37.23
N LYS G 49 60.50 -23.44 -37.66
CA LYS G 49 60.37 -23.92 -39.03
C LYS G 49 60.76 -22.82 -40.03
N GLY G 50 61.88 -22.16 -39.76
CA GLY G 50 62.36 -21.12 -40.64
C GLY G 50 61.87 -19.70 -40.39
N ILE G 51 60.70 -19.55 -39.79
CA ILE G 51 60.15 -18.22 -39.54
C ILE G 51 60.57 -17.65 -38.19
N ALA G 52 60.99 -16.38 -38.20
CA ALA G 52 61.45 -15.71 -37.00
C ALA G 52 60.33 -15.13 -36.14
N PRO G 53 60.50 -15.15 -34.81
CA PRO G 53 59.47 -14.60 -33.94
C PRO G 53 59.56 -13.08 -33.91
N LEU G 54 58.50 -12.44 -33.45
CA LEU G 54 58.48 -10.99 -33.34
C LEU G 54 58.96 -10.68 -31.92
N GLN G 55 60.05 -9.93 -31.82
CA GLN G 55 60.61 -9.56 -30.51
C GLN G 55 60.22 -8.14 -30.15
N LEU G 56 59.29 -8.03 -29.20
CA LEU G 56 58.82 -6.72 -28.77
C LEU G 56 59.85 -6.00 -27.91
N GLY G 57 60.76 -6.78 -27.33
CA GLY G 57 61.80 -6.22 -26.49
C GLY G 57 61.32 -5.37 -25.32
N LYS G 58 61.64 -4.08 -25.37
CA LYS G 58 61.27 -3.13 -24.33
C LYS G 58 59.79 -2.74 -24.44
N CYS G 59 59.16 -3.21 -25.51
CA CYS G 59 57.75 -2.90 -25.75
C CYS G 59 56.82 -4.07 -25.48
N ASN G 60 55.53 -3.76 -25.33
CA ASN G 60 54.53 -4.79 -25.12
C ASN G 60 53.54 -4.64 -26.27
N ILE G 61 52.57 -5.54 -26.35
CA ILE G 61 51.59 -5.50 -27.42
C ILE G 61 50.99 -4.12 -27.63
N ALA G 62 50.59 -3.48 -26.53
CA ALA G 62 49.97 -2.15 -26.59
C ALA G 62 50.88 -1.11 -27.24
N GLY G 63 52.12 -1.03 -26.79
CA GLY G 63 53.05 -0.06 -27.37
C GLY G 63 53.27 -0.30 -28.85
N TRP G 64 53.32 -1.57 -29.22
CA TRP G 64 53.52 -2.00 -30.60
C TRP G 64 52.37 -1.60 -31.51
N LEU G 65 51.15 -1.99 -31.15
CA LEU G 65 49.99 -1.67 -31.98
C LEU G 65 49.59 -0.19 -31.99
N LEU G 66 49.83 0.53 -30.91
CA LEU G 66 49.47 1.95 -30.85
C LEU G 66 50.52 2.82 -31.54
N GLY G 67 51.77 2.37 -31.54
CA GLY G 67 52.82 3.13 -32.17
C GLY G 67 53.64 3.96 -31.21
N ASN G 68 53.81 3.46 -29.99
CA ASN G 68 54.61 4.14 -28.97
C ASN G 68 55.94 4.44 -29.68
N PRO G 69 56.38 5.71 -29.64
CA PRO G 69 57.64 6.10 -30.29
C PRO G 69 58.85 5.23 -29.92
N GLU G 70 58.84 4.66 -28.72
CA GLU G 70 59.93 3.80 -28.28
C GLU G 70 59.92 2.43 -28.98
N CYS G 71 58.90 2.17 -29.78
CA CYS G 71 58.79 0.89 -30.48
C CYS G 71 58.94 1.02 -31.98
N ASP G 72 59.55 2.10 -32.43
CA ASP G 72 59.75 2.34 -33.86
C ASP G 72 60.43 1.20 -34.64
N PRO G 73 61.42 0.52 -34.04
CA PRO G 73 62.12 -0.58 -34.73
C PRO G 73 61.18 -1.72 -35.13
N LEU G 74 59.99 -1.76 -34.55
CA LEU G 74 59.01 -2.81 -34.83
C LEU G 74 58.08 -2.45 -35.99
N LEU G 75 58.01 -1.17 -36.29
CA LEU G 75 57.15 -0.67 -37.35
C LEU G 75 57.17 -1.46 -38.67
N PRO G 76 58.36 -1.87 -39.13
CA PRO G 76 58.48 -2.63 -40.39
C PRO G 76 58.14 -4.13 -40.39
N VAL G 77 58.23 -4.79 -39.24
CA VAL G 77 57.93 -6.22 -39.18
C VAL G 77 56.52 -6.53 -39.66
N ARG G 78 56.39 -7.47 -40.60
CA ARG G 78 55.10 -7.85 -41.17
C ARG G 78 54.63 -9.26 -40.85
N SER G 79 55.56 -10.17 -40.56
CA SER G 79 55.19 -11.54 -40.25
C SER G 79 56.08 -12.14 -39.18
N TRP G 80 55.57 -13.15 -38.49
CA TRP G 80 56.34 -13.79 -37.42
C TRP G 80 55.75 -15.17 -37.12
N SER G 81 56.48 -15.97 -36.35
CA SER G 81 56.04 -17.32 -36.01
C SER G 81 55.43 -17.34 -34.61
N TYR G 82 55.86 -16.42 -33.77
CA TYR G 82 55.34 -16.28 -32.41
C TYR G 82 55.80 -14.93 -31.87
N ILE G 83 55.12 -14.45 -30.83
CA ILE G 83 55.43 -13.17 -30.25
C ILE G 83 56.13 -13.32 -28.91
N VAL G 84 57.21 -12.56 -28.73
CA VAL G 84 57.99 -12.62 -27.51
C VAL G 84 58.03 -11.29 -26.77
N GLU G 85 57.65 -11.34 -25.49
CA GLU G 85 57.70 -10.16 -24.63
C GLU G 85 58.78 -10.50 -23.62
N THR G 86 59.38 -9.50 -23.01
CA THR G 86 60.44 -9.74 -22.03
C THR G 86 60.00 -9.18 -20.69
N PRO G 87 60.73 -9.53 -19.62
CA PRO G 87 60.37 -9.03 -18.29
C PRO G 87 60.40 -7.49 -18.30
N ASN G 88 61.16 -6.93 -19.24
CA ASN G 88 61.27 -5.47 -19.34
C ASN G 88 60.38 -4.79 -20.39
N SER G 89 59.40 -5.52 -20.93
CA SER G 89 58.49 -4.94 -21.92
C SER G 89 57.59 -3.95 -21.19
N GLU G 90 58.14 -2.78 -20.87
CA GLU G 90 57.43 -1.74 -20.14
C GLU G 90 56.75 -0.67 -20.99
N ASN G 91 57.33 -0.37 -22.16
CA ASN G 91 56.77 0.63 -23.07
C ASN G 91 55.50 0.19 -23.76
N GLY G 92 54.36 0.56 -23.17
CA GLY G 92 53.08 0.21 -23.73
C GLY G 92 52.43 1.54 -24.05
N ILE G 93 51.35 1.86 -23.36
CA ILE G 93 50.70 3.15 -23.58
C ILE G 93 51.63 4.17 -22.92
N CYS G 94 51.84 5.33 -23.56
CA CYS G 94 52.69 6.35 -22.96
C CYS G 94 51.85 7.46 -22.36
N TYR G 95 50.64 7.67 -22.88
CA TYR G 95 49.76 8.67 -22.31
C TYR G 95 48.83 7.88 -21.38
N PRO G 96 48.80 8.22 -20.09
CA PRO G 96 47.98 7.53 -19.08
C PRO G 96 46.52 7.30 -19.44
N GLY G 97 46.03 6.11 -19.13
CA GLY G 97 44.64 5.80 -19.45
C GLY G 97 44.35 4.31 -19.42
N ASP G 98 43.18 3.94 -19.90
CA ASP G 98 42.78 2.54 -19.91
C ASP G 98 42.64 1.98 -21.34
N PHE G 99 43.21 0.80 -21.56
CA PHE G 99 43.13 0.13 -22.86
C PHE G 99 42.01 -0.89 -22.75
N ILE G 100 40.83 -0.55 -23.26
CA ILE G 100 39.66 -1.42 -23.19
C ILE G 100 39.81 -2.73 -23.96
N ASP G 101 39.47 -3.84 -23.28
CA ASP G 101 39.54 -5.19 -23.83
C ASP G 101 40.93 -5.51 -24.37
N TYR G 102 41.93 -5.10 -23.62
CA TYR G 102 43.31 -5.31 -23.97
C TYR G 102 43.71 -6.78 -24.01
N GLU G 103 43.32 -7.53 -22.98
CA GLU G 103 43.65 -8.95 -22.93
C GLU G 103 43.09 -9.67 -24.14
N GLU G 104 41.89 -9.27 -24.57
CA GLU G 104 41.24 -9.87 -25.73
C GLU G 104 42.00 -9.53 -27.03
N LEU G 105 42.48 -8.29 -27.12
CA LEU G 105 43.24 -7.88 -28.30
C LEU G 105 44.50 -8.75 -28.40
N ARG G 106 45.14 -8.98 -27.27
CA ARG G 106 46.34 -9.80 -27.23
C ARG G 106 46.01 -11.22 -27.69
N GLU G 107 44.84 -11.71 -27.29
CA GLU G 107 44.42 -13.05 -27.67
C GLU G 107 44.17 -13.08 -29.18
N GLN G 108 43.65 -11.98 -29.71
CA GLN G 108 43.38 -11.86 -31.14
C GLN G 108 44.69 -11.95 -31.90
N LEU G 109 45.71 -11.23 -31.42
CA LEU G 109 47.01 -11.21 -32.07
C LEU G 109 47.75 -12.53 -31.99
N SER G 110 47.28 -13.42 -31.11
CA SER G 110 47.90 -14.73 -30.91
C SER G 110 47.68 -15.69 -32.09
N SER G 111 46.67 -15.42 -32.90
CA SER G 111 46.39 -16.26 -34.07
C SER G 111 46.65 -15.49 -35.37
N VAL G 112 47.41 -14.40 -35.26
CA VAL G 112 47.74 -13.61 -36.44
C VAL G 112 49.13 -14.03 -36.87
N SER G 113 49.27 -14.39 -38.14
CA SER G 113 50.57 -14.82 -38.66
C SER G 113 51.26 -13.64 -39.35
N SER G 114 50.49 -12.67 -39.80
CA SER G 114 51.06 -11.51 -40.45
C SER G 114 50.00 -10.47 -40.71
N PHE G 115 50.44 -9.24 -40.97
CA PHE G 115 49.52 -8.17 -41.28
C PHE G 115 50.20 -7.08 -42.08
N GLU G 116 49.41 -6.19 -42.66
CA GLU G 116 50.00 -5.09 -43.39
C GLU G 116 49.55 -3.82 -42.71
N ARG G 117 50.53 -3.03 -42.28
CA ARG G 117 50.27 -1.75 -41.63
C ARG G 117 50.09 -0.75 -42.76
N PHE G 118 48.90 -0.15 -42.84
CA PHE G 118 48.62 0.80 -43.89
C PHE G 118 47.89 2.03 -43.35
N GLU G 119 47.95 3.13 -44.08
CA GLU G 119 47.31 4.38 -43.70
C GLU G 119 45.81 4.31 -43.95
N ILE G 120 45.03 4.25 -42.88
CA ILE G 120 43.59 4.19 -43.03
C ILE G 120 43.07 5.62 -43.24
N PHE G 121 43.68 6.57 -42.54
CA PHE G 121 43.31 7.97 -42.66
C PHE G 121 44.57 8.82 -42.79
N PRO G 122 45.04 9.05 -44.03
CA PRO G 122 46.24 9.85 -44.28
C PRO G 122 46.20 11.18 -43.53
N LYS G 123 47.29 11.47 -42.83
CA LYS G 123 47.43 12.69 -42.04
C LYS G 123 47.12 14.01 -42.75
N GLU G 124 47.58 14.15 -43.99
CA GLU G 124 47.38 15.40 -44.69
C GLU G 124 46.05 15.64 -45.40
N SER G 125 45.38 14.59 -45.83
CA SER G 125 44.12 14.77 -46.54
C SER G 125 42.86 14.42 -45.76
N SER G 126 43.00 13.73 -44.64
CA SER G 126 41.84 13.33 -43.86
C SER G 126 41.18 14.40 -42.98
N TRP G 127 41.98 15.29 -42.40
CA TRP G 127 41.43 16.31 -41.50
C TRP G 127 41.78 17.73 -41.89
N PRO G 128 41.12 18.27 -42.93
CA PRO G 128 41.33 19.61 -43.46
C PRO G 128 41.03 20.74 -42.46
N ASN G 129 39.96 20.58 -41.69
CA ASN G 129 39.54 21.60 -40.74
C ASN G 129 39.95 21.40 -39.29
N HIS G 130 41.02 20.66 -39.05
CA HIS G 130 41.47 20.42 -37.69
C HIS G 130 42.99 20.37 -37.61
N ASN G 131 43.55 20.72 -36.46
CA ASN G 131 44.98 20.64 -36.28
C ASN G 131 45.30 19.19 -35.94
N THR G 132 46.47 18.73 -36.36
CA THR G 132 46.90 17.35 -36.13
C THR G 132 48.32 17.27 -35.56
N ASN G 133 48.85 18.40 -35.11
CA ASN G 133 50.21 18.42 -34.57
C ASN G 133 50.24 18.12 -33.07
N GLY G 134 49.10 17.75 -32.51
CA GLY G 134 49.04 17.43 -31.09
C GLY G 134 50.14 16.47 -30.67
N VAL G 135 50.88 16.85 -29.64
CA VAL G 135 51.98 16.04 -29.14
C VAL G 135 52.03 16.08 -27.62
N THR G 136 52.80 15.19 -27.00
CA THR G 136 52.89 15.15 -25.54
C THR G 136 54.25 14.68 -25.06
N ALA G 137 54.65 15.17 -23.89
CA ALA G 137 55.92 14.79 -23.29
C ALA G 137 55.81 13.39 -22.72
N ALA G 138 54.58 12.90 -22.58
CA ALA G 138 54.35 11.56 -22.06
C ALA G 138 54.78 10.53 -23.10
N CYS G 139 54.75 10.94 -24.37
CA CYS G 139 55.15 10.05 -25.48
C CYS G 139 56.31 10.74 -26.19
N SER G 140 57.40 10.94 -25.47
CA SER G 140 58.56 11.62 -26.04
C SER G 140 59.50 10.71 -26.80
N HIS G 141 60.22 11.30 -27.73
CA HIS G 141 61.18 10.58 -28.55
C HIS G 141 62.33 11.53 -28.89
N GLU G 142 63.56 11.09 -28.61
CA GLU G 142 64.75 11.91 -28.84
C GLU G 142 64.70 13.16 -27.97
N GLY G 143 64.26 12.98 -26.72
CA GLY G 143 64.17 14.11 -25.80
C GLY G 143 63.15 15.15 -26.18
N LYS G 144 62.29 14.83 -27.16
CA LYS G 144 61.27 15.77 -27.60
C LYS G 144 59.87 15.17 -27.50
N SER G 145 58.88 16.01 -27.21
CA SER G 145 57.51 15.55 -27.12
C SER G 145 57.11 15.02 -28.49
N SER G 146 56.41 13.90 -28.50
CA SER G 146 55.98 13.29 -29.74
C SER G 146 54.61 12.63 -29.54
N PHE G 147 54.27 11.67 -30.38
CA PHE G 147 52.99 10.99 -30.26
C PHE G 147 53.01 9.60 -30.89
N TYR G 148 51.95 8.83 -30.66
CA TYR G 148 51.81 7.49 -31.21
C TYR G 148 51.91 7.55 -32.74
N ARG G 149 52.64 6.62 -33.33
CA ARG G 149 52.79 6.60 -34.78
C ARG G 149 51.52 6.20 -35.54
N ASN G 150 50.63 5.46 -34.89
CA ASN G 150 49.43 5.01 -35.57
C ASN G 150 48.16 5.79 -35.27
N LEU G 151 48.28 6.83 -34.46
CA LEU G 151 47.14 7.67 -34.11
C LEU G 151 47.48 9.15 -34.32
N LEU G 152 46.44 9.97 -34.44
CA LEU G 152 46.58 11.41 -34.63
C LEU G 152 45.75 12.16 -33.60
N TRP G 153 46.38 13.08 -32.87
CA TRP G 153 45.68 13.88 -31.88
C TRP G 153 45.06 15.07 -32.60
N LEU G 154 43.74 15.07 -32.76
CA LEU G 154 43.09 16.19 -33.43
C LEU G 154 42.70 17.25 -32.41
N THR G 155 42.89 18.51 -32.76
CA THR G 155 42.55 19.62 -31.88
C THR G 155 41.95 20.77 -32.67
N GLU G 156 41.46 21.78 -31.95
CA GLU G 156 40.86 22.95 -32.57
C GLU G 156 41.77 23.64 -33.58
N LYS G 157 41.17 24.23 -34.61
CA LYS G 157 41.92 24.95 -35.63
C LYS G 157 41.36 26.36 -35.79
N GLU G 158 42.19 27.36 -35.48
CA GLU G 158 41.77 28.75 -35.59
C GLU G 158 40.57 29.04 -34.70
N GLY G 159 40.61 28.51 -33.48
CA GLY G 159 39.53 28.73 -32.53
C GLY G 159 38.24 27.98 -32.81
N SER G 160 38.30 26.94 -33.64
CA SER G 160 37.10 26.17 -33.95
C SER G 160 37.36 24.68 -34.16
N TYR G 161 36.45 23.85 -33.66
CA TYR G 161 36.55 22.40 -33.81
C TYR G 161 35.29 21.91 -34.51
N PRO G 162 35.29 21.93 -35.85
CA PRO G 162 34.15 21.48 -36.66
C PRO G 162 33.75 20.04 -36.40
N LYS G 163 32.47 19.75 -36.57
CA LYS G 163 31.95 18.40 -36.37
C LYS G 163 32.50 17.57 -37.52
N LEU G 164 33.35 16.60 -37.20
CA LEU G 164 33.97 15.77 -38.23
C LEU G 164 33.26 14.44 -38.46
N LYS G 165 33.43 13.91 -39.66
CA LYS G 165 32.87 12.62 -40.03
C LYS G 165 33.69 12.04 -41.16
N ASN G 166 34.44 10.98 -40.85
CA ASN G 166 35.26 10.31 -41.84
C ASN G 166 34.93 8.83 -41.87
N SER G 167 35.08 8.22 -43.04
CA SER G 167 34.77 6.82 -43.20
C SER G 167 35.84 6.09 -43.98
N TYR G 168 35.85 4.77 -43.83
CA TYR G 168 36.80 3.92 -44.51
C TYR G 168 36.11 2.61 -44.84
N VAL G 169 36.17 2.21 -46.10
CA VAL G 169 35.57 0.97 -46.54
C VAL G 169 36.69 -0.06 -46.64
N ASN G 170 36.50 -1.21 -46.02
CA ASN G 170 37.52 -2.26 -46.02
C ASN G 170 37.57 -3.02 -47.34
N LYS G 171 38.57 -2.72 -48.15
CA LYS G 171 38.73 -3.38 -49.43
C LYS G 171 40.00 -4.23 -49.44
N LYS G 172 40.47 -4.58 -48.25
CA LYS G 172 41.68 -5.39 -48.12
C LYS G 172 41.45 -6.89 -48.33
N GLY G 173 40.20 -7.32 -48.19
CA GLY G 173 39.90 -8.74 -48.36
C GLY G 173 40.32 -9.50 -47.12
N LYS G 174 40.52 -8.76 -46.03
CA LYS G 174 40.94 -9.32 -44.75
C LYS G 174 40.39 -8.46 -43.61
N GLU G 175 40.40 -9.01 -42.41
CA GLU G 175 39.93 -8.26 -41.25
C GLU G 175 40.89 -7.10 -41.05
N VAL G 176 40.36 -5.95 -40.68
CA VAL G 176 41.21 -4.79 -40.43
C VAL G 176 41.06 -4.37 -38.97
N LEU G 177 42.16 -4.40 -38.23
CA LEU G 177 42.16 -3.97 -36.84
C LEU G 177 42.28 -2.45 -36.83
N VAL G 178 41.30 -1.79 -36.24
CA VAL G 178 41.32 -0.34 -36.16
C VAL G 178 41.41 0.07 -34.68
N LEU G 179 42.36 0.93 -34.37
CA LEU G 179 42.55 1.41 -33.01
C LEU G 179 42.35 2.92 -32.96
N TRP G 180 41.91 3.43 -31.81
CA TRP G 180 41.68 4.85 -31.64
C TRP G 180 41.65 5.19 -30.17
N GLY G 181 41.58 6.50 -29.88
CA GLY G 181 41.55 6.93 -28.50
C GLY G 181 40.55 8.03 -28.23
N ILE G 182 40.28 8.26 -26.96
CA ILE G 182 39.36 9.30 -26.53
C ILE G 182 40.11 10.03 -25.42
N HIS G 183 40.35 11.32 -25.61
CA HIS G 183 41.07 12.09 -24.61
C HIS G 183 40.11 12.70 -23.58
N HIS G 184 40.54 12.73 -22.32
CA HIS G 184 39.73 13.27 -21.25
C HIS G 184 40.49 14.33 -20.46
N PRO G 185 40.25 15.61 -20.77
CA PRO G 185 40.90 16.74 -20.08
C PRO G 185 40.59 16.70 -18.58
N PRO G 186 41.50 17.22 -17.74
CA PRO G 186 41.30 17.24 -16.29
C PRO G 186 40.34 18.35 -15.83
N ASN G 187 40.05 19.30 -16.73
CA ASN G 187 39.14 20.41 -16.44
C ASN G 187 38.52 21.01 -17.70
N SER G 188 37.38 21.68 -17.52
CA SER G 188 36.66 22.28 -18.64
C SER G 188 37.43 23.35 -19.41
N LYS G 189 38.31 24.07 -18.73
CA LYS G 189 39.09 25.09 -19.41
C LYS G 189 39.92 24.41 -20.52
N GLU G 190 40.60 23.33 -20.18
CA GLU G 190 41.42 22.61 -21.16
C GLU G 190 40.53 22.03 -22.27
N GLN G 191 39.39 21.47 -21.90
CA GLN G 191 38.47 20.91 -22.88
C GLN G 191 38.09 21.99 -23.89
N GLN G 192 37.87 23.21 -23.38
CA GLN G 192 37.49 24.34 -24.22
C GLN G 192 38.65 24.79 -25.10
N ASN G 193 39.86 24.84 -24.54
CA ASN G 193 41.02 25.26 -25.31
C ASN G 193 41.41 24.27 -26.41
N LEU G 194 41.28 22.98 -26.12
CA LEU G 194 41.65 21.97 -27.09
C LEU G 194 40.56 21.61 -28.08
N TYR G 195 39.30 21.62 -27.64
CA TYR G 195 38.21 21.22 -28.52
C TYR G 195 37.08 22.20 -28.70
N GLN G 196 37.18 23.37 -28.07
CA GLN G 196 36.16 24.41 -28.17
C GLN G 196 34.79 24.02 -27.63
N ASN G 197 34.18 22.97 -28.17
CA ASN G 197 32.86 22.53 -27.71
C ASN G 197 32.93 21.99 -26.28
N GLU G 198 32.07 22.52 -25.42
CA GLU G 198 32.01 22.13 -24.01
C GLU G 198 31.43 20.73 -23.79
N ASN G 199 30.45 20.36 -24.61
CA ASN G 199 29.82 19.05 -24.51
C ASN G 199 30.03 18.26 -25.80
N ALA G 200 31.20 17.65 -25.92
CA ALA G 200 31.56 16.88 -27.09
C ALA G 200 31.21 15.40 -26.99
N TYR G 201 31.37 14.70 -28.10
CA TYR G 201 31.09 13.28 -28.14
C TYR G 201 31.82 12.68 -29.34
N VAL G 202 32.03 11.37 -29.28
CA VAL G 202 32.67 10.65 -30.35
C VAL G 202 31.83 9.41 -30.61
N SER G 203 31.60 9.14 -31.89
CA SER G 203 30.81 7.98 -32.28
C SER G 203 31.62 7.15 -33.26
N VAL G 204 31.60 5.83 -33.07
CA VAL G 204 32.31 4.92 -33.95
C VAL G 204 31.37 3.78 -34.27
N VAL G 205 31.11 3.56 -35.56
CA VAL G 205 30.19 2.50 -35.93
C VAL G 205 30.59 1.75 -37.18
N THR G 206 30.24 0.48 -37.22
CA THR G 206 30.46 -0.37 -38.38
C THR G 206 29.16 -1.16 -38.50
N SER G 207 29.17 -2.24 -39.26
CA SER G 207 27.96 -3.04 -39.41
C SER G 207 27.66 -3.86 -38.16
N ASN G 208 28.68 -4.12 -37.35
CA ASN G 208 28.48 -4.92 -36.15
C ASN G 208 29.04 -4.28 -34.87
N TYR G 209 29.58 -3.08 -35.00
CA TYR G 209 30.12 -2.36 -33.85
C TYR G 209 29.37 -1.03 -33.74
N ASN G 210 29.06 -0.62 -32.52
CA ASN G 210 28.33 0.63 -32.31
C ASN G 210 28.57 1.17 -30.89
N ARG G 211 29.42 2.18 -30.79
CA ARG G 211 29.72 2.76 -29.50
C ARG G 211 29.83 4.28 -29.53
N ARG G 212 29.44 4.91 -28.43
CA ARG G 212 29.49 6.35 -28.29
C ARG G 212 30.32 6.67 -27.05
N PHE G 213 31.13 7.71 -27.13
CA PHE G 213 31.98 8.08 -26.01
C PHE G 213 31.76 9.53 -25.60
N THR G 214 31.71 9.76 -24.30
CA THR G 214 31.52 11.08 -23.75
C THR G 214 32.68 11.42 -22.85
N PRO G 215 33.29 12.61 -23.05
CA PRO G 215 34.42 13.03 -22.22
C PRO G 215 33.97 13.07 -20.76
N GLU G 216 34.82 12.59 -19.85
CA GLU G 216 34.51 12.63 -18.42
C GLU G 216 35.62 13.45 -17.82
N ILE G 217 35.28 14.69 -17.50
CA ILE G 217 36.24 15.67 -17.00
C ILE G 217 36.31 15.79 -15.49
N ALA G 218 37.50 15.58 -14.94
CA ALA G 218 37.72 15.68 -13.49
C ALA G 218 39.21 15.72 -13.17
N GLU G 219 39.56 16.34 -12.05
CA GLU G 219 40.95 16.42 -11.60
C GLU G 219 41.41 15.02 -11.28
N ARG G 220 42.66 14.69 -11.61
CA ARG G 220 43.17 13.36 -11.34
C ARG G 220 44.65 13.40 -11.00
N PRO G 221 45.13 12.37 -10.30
CA PRO G 221 46.55 12.31 -9.95
C PRO G 221 47.29 12.26 -11.27
N LYS G 222 48.49 12.83 -11.33
CA LYS G 222 49.26 12.81 -12.56
C LYS G 222 49.94 11.46 -12.68
N VAL G 223 49.95 10.93 -13.90
CA VAL G 223 50.60 9.66 -14.20
C VAL G 223 51.50 10.08 -15.37
N ARG G 224 52.80 9.81 -15.25
CA ARG G 224 53.74 10.24 -16.29
C ARG G 224 53.51 11.75 -16.42
N ASP G 225 53.27 12.33 -15.24
CA ASP G 225 52.96 13.75 -15.00
C ASP G 225 51.97 14.41 -15.96
N GLN G 226 50.83 13.75 -16.11
CA GLN G 226 49.73 14.22 -16.94
C GLN G 226 48.47 13.92 -16.13
N ALA G 227 47.62 14.93 -15.95
CA ALA G 227 46.39 14.76 -15.20
C ALA G 227 45.33 14.25 -16.16
N GLY G 228 45.59 14.46 -17.45
CA GLY G 228 44.67 14.02 -18.48
C GLY G 228 44.69 12.50 -18.59
N ARG G 229 43.75 11.95 -19.33
CA ARG G 229 43.69 10.52 -19.54
C ARG G 229 43.24 10.24 -20.96
N MET G 230 43.71 9.12 -21.49
CA MET G 230 43.34 8.68 -22.83
C MET G 230 42.91 7.23 -22.71
N ASN G 231 41.69 6.95 -23.18
CA ASN G 231 41.19 5.59 -23.17
C ASN G 231 41.33 5.07 -24.60
N TYR G 232 41.84 3.86 -24.75
CA TYR G 232 42.04 3.28 -26.07
C TYR G 232 41.07 2.15 -26.38
N TYR G 233 40.56 2.16 -27.60
CA TYR G 233 39.60 1.17 -28.07
C TYR G 233 40.01 0.59 -29.42
N TRP G 234 39.42 -0.54 -29.77
CA TRP G 234 39.71 -1.20 -31.03
C TRP G 234 38.53 -2.04 -31.48
N THR G 235 38.48 -2.38 -32.77
CA THR G 235 37.44 -3.24 -33.31
C THR G 235 37.99 -3.91 -34.56
N LEU G 236 37.40 -5.04 -34.95
CA LEU G 236 37.83 -5.71 -36.16
C LEU G 236 36.81 -5.39 -37.22
N LEU G 237 37.24 -4.68 -38.25
CA LEU G 237 36.36 -4.33 -39.35
C LEU G 237 36.37 -5.50 -40.34
N LYS G 238 35.19 -6.08 -40.58
CA LYS G 238 35.04 -7.22 -41.50
C LYS G 238 35.33 -6.79 -42.94
N PRO G 239 35.78 -7.74 -43.78
CA PRO G 239 36.07 -7.43 -45.18
C PRO G 239 34.85 -6.84 -45.87
N GLY G 240 35.04 -5.70 -46.54
CA GLY G 240 33.93 -5.07 -47.23
C GLY G 240 33.03 -4.18 -46.39
N ASP G 241 33.25 -4.14 -45.09
CA ASP G 241 32.42 -3.31 -44.22
C ASP G 241 32.98 -1.90 -44.13
N THR G 242 32.17 -0.98 -43.61
CA THR G 242 32.58 0.41 -43.45
C THR G 242 32.56 0.86 -41.99
N ILE G 243 33.61 1.58 -41.59
CA ILE G 243 33.69 2.11 -40.24
C ILE G 243 33.56 3.63 -40.39
N ILE G 244 32.70 4.23 -39.58
CA ILE G 244 32.46 5.66 -39.63
C ILE G 244 32.80 6.33 -38.30
N PHE G 245 33.66 7.34 -38.36
CA PHE G 245 34.02 8.10 -37.18
C PHE G 245 33.31 9.45 -37.23
N GLU G 246 32.73 9.84 -36.10
CA GLU G 246 32.03 11.11 -36.01
C GLU G 246 32.35 11.74 -34.67
N ALA G 247 32.73 13.01 -34.68
CA ALA G 247 33.07 13.68 -33.43
C ALA G 247 33.13 15.19 -33.52
N ASN G 248 32.96 15.84 -32.38
CA ASN G 248 33.05 17.28 -32.30
C ASN G 248 34.04 17.59 -31.18
N GLY G 249 34.94 16.62 -30.94
CA GLY G 249 35.96 16.78 -29.93
C GLY G 249 36.51 15.50 -29.33
N ASN G 250 37.65 15.61 -28.66
CA ASN G 250 38.27 14.50 -27.94
C ASN G 250 38.70 13.23 -28.69
N LEU G 251 38.51 13.18 -30.00
CA LEU G 251 38.92 12.00 -30.74
C LEU G 251 40.42 11.93 -31.01
N ILE G 252 41.01 10.78 -30.68
CA ILE G 252 42.41 10.53 -30.96
C ILE G 252 42.26 9.55 -32.12
N ALA G 253 42.12 10.12 -33.31
CA ALA G 253 41.89 9.39 -34.55
C ALA G 253 42.91 8.38 -35.05
N PRO G 254 42.41 7.36 -35.76
CA PRO G 254 43.24 6.31 -36.33
C PRO G 254 44.00 6.91 -37.52
N MET G 255 45.27 6.56 -37.68
CA MET G 255 46.02 7.04 -38.82
C MET G 255 46.43 5.78 -39.59
N TYR G 256 47.01 4.82 -38.88
CA TYR G 256 47.40 3.54 -39.48
C TYR G 256 46.57 2.44 -38.84
N ALA G 257 46.15 1.47 -39.67
CA ALA G 257 45.39 0.32 -39.20
C ALA G 257 46.10 -0.96 -39.70
N PHE G 258 45.57 -2.12 -39.34
CA PHE G 258 46.21 -3.38 -39.72
C PHE G 258 45.30 -4.40 -40.42
N ALA G 259 45.74 -4.87 -41.59
CA ALA G 259 45.00 -5.89 -42.34
C ALA G 259 45.61 -7.20 -41.86
N LEU G 260 44.83 -7.98 -41.13
CA LEU G 260 45.30 -9.23 -40.53
C LEU G 260 45.14 -10.52 -41.32
N ARG G 261 46.15 -11.38 -41.21
CA ARG G 261 46.12 -12.68 -41.86
C ARG G 261 46.25 -13.67 -40.69
N ARG G 262 45.31 -14.62 -40.61
CA ARG G 262 45.32 -15.60 -39.52
C ARG G 262 46.18 -16.83 -39.79
N GLY G 263 46.75 -17.38 -38.72
CA GLY G 263 47.58 -18.57 -38.84
C GLY G 263 47.28 -19.49 -37.67
N PHE G 264 48.05 -20.54 -37.52
CA PHE G 264 47.85 -21.49 -36.42
C PHE G 264 49.18 -21.76 -35.73
N GLY G 265 49.10 -22.15 -34.47
CA GLY G 265 50.29 -22.48 -33.72
C GLY G 265 51.06 -21.33 -33.08
N SER G 266 50.61 -20.10 -33.30
CA SER G 266 51.32 -18.98 -32.69
C SER G 266 50.84 -18.71 -31.27
N GLY G 267 51.46 -17.71 -30.64
CA GLY G 267 51.11 -17.37 -29.29
C GLY G 267 52.11 -16.37 -28.75
N ILE G 268 51.85 -15.84 -27.56
CA ILE G 268 52.73 -14.87 -26.95
C ILE G 268 53.42 -15.50 -25.76
N ILE G 269 54.75 -15.38 -25.70
CA ILE G 269 55.48 -15.91 -24.56
C ILE G 269 56.35 -14.81 -23.95
N THR G 270 56.76 -15.02 -22.72
CA THR G 270 57.62 -14.08 -22.02
C THR G 270 58.96 -14.77 -21.84
N SER G 271 60.02 -14.10 -22.23
CA SER G 271 61.33 -14.72 -22.14
C SER G 271 62.46 -13.73 -21.99
N ASN G 272 63.51 -14.14 -21.29
CA ASN G 272 64.67 -13.27 -21.15
C ASN G 272 65.82 -13.90 -21.93
N ALA G 273 65.51 -14.90 -22.76
CA ALA G 273 66.52 -15.56 -23.59
C ALA G 273 66.71 -14.74 -24.86
N SER G 274 67.83 -14.93 -25.55
CA SER G 274 68.10 -14.17 -26.76
C SER G 274 67.81 -14.92 -28.04
N MET G 275 67.49 -14.15 -29.08
CA MET G 275 67.22 -14.69 -30.41
C MET G 275 68.57 -15.02 -31.05
N HIS G 276 68.64 -16.17 -31.70
CA HIS G 276 69.87 -16.61 -32.37
C HIS G 276 69.46 -17.19 -33.71
N GLU G 277 70.41 -17.27 -34.64
CA GLU G 277 70.12 -17.83 -35.95
C GLU G 277 70.11 -19.33 -35.81
N CYS G 278 68.98 -19.86 -35.34
CA CYS G 278 68.80 -21.28 -35.15
C CYS G 278 67.37 -21.64 -35.54
N ASN G 279 67.12 -22.92 -35.80
CA ASN G 279 65.80 -23.37 -36.19
C ASN G 279 65.30 -24.48 -35.28
N THR G 280 63.99 -24.54 -35.06
CA THR G 280 63.41 -25.55 -34.18
C THR G 280 61.97 -25.83 -34.51
N LYS G 281 61.45 -26.94 -34.01
CA LYS G 281 60.06 -27.27 -34.20
C LYS G 281 59.39 -27.10 -32.85
N CYS G 282 60.21 -26.90 -31.82
CA CYS G 282 59.71 -26.74 -30.47
C CYS G 282 60.46 -25.67 -29.67
N GLN G 283 59.74 -24.62 -29.29
CA GLN G 283 60.34 -23.53 -28.53
C GLN G 283 59.69 -23.28 -27.16
N THR G 284 60.52 -23.02 -26.15
CA THR G 284 60.02 -22.70 -24.82
C THR G 284 60.69 -21.40 -24.38
N PRO G 285 60.12 -20.70 -23.38
CA PRO G 285 60.70 -19.45 -22.89
C PRO G 285 62.16 -19.56 -22.48
N LEU G 286 62.57 -20.77 -22.12
CA LEU G 286 63.95 -21.02 -21.68
C LEU G 286 64.89 -21.42 -22.83
N GLY G 287 64.34 -22.03 -23.87
CA GLY G 287 65.16 -22.46 -24.98
C GLY G 287 64.40 -23.37 -25.92
N ALA G 288 64.98 -23.65 -27.08
CA ALA G 288 64.33 -24.53 -28.04
C ALA G 288 64.68 -25.97 -27.67
N ILE G 289 63.79 -26.87 -28.05
CA ILE G 289 63.95 -28.29 -27.77
C ILE G 289 63.96 -29.11 -29.05
N ASN G 290 64.88 -30.06 -29.15
CA ASN G 290 64.92 -30.95 -30.30
C ASN G 290 64.93 -32.35 -29.72
N SER G 291 63.79 -33.01 -29.73
CA SER G 291 63.69 -34.33 -29.13
C SER G 291 62.47 -35.12 -29.60
N SER G 292 62.56 -36.44 -29.43
CA SER G 292 61.47 -37.32 -29.82
C SER G 292 60.88 -37.99 -28.58
N LEU G 293 61.42 -37.65 -27.41
CA LEU G 293 60.91 -38.23 -26.16
C LEU G 293 59.49 -37.72 -25.96
N PRO G 294 58.65 -38.53 -25.29
CA PRO G 294 57.25 -38.16 -25.02
C PRO G 294 57.03 -37.07 -23.96
N TYR G 295 57.94 -36.95 -23.01
CA TYR G 295 57.79 -35.93 -21.97
C TYR G 295 58.99 -35.01 -21.85
N GLN G 296 58.79 -33.90 -21.13
CA GLN G 296 59.83 -32.92 -20.88
C GLN G 296 59.51 -32.19 -19.57
N ASN G 297 60.54 -31.82 -18.82
CA ASN G 297 60.35 -31.10 -17.57
C ASN G 297 61.02 -29.74 -17.63
N ILE G 298 61.13 -29.19 -18.83
CA ILE G 298 61.79 -27.90 -19.05
C ILE G 298 60.89 -26.71 -18.76
N HIS G 299 59.74 -26.64 -19.42
CA HIS G 299 58.83 -25.53 -19.17
C HIS G 299 57.43 -25.87 -19.68
N PRO G 300 56.39 -25.39 -19.00
CA PRO G 300 55.01 -25.67 -19.41
C PRO G 300 54.55 -24.86 -20.63
N VAL G 301 55.20 -23.74 -20.89
CA VAL G 301 54.85 -22.92 -22.04
C VAL G 301 55.58 -23.47 -23.26
N THR G 302 54.79 -23.78 -24.28
CA THR G 302 55.29 -24.40 -25.49
C THR G 302 54.79 -23.80 -26.79
N ILE G 303 55.68 -23.68 -27.77
CA ILE G 303 55.30 -23.19 -29.09
C ILE G 303 55.76 -24.25 -30.08
N GLY G 304 54.85 -24.71 -30.94
CA GLY G 304 55.20 -25.72 -31.93
C GLY G 304 54.68 -27.12 -31.66
N GLU G 305 55.58 -28.10 -31.81
CA GLU G 305 55.27 -29.50 -31.57
C GLU G 305 56.31 -29.95 -30.56
N CYS G 306 55.86 -30.19 -29.34
CA CYS G 306 56.76 -30.52 -28.25
C CYS G 306 56.35 -31.73 -27.40
N PRO G 307 57.26 -32.17 -26.51
CA PRO G 307 56.96 -33.31 -25.63
C PRO G 307 55.99 -32.74 -24.58
N LYS G 308 55.26 -33.61 -23.89
CA LYS G 308 54.31 -33.16 -22.88
C LYS G 308 55.03 -32.71 -21.60
N TYR G 309 54.65 -31.56 -21.07
CA TYR G 309 55.29 -31.09 -19.85
C TYR G 309 54.80 -31.84 -18.61
N VAL G 310 55.74 -32.22 -17.75
CA VAL G 310 55.44 -32.94 -16.53
C VAL G 310 56.40 -32.45 -15.45
N ARG G 311 56.02 -32.55 -14.18
CA ARG G 311 56.89 -32.09 -13.10
C ARG G 311 57.94 -33.12 -12.69
N SER G 312 57.96 -34.26 -13.36
CA SER G 312 58.90 -35.31 -13.03
C SER G 312 60.37 -34.93 -13.15
N ALA G 313 61.18 -35.51 -12.27
CA ALA G 313 62.62 -35.26 -12.26
C ALA G 313 63.29 -36.41 -13.00
N LYS G 314 62.57 -37.52 -13.14
CA LYS G 314 63.10 -38.69 -13.83
C LYS G 314 62.05 -39.67 -14.34
N LEU G 315 62.17 -40.05 -15.60
CA LEU G 315 61.28 -41.01 -16.23
C LEU G 315 62.14 -41.92 -17.08
N ARG G 316 62.59 -43.04 -16.49
CA ARG G 316 63.43 -43.99 -17.21
C ARG G 316 62.78 -45.36 -17.21
N MET G 317 62.62 -45.89 -18.40
CA MET G 317 62.00 -47.18 -18.61
C MET G 317 63.07 -48.25 -18.79
N VAL G 318 63.06 -49.26 -17.94
CA VAL G 318 64.05 -50.33 -18.06
C VAL G 318 63.73 -51.15 -19.30
N THR G 319 64.77 -51.61 -19.97
CA THR G 319 64.62 -52.41 -21.19
C THR G 319 65.32 -53.76 -20.99
N GLY G 320 66.57 -53.70 -20.53
CA GLY G 320 67.32 -54.90 -20.30
C GLY G 320 66.81 -55.52 -19.01
N LEU G 321 67.66 -56.22 -18.28
CA LEU G 321 67.24 -56.84 -17.05
C LEU G 321 68.06 -56.38 -15.86
N ARG G 322 67.72 -56.90 -14.70
CA ARG G 322 68.42 -56.58 -13.47
C ARG G 322 69.89 -56.90 -13.72
N ASN G 323 70.76 -55.90 -13.55
CA ASN G 323 72.19 -56.09 -13.78
C ASN G 323 72.92 -56.62 -12.54
N ILE G 324 73.54 -57.79 -12.68
CA ILE G 324 74.26 -58.41 -11.59
C ILE G 324 75.60 -58.96 -12.07
N PRO G 325 76.64 -58.11 -12.11
CA PRO G 325 77.97 -58.53 -12.57
C PRO G 325 78.44 -59.75 -11.79
N ALA G 326 77.90 -59.92 -10.58
CA ALA G 326 78.23 -61.04 -9.72
C ALA G 326 79.73 -61.12 -9.47
N ARG G 327 80.29 -60.10 -8.82
CA ARG G 327 81.72 -60.07 -8.52
C ARG G 327 81.99 -60.47 -7.08
N GLY H 1 62.65 -62.28 -7.66
CA GLY H 1 61.94 -62.23 -8.93
C GLY H 1 60.70 -63.09 -8.91
N LEU H 2 59.67 -62.65 -9.61
CA LEU H 2 58.40 -63.35 -9.67
C LEU H 2 58.51 -64.83 -10.10
N PHE H 3 59.47 -65.12 -10.97
CA PHE H 3 59.62 -66.49 -11.45
C PHE H 3 60.83 -67.26 -10.91
N GLY H 4 61.44 -66.73 -9.86
CA GLY H 4 62.57 -67.38 -9.21
C GLY H 4 63.88 -67.65 -9.94
N ALA H 5 63.97 -67.29 -11.22
CA ALA H 5 65.20 -67.53 -11.97
C ALA H 5 66.25 -66.45 -11.75
N ILE H 6 66.08 -65.30 -12.40
CA ILE H 6 67.04 -64.20 -12.28
C ILE H 6 67.23 -63.78 -10.83
N ALA H 7 68.47 -63.78 -10.37
CA ALA H 7 68.79 -63.45 -8.99
C ALA H 7 68.13 -64.49 -8.08
N GLY H 8 67.82 -65.64 -8.66
CA GLY H 8 67.20 -66.73 -7.93
C GLY H 8 68.08 -67.96 -7.91
N PHE H 9 67.58 -69.07 -8.46
CA PHE H 9 68.39 -70.28 -8.49
C PHE H 9 69.55 -70.12 -9.46
N ILE H 10 69.58 -68.96 -10.10
CA ILE H 10 70.65 -68.58 -11.02
C ILE H 10 71.09 -67.23 -10.48
N GLU H 11 71.84 -67.29 -9.38
CA GLU H 11 72.37 -66.14 -8.65
C GLU H 11 72.81 -64.88 -9.40
N GLY H 12 73.56 -65.04 -10.49
CA GLY H 12 74.01 -63.85 -11.20
C GLY H 12 74.03 -63.88 -12.72
N GLY H 13 74.54 -62.80 -13.30
CA GLY H 13 74.60 -62.69 -14.76
C GLY H 13 75.99 -62.91 -15.31
N TRP H 14 76.07 -63.03 -16.63
CA TRP H 14 77.35 -63.26 -17.30
C TRP H 14 77.82 -62.04 -18.08
N THR H 15 78.80 -61.32 -17.55
CA THR H 15 79.33 -60.15 -18.25
C THR H 15 80.04 -60.65 -19.51
N GLY H 16 80.37 -61.94 -19.53
CA GLY H 16 81.05 -62.55 -20.66
C GLY H 16 80.16 -62.82 -21.85
N MET H 17 78.86 -62.97 -21.62
CA MET H 17 77.92 -63.21 -22.72
C MET H 17 77.42 -61.89 -23.26
N ILE H 18 77.95 -61.47 -24.39
CA ILE H 18 77.56 -60.20 -24.99
C ILE H 18 76.78 -60.35 -26.29
N ASP H 19 76.18 -61.51 -26.50
CA ASP H 19 75.40 -61.76 -27.71
C ASP H 19 73.90 -61.54 -27.55
N GLY H 20 73.40 -61.65 -26.32
CA GLY H 20 71.98 -61.46 -26.09
C GLY H 20 71.67 -61.34 -24.61
N TRP H 21 70.39 -61.41 -24.27
CA TRP H 21 69.98 -61.30 -22.87
C TRP H 21 70.01 -62.64 -22.16
N TYR H 22 69.70 -63.70 -22.89
CA TYR H 22 69.67 -65.04 -22.33
C TYR H 22 70.49 -65.98 -23.21
N GLY H 23 71.23 -66.89 -22.59
CA GLY H 23 72.03 -67.81 -23.37
C GLY H 23 72.53 -69.03 -22.64
N TYR H 24 73.57 -69.64 -23.19
CA TYR H 24 74.15 -70.83 -22.60
C TYR H 24 75.65 -70.64 -22.40
N HIS H 25 76.20 -71.29 -21.39
CA HIS H 25 77.64 -71.21 -21.14
C HIS H 25 78.32 -72.38 -21.83
N HIS H 26 78.28 -73.54 -21.17
CA HIS H 26 78.87 -74.77 -21.70
C HIS H 26 80.39 -74.78 -21.68
N GLN H 27 80.94 -75.90 -21.23
CA GLN H 27 82.39 -76.09 -21.15
C GLN H 27 82.73 -77.54 -21.47
N ASN H 28 83.03 -77.81 -22.73
CA ASN H 28 83.37 -79.16 -23.17
C ASN H 28 84.88 -79.30 -23.25
N GLU H 29 85.35 -80.53 -23.42
CA GLU H 29 86.78 -80.80 -23.52
C GLU H 29 87.38 -80.12 -24.75
N GLN H 30 86.53 -79.55 -25.60
CA GLN H 30 87.00 -78.85 -26.79
C GLN H 30 87.18 -77.39 -26.44
N GLY H 31 86.71 -77.03 -25.25
CA GLY H 31 86.82 -75.66 -24.78
C GLY H 31 85.49 -75.10 -24.30
N SER H 32 85.54 -74.03 -23.54
CA SER H 32 84.35 -73.37 -22.99
C SER H 32 83.86 -72.27 -23.93
N GLY H 33 83.09 -71.33 -23.36
CA GLY H 33 82.59 -70.23 -24.15
C GLY H 33 81.16 -69.84 -23.80
N TYR H 34 80.65 -68.81 -24.47
CA TYR H 34 79.29 -68.35 -24.25
C TYR H 34 78.56 -68.25 -25.59
N ALA H 35 77.25 -68.42 -25.55
CA ALA H 35 76.43 -68.34 -26.75
C ALA H 35 75.01 -67.96 -26.36
N ALA H 36 74.57 -66.79 -26.82
CA ALA H 36 73.23 -66.31 -26.51
C ALA H 36 72.19 -66.97 -27.40
N ASP H 37 71.02 -67.25 -26.82
CA ASP H 37 69.92 -67.88 -27.55
C ASP H 37 69.15 -66.79 -28.31
N GLN H 38 69.37 -66.73 -29.62
CA GLN H 38 68.69 -65.73 -30.45
C GLN H 38 67.18 -65.81 -30.40
N LYS H 39 66.66 -67.03 -30.25
CA LYS H 39 65.22 -67.23 -30.19
C LYS H 39 64.61 -66.41 -29.05
N SER H 40 65.00 -66.73 -27.83
CA SER H 40 64.52 -66.05 -26.63
C SER H 40 64.80 -64.57 -26.63
N THR H 41 66.06 -64.22 -26.84
CA THR H 41 66.49 -62.83 -26.86
C THR H 41 65.75 -61.97 -27.87
N GLN H 42 65.63 -62.46 -29.09
CA GLN H 42 64.96 -61.70 -30.14
C GLN H 42 63.49 -61.46 -29.85
N ASN H 43 62.83 -62.45 -29.26
CA ASN H 43 61.42 -62.31 -28.94
C ASN H 43 61.28 -61.33 -27.78
N ALA H 44 62.25 -61.33 -26.88
CA ALA H 44 62.24 -60.42 -25.75
C ALA H 44 62.41 -59.01 -26.29
N ILE H 45 63.27 -58.87 -27.29
CA ILE H 45 63.53 -57.58 -27.91
C ILE H 45 62.28 -57.02 -28.59
N ASN H 46 61.56 -57.88 -29.31
CA ASN H 46 60.35 -57.43 -30.00
C ASN H 46 59.29 -56.95 -29.00
N GLY H 47 59.05 -57.75 -27.97
CA GLY H 47 58.06 -57.39 -26.97
C GLY H 47 58.34 -56.08 -26.26
N ILE H 48 59.56 -55.93 -25.76
CA ILE H 48 59.96 -54.72 -25.04
C ILE H 48 60.03 -53.49 -25.95
N THR H 49 60.39 -53.71 -27.21
CA THR H 49 60.46 -52.61 -28.16
C THR H 49 59.03 -52.12 -28.40
N ASN H 50 58.10 -53.05 -28.47
CA ASN H 50 56.71 -52.70 -28.69
C ASN H 50 56.17 -51.99 -27.46
N LYS H 51 56.54 -52.45 -26.27
CA LYS H 51 56.09 -51.83 -25.03
C LYS H 51 56.51 -50.36 -24.99
N VAL H 52 57.80 -50.12 -25.20
CA VAL H 52 58.31 -48.76 -25.18
C VAL H 52 57.65 -47.89 -26.25
N ASN H 53 57.46 -48.45 -27.44
CA ASN H 53 56.83 -47.69 -28.51
C ASN H 53 55.37 -47.42 -28.23
N SER H 54 54.71 -48.30 -27.47
CA SER H 54 53.31 -48.11 -27.13
C SER H 54 53.24 -46.93 -26.16
N VAL H 55 54.12 -46.93 -25.18
CA VAL H 55 54.17 -45.88 -24.19
C VAL H 55 54.39 -44.52 -24.86
N ILE H 56 55.30 -44.47 -25.81
CA ILE H 56 55.60 -43.24 -26.51
C ILE H 56 54.45 -42.79 -27.39
N GLU H 57 53.89 -43.73 -28.14
CA GLU H 57 52.78 -43.43 -29.04
C GLU H 57 51.56 -42.88 -28.32
N LYS H 58 51.22 -43.45 -27.18
CA LYS H 58 50.05 -43.01 -26.43
C LYS H 58 50.16 -41.55 -26.01
N MET H 59 51.39 -41.06 -25.86
CA MET H 59 51.64 -39.68 -25.48
C MET H 59 51.87 -38.80 -26.70
N ASN H 60 50.88 -38.66 -27.55
CA ASN H 60 51.01 -37.82 -28.74
C ASN H 60 51.60 -36.47 -28.32
N ILE H 61 52.19 -35.76 -29.28
CA ILE H 61 52.83 -34.48 -29.01
C ILE H 61 51.97 -33.34 -28.47
N GLN H 62 52.59 -32.48 -27.66
CA GLN H 62 51.91 -31.34 -27.09
C GLN H 62 52.06 -30.17 -28.06
N PHE H 63 50.94 -29.63 -28.52
CA PHE H 63 51.00 -28.50 -29.42
C PHE H 63 51.08 -27.20 -28.63
N THR H 64 51.10 -26.08 -29.34
CA THR H 64 51.22 -24.78 -28.68
C THR H 64 50.29 -24.56 -27.49
N ALA H 65 50.91 -24.33 -26.35
CA ALA H 65 50.19 -24.07 -25.10
C ALA H 65 50.93 -22.93 -24.40
N VAL H 66 50.25 -21.80 -24.22
CA VAL H 66 50.86 -20.66 -23.57
C VAL H 66 49.95 -20.04 -22.51
N GLY H 67 50.52 -19.15 -21.71
CA GLY H 67 49.74 -18.49 -20.67
C GLY H 67 48.78 -17.48 -21.26
N LYS H 68 47.94 -16.90 -20.39
CA LYS H 68 46.97 -15.91 -20.81
C LYS H 68 47.00 -14.77 -19.80
N GLU H 69 46.61 -13.57 -20.23
CA GLU H 69 46.56 -12.42 -19.33
C GLU H 69 45.12 -12.17 -18.91
N PHE H 70 44.95 -11.60 -17.73
CA PHE H 70 43.63 -11.30 -17.18
C PHE H 70 43.73 -9.93 -16.53
N ASN H 71 42.72 -9.08 -16.70
CA ASN H 71 42.82 -7.78 -16.06
C ASN H 71 42.50 -7.91 -14.58
N LYS H 72 42.69 -6.82 -13.84
CA LYS H 72 42.48 -6.81 -12.39
C LYS H 72 41.09 -7.24 -11.93
N LEU H 73 40.10 -7.18 -12.82
CA LEU H 73 38.75 -7.58 -12.44
C LEU H 73 38.35 -8.95 -12.97
N GLU H 74 39.34 -9.77 -13.29
CA GLU H 74 39.09 -11.11 -13.78
C GLU H 74 39.91 -12.11 -12.99
N LYS H 75 39.98 -11.90 -11.68
CA LYS H 75 40.73 -12.77 -10.79
C LYS H 75 40.14 -14.18 -10.72
N ARG H 76 38.81 -14.28 -10.72
CA ARG H 76 38.16 -15.58 -10.66
C ARG H 76 38.51 -16.39 -11.92
N MET H 77 38.46 -15.71 -13.07
CA MET H 77 38.78 -16.36 -14.34
C MET H 77 40.26 -16.78 -14.37
N GLU H 78 41.12 -15.92 -13.85
CA GLU H 78 42.55 -16.21 -13.80
C GLU H 78 42.80 -17.41 -12.90
N ASN H 79 42.04 -17.52 -11.82
CA ASN H 79 42.20 -18.65 -10.89
C ASN H 79 41.64 -19.92 -11.48
N LEU H 80 40.60 -19.79 -12.31
CA LEU H 80 39.97 -20.94 -12.95
C LEU H 80 40.98 -21.52 -13.93
N ASN H 81 41.54 -20.64 -14.76
CA ASN H 81 42.53 -21.04 -15.76
C ASN H 81 43.68 -21.75 -15.05
N ASN H 82 44.04 -21.23 -13.88
CA ASN H 82 45.11 -21.81 -13.09
C ASN H 82 44.72 -23.18 -12.51
N LYS H 83 43.48 -23.32 -12.08
CA LYS H 83 43.05 -24.59 -11.54
C LYS H 83 43.11 -25.64 -12.65
N VAL H 84 42.75 -25.21 -13.86
CA VAL H 84 42.77 -26.09 -15.03
C VAL H 84 44.17 -26.55 -15.38
N ASP H 85 45.11 -25.60 -15.51
CA ASP H 85 46.48 -25.94 -15.86
C ASP H 85 47.15 -26.81 -14.79
N ASP H 86 46.94 -26.49 -13.51
CA ASP H 86 47.55 -27.28 -12.44
C ASP H 86 46.93 -28.67 -12.38
N GLY H 87 45.61 -28.73 -12.60
CA GLY H 87 44.91 -29.99 -12.56
C GLY H 87 45.37 -30.96 -13.63
N PHE H 88 45.49 -30.49 -14.87
CA PHE H 88 45.95 -31.35 -15.95
C PHE H 88 47.39 -31.76 -15.71
N LEU H 89 48.21 -30.83 -15.22
CA LEU H 89 49.60 -31.14 -14.96
C LEU H 89 49.76 -32.19 -13.86
N ASP H 90 48.89 -32.13 -12.84
CA ASP H 90 48.93 -33.12 -11.77
C ASP H 90 48.65 -34.52 -12.32
N ILE H 91 47.62 -34.61 -13.15
CA ILE H 91 47.19 -35.87 -13.73
C ILE H 91 48.25 -36.48 -14.63
N TRP H 92 48.76 -35.70 -15.59
CA TRP H 92 49.79 -36.22 -16.49
C TRP H 92 51.08 -36.62 -15.77
N THR H 93 51.46 -35.85 -14.76
CA THR H 93 52.66 -36.16 -13.99
C THR H 93 52.44 -37.48 -13.27
N TYR H 94 51.24 -37.66 -12.76
CA TYR H 94 50.84 -38.87 -12.05
C TYR H 94 50.87 -40.06 -13.00
N ASN H 95 50.17 -39.94 -14.12
CA ASN H 95 50.09 -41.00 -15.12
C ASN H 95 51.45 -41.47 -15.60
N ALA H 96 52.29 -40.53 -16.05
CA ALA H 96 53.62 -40.87 -16.53
C ALA H 96 54.46 -41.62 -15.49
N GLU H 97 54.51 -41.09 -14.27
CA GLU H 97 55.31 -41.73 -13.23
C GLU H 97 54.79 -43.11 -12.82
N LEU H 98 53.48 -43.26 -12.68
CA LEU H 98 52.92 -44.55 -12.31
C LEU H 98 53.13 -45.56 -13.44
N LEU H 99 52.83 -45.14 -14.67
CA LEU H 99 52.97 -46.04 -15.81
C LEU H 99 54.38 -46.63 -15.88
N VAL H 100 55.39 -45.78 -15.73
CA VAL H 100 56.78 -46.23 -15.77
C VAL H 100 57.17 -47.14 -14.61
N LEU H 101 56.73 -46.82 -13.40
CA LEU H 101 57.05 -47.65 -12.24
C LEU H 101 56.41 -49.04 -12.40
N LEU H 102 55.16 -49.04 -12.85
CA LEU H 102 54.40 -50.26 -13.04
C LEU H 102 54.91 -51.11 -14.19
N GLU H 103 55.27 -50.48 -15.30
CA GLU H 103 55.76 -51.24 -16.44
C GLU H 103 57.19 -51.71 -16.26
N ASN H 104 57.96 -51.00 -15.45
CA ASN H 104 59.33 -51.39 -15.18
C ASN H 104 59.31 -52.70 -14.40
N GLU H 105 58.36 -52.80 -13.48
CA GLU H 105 58.22 -54.01 -12.67
C GLU H 105 57.89 -55.17 -13.59
N ARG H 106 56.95 -54.94 -14.49
CA ARG H 106 56.52 -55.93 -15.46
C ARG H 106 57.65 -56.39 -16.36
N THR H 107 58.48 -55.45 -16.80
CA THR H 107 59.59 -55.77 -17.67
C THR H 107 60.58 -56.68 -16.97
N LEU H 108 60.87 -56.39 -15.70
CA LEU H 108 61.81 -57.21 -14.96
C LEU H 108 61.24 -58.62 -14.77
N ASP H 109 59.95 -58.72 -14.50
CA ASP H 109 59.33 -60.04 -14.34
C ASP H 109 59.37 -60.76 -15.69
N PHE H 110 59.18 -60.01 -16.77
CA PHE H 110 59.18 -60.58 -18.11
C PHE H 110 60.48 -61.35 -18.33
N HIS H 111 61.61 -60.70 -18.11
CA HIS H 111 62.90 -61.36 -18.29
C HIS H 111 63.01 -62.57 -17.39
N ASP H 112 62.70 -62.40 -16.11
CA ASP H 112 62.76 -63.49 -15.14
C ASP H 112 62.03 -64.68 -15.75
N SER H 113 60.86 -64.41 -16.31
CA SER H 113 60.04 -65.44 -16.93
C SER H 113 60.73 -66.06 -18.15
N ASN H 114 61.47 -65.27 -18.90
CA ASN H 114 62.14 -65.79 -20.09
C ASN H 114 63.31 -66.71 -19.74
N VAL H 115 64.06 -66.36 -18.70
CA VAL H 115 65.18 -67.18 -18.28
C VAL H 115 64.60 -68.48 -17.73
N LYS H 116 63.50 -68.36 -17.00
CA LYS H 116 62.82 -69.50 -16.41
C LYS H 116 62.37 -70.52 -17.46
N ASN H 117 61.62 -70.07 -18.47
CA ASN H 117 61.12 -70.96 -19.51
C ASN H 117 62.23 -71.52 -20.41
N LEU H 118 63.36 -70.82 -20.47
CA LEU H 118 64.47 -71.28 -21.28
C LEU H 118 65.11 -72.45 -20.55
N TYR H 119 65.30 -72.27 -19.25
CA TYR H 119 65.88 -73.31 -18.42
C TYR H 119 65.04 -74.57 -18.54
N GLU H 120 63.74 -74.43 -18.26
CA GLU H 120 62.81 -75.55 -18.32
C GLU H 120 62.79 -76.24 -19.69
N LYS H 121 62.87 -75.46 -20.76
CA LYS H 121 62.84 -76.03 -22.09
C LYS H 121 64.04 -76.96 -22.32
N VAL H 122 65.18 -76.59 -21.76
CA VAL H 122 66.38 -77.40 -21.89
C VAL H 122 66.27 -78.62 -20.99
N LYS H 123 65.79 -78.41 -19.78
CA LYS H 123 65.62 -79.49 -18.81
C LYS H 123 64.71 -80.59 -19.34
N SER H 124 63.71 -80.22 -20.14
CA SER H 124 62.80 -81.22 -20.68
C SER H 124 63.42 -81.98 -21.85
N GLN H 125 64.55 -81.50 -22.36
CA GLN H 125 65.22 -82.16 -23.46
C GLN H 125 66.24 -83.16 -22.95
N LEU H 126 67.09 -82.71 -22.03
CA LEU H 126 68.11 -83.58 -21.46
C LEU H 126 67.46 -84.71 -20.68
N LYS H 127 66.49 -84.36 -19.85
CA LYS H 127 65.77 -85.35 -19.05
C LYS H 127 66.67 -86.16 -18.12
N ASN H 128 67.27 -87.21 -18.66
CA ASN H 128 68.13 -88.08 -17.87
C ASN H 128 69.59 -88.09 -18.28
N ASN H 129 69.90 -87.55 -19.46
CA ASN H 129 71.27 -87.53 -19.93
C ASN H 129 72.15 -86.55 -19.18
N ALA H 130 71.62 -86.00 -18.08
CA ALA H 130 72.37 -85.05 -17.27
C ALA H 130 71.63 -84.83 -15.96
N LYS H 131 72.27 -84.12 -15.04
CA LYS H 131 71.67 -83.84 -13.75
C LYS H 131 71.75 -82.35 -13.42
N GLU H 132 70.81 -81.88 -12.59
CA GLU H 132 70.79 -80.47 -12.20
C GLU H 132 71.73 -80.23 -11.02
N ILE H 133 72.77 -79.42 -11.23
CA ILE H 133 73.71 -79.15 -10.15
C ILE H 133 73.44 -77.79 -9.52
N GLY H 134 74.25 -76.80 -9.88
CA GLY H 134 74.07 -75.47 -9.32
C GLY H 134 73.80 -74.37 -10.32
N ASN H 135 73.28 -73.25 -9.81
CA ASN H 135 72.97 -72.08 -10.62
C ASN H 135 72.49 -72.38 -12.03
N GLY H 136 71.52 -73.27 -12.13
CA GLY H 136 70.95 -73.62 -13.41
C GLY H 136 71.91 -74.25 -14.40
N CYS H 137 72.76 -75.15 -13.92
CA CYS H 137 73.71 -75.82 -14.79
C CYS H 137 73.36 -77.30 -14.84
N PHE H 138 73.59 -77.93 -16.00
CA PHE H 138 73.32 -79.36 -16.18
C PHE H 138 74.65 -80.07 -16.47
N GLU H 139 74.94 -81.13 -15.74
CA GLU H 139 76.16 -81.90 -15.93
C GLU H 139 75.83 -83.17 -16.69
N PHE H 140 76.29 -83.26 -17.94
CA PHE H 140 76.01 -84.41 -18.78
C PHE H 140 76.55 -85.72 -18.22
N TYR H 141 75.90 -86.81 -18.64
CA TYR H 141 76.27 -88.15 -18.22
C TYR H 141 77.03 -88.80 -19.38
N HIS H 142 76.49 -88.65 -20.58
CA HIS H 142 77.11 -89.24 -21.76
C HIS H 142 78.23 -88.41 -22.35
N LYS H 143 78.46 -87.21 -21.81
CA LYS H 143 79.52 -86.34 -22.29
C LYS H 143 79.34 -86.06 -23.79
N CYS H 144 79.07 -84.80 -24.13
CA CYS H 144 78.86 -84.43 -25.52
C CYS H 144 79.81 -83.33 -25.98
N ASP H 145 80.20 -83.40 -27.25
CA ASP H 145 81.12 -82.43 -27.83
C ASP H 145 80.48 -81.07 -28.07
N ASN H 146 81.26 -80.15 -28.60
CA ASN H 146 80.78 -78.80 -28.91
C ASN H 146 79.70 -78.86 -29.99
N GLU H 147 79.72 -79.94 -30.77
CA GLU H 147 78.75 -80.09 -31.85
C GLU H 147 77.40 -80.53 -31.26
N CYS H 148 77.46 -81.35 -30.21
CA CYS H 148 76.26 -81.84 -29.56
C CYS H 148 75.64 -80.76 -28.68
N MET H 149 76.48 -79.85 -28.19
CA MET H 149 76.01 -78.75 -27.36
C MET H 149 75.05 -77.90 -28.18
N GLU H 150 75.45 -77.63 -29.42
CA GLU H 150 74.65 -76.81 -30.33
C GLU H 150 73.28 -77.41 -30.57
N SER H 151 73.16 -78.73 -30.44
CA SER H 151 71.89 -79.41 -30.66
C SER H 151 70.92 -78.97 -29.56
N VAL H 152 71.47 -78.82 -28.36
CA VAL H 152 70.68 -78.38 -27.21
C VAL H 152 70.25 -76.94 -27.46
N ARG H 153 71.19 -76.13 -27.91
CA ARG H 153 70.92 -74.72 -28.19
C ARG H 153 69.79 -74.54 -29.19
N ASN H 154 69.86 -75.25 -30.32
CA ASN H 154 68.82 -75.13 -31.33
C ASN H 154 67.58 -75.97 -31.02
N GLY H 155 67.56 -76.55 -29.83
CA GLY H 155 66.41 -77.35 -29.41
C GLY H 155 66.14 -78.66 -30.14
N THR H 156 67.19 -79.45 -30.38
CA THR H 156 67.05 -80.73 -31.04
C THR H 156 67.49 -81.83 -30.08
N TYR H 157 68.79 -81.95 -29.88
CA TYR H 157 69.34 -82.93 -28.97
C TYR H 157 68.85 -84.35 -29.25
N ASP H 158 67.72 -84.72 -28.63
CA ASP H 158 67.12 -86.04 -28.80
C ASP H 158 67.94 -87.20 -28.24
N TYR H 159 67.47 -87.74 -27.12
CA TYR H 159 68.09 -88.88 -26.42
C TYR H 159 67.61 -88.97 -24.98
N PRO H 160 66.31 -88.71 -24.72
CA PRO H 160 65.72 -88.76 -23.37
C PRO H 160 66.25 -89.88 -22.47
N ASP I 5 59.77 -88.29 10.10
CA ASP I 5 60.24 -86.87 10.17
C ASP I 5 59.81 -86.11 8.92
N THR I 6 59.04 -85.05 9.12
CA THR I 6 58.54 -84.25 8.01
C THR I 6 58.71 -82.75 8.22
N ILE I 7 58.84 -82.03 7.11
CA ILE I 7 58.96 -80.58 7.14
C ILE I 7 58.08 -80.07 6.02
N CYS I 8 57.20 -79.12 6.35
CA CYS I 8 56.29 -78.56 5.36
C CYS I 8 56.55 -77.08 5.12
N ILE I 9 56.15 -76.61 3.94
CA ILE I 9 56.27 -75.20 3.59
C ILE I 9 54.85 -74.67 3.56
N GLY I 10 54.60 -73.59 4.29
CA GLY I 10 53.27 -73.02 4.33
C GLY I 10 53.26 -71.51 4.48
N TYR I 11 52.05 -70.95 4.59
CA TYR I 11 51.90 -69.51 4.73
C TYR I 11 50.97 -69.13 5.87
N HIS I 12 51.16 -67.91 6.36
CA HIS I 12 50.39 -67.34 7.45
C HIS I 12 48.88 -67.29 7.22
N ALA I 13 48.14 -67.31 8.31
CA ALA I 13 46.69 -67.22 8.32
C ALA I 13 46.33 -66.70 9.70
N ASN I 14 45.19 -66.03 9.82
CA ASN I 14 44.77 -65.48 11.11
C ASN I 14 43.27 -65.27 11.20
N ASN I 15 42.84 -64.49 12.19
CA ASN I 15 41.41 -64.25 12.38
C ASN I 15 40.95 -62.97 11.69
N SER I 16 41.87 -62.29 11.01
CA SER I 16 41.52 -61.06 10.30
C SER I 16 40.29 -61.29 9.45
N THR I 17 39.45 -60.27 9.36
CA THR I 17 38.22 -60.35 8.59
C THR I 17 38.20 -59.31 7.46
N ASP I 18 39.30 -58.56 7.34
CA ASP I 18 39.44 -57.51 6.31
C ASP I 18 39.21 -58.06 4.91
N THR I 19 38.54 -57.28 4.07
CA THR I 19 38.30 -57.69 2.70
C THR I 19 38.73 -56.59 1.72
N VAL I 20 39.09 -57.01 0.51
CA VAL I 20 39.51 -56.08 -0.53
C VAL I 20 39.00 -56.60 -1.87
N ASP I 21 38.91 -55.70 -2.84
CA ASP I 21 38.46 -56.07 -4.18
C ASP I 21 39.71 -56.16 -5.05
N THR I 22 39.64 -56.96 -6.09
CA THR I 22 40.73 -57.12 -7.05
C THR I 22 40.04 -57.04 -8.39
N VAL I 23 40.78 -57.17 -9.49
CA VAL I 23 40.16 -57.10 -10.79
C VAL I 23 39.43 -58.41 -11.13
N LEU I 24 39.94 -59.54 -10.63
CA LEU I 24 39.32 -60.83 -10.91
C LEU I 24 38.29 -61.27 -9.86
N GLU I 25 38.47 -60.84 -8.62
CA GLU I 25 37.56 -61.24 -7.57
C GLU I 25 37.25 -60.13 -6.58
N LYS I 26 35.99 -60.08 -6.14
CA LYS I 26 35.56 -59.07 -5.18
C LYS I 26 35.49 -59.65 -3.77
N ASN I 27 35.46 -58.76 -2.79
CA ASN I 27 35.39 -59.13 -1.37
C ASN I 27 36.25 -60.34 -1.00
N VAL I 28 37.55 -60.17 -1.15
CA VAL I 28 38.52 -61.19 -0.83
C VAL I 28 39.02 -60.96 0.59
N THR I 29 38.91 -61.97 1.44
CA THR I 29 39.35 -61.83 2.82
C THR I 29 40.86 -62.00 2.90
N VAL I 30 41.53 -61.02 3.48
CA VAL I 30 42.99 -61.04 3.60
C VAL I 30 43.47 -60.90 5.04
N THR I 31 44.69 -61.39 5.28
CA THR I 31 45.31 -61.37 6.60
C THR I 31 45.71 -59.98 7.10
N HIS I 32 46.14 -59.12 6.18
CA HIS I 32 46.54 -57.77 6.54
C HIS I 32 46.27 -56.81 5.39
N SER I 33 45.68 -55.67 5.71
CA SER I 33 45.39 -54.64 4.70
C SER I 33 45.51 -53.27 5.33
N VAL I 34 45.49 -52.23 4.50
CA VAL I 34 45.59 -50.86 4.99
C VAL I 34 44.59 -49.97 4.26
N ASN I 35 43.85 -49.18 5.03
CA ASN I 35 42.88 -48.28 4.44
C ASN I 35 43.59 -47.03 3.95
N LEU I 36 43.19 -46.53 2.79
CA LEU I 36 43.80 -45.35 2.23
C LEU I 36 42.79 -44.22 2.10
N LEU I 37 41.55 -44.49 2.52
CA LEU I 37 40.48 -43.52 2.40
C LEU I 37 40.01 -42.98 3.75
N GLU I 38 40.24 -41.69 3.98
CA GLU I 38 39.84 -41.06 5.23
C GLU I 38 38.36 -40.70 5.21
N ASP I 39 37.61 -41.21 6.18
CA ASP I 39 36.19 -40.94 6.26
C ASP I 39 35.80 -40.34 7.62
N SER I 40 36.81 -40.01 8.41
CA SER I 40 36.57 -39.45 9.75
C SER I 40 36.98 -37.99 9.88
N HIS I 41 36.13 -37.23 10.57
CA HIS I 41 36.40 -35.82 10.81
C HIS I 41 35.82 -35.44 12.17
N ASN I 42 36.24 -34.29 12.68
CA ASN I 42 35.77 -33.79 13.97
C ASN I 42 34.27 -33.86 14.04
N GLY I 43 32.09 -32.84 12.85
CA GLY I 43 31.66 -31.48 13.14
C GLY I 43 32.84 -30.65 13.56
N LYS I 44 32.58 -29.51 14.15
CA LYS I 44 33.65 -28.63 14.62
C LYS I 44 34.52 -27.91 13.58
N LEU I 45 34.50 -26.59 13.67
CA LEU I 45 35.33 -25.75 12.83
C LEU I 45 36.51 -25.50 13.76
N CYS I 46 37.73 -25.63 13.25
CA CYS I 46 38.89 -25.44 14.09
C CYS I 46 39.80 -24.32 13.63
N ARG I 47 40.85 -24.10 14.41
CA ARG I 47 41.85 -23.11 14.09
C ARG I 47 42.78 -23.79 13.11
N LEU I 48 43.34 -23.03 12.20
CA LEU I 48 44.26 -23.58 11.22
C LEU I 48 45.65 -23.15 11.67
N LYS I 49 46.40 -24.10 12.20
CA LYS I 49 47.74 -23.82 12.69
C LYS I 49 47.72 -22.68 13.71
N GLY I 50 46.79 -22.78 14.66
CA GLY I 50 46.69 -21.79 15.71
C GLY I 50 45.91 -20.53 15.39
N ILE I 51 45.63 -20.28 14.11
CA ILE I 51 44.88 -19.09 13.72
C ILE I 51 43.39 -19.37 13.55
N ALA I 52 42.56 -18.58 14.22
CA ALA I 52 41.12 -18.75 14.14
C ALA I 52 40.50 -18.20 12.85
N PRO I 53 39.36 -18.76 12.45
CA PRO I 53 38.65 -18.35 11.24
C PRO I 53 37.84 -17.11 11.53
N LEU I 54 37.35 -16.47 10.47
CA LEU I 54 36.51 -15.31 10.60
C LEU I 54 35.11 -15.85 10.36
N GLN I 55 34.26 -15.83 11.39
CA GLN I 55 32.90 -16.34 11.26
C GLN I 55 31.94 -15.18 11.03
N LEU I 56 31.42 -15.09 9.81
CA LEU I 56 30.50 -14.01 9.48
C LEU I 56 29.12 -14.27 10.07
N GLY I 57 28.88 -15.50 10.51
CA GLY I 57 27.59 -15.84 11.09
C GLY I 57 26.41 -15.50 10.22
N LYS I 58 25.56 -14.60 10.70
CA LYS I 58 24.37 -14.17 9.97
C LYS I 58 24.65 -13.14 8.89
N CYS I 59 25.92 -12.81 8.70
CA CYS I 59 26.33 -11.82 7.71
C CYS I 59 27.11 -12.46 6.56
N ASN I 60 27.13 -11.80 5.40
CA ASN I 60 27.90 -12.29 4.28
C ASN I 60 29.02 -11.29 4.07
N ILE I 61 29.89 -11.54 3.09
CA ILE I 61 31.01 -10.65 2.81
C ILE I 61 30.57 -9.19 2.63
N ALA I 62 29.49 -8.99 1.90
CA ALA I 62 28.98 -7.65 1.64
C ALA I 62 28.63 -6.90 2.93
N GLY I 63 27.85 -7.55 3.80
CA GLY I 63 27.45 -6.93 5.05
C GLY I 63 28.64 -6.59 5.94
N TRP I 64 29.67 -7.41 5.86
CA TRP I 64 30.87 -7.23 6.66
C TRP I 64 31.73 -6.04 6.20
N LEU I 65 32.06 -6.00 4.91
CA LEU I 65 32.88 -4.92 4.39
C LEU I 65 32.19 -3.56 4.36
N LEU I 66 30.88 -3.55 4.15
CA LEU I 66 30.13 -2.29 4.09
C LEU I 66 29.83 -1.75 5.49
N GLY I 67 29.75 -2.66 6.46
CA GLY I 67 29.47 -2.23 7.81
C GLY I 67 28.01 -2.30 8.17
N ASN I 68 27.33 -3.32 7.65
CA ASN I 68 25.91 -3.53 7.96
C ASN I 68 25.81 -3.54 9.49
N PRO I 69 24.92 -2.72 10.07
CA PRO I 69 24.77 -2.67 11.52
C PRO I 69 24.62 -4.05 12.18
N GLU I 70 23.99 -4.98 11.47
CA GLU I 70 23.79 -6.33 11.98
C GLU I 70 25.09 -7.13 12.04
N CYS I 71 26.21 -6.49 11.71
CA CYS I 71 27.49 -7.19 11.71
C CYS I 71 28.55 -6.50 12.57
N ASP I 72 28.12 -5.64 13.49
CA ASP I 72 29.05 -4.93 14.37
C ASP I 72 30.06 -5.81 15.09
N PRO I 73 29.64 -6.98 15.59
CA PRO I 73 30.59 -7.85 16.29
C PRO I 73 31.85 -8.16 15.46
N LEU I 74 31.72 -8.06 14.15
CA LEU I 74 32.84 -8.33 13.24
C LEU I 74 33.83 -7.17 13.11
N LEU I 75 33.35 -5.96 13.36
CA LEU I 75 34.17 -4.75 13.23
C LEU I 75 35.61 -4.81 13.72
N PRO I 76 35.85 -5.41 14.91
CA PRO I 76 37.20 -5.51 15.46
C PRO I 76 38.14 -6.61 14.94
N VAL I 77 37.59 -7.65 14.30
CA VAL I 77 38.44 -8.73 13.81
C VAL I 77 39.46 -8.25 12.78
N ARG I 78 40.75 -8.50 13.04
CA ARG I 78 41.82 -8.06 12.13
C ARG I 78 42.53 -9.14 11.33
N SER I 79 42.51 -10.39 11.80
CA SER I 79 43.17 -11.48 11.09
C SER I 79 42.39 -12.78 11.23
N TRP I 80 42.57 -13.67 10.27
CA TRP I 80 41.88 -14.96 10.25
C TRP I 80 42.64 -15.93 9.36
N SER I 81 42.33 -17.22 9.48
CA SER I 81 42.99 -18.25 8.69
C SER I 81 42.12 -18.61 7.48
N TYR I 82 40.81 -18.44 7.66
CA TYR I 82 39.85 -18.67 6.59
C TYR I 82 38.55 -18.00 6.99
N ILE I 83 37.65 -17.85 6.02
CA ILE I 83 36.38 -17.18 6.22
C ILE I 83 35.22 -18.16 6.15
N VAL I 84 34.29 -18.04 7.08
CA VAL I 84 33.14 -18.92 7.11
C VAL I 84 31.80 -18.23 6.98
N GLU I 85 31.03 -18.67 6.00
CA GLU I 85 29.69 -18.14 5.79
C GLU I 85 28.78 -19.30 6.18
N THR I 86 27.61 -18.98 6.69
CA THR I 86 26.67 -20.02 7.10
C THR I 86 25.45 -19.96 6.20
N PRO I 87 24.58 -20.97 6.28
CA PRO I 87 23.38 -20.98 5.44
C PRO I 87 22.46 -19.80 5.78
N ASN I 88 22.61 -19.25 6.99
CA ASN I 88 21.78 -18.14 7.43
C ASN I 88 22.38 -16.74 7.26
N SER I 89 23.58 -16.65 6.71
CA SER I 89 24.22 -15.35 6.52
C SER I 89 23.51 -14.60 5.38
N GLU I 90 22.43 -13.92 5.75
CA GLU I 90 21.60 -13.16 4.82
C GLU I 90 21.81 -11.66 4.91
N ASN I 91 22.47 -11.19 5.97
CA ASN I 91 22.70 -9.76 6.13
C ASN I 91 23.86 -9.23 5.30
N GLY I 92 23.53 -8.80 4.08
CA GLY I 92 24.53 -8.23 3.19
C GLY I 92 24.23 -6.75 3.11
N ILE I 93 23.94 -6.25 1.92
CA ILE I 93 23.60 -4.85 1.76
C ILE I 93 22.21 -4.70 2.39
N CYS I 94 21.98 -3.66 3.16
CA CYS I 94 20.67 -3.48 3.76
C CYS I 94 19.81 -2.49 2.98
N TYR I 95 20.45 -1.59 2.22
CA TYR I 95 19.69 -0.67 1.39
C TYR I 95 19.73 -1.34 0.01
N PRO I 96 18.55 -1.59 -0.60
CA PRO I 96 18.50 -2.25 -1.91
C PRO I 96 19.37 -1.65 -3.01
N GLY I 97 19.94 -2.53 -3.83
CA GLY I 97 20.80 -2.07 -4.90
C GLY I 97 21.67 -3.18 -5.46
N ASP I 98 22.60 -2.78 -6.31
CA ASP I 98 23.52 -3.72 -6.94
C ASP I 98 24.93 -3.51 -6.38
N PHE I 99 25.58 -4.61 -6.01
CA PHE I 99 26.94 -4.52 -5.50
C PHE I 99 27.81 -4.89 -6.70
N ILE I 100 28.35 -3.89 -7.39
CA ILE I 100 29.16 -4.11 -8.57
C ILE I 100 30.46 -4.88 -8.33
N ASP I 101 30.65 -5.92 -9.15
CA ASP I 101 31.81 -6.81 -9.08
C ASP I 101 31.98 -7.45 -7.72
N TYR I 102 30.85 -7.80 -7.11
CA TYR I 102 30.82 -8.42 -5.80
C TYR I 102 31.62 -9.71 -5.76
N GLU I 103 31.34 -10.61 -6.71
CA GLU I 103 32.07 -11.89 -6.76
C GLU I 103 33.58 -11.71 -6.84
N GLU I 104 34.04 -10.72 -7.61
CA GLU I 104 35.48 -10.44 -7.70
C GLU I 104 36.01 -9.95 -6.34
N LEU I 105 35.22 -9.13 -5.64
CA LEU I 105 35.67 -8.64 -4.34
C LEU I 105 35.82 -9.84 -3.39
N ARG I 106 34.87 -10.78 -3.47
CA ARG I 106 34.94 -11.98 -2.64
C ARG I 106 36.22 -12.74 -2.95
N GLU I 107 36.59 -12.80 -4.23
CA GLU I 107 37.80 -13.51 -4.61
C GLU I 107 39.02 -12.75 -4.07
N GLN I 108 38.96 -11.42 -4.07
CA GLN I 108 40.08 -10.62 -3.55
C GLN I 108 40.30 -10.89 -2.05
N LEU I 109 39.22 -10.91 -1.28
CA LEU I 109 39.30 -11.15 0.16
C LEU I 109 39.78 -12.57 0.47
N SER I 110 39.67 -13.47 -0.50
CA SER I 110 40.09 -14.86 -0.30
C SER I 110 41.60 -15.03 -0.10
N SER I 111 42.39 -14.04 -0.53
CA SER I 111 43.83 -14.12 -0.35
C SER I 111 44.33 -13.09 0.67
N VAL I 112 43.40 -12.53 1.44
CA VAL I 112 43.74 -11.56 2.46
C VAL I 112 43.87 -12.29 3.80
N SER I 113 45.03 -12.15 4.43
CA SER I 113 45.27 -12.81 5.72
C SER I 113 44.91 -11.90 6.87
N SER I 114 44.90 -10.59 6.62
CA SER I 114 44.55 -9.62 7.65
C SER I 114 44.51 -8.22 7.08
N PHE I 115 43.88 -7.31 7.82
CA PHE I 115 43.81 -5.92 7.40
C PHE I 115 43.58 -4.98 8.59
N GLU I 116 43.72 -3.68 8.35
CA GLU I 116 43.48 -2.71 9.39
C GLU I 116 42.36 -1.79 8.90
N ARG I 117 41.27 -1.79 9.64
CA ARG I 117 40.12 -0.94 9.31
C ARG I 117 40.48 0.42 9.87
N PHE I 118 40.54 1.43 9.01
CA PHE I 118 40.89 2.77 9.45
C PHE I 118 40.00 3.83 8.80
N GLU I 119 39.94 5.00 9.44
CA GLU I 119 39.13 6.10 8.93
C GLU I 119 39.87 6.75 7.78
N ILE I 120 39.33 6.62 6.58
CA ILE I 120 39.95 7.22 5.42
C ILE I 120 39.43 8.65 5.30
N PHE I 121 38.19 8.86 5.74
CA PHE I 121 37.57 10.20 5.73
C PHE I 121 36.76 10.35 7.02
N PRO I 122 37.42 10.86 8.08
CA PRO I 122 36.76 11.07 9.39
C PRO I 122 35.45 11.84 9.26
N LYS I 123 34.39 11.29 9.85
CA LYS I 123 33.07 11.90 9.80
C LYS I 123 33.11 13.40 10.06
N GLU I 124 33.75 13.78 11.16
CA GLU I 124 33.86 15.19 11.51
C GLU I 124 35.20 15.73 11.07
N SER I 125 35.17 16.62 10.08
CA SER I 125 36.34 17.26 9.50
C SER I 125 36.42 17.06 8.00
N SER I 126 35.96 15.90 7.53
CA SER I 126 36.00 15.59 6.10
C SER I 126 34.95 16.31 5.28
N TRP I 127 33.75 16.48 5.83
CA TRP I 127 32.68 17.12 5.08
C TRP I 127 32.10 18.33 5.80
N PRO I 128 32.87 19.43 5.88
CA PRO I 128 32.48 20.69 6.53
C PRO I 128 31.19 21.32 6.00
N ASN I 129 30.93 21.16 4.72
CA ASN I 129 29.75 21.77 4.11
C ASN I 129 28.60 20.84 3.75
N HIS I 130 28.52 19.68 4.38
CA HIS I 130 27.45 18.74 4.08
C HIS I 130 26.96 18.05 5.34
N ASN I 131 25.71 17.60 5.34
CA ASN I 131 25.19 16.85 6.47
C ASN I 131 25.64 15.40 6.27
N THR I 132 25.88 14.71 7.38
CA THR I 132 26.34 13.34 7.34
C THR I 132 25.51 12.44 8.25
N ASN I 133 24.36 12.95 8.68
CA ASN I 133 23.49 12.21 9.59
C ASN I 133 22.43 11.33 8.93
N GLY I 134 22.45 11.27 7.61
CA GLY I 134 21.47 10.45 6.90
C GLY I 134 21.44 8.99 7.34
N VAL I 135 20.24 8.48 7.60
CA VAL I 135 20.06 7.10 8.03
C VAL I 135 18.86 6.52 7.28
N THR I 136 18.58 5.24 7.49
CA THR I 136 17.46 4.62 6.80
C THR I 136 16.90 3.47 7.63
N ALA I 137 15.61 3.20 7.46
CA ALA I 137 14.98 2.10 8.19
C ALA I 137 15.38 0.77 7.56
N ALA I 138 15.96 0.81 6.37
CA ALA I 138 16.39 -0.41 5.69
C ALA I 138 17.64 -0.97 6.38
N CYS I 139 18.36 -0.11 7.08
CA CYS I 139 19.56 -0.50 7.81
C CYS I 139 19.36 -0.09 9.26
N SER I 140 18.26 -0.54 9.86
CA SER I 140 17.98 -0.17 11.24
C SER I 140 18.75 -1.01 12.25
N HIS I 141 18.99 -0.41 13.41
CA HIS I 141 19.72 -1.07 14.47
C HIS I 141 19.10 -0.68 15.81
N GLU I 142 18.77 -1.68 16.62
CA GLU I 142 18.14 -1.46 17.91
C GLU I 142 16.78 -0.82 17.69
N GLY I 143 16.09 -1.25 16.64
CA GLY I 143 14.78 -0.71 16.35
C GLY I 143 14.77 0.70 15.76
N LYS I 144 15.94 1.30 15.59
CA LYS I 144 16.03 2.65 15.05
C LYS I 144 16.75 2.71 13.70
N SER I 145 16.33 3.64 12.85
CA SER I 145 16.96 3.80 11.55
C SER I 145 18.43 4.11 11.76
N SER I 146 19.28 3.41 11.03
CA SER I 146 20.72 3.61 11.14
C SER I 146 21.35 3.55 9.74
N PHE I 147 22.65 3.25 9.68
CA PHE I 147 23.35 3.17 8.41
C PHE I 147 24.63 2.37 8.54
N TYR I 148 25.22 2.04 7.41
CA TYR I 148 26.47 1.28 7.34
C TYR I 148 27.53 1.95 8.21
N ARG I 149 28.37 1.14 8.85
CA ARG I 149 29.41 1.67 9.71
C ARG I 149 30.64 2.19 8.96
N ASN I 150 30.83 1.76 7.72
CA ASN I 150 32.01 2.19 6.99
C ASN I 150 31.74 3.23 5.92
N LEU I 151 30.49 3.62 5.79
CA LEU I 151 30.08 4.60 4.80
C LEU I 151 29.25 5.70 5.44
N LEU I 152 29.25 6.87 4.79
CA LEU I 152 28.49 8.03 5.25
C LEU I 152 27.52 8.53 4.18
N TRP I 153 26.29 8.78 4.58
CA TRP I 153 25.30 9.29 3.65
C TRP I 153 25.38 10.81 3.68
N LEU I 154 25.88 11.41 2.62
CA LEU I 154 25.98 12.87 2.56
C LEU I 154 24.72 13.45 1.94
N THR I 155 24.27 14.57 2.48
CA THR I 155 23.09 15.24 1.96
C THR I 155 23.25 16.75 2.05
N GLU I 156 22.25 17.45 1.53
CA GLU I 156 22.22 18.91 1.53
C GLU I 156 22.34 19.50 2.94
N LYS I 157 23.03 20.62 3.04
CA LYS I 157 23.19 21.32 4.30
C LYS I 157 22.73 22.76 4.11
N GLU I 158 21.65 23.13 4.80
CA GLU I 158 21.09 24.47 4.72
C GLU I 158 20.63 24.80 3.30
N GLY I 159 19.88 23.87 2.71
CA GLY I 159 19.38 24.06 1.37
C GLY I 159 20.43 24.06 0.28
N SER I 160 21.64 23.60 0.60
CA SER I 160 22.71 23.58 -0.37
C SER I 160 23.63 22.36 -0.30
N TYR I 161 23.97 21.81 -1.47
CA TYR I 161 24.88 20.68 -1.59
C TYR I 161 26.01 21.14 -2.49
N PRO I 162 27.03 21.79 -1.92
CA PRO I 162 28.18 22.30 -2.68
C PRO I 162 28.93 21.17 -3.38
N LYS I 163 29.62 21.51 -4.45
CA LYS I 163 30.39 20.51 -5.17
C LYS I 163 31.54 20.18 -4.23
N LEU I 164 31.70 18.90 -3.93
CA LEU I 164 32.76 18.47 -3.03
C LEU I 164 33.90 17.78 -3.73
N LYS I 165 35.09 17.90 -3.13
CA LYS I 165 36.28 17.25 -3.64
C LYS I 165 37.20 16.90 -2.48
N ASN I 166 37.30 15.61 -2.19
CA ASN I 166 38.15 15.13 -1.10
C ASN I 166 39.13 14.12 -1.65
N SER I 167 40.33 14.10 -1.08
CA SER I 167 41.38 13.20 -1.52
C SER I 167 41.97 12.43 -0.37
N TYR I 168 42.64 11.32 -0.70
CA TYR I 168 43.31 10.49 0.28
C TYR I 168 44.54 9.86 -0.36
N VAL I 169 45.70 10.14 0.22
CA VAL I 169 46.95 9.58 -0.29
C VAL I 169 47.26 8.35 0.53
N ASN I 170 47.45 7.22 -0.15
CA ASN I 170 47.73 5.98 0.56
C ASN I 170 49.17 5.89 1.04
N LYS I 171 49.36 6.08 2.34
CA LYS I 171 50.68 6.01 2.95
C LYS I 171 50.79 4.77 3.84
N LYS I 172 49.86 3.84 3.68
CA LYS I 172 49.83 2.61 4.46
C LYS I 172 50.88 1.58 4.07
N GLY I 173 51.50 1.74 2.90
CA GLY I 173 52.49 0.78 2.47
C GLY I 173 51.86 -0.56 2.08
N LYS I 174 50.55 -0.52 1.83
CA LYS I 174 49.78 -1.70 1.44
C LYS I 174 48.60 -1.26 0.61
N GLU I 175 48.03 -2.19 -0.15
CA GLU I 175 46.85 -1.88 -0.96
C GLU I 175 45.76 -1.48 0.01
N VAL I 176 44.94 -0.52 -0.38
CA VAL I 176 43.84 -0.12 0.48
C VAL I 176 42.52 -0.33 -0.27
N LEU I 177 41.64 -1.12 0.32
CA LEU I 177 40.34 -1.38 -0.26
C LEU I 177 39.41 -0.23 0.13
N VAL I 178 38.87 0.45 -0.87
CA VAL I 178 37.96 1.56 -0.62
C VAL I 178 36.61 1.19 -1.19
N LEU I 179 35.56 1.44 -0.41
CA LEU I 179 34.19 1.15 -0.82
C LEU I 179 33.37 2.42 -0.73
N TRP I 180 32.35 2.52 -1.57
CA TRP I 180 31.48 3.68 -1.57
C TRP I 180 30.20 3.32 -2.27
N GLY I 181 29.22 4.20 -2.20
CA GLY I 181 27.95 3.92 -2.84
C GLY I 181 27.48 5.11 -3.64
N ILE I 182 26.46 4.88 -4.45
CA ILE I 182 25.85 5.93 -5.25
C ILE I 182 24.36 5.73 -5.04
N HIS I 183 23.70 6.75 -4.48
CA HIS I 183 22.27 6.66 -4.22
C HIS I 183 21.44 7.11 -5.42
N HIS I 184 20.34 6.41 -5.67
CA HIS I 184 19.46 6.71 -6.79
C HIS I 184 18.00 6.91 -6.33
N PRO I 185 17.57 8.17 -6.13
CA PRO I 185 16.19 8.43 -5.70
C PRO I 185 15.18 7.91 -6.72
N PRO I 186 13.94 7.66 -6.28
CA PRO I 186 12.89 7.16 -7.17
C PRO I 186 12.15 8.28 -7.92
N ASN I 187 12.36 9.52 -7.51
CA ASN I 187 11.73 10.66 -8.17
C ASN I 187 12.55 11.93 -8.03
N SER I 188 12.28 12.87 -8.94
CA SER I 188 12.97 14.15 -8.99
C SER I 188 12.84 14.97 -7.70
N LYS I 189 11.67 14.90 -7.07
CA LYS I 189 11.41 15.63 -5.83
C LYS I 189 12.42 15.24 -4.76
N GLU I 190 12.58 13.94 -4.55
CA GLU I 190 13.53 13.44 -3.56
C GLU I 190 14.97 13.80 -3.90
N GLN I 191 15.32 13.76 -5.18
CA GLN I 191 16.68 14.12 -5.59
C GLN I 191 16.95 15.56 -5.17
N GLN I 192 15.91 16.38 -5.14
CA GLN I 192 16.04 17.78 -4.77
C GLN I 192 16.18 18.03 -3.28
N ASN I 193 15.29 17.47 -2.47
CA ASN I 193 15.40 17.71 -1.04
C ASN I 193 16.62 17.06 -0.39
N LEU I 194 17.22 16.09 -1.08
CA LEU I 194 18.39 15.43 -0.54
C LEU I 194 19.70 16.02 -1.05
N TYR I 195 19.74 16.38 -2.34
CA TYR I 195 20.97 16.91 -2.92
C TYR I 195 20.88 18.25 -3.64
N GLN I 196 19.67 18.80 -3.75
CA GLN I 196 19.44 20.08 -4.42
C GLN I 196 19.73 20.12 -5.92
N ASN I 197 20.88 19.60 -6.35
CA ASN I 197 21.21 19.61 -7.77
C ASN I 197 20.45 18.51 -8.53
N GLU I 198 19.45 18.93 -9.29
CA GLU I 198 18.61 18.02 -10.08
C GLU I 198 19.40 17.06 -10.99
N ASN I 199 20.53 17.54 -11.50
CA ASN I 199 21.38 16.72 -12.38
C ASN I 199 22.80 16.66 -11.83
N ALA I 200 23.01 15.72 -10.90
CA ALA I 200 24.31 15.56 -10.26
C ALA I 200 25.16 14.45 -10.85
N TYR I 201 26.36 14.32 -10.32
CA TYR I 201 27.28 13.29 -10.77
C TYR I 201 28.31 13.01 -9.69
N VAL I 202 28.90 11.82 -9.76
CA VAL I 202 29.94 11.43 -8.83
C VAL I 202 31.12 10.96 -9.66
N SER I 203 32.33 11.34 -9.26
CA SER I 203 33.53 10.94 -9.96
C SER I 203 34.55 10.37 -8.98
N VAL I 204 35.13 9.24 -9.33
CA VAL I 204 36.14 8.61 -8.50
C VAL I 204 37.30 8.23 -9.39
N VAL I 205 38.49 8.71 -9.03
CA VAL I 205 39.67 8.43 -9.83
C VAL I 205 40.92 8.21 -9.00
N THR I 206 41.83 7.38 -9.52
CA THR I 206 43.12 7.09 -8.91
C THR I 206 44.06 7.07 -10.11
N SER I 207 45.26 6.52 -9.95
CA SER I 207 46.19 6.46 -11.07
C SER I 207 45.79 5.38 -12.06
N ASN I 208 45.03 4.39 -11.60
CA ASN I 208 44.61 3.30 -12.47
C ASN I 208 43.11 3.03 -12.49
N TYR I 209 42.34 3.86 -11.80
CA TYR I 209 40.89 3.70 -11.76
C TYR I 209 40.29 5.04 -12.19
N ASN I 210 39.16 4.98 -12.90
CA ASN I 210 38.54 6.19 -13.40
C ASN I 210 37.08 5.95 -13.78
N ARG I 211 36.17 6.40 -12.93
CA ARG I 211 34.77 6.19 -13.20
C ARG I 211 33.86 7.35 -12.80
N ARG I 212 32.80 7.52 -13.56
CA ARG I 212 31.83 8.58 -13.34
C ARG I 212 30.46 7.96 -13.14
N PHE I 213 29.68 8.50 -12.23
CA PHE I 213 28.35 7.96 -11.93
C PHE I 213 27.27 9.03 -12.02
N THR I 214 26.19 8.68 -12.69
CA THR I 214 25.06 9.58 -12.86
C THR I 214 23.84 8.96 -12.19
N PRO I 215 23.05 9.78 -11.48
CA PRO I 215 21.86 9.24 -10.83
C PRO I 215 20.88 8.88 -11.93
N GLU I 216 20.16 7.78 -11.75
CA GLU I 216 19.16 7.37 -12.73
C GLU I 216 17.87 7.32 -11.93
N ILE I 217 17.08 8.38 -12.07
CA ILE I 217 15.84 8.52 -11.32
C ILE I 217 14.64 7.84 -11.98
N ALA I 218 13.98 6.98 -11.22
CA ALA I 218 12.82 6.26 -11.71
C ALA I 218 12.08 5.53 -10.59
N GLU I 219 10.77 5.38 -10.74
CA GLU I 219 9.97 4.68 -9.74
C GLU I 219 10.30 3.20 -9.84
N ARG I 220 10.55 2.57 -8.69
CA ARG I 220 10.91 1.16 -8.68
C ARG I 220 10.13 0.41 -7.62
N PRO I 221 9.99 -0.92 -7.78
CA PRO I 221 9.26 -1.70 -6.77
C PRO I 221 9.99 -1.57 -5.44
N LYS I 222 9.26 -1.62 -4.33
CA LYS I 222 9.91 -1.48 -3.03
C LYS I 222 10.62 -2.76 -2.61
N VAL I 223 11.82 -2.58 -2.08
CA VAL I 223 12.63 -3.68 -1.59
C VAL I 223 13.07 -3.20 -0.22
N ARG I 224 12.66 -3.93 0.82
CA ARG I 224 12.98 -3.53 2.18
C ARG I 224 12.34 -2.17 2.40
N ASP I 225 11.16 -2.02 1.82
CA ASP I 225 10.38 -0.79 1.90
C ASP I 225 10.99 0.43 1.24
N GLN I 226 11.98 0.22 0.38
CA GLN I 226 12.60 1.34 -0.29
C GLN I 226 12.44 1.24 -1.80
N ALA I 227 11.92 2.30 -2.41
CA ALA I 227 11.73 2.34 -3.85
C ALA I 227 13.06 2.85 -4.42
N GLY I 228 13.89 3.42 -3.56
CA GLY I 228 15.16 3.94 -3.99
C GLY I 228 16.18 2.82 -4.12
N ARG I 229 17.36 3.14 -4.63
CA ARG I 229 18.41 2.14 -4.80
C ARG I 229 19.78 2.72 -4.49
N MET I 230 20.69 1.85 -4.09
CA MET I 230 22.05 2.25 -3.78
C MET I 230 22.98 1.23 -4.44
N ASN I 231 23.83 1.68 -5.36
CA ASN I 231 24.78 0.78 -5.99
C ASN I 231 26.10 0.96 -5.26
N TYR I 232 26.76 -0.15 -4.96
CA TYR I 232 28.01 -0.12 -4.23
C TYR I 232 29.19 -0.46 -5.13
N TYR I 233 30.29 0.26 -4.94
CA TYR I 233 31.49 0.06 -5.74
C TYR I 233 32.73 -0.01 -4.86
N TRP I 234 33.80 -0.55 -5.43
CA TRP I 234 35.04 -0.65 -4.69
C TRP I 234 36.20 -0.63 -5.65
N THR I 235 37.39 -0.37 -5.11
CA THR I 235 38.60 -0.39 -5.91
C THR I 235 39.75 -0.57 -4.96
N LEU I 236 40.92 -0.92 -5.48
CA LEU I 236 42.10 -1.12 -4.66
C LEU I 236 43.05 0.03 -4.94
N LEU I 237 43.38 0.78 -3.90
CA LEU I 237 44.29 1.90 -4.04
C LEU I 237 45.71 1.42 -3.77
N LYS I 238 46.55 1.49 -4.79
CA LYS I 238 47.93 1.04 -4.66
C LYS I 238 48.69 1.91 -3.66
N PRO I 239 49.75 1.35 -3.06
CA PRO I 239 50.57 2.08 -2.08
C PRO I 239 51.12 3.36 -2.71
N GLY I 240 50.99 4.47 -2.00
CA GLY I 240 51.50 5.73 -2.52
C GLY I 240 50.57 6.47 -3.47
N ASP I 241 49.58 5.76 -4.01
CA ASP I 241 48.66 6.40 -4.94
C ASP I 241 47.61 7.20 -4.18
N THR I 242 46.90 8.05 -4.91
CA THR I 242 45.87 8.91 -4.35
C THR I 242 44.51 8.64 -4.99
N ILE I 243 43.47 8.65 -4.17
CA ILE I 243 42.12 8.45 -4.67
C ILE I 243 41.42 9.78 -4.47
N ILE I 244 40.70 10.24 -5.49
CA ILE I 244 40.00 11.50 -5.40
C ILE I 244 38.52 11.34 -5.65
N PHE I 245 37.72 11.84 -4.71
CA PHE I 245 36.26 11.79 -4.85
C PHE I 245 35.80 13.22 -5.13
N GLU I 246 34.91 13.35 -6.12
CA GLU I 246 34.37 14.65 -6.49
C GLU I 246 32.88 14.43 -6.75
N ALA I 247 32.04 15.33 -6.27
CA ALA I 247 30.61 15.16 -6.48
C ALA I 247 29.76 16.35 -6.09
N ASN I 248 28.54 16.39 -6.61
CA ASN I 248 27.62 17.45 -6.28
C ASN I 248 26.28 16.81 -5.92
N GLY I 249 26.36 15.60 -5.38
CA GLY I 249 25.18 14.87 -4.95
C GLY I 249 25.28 13.36 -5.08
N ASN I 250 24.32 12.66 -4.48
CA ASN I 250 24.23 11.19 -4.59
C ASN I 250 25.38 10.31 -4.10
N LEU I 251 26.42 10.90 -3.53
CA LEU I 251 27.54 10.09 -3.05
C LEU I 251 27.35 9.50 -1.66
N ILE I 252 27.57 8.20 -1.53
CA ILE I 252 27.50 7.54 -0.23
C ILE I 252 29.01 7.37 -0.02
N ALA I 253 29.59 8.32 0.71
CA ALA I 253 31.02 8.37 0.93
C ALA I 253 31.69 7.33 1.82
N PRO I 254 32.97 7.07 1.54
CA PRO I 254 33.75 6.10 2.31
C PRO I 254 34.11 6.77 3.63
N MET I 255 33.96 6.05 4.74
CA MET I 255 34.33 6.63 6.02
C MET I 255 35.51 5.80 6.50
N TYR I 256 35.37 4.48 6.45
CA TYR I 256 36.47 3.58 6.82
C TYR I 256 36.90 2.77 5.60
N ALA I 257 38.20 2.45 5.54
CA ALA I 257 38.74 1.65 4.44
C ALA I 257 39.63 0.57 5.07
N PHE I 258 40.17 -0.34 4.24
CA PHE I 258 40.99 -1.41 4.78
C PHE I 258 42.36 -1.52 4.10
N ALA I 259 43.41 -1.55 4.92
CA ALA I 259 44.77 -1.72 4.41
C ALA I 259 44.96 -3.23 4.47
N LEU I 260 45.03 -3.86 3.30
CA LEU I 260 45.15 -5.31 3.19
C LEU I 260 46.54 -5.90 3.20
N ARG I 261 46.65 -7.05 3.85
CA ARG I 261 47.89 -7.79 3.90
C ARG I 261 47.50 -9.10 3.24
N ARG I 262 48.29 -9.57 2.27
CA ARG I 262 47.99 -10.80 1.55
C ARG I 262 48.61 -12.06 2.18
N GLY I 263 47.96 -13.19 1.93
CA GLY I 263 48.43 -14.46 2.43
C GLY I 263 48.13 -15.61 1.48
N PHE I 264 48.51 -16.81 1.87
CA PHE I 264 48.27 -18.00 1.05
C PHE I 264 47.51 -19.05 1.84
N GLY I 265 46.73 -19.87 1.13
CA GLY I 265 45.98 -20.93 1.78
C GLY I 265 44.62 -20.62 2.34
N SER I 266 44.19 -19.36 2.26
CA SER I 266 42.89 -19.00 2.79
C SER I 266 41.80 -19.19 1.74
N GLY I 267 40.55 -19.00 2.15
CA GLY I 267 39.43 -19.15 1.24
C GLY I 267 38.13 -18.96 1.97
N ILE I 268 37.03 -18.90 1.23
CA ILE I 268 35.71 -18.73 1.83
C ILE I 268 34.93 -20.04 1.73
N ILE I 269 34.42 -20.52 2.87
CA ILE I 269 33.62 -21.75 2.87
C ILE I 269 32.28 -21.51 3.54
N THR I 270 31.32 -22.37 3.23
CA THR I 270 30.00 -22.27 3.81
C THR I 270 29.85 -23.47 4.70
N SER I 271 29.62 -23.22 5.98
CA SER I 271 29.50 -24.31 6.92
C SER I 271 28.41 -24.07 7.96
N ASN I 272 27.89 -25.18 8.47
CA ASN I 272 26.86 -25.14 9.49
C ASN I 272 27.45 -25.64 10.82
N ALA I 273 28.74 -25.98 10.80
CA ALA I 273 29.43 -26.48 12.00
C ALA I 273 29.80 -25.34 12.95
N SER I 274 30.08 -25.69 14.20
CA SER I 274 30.44 -24.71 15.23
C SER I 274 31.93 -24.62 15.45
N MET I 275 32.39 -23.41 15.77
CA MET I 275 33.80 -23.16 16.05
C MET I 275 34.06 -23.70 17.46
N HIS I 276 35.19 -24.39 17.64
CA HIS I 276 35.57 -24.93 18.93
C HIS I 276 37.05 -24.63 19.10
N GLU I 277 37.55 -24.73 20.33
CA GLU I 277 38.96 -24.47 20.57
C GLU I 277 39.78 -25.71 20.23
N CYS I 278 39.90 -25.97 18.94
CA CYS I 278 40.66 -27.10 18.42
C CYS I 278 41.61 -26.58 17.36
N ASN I 279 42.65 -27.34 17.08
CA ASN I 279 43.63 -26.95 16.09
C ASN I 279 43.76 -28.04 15.05
N THR I 280 43.80 -27.66 13.77
CA THR I 280 43.92 -28.63 12.70
C THR I 280 44.78 -28.12 11.55
N LYS I 281 45.21 -29.06 10.71
CA LYS I 281 45.99 -28.71 9.54
C LYS I 281 45.08 -28.80 8.32
N CYS I 282 43.92 -29.43 8.50
CA CYS I 282 42.96 -29.58 7.41
C CYS I 282 41.52 -29.37 7.86
N GLN I 283 40.84 -28.41 7.22
CA GLN I 283 39.45 -28.11 7.57
C GLN I 283 38.49 -28.22 6.39
N THR I 284 37.32 -28.80 6.64
CA THR I 284 36.28 -28.91 5.61
C THR I 284 35.02 -28.34 6.25
N PRO I 285 33.99 -28.05 5.45
CA PRO I 285 32.74 -27.48 6.01
C PRO I 285 32.02 -28.40 7.00
N LEU I 286 32.37 -29.68 6.98
CA LEU I 286 31.73 -30.65 7.88
C LEU I 286 32.50 -30.84 9.18
N GLY I 287 33.80 -30.61 9.13
CA GLY I 287 34.63 -30.79 10.29
C GLY I 287 36.08 -30.87 9.89
N ALA I 288 36.96 -30.87 10.88
CA ALA I 288 38.39 -30.93 10.65
C ALA I 288 38.86 -32.37 10.50
N ILE I 289 39.93 -32.54 9.72
CA ILE I 289 40.51 -33.85 9.46
C ILE I 289 41.97 -33.90 9.92
N ASN I 290 42.35 -35.00 10.57
CA ASN I 290 43.74 -35.19 10.94
C ASN I 290 44.09 -36.57 10.41
N SER I 291 44.76 -36.61 9.27
CA SER I 291 45.10 -37.87 8.63
C SER I 291 46.33 -37.77 7.74
N SER I 292 46.90 -38.92 7.45
CA SER I 292 48.08 -39.02 6.58
C SER I 292 47.65 -39.81 5.35
N LEU I 293 46.39 -40.22 5.32
CA LEU I 293 45.89 -40.99 4.20
C LEU I 293 45.86 -40.11 2.95
N PRO I 294 46.13 -40.70 1.78
CA PRO I 294 46.14 -39.96 0.52
C PRO I 294 44.78 -39.48 0.04
N TYR I 295 43.71 -40.17 0.45
CA TYR I 295 42.37 -39.79 0.02
C TYR I 295 41.39 -39.61 1.17
N GLN I 296 40.29 -38.94 0.86
CA GLN I 296 39.20 -38.69 1.79
C GLN I 296 37.93 -38.57 0.99
N ASN I 297 36.81 -39.03 1.55
CA ASN I 297 35.53 -38.95 0.85
C ASN I 297 34.58 -38.08 1.66
N ILE I 298 35.15 -37.26 2.55
CA ILE I 298 34.36 -36.39 3.41
C ILE I 298 33.76 -35.16 2.70
N HIS I 299 34.59 -34.35 2.07
CA HIS I 299 34.08 -33.17 1.39
C HIS I 299 35.09 -32.63 0.38
N PRO I 300 34.62 -32.11 -0.77
CA PRO I 300 35.50 -31.55 -1.80
C PRO I 300 36.12 -30.20 -1.42
N VAL I 301 35.46 -29.44 -0.55
CA VAL I 301 35.96 -28.15 -0.12
C VAL I 301 36.94 -28.39 1.03
N THR I 302 38.16 -27.89 0.90
CA THR I 302 39.18 -28.08 1.92
C THR I 302 40.08 -26.87 2.10
N ILE I 303 40.47 -26.60 3.36
CA ILE I 303 41.37 -25.52 3.69
C ILE I 303 42.60 -26.13 4.35
N GLY I 304 43.79 -25.75 3.88
CA GLY I 304 45.01 -26.29 4.45
C GLY I 304 45.71 -27.37 3.64
N GLU I 305 46.20 -28.40 4.31
CA GLU I 305 46.89 -29.53 3.67
C GLU I 305 46.03 -30.76 3.93
N CYS I 306 45.30 -31.18 2.90
CA CYS I 306 44.39 -32.28 3.04
C CYS I 306 44.57 -33.42 2.05
N PRO I 307 43.86 -34.55 2.29
CA PRO I 307 43.94 -35.71 1.40
C PRO I 307 43.10 -35.31 0.19
N LYS I 308 43.29 -36.02 -0.93
CA LYS I 308 42.55 -35.74 -2.15
C LYS I 308 41.12 -36.25 -2.03
N TYR I 309 40.15 -35.42 -2.38
CA TYR I 309 38.75 -35.82 -2.32
C TYR I 309 38.42 -36.76 -3.47
N VAL I 310 37.65 -37.80 -3.17
CA VAL I 310 37.23 -38.79 -4.14
C VAL I 310 35.81 -39.23 -3.79
N ARG I 311 35.07 -39.75 -4.76
CA ARG I 311 33.71 -40.20 -4.51
C ARG I 311 33.67 -41.62 -3.95
N SER I 312 34.83 -42.25 -3.88
CA SER I 312 34.96 -43.62 -3.40
C SER I 312 34.37 -43.88 -2.01
N ALA I 313 33.77 -45.05 -1.85
CA ALA I 313 33.19 -45.44 -0.57
C ALA I 313 34.22 -46.27 0.18
N LYS I 314 35.12 -46.89 -0.58
CA LYS I 314 36.16 -47.74 0.00
C LYS I 314 37.42 -47.80 -0.85
N LEU I 315 38.56 -47.72 -0.20
CA LEU I 315 39.87 -47.82 -0.85
C LEU I 315 40.80 -48.49 0.13
N ARG I 316 40.85 -49.81 0.07
CA ARG I 316 41.69 -50.60 0.97
C ARG I 316 42.67 -51.43 0.15
N MET I 317 43.95 -51.27 0.48
CA MET I 317 45.00 -51.99 -0.22
C MET I 317 45.41 -53.19 0.63
N VAL I 318 45.47 -54.36 0.02
CA VAL I 318 45.88 -55.55 0.75
C VAL I 318 47.39 -55.57 0.84
N THR I 319 47.91 -55.98 1.99
CA THR I 319 49.33 -56.05 2.23
C THR I 319 49.71 -57.51 2.48
N GLY I 320 48.86 -58.20 3.23
CA GLY I 320 49.11 -59.60 3.53
C GLY I 320 48.64 -60.51 2.42
N LEU I 321 48.21 -61.72 2.77
CA LEU I 321 47.74 -62.65 1.75
C LEU I 321 46.31 -63.12 1.94
N ARG I 322 45.86 -63.94 1.01
CA ARG I 322 44.53 -64.49 1.07
C ARG I 322 44.47 -65.22 2.40
N ASN I 323 43.48 -64.92 3.23
CA ASN I 323 43.37 -65.55 4.53
C ASN I 323 42.57 -66.84 4.46
N ILE I 324 43.26 -67.96 4.69
CA ILE I 324 42.63 -69.27 4.64
C ILE I 324 42.94 -70.08 5.90
N PRO I 325 42.25 -69.79 7.02
CA PRO I 325 42.42 -70.46 8.30
C PRO I 325 42.34 -71.98 8.18
N ALA I 326 41.71 -72.43 7.09
CA ALA I 326 41.55 -73.86 6.82
C ALA I 326 40.82 -74.61 7.94
N ARG I 327 39.93 -73.91 8.64
CA ARG I 327 39.17 -74.51 9.73
C ARG I 327 38.14 -75.51 9.20
N GLY J 1 45.31 -68.69 -7.67
CA GLY J 1 46.59 -68.01 -7.70
C GLY J 1 47.35 -68.26 -8.99
N LEU J 2 48.00 -67.22 -9.49
CA LEU J 2 48.77 -67.29 -10.73
C LEU J 2 49.90 -68.32 -10.66
N PHE J 3 50.44 -68.53 -9.47
CA PHE J 3 51.55 -69.48 -9.33
C PHE J 3 51.17 -70.84 -8.72
N GLY J 4 49.88 -71.04 -8.49
CA GLY J 4 49.39 -72.32 -7.98
C GLY J 4 49.76 -72.84 -6.60
N ALA J 5 50.38 -72.00 -5.76
CA ALA J 5 50.77 -72.44 -4.43
C ALA J 5 49.68 -72.14 -3.40
N ILE J 6 49.47 -70.86 -3.11
CA ILE J 6 48.46 -70.45 -2.13
C ILE J 6 47.09 -70.87 -2.65
N ALA J 7 46.33 -71.57 -1.80
CA ALA J 7 45.02 -72.07 -2.17
C ALA J 7 45.20 -72.95 -3.41
N GLY J 8 46.40 -73.48 -3.56
CA GLY J 8 46.72 -74.35 -4.69
C GLY J 8 47.17 -75.71 -4.18
N PHE J 9 48.40 -76.11 -4.48
CA PHE J 9 48.88 -77.40 -4.01
C PHE J 9 49.16 -77.34 -2.52
N ILE J 10 49.07 -76.13 -1.96
CA ILE J 10 49.23 -75.90 -0.53
C ILE J 10 47.87 -75.32 -0.16
N GLU J 11 46.91 -76.22 -0.05
CA GLU J 11 45.51 -75.91 0.25
C GLU J 11 45.15 -74.83 1.27
N GLY J 12 45.89 -74.73 2.38
CA GLY J 12 45.52 -73.72 3.36
C GLY J 12 46.63 -73.04 4.14
N GLY J 13 46.24 -72.07 4.96
CA GLY J 13 47.21 -71.33 5.76
C GLY J 13 47.33 -71.83 7.20
N TRP J 14 48.39 -71.41 7.86
CA TRP J 14 48.65 -71.81 9.24
C TRP J 14 48.44 -70.69 10.25
N THR J 15 47.37 -70.80 11.04
CA THR J 15 47.11 -69.81 12.07
C THR J 15 48.19 -70.00 13.14
N GLY J 16 48.88 -71.13 13.06
CA GLY J 16 49.93 -71.44 14.02
C GLY J 16 51.18 -70.61 13.73
N MET J 17 51.30 -70.15 12.50
CA MET J 17 52.43 -69.31 12.07
C MET J 17 52.14 -67.88 12.49
N ILE J 18 52.99 -67.30 13.33
CA ILE J 18 52.78 -65.94 13.79
C ILE J 18 54.07 -65.13 13.83
N ASP J 19 55.06 -65.58 13.07
CA ASP J 19 56.36 -64.91 13.02
C ASP J 19 56.60 -64.31 11.64
N GLY J 20 55.74 -64.64 10.69
CA GLY J 20 55.89 -64.13 9.34
C GLY J 20 54.79 -64.59 8.40
N TRP J 21 54.94 -64.28 7.12
CA TRP J 21 53.95 -64.66 6.12
C TRP J 21 54.21 -66.03 5.53
N TYR J 22 55.49 -66.38 5.42
CA TYR J 22 55.88 -67.66 4.85
C TYR J 22 56.77 -68.39 5.86
N GLY J 23 56.59 -69.69 6.00
CA GLY J 23 57.42 -70.41 6.94
C GLY J 23 57.51 -71.90 6.72
N TYR J 24 57.85 -72.62 7.79
CA TYR J 24 57.99 -74.07 7.74
C TYR J 24 57.31 -74.72 8.93
N HIS J 25 56.75 -75.91 8.73
CA HIS J 25 56.14 -76.63 9.83
C HIS J 25 57.11 -77.74 10.19
N HIS J 26 57.45 -77.81 11.48
CA HIS J 26 58.41 -78.77 12.00
C HIS J 26 57.77 -79.96 12.73
N GLN J 27 58.04 -81.17 12.26
CA GLN J 27 57.52 -82.39 12.90
C GLN J 27 58.66 -83.39 12.96
N ASN J 28 59.22 -83.57 14.15
CA ASN J 28 60.37 -84.47 14.31
C ASN J 28 60.33 -85.25 15.63
N GLU J 29 61.35 -86.09 15.86
CA GLU J 29 61.46 -86.89 17.07
C GLU J 29 61.39 -86.00 18.31
N GLN J 30 62.04 -84.84 18.20
CA GLN J 30 62.10 -83.89 19.29
C GLN J 30 60.78 -83.13 19.51
N GLY J 31 59.95 -83.03 18.47
CA GLY J 31 58.69 -82.34 18.62
C GLY J 31 58.29 -81.54 17.40
N SER J 32 57.11 -80.92 17.47
CA SER J 32 56.59 -80.11 16.38
C SER J 32 56.95 -78.64 16.50
N GLY J 33 56.18 -77.79 15.83
CA GLY J 33 56.41 -76.36 15.88
C GLY J 33 56.48 -75.68 14.53
N TYR J 34 56.21 -74.37 14.52
CA TYR J 34 56.26 -73.59 13.29
C TYR J 34 57.46 -72.65 13.34
N ALA J 35 57.82 -72.09 12.19
CA ALA J 35 58.95 -71.17 12.11
C ALA J 35 58.87 -70.37 10.82
N ALA J 36 58.83 -69.05 10.94
CA ALA J 36 58.75 -68.17 9.78
C ALA J 36 60.10 -68.01 9.12
N ASP J 37 60.10 -67.88 7.80
CA ASP J 37 61.34 -67.69 7.05
C ASP J 37 61.57 -66.18 6.92
N GLN J 38 62.37 -65.63 7.83
CA GLN J 38 62.68 -64.20 7.84
C GLN J 38 63.13 -63.68 6.49
N LYS J 39 63.98 -64.43 5.81
CA LYS J 39 64.48 -64.03 4.50
C LYS J 39 63.31 -63.63 3.60
N SER J 40 62.44 -64.59 3.31
CA SER J 40 61.28 -64.36 2.44
C SER J 40 60.27 -63.37 2.99
N THR J 41 59.89 -63.54 4.24
CA THR J 41 58.90 -62.65 4.85
C THR J 41 59.38 -61.20 4.81
N GLN J 42 60.63 -60.99 5.17
CA GLN J 42 61.20 -59.65 5.19
C GLN J 42 61.25 -59.05 3.79
N ASN J 43 61.64 -59.85 2.80
CA ASN J 43 61.71 -59.35 1.43
C ASN J 43 60.31 -58.96 0.98
N ALA J 44 59.33 -59.77 1.35
CA ALA J 44 57.94 -59.51 0.99
C ALA J 44 57.52 -58.18 1.63
N ILE J 45 57.85 -58.04 2.91
CA ILE J 45 57.52 -56.83 3.64
C ILE J 45 58.14 -55.58 3.01
N ASN J 46 59.41 -55.67 2.62
CA ASN J 46 60.06 -54.52 2.01
C ASN J 46 59.37 -54.11 0.71
N GLY J 47 59.03 -55.09 -0.11
CA GLY J 47 58.38 -54.80 -1.38
C GLY J 47 56.99 -54.21 -1.22
N ILE J 48 56.17 -54.82 -0.37
CA ILE J 48 54.82 -54.33 -0.14
C ILE J 48 54.83 -52.96 0.54
N THR J 49 55.79 -52.72 1.42
CA THR J 49 55.89 -51.45 2.11
C THR J 49 56.21 -50.35 1.10
N ASN J 50 57.12 -50.66 0.18
CA ASN J 50 57.51 -49.69 -0.84
C ASN J 50 56.33 -49.43 -1.79
N LYS J 51 55.56 -50.48 -2.08
CA LYS J 51 54.42 -50.32 -2.97
C LYS J 51 53.40 -49.36 -2.39
N VAL J 52 52.98 -49.63 -1.16
CA VAL J 52 52.01 -48.80 -0.46
C VAL J 52 52.52 -47.37 -0.32
N ASN J 53 53.80 -47.23 -0.01
CA ASN J 53 54.39 -45.91 0.14
C ASN J 53 54.42 -45.16 -1.18
N SER J 54 54.61 -45.89 -2.28
CA SER J 54 54.64 -45.29 -3.60
C SER J 54 53.27 -44.75 -3.98
N VAL J 55 52.22 -45.51 -3.65
CA VAL J 55 50.86 -45.11 -3.97
C VAL J 55 50.49 -43.84 -3.21
N ILE J 56 50.89 -43.80 -1.94
CA ILE J 56 50.62 -42.65 -1.09
C ILE J 56 51.43 -41.45 -1.56
N GLU J 57 52.69 -41.69 -1.91
CA GLU J 57 53.58 -40.65 -2.37
C GLU J 57 53.11 -39.95 -3.65
N LYS J 58 52.60 -40.70 -4.60
CA LYS J 58 52.15 -40.11 -5.85
C LYS J 58 50.97 -39.17 -5.68
N MET J 59 50.19 -39.36 -4.62
CA MET J 59 49.04 -38.51 -4.34
C MET J 59 49.45 -37.38 -3.40
N ASN J 60 50.22 -36.43 -3.89
CA ASN J 60 50.66 -35.32 -3.08
C ASN J 60 49.45 -34.61 -2.48
N ILE J 61 49.64 -33.97 -1.33
CA ILE J 61 48.56 -33.30 -0.63
C ILE J 61 47.73 -32.30 -1.42
N GLN J 62 46.45 -32.26 -1.09
CA GLN J 62 45.49 -31.35 -1.72
C GLN J 62 45.51 -30.06 -0.91
N PHE J 63 45.87 -28.95 -1.56
CA PHE J 63 45.87 -27.68 -0.86
C PHE J 63 44.51 -27.03 -0.98
N THR J 64 44.32 -25.91 -0.28
CA THR J 64 43.05 -25.20 -0.28
C THR J 64 42.34 -25.22 -1.62
N ALA J 65 41.12 -25.76 -1.61
CA ALA J 65 40.28 -25.85 -2.80
C ALA J 65 38.86 -25.54 -2.34
N VAL J 66 38.33 -24.39 -2.76
CA VAL J 66 36.98 -23.98 -2.40
C VAL J 66 36.11 -23.61 -3.59
N GLY J 67 34.83 -23.38 -3.32
CA GLY J 67 33.89 -23.01 -4.36
C GLY J 67 34.05 -21.55 -4.74
N LYS J 68 33.34 -21.14 -5.78
CA LYS J 68 33.38 -19.75 -6.24
C LYS J 68 31.96 -19.30 -6.53
N GLU J 69 31.73 -17.99 -6.44
CA GLU J 69 30.40 -17.46 -6.73
C GLU J 69 30.41 -16.79 -8.11
N PHE J 70 29.24 -16.80 -8.74
CA PHE J 70 29.09 -16.22 -10.06
C PHE J 70 27.76 -15.47 -10.02
N ASN J 71 27.70 -14.29 -10.63
CA ASN J 71 26.43 -13.60 -10.61
C ASN J 71 25.47 -14.24 -11.61
N LYS J 72 24.22 -13.77 -11.59
CA LYS J 72 23.17 -14.29 -12.44
C LYS J 72 23.46 -14.21 -13.94
N LEU J 73 24.42 -13.38 -14.33
CA LEU J 73 24.76 -13.25 -15.74
C LEU J 73 26.09 -13.95 -16.09
N GLU J 74 26.52 -14.85 -15.22
CA GLU J 74 27.74 -15.62 -15.46
C GLU J 74 27.44 -17.11 -15.39
N LYS J 75 26.27 -17.50 -15.89
CA LYS J 75 25.87 -18.90 -15.87
C LYS J 75 26.82 -19.80 -16.66
N ARG J 76 27.30 -19.32 -17.80
CA ARG J 76 28.22 -20.13 -18.61
C ARG J 76 29.53 -20.36 -17.87
N MET J 77 30.03 -19.32 -17.21
CA MET J 77 31.29 -19.45 -16.47
C MET J 77 31.10 -20.39 -15.29
N GLU J 78 29.96 -20.29 -14.63
CA GLU J 78 29.64 -21.16 -13.50
C GLU J 78 29.57 -22.61 -13.96
N ASN J 79 29.02 -22.84 -15.15
CA ASN J 79 28.92 -24.20 -15.67
C ASN J 79 30.27 -24.74 -16.09
N LEU J 80 31.14 -23.84 -16.56
CA LEU J 80 32.48 -24.22 -16.97
C LEU J 80 33.23 -24.66 -15.71
N ASN J 81 33.12 -23.85 -14.66
CA ASN J 81 33.79 -24.16 -13.40
C ASN J 81 33.29 -25.52 -12.88
N ASN J 82 32.01 -25.76 -13.03
CA ASN J 82 31.40 -27.00 -12.60
C ASN J 82 31.91 -28.18 -13.43
N LYS J 83 32.02 -27.97 -14.74
CA LYS J 83 32.51 -29.02 -15.63
C LYS J 83 33.95 -29.38 -15.24
N VAL J 84 34.74 -28.37 -14.91
CA VAL J 84 36.13 -28.56 -14.52
C VAL J 84 36.22 -29.36 -13.22
N ASP J 85 35.47 -28.94 -12.20
CA ASP J 85 35.48 -29.63 -10.92
C ASP J 85 35.00 -31.08 -11.01
N ASP J 86 33.90 -31.31 -11.72
CA ASP J 86 33.39 -32.67 -11.87
C ASP J 86 34.35 -33.52 -12.69
N GLY J 87 34.95 -32.90 -13.72
CA GLY J 87 35.87 -33.62 -14.59
C GLY J 87 37.07 -34.17 -13.86
N PHE J 88 37.71 -33.33 -13.06
CA PHE J 88 38.88 -33.77 -12.30
C PHE J 88 38.46 -34.81 -11.26
N LEU J 89 37.34 -34.58 -10.59
CA LEU J 89 36.87 -35.51 -9.57
C LEU J 89 36.59 -36.89 -10.18
N ASP J 90 36.00 -36.93 -11.38
CA ASP J 90 35.73 -38.21 -12.03
C ASP J 90 37.04 -38.97 -12.29
N ILE J 91 38.03 -38.26 -12.79
CA ILE J 91 39.32 -38.85 -13.11
C ILE J 91 40.08 -39.38 -11.89
N TRP J 92 40.15 -38.57 -10.83
CA TRP J 92 40.86 -39.01 -9.65
C TRP J 92 40.15 -40.16 -8.94
N THR J 93 38.83 -40.19 -8.97
CA THR J 93 38.09 -41.28 -8.33
C THR J 93 38.40 -42.56 -9.13
N TYR J 94 38.34 -42.43 -10.45
CA TYR J 94 38.63 -43.53 -11.35
C TYR J 94 40.05 -44.05 -11.14
N ASN J 95 41.02 -43.14 -11.17
CA ASN J 95 42.42 -43.51 -10.99
C ASN J 95 42.67 -44.23 -9.67
N ALA J 96 42.14 -43.65 -8.59
CA ALA J 96 42.32 -44.23 -7.27
C ALA J 96 41.74 -45.63 -7.18
N GLU J 97 40.49 -45.79 -7.56
CA GLU J 97 39.83 -47.09 -7.52
C GLU J 97 40.48 -48.14 -8.42
N LEU J 98 40.84 -47.73 -9.63
CA LEU J 98 41.50 -48.63 -10.58
C LEU J 98 42.87 -49.07 -10.07
N LEU J 99 43.67 -48.12 -9.59
CA LEU J 99 45.00 -48.44 -9.09
C LEU J 99 44.99 -49.44 -7.94
N VAL J 100 44.04 -49.28 -7.03
CA VAL J 100 43.94 -50.19 -5.89
C VAL J 100 43.51 -51.59 -6.33
N LEU J 101 42.53 -51.66 -7.23
CA LEU J 101 42.04 -52.93 -7.74
C LEU J 101 43.14 -53.71 -8.45
N LEU J 102 43.88 -53.02 -9.30
CA LEU J 102 44.96 -53.66 -10.05
C LEU J 102 46.12 -54.08 -9.17
N GLU J 103 46.51 -53.23 -8.22
CA GLU J 103 47.62 -53.57 -7.34
C GLU J 103 47.28 -54.62 -6.30
N ASN J 104 46.01 -54.72 -5.93
CA ASN J 104 45.60 -55.72 -4.97
C ASN J 104 45.77 -57.09 -5.63
N GLU J 105 45.43 -57.16 -6.90
CA GLU J 105 45.57 -58.41 -7.64
C GLU J 105 47.05 -58.77 -7.69
N ARG J 106 47.88 -57.77 -7.99
CA ARG J 106 49.32 -57.97 -8.09
C ARG J 106 49.96 -58.38 -6.77
N THR J 107 49.47 -57.83 -5.67
CA THR J 107 50.01 -58.16 -4.37
C THR J 107 49.72 -59.61 -4.02
N LEU J 108 48.52 -60.07 -4.35
CA LEU J 108 48.15 -61.45 -4.07
C LEU J 108 49.03 -62.40 -4.89
N ASP J 109 49.23 -62.10 -6.18
CA ASP J 109 50.07 -62.95 -7.03
C ASP J 109 51.48 -62.93 -6.42
N PHE J 110 51.90 -61.75 -5.97
CA PHE J 110 53.23 -61.61 -5.39
C PHE J 110 53.45 -62.60 -4.25
N HIS J 111 52.49 -62.67 -3.32
CA HIS J 111 52.62 -63.61 -2.21
C HIS J 111 52.62 -65.05 -2.72
N ASP J 112 51.76 -65.35 -3.69
CA ASP J 112 51.68 -66.69 -4.24
C ASP J 112 53.06 -67.06 -4.80
N SER J 113 53.67 -66.13 -5.52
CA SER J 113 54.98 -66.33 -6.11
C SER J 113 56.06 -66.57 -5.04
N ASN J 114 55.99 -65.84 -3.94
CA ASN J 114 56.97 -66.02 -2.88
C ASN J 114 56.83 -67.41 -2.26
N VAL J 115 55.61 -67.85 -2.05
CA VAL J 115 55.40 -69.16 -1.46
C VAL J 115 55.87 -70.24 -2.43
N LYS J 116 55.58 -70.05 -3.71
CA LYS J 116 55.99 -70.99 -4.73
C LYS J 116 57.51 -71.11 -4.77
N ASN J 117 58.18 -69.96 -4.82
CA ASN J 117 59.64 -69.96 -4.89
C ASN J 117 60.31 -70.53 -3.64
N LEU J 118 59.74 -70.29 -2.47
CA LEU J 118 60.33 -70.82 -1.25
C LEU J 118 60.21 -72.34 -1.29
N TYR J 119 59.09 -72.83 -1.82
CA TYR J 119 58.86 -74.27 -1.93
C TYR J 119 59.87 -74.89 -2.88
N GLU J 120 60.06 -74.27 -4.04
CA GLU J 120 61.01 -74.79 -5.02
C GLU J 120 62.43 -74.76 -4.49
N LYS J 121 62.72 -73.84 -3.58
CA LYS J 121 64.05 -73.74 -3.01
C LYS J 121 64.33 -74.95 -2.12
N VAL J 122 63.39 -75.24 -1.23
CA VAL J 122 63.51 -76.37 -0.31
C VAL J 122 63.53 -77.69 -1.11
N LYS J 123 62.67 -77.77 -2.12
CA LYS J 123 62.58 -78.95 -2.96
C LYS J 123 63.94 -79.30 -3.57
N SER J 124 64.59 -78.31 -4.19
CA SER J 124 65.89 -78.52 -4.82
C SER J 124 66.95 -79.01 -3.85
N GLN J 125 66.69 -78.84 -2.56
CA GLN J 125 67.64 -79.29 -1.54
C GLN J 125 67.36 -80.71 -1.07
N LEU J 126 66.10 -80.96 -0.73
CA LEU J 126 65.69 -82.27 -0.25
C LEU J 126 65.36 -83.24 -1.38
N LYS J 127 65.70 -82.86 -2.61
CA LYS J 127 65.40 -83.70 -3.77
C LYS J 127 65.83 -85.16 -3.66
N ASN J 128 67.04 -85.41 -3.16
CA ASN J 128 67.55 -86.77 -3.05
C ASN J 128 67.57 -87.34 -1.64
N ASN J 129 66.95 -86.65 -0.69
CA ASN J 129 66.94 -87.11 0.70
C ASN J 129 65.55 -87.18 1.31
N ALA J 130 64.53 -87.04 0.47
CA ALA J 130 63.15 -87.09 0.94
C ALA J 130 62.22 -87.15 -0.24
N LYS J 131 60.92 -87.31 0.02
CA LYS J 131 59.97 -87.39 -1.07
C LYS J 131 58.88 -86.34 -0.93
N GLU J 132 58.41 -85.83 -2.07
CA GLU J 132 57.34 -84.84 -2.09
C GLU J 132 56.03 -85.53 -1.79
N ILE J 133 55.36 -85.09 -0.73
CA ILE J 133 54.07 -85.66 -0.40
C ILE J 133 53.08 -85.05 -1.40
N GLY J 134 53.41 -83.85 -1.89
CA GLY J 134 52.56 -83.17 -2.85
C GLY J 134 51.65 -82.11 -2.25
N ASN J 135 51.77 -81.89 -0.95
CA ASN J 135 50.94 -80.91 -0.25
C ASN J 135 51.80 -79.87 0.43
N GLY J 136 53.03 -79.71 -0.05
CA GLY J 136 53.94 -78.73 0.53
C GLY J 136 54.84 -79.33 1.59
N CYS J 137 54.71 -80.64 1.81
CA CYS J 137 55.54 -81.32 2.80
C CYS J 137 56.54 -82.28 2.19
N PHE J 138 57.56 -82.61 2.97
CA PHE J 138 58.60 -83.54 2.55
C PHE J 138 58.92 -84.52 3.67
N GLU J 139 58.89 -85.82 3.34
CA GLU J 139 59.20 -86.84 4.32
C GLU J 139 60.64 -87.26 4.11
N PHE J 140 61.49 -86.99 5.10
CA PHE J 140 62.90 -87.34 5.02
C PHE J 140 63.14 -88.85 4.97
N TYR J 141 64.10 -89.26 4.15
CA TYR J 141 64.47 -90.65 4.02
C TYR J 141 65.18 -91.07 5.31
N HIS J 142 66.21 -90.31 5.67
CA HIS J 142 67.01 -90.57 6.86
C HIS J 142 66.38 -90.03 8.14
N LYS J 143 65.47 -89.07 8.00
CA LYS J 143 64.82 -88.48 9.17
C LYS J 143 65.88 -87.69 9.94
N CYS J 144 65.74 -86.36 9.93
CA CYS J 144 66.70 -85.50 10.61
C CYS J 144 66.21 -84.80 11.87
N ASP J 145 67.15 -84.53 12.77
CA ASP J 145 66.84 -83.87 14.04
C ASP J 145 66.48 -82.41 13.82
N ASN J 146 66.26 -81.69 14.91
CA ASN J 146 65.89 -80.29 14.85
C ASN J 146 67.05 -79.40 14.37
N GLU J 147 68.27 -79.88 14.54
CA GLU J 147 69.43 -79.10 14.13
C GLU J 147 69.65 -79.28 12.63
N CYS J 148 69.09 -80.36 12.07
CA CYS J 148 69.22 -80.60 10.64
C CYS J 148 68.06 -79.91 9.94
N MET J 149 66.96 -79.74 10.66
CA MET J 149 65.79 -79.07 10.11
C MET J 149 66.16 -77.62 9.86
N GLU J 150 66.92 -77.06 10.80
CA GLU J 150 67.36 -75.68 10.70
C GLU J 150 68.24 -75.46 9.47
N SER J 151 69.08 -76.44 9.15
CA SER J 151 69.94 -76.32 7.98
C SER J 151 69.08 -76.20 6.74
N VAL J 152 67.83 -76.64 6.86
CA VAL J 152 66.90 -76.56 5.75
C VAL J 152 66.25 -75.17 5.74
N ARG J 153 65.88 -74.69 6.92
CA ARG J 153 65.24 -73.39 7.05
C ARG J 153 66.09 -72.23 6.55
N ASN J 154 67.38 -72.47 6.36
CA ASN J 154 68.26 -71.41 5.89
C ASN J 154 69.08 -71.79 4.66
N GLY J 155 68.46 -72.56 3.78
CA GLY J 155 69.08 -72.99 2.54
C GLY J 155 70.45 -73.64 2.57
N THR J 156 70.84 -74.23 3.69
CA THR J 156 72.14 -74.90 3.75
C THR J 156 71.95 -76.40 3.47
N TYR J 157 71.64 -77.17 4.52
CA TYR J 157 71.42 -78.60 4.38
C TYR J 157 72.55 -79.28 3.61
N ASP J 158 72.43 -79.30 2.29
CA ASP J 158 73.43 -79.92 1.41
C ASP J 158 73.89 -81.30 1.88
N TYR J 159 73.18 -82.33 1.44
CA TYR J 159 73.53 -83.70 1.81
C TYR J 159 73.04 -84.71 0.75
N PRO J 160 73.07 -84.34 -0.54
CA PRO J 160 72.62 -85.24 -1.61
C PRO J 160 73.35 -86.59 -1.61
N ASP K 5 47.23 -96.35 -23.18
CA ASP K 5 46.31 -95.37 -22.55
C ASP K 5 47.00 -94.04 -22.28
N THR K 6 46.39 -92.97 -22.78
CA THR K 6 46.95 -91.63 -22.61
C THR K 6 45.91 -90.61 -22.17
N ILE K 7 46.37 -89.46 -21.68
CA ILE K 7 45.52 -88.37 -21.25
C ILE K 7 46.33 -87.09 -21.40
N CYS K 8 45.83 -86.16 -22.20
CA CYS K 8 46.52 -84.91 -22.43
C CYS K 8 45.79 -83.72 -21.83
N ILE K 9 46.56 -82.69 -21.48
CA ILE K 9 46.00 -81.45 -20.94
C ILE K 9 46.16 -80.43 -22.06
N GLY K 10 45.06 -79.84 -22.50
CA GLY K 10 45.13 -78.85 -23.57
C GLY K 10 44.21 -77.65 -23.38
N TYR K 11 44.16 -76.80 -24.40
CA TYR K 11 43.33 -75.60 -24.35
C TYR K 11 42.50 -75.35 -25.60
N HIS K 12 41.37 -74.68 -25.41
CA HIS K 12 40.42 -74.37 -26.47
C HIS K 12 41.02 -73.61 -27.66
N ALA K 13 40.44 -73.86 -28.83
CA ALA K 13 40.83 -73.22 -30.07
C ALA K 13 39.58 -73.22 -30.92
N ASN K 14 39.47 -72.28 -31.86
CA ASN K 14 38.32 -72.21 -32.75
C ASN K 14 38.64 -71.49 -34.04
N ASN K 15 37.61 -71.06 -34.78
CA ASN K 15 37.83 -70.38 -36.04
C ASN K 15 37.76 -68.87 -35.92
N SER K 16 37.72 -68.36 -34.69
CA SER K 16 37.64 -66.92 -34.45
C SER K 16 38.81 -66.17 -35.07
N THR K 17 38.51 -65.00 -35.65
CA THR K 17 39.52 -64.15 -36.27
C THR K 17 39.71 -62.86 -35.47
N ASP K 18 39.01 -62.76 -34.34
CA ASP K 18 39.11 -61.58 -33.47
C ASP K 18 40.55 -61.28 -33.09
N THR K 19 40.90 -60.00 -33.11
CA THR K 19 42.25 -59.59 -32.74
C THR K 19 42.22 -58.49 -31.69
N VAL K 20 43.28 -58.40 -30.90
CA VAL K 20 43.39 -57.37 -29.88
C VAL K 20 44.85 -56.99 -29.73
N ASP K 21 45.10 -55.81 -29.21
CA ASP K 21 46.47 -55.38 -29.00
C ASP K 21 46.81 -55.63 -27.53
N THR K 22 48.10 -55.81 -27.27
CA THR K 22 48.58 -56.01 -25.91
C THR K 22 49.80 -55.12 -25.81
N VAL K 23 50.39 -55.04 -24.63
CA VAL K 23 51.58 -54.21 -24.44
C VAL K 23 52.77 -54.76 -25.20
N LEU K 24 52.95 -56.07 -25.16
CA LEU K 24 54.09 -56.71 -25.83
C LEU K 24 53.86 -57.01 -27.31
N GLU K 25 52.64 -57.38 -27.68
CA GLU K 25 52.35 -57.72 -29.07
C GLU K 25 51.07 -57.08 -29.57
N LYS K 26 51.06 -56.70 -30.85
CA LYS K 26 49.89 -56.08 -31.46
C LYS K 26 49.15 -57.10 -32.33
N ASN K 27 47.93 -56.74 -32.70
CA ASN K 27 47.07 -57.57 -33.55
C ASN K 27 47.23 -59.07 -33.26
N VAL K 28 46.79 -59.49 -32.08
CA VAL K 28 46.87 -60.88 -31.65
C VAL K 28 45.50 -61.56 -31.78
N THR K 29 45.47 -62.69 -32.48
CA THR K 29 44.22 -63.42 -32.67
C THR K 29 43.84 -64.20 -31.43
N VAL K 30 42.60 -64.05 -30.97
CA VAL K 30 42.14 -64.72 -29.77
C VAL K 30 40.82 -65.45 -29.98
N THR K 31 40.55 -66.43 -29.12
CA THR K 31 39.34 -67.24 -29.22
C THR K 31 38.04 -66.49 -28.94
N HIS K 32 38.07 -65.60 -27.95
CA HIS K 32 36.88 -64.81 -27.59
C HIS K 32 37.28 -63.42 -27.11
N SER K 33 36.43 -62.44 -27.39
CA SER K 33 36.71 -61.07 -27.00
C SER K 33 35.43 -60.25 -27.03
N VAL K 34 35.43 -59.13 -26.32
CA VAL K 34 34.27 -58.24 -26.26
C VAL K 34 34.66 -56.82 -26.65
N ASN K 35 33.84 -56.21 -27.51
CA ASN K 35 34.09 -54.85 -27.95
C ASN K 35 33.54 -53.92 -26.86
N LEU K 36 34.29 -52.86 -26.55
CA LEU K 36 33.85 -51.91 -25.53
C LEU K 36 33.59 -50.52 -26.12
N LEU K 37 33.83 -50.39 -27.42
CA LEU K 37 33.65 -49.12 -28.11
C LEU K 37 32.46 -49.08 -29.06
N GLU K 38 31.44 -48.29 -28.69
CA GLU K 38 30.26 -48.15 -29.52
C GLU K 38 30.57 -47.24 -30.71
N ASP K 39 30.36 -47.75 -31.92
CA ASP K 39 30.64 -46.96 -33.11
C ASP K 39 29.42 -46.91 -34.03
N SER K 40 28.29 -47.42 -33.54
CA SER K 40 27.08 -47.43 -34.34
C SER K 40 26.02 -46.45 -33.84
N HIS K 41 25.42 -45.73 -34.77
CA HIS K 41 24.37 -44.82 -34.42
C HIS K 41 23.23 -44.89 -35.41
N ASN K 42 22.11 -44.33 -34.99
CA ASN K 42 20.84 -44.28 -35.70
C ASN K 42 20.74 -43.37 -36.91
N GLY K 43 21.58 -42.34 -36.94
CA GLY K 43 21.42 -41.34 -37.97
C GLY K 43 20.13 -40.80 -37.34
N LYS K 44 19.41 -39.86 -37.93
CA LYS K 44 18.15 -39.46 -37.30
C LYS K 44 18.21 -38.85 -35.87
N LEU K 45 17.35 -37.86 -35.66
CA LEU K 45 17.19 -37.21 -34.37
C LEU K 45 15.98 -37.91 -33.77
N CYS K 46 16.05 -38.28 -32.50
CA CYS K 46 14.95 -38.99 -31.86
C CYS K 46 14.34 -38.32 -30.63
N ARG K 47 13.23 -38.88 -30.18
CA ARG K 47 12.57 -38.40 -28.97
C ARG K 47 13.49 -38.86 -27.85
N LEU K 48 13.48 -38.13 -26.75
CA LEU K 48 14.31 -38.51 -25.62
C LEU K 48 13.35 -38.93 -24.52
N LYS K 49 13.32 -40.23 -24.26
CA LYS K 49 12.42 -40.79 -23.26
C LYS K 49 10.98 -40.35 -23.54
N GLY K 50 10.62 -40.39 -24.82
CA GLY K 50 9.26 -40.02 -25.22
C GLY K 50 9.00 -38.56 -25.55
N ILE K 51 9.96 -37.69 -25.29
CA ILE K 51 9.77 -36.26 -25.56
C ILE K 51 10.56 -35.76 -26.75
N ALA K 52 9.86 -35.10 -27.66
CA ALA K 52 10.47 -34.57 -28.87
C ALA K 52 11.23 -33.28 -28.64
N PRO K 53 12.32 -33.09 -29.40
CA PRO K 53 13.13 -31.88 -29.27
C PRO K 53 12.51 -30.71 -30.01
N LEU K 54 12.98 -29.51 -29.69
CA LEU K 54 12.50 -28.31 -30.37
C LEU K 54 13.45 -28.13 -31.54
N GLN K 55 12.90 -28.10 -32.75
CA GLN K 55 13.70 -27.92 -33.95
C GLN K 55 13.52 -26.51 -34.47
N LEU K 56 14.52 -25.68 -34.27
CA LEU K 56 14.46 -24.28 -34.70
C LEU K 56 14.57 -24.16 -36.23
N GLY K 57 15.10 -25.20 -36.88
CA GLY K 57 15.24 -25.18 -38.32
C GLY K 57 16.08 -24.05 -38.89
N LYS K 58 15.45 -23.18 -39.67
CA LYS K 58 16.15 -22.06 -40.29
C LYS K 58 16.24 -20.86 -39.34
N CYS K 59 15.84 -21.07 -38.09
CA CYS K 59 15.86 -20.03 -37.08
C CYS K 59 16.81 -20.37 -35.93
N ASN K 60 17.26 -19.35 -35.22
CA ASN K 60 18.14 -19.58 -34.07
C ASN K 60 17.41 -19.14 -32.80
N ILE K 61 18.03 -19.33 -31.64
CA ILE K 61 17.40 -18.97 -30.37
C ILE K 61 16.82 -17.56 -30.38
N ALA K 62 17.60 -16.61 -30.92
CA ALA K 62 17.17 -15.21 -31.01
C ALA K 62 15.91 -15.03 -31.85
N GLY K 63 15.88 -15.60 -33.05
CA GLY K 63 14.72 -15.46 -33.92
C GLY K 63 13.49 -16.06 -33.26
N TRP K 64 13.70 -17.13 -32.52
CA TRP K 64 12.63 -17.83 -31.83
C TRP K 64 12.05 -16.98 -30.68
N LEU K 65 12.90 -16.60 -29.73
CA LEU K 65 12.41 -15.83 -28.60
C LEU K 65 11.86 -14.44 -28.96
N LEU K 66 12.46 -13.77 -29.93
CA LEU K 66 11.97 -12.45 -30.32
C LEU K 66 10.69 -12.54 -31.14
N GLY K 67 10.53 -13.65 -31.85
CA GLY K 67 9.34 -13.80 -32.67
C GLY K 67 9.56 -13.31 -34.09
N ASN K 68 10.73 -13.61 -34.62
CA ASN K 68 11.05 -13.26 -35.99
C ASN K 68 9.91 -13.86 -36.83
N PRO K 69 9.28 -13.07 -37.72
CA PRO K 69 8.18 -13.57 -38.54
C PRO K 69 8.48 -14.89 -39.27
N GLU K 70 9.75 -15.14 -39.58
CA GLU K 70 10.16 -16.35 -40.26
C GLU K 70 10.12 -17.59 -39.35
N CYS K 71 9.83 -17.39 -38.07
CA CYS K 71 9.80 -18.53 -37.15
C CYS K 71 8.43 -18.80 -36.54
N ASP K 72 7.37 -18.36 -37.20
CA ASP K 72 6.01 -18.58 -36.70
C ASP K 72 5.69 -20.05 -36.36
N PRO K 73 6.17 -20.99 -37.18
CA PRO K 73 5.88 -22.40 -36.90
C PRO K 73 6.29 -22.83 -35.48
N LEU K 74 7.16 -22.04 -34.86
CA LEU K 74 7.63 -22.35 -33.52
C LEU K 74 6.75 -21.76 -32.42
N LEU K 75 5.94 -20.77 -32.77
CA LEU K 75 5.08 -20.10 -31.79
C LEU K 75 4.26 -20.98 -30.85
N PRO K 76 3.71 -22.09 -31.35
CA PRO K 76 2.90 -22.97 -30.50
C PRO K 76 3.65 -23.97 -29.60
N VAL K 77 4.89 -24.30 -29.94
CA VAL K 77 5.65 -25.28 -29.15
C VAL K 77 5.87 -24.86 -27.68
N ARG K 78 5.42 -25.70 -26.75
CA ARG K 78 5.55 -25.39 -25.33
C ARG K 78 6.53 -26.24 -24.51
N SER K 79 6.89 -27.41 -25.01
CA SER K 79 7.81 -28.28 -24.28
C SER K 79 8.70 -29.05 -25.24
N TRP K 80 9.87 -29.42 -24.76
CA TRP K 80 10.86 -30.14 -25.56
C TRP K 80 11.86 -30.84 -24.65
N SER K 81 12.61 -31.77 -25.20
CA SER K 81 13.60 -32.52 -24.43
C SER K 81 15.01 -31.97 -24.65
N TYR K 82 15.20 -31.31 -25.79
CA TYR K 82 16.48 -30.69 -26.13
C TYR K 82 16.23 -29.78 -27.33
N ILE K 83 17.15 -28.86 -27.58
CA ILE K 83 17.00 -27.90 -28.65
C ILE K 83 17.95 -28.21 -29.80
N VAL K 84 17.44 -28.11 -31.01
CA VAL K 84 18.23 -28.41 -32.19
C VAL K 84 18.31 -27.23 -33.16
N GLU K 85 19.54 -26.80 -33.45
CA GLU K 85 19.78 -25.75 -34.42
C GLU K 85 20.45 -26.44 -35.61
N THR K 86 20.31 -25.87 -36.79
CA THR K 86 20.90 -26.48 -37.98
C THR K 86 21.95 -25.55 -38.53
N PRO K 87 22.76 -26.05 -39.48
CA PRO K 87 23.79 -25.20 -40.08
C PRO K 87 23.13 -24.04 -40.83
N ASN K 88 21.84 -24.19 -41.13
CA ASN K 88 21.09 -23.16 -41.85
C ASN K 88 20.24 -22.23 -41.00
N SER K 89 20.29 -22.36 -39.68
CA SER K 89 19.50 -21.48 -38.83
C SER K 89 20.16 -20.10 -38.75
N GLU K 90 19.81 -19.26 -39.71
CA GLU K 90 20.36 -17.91 -39.81
C GLU K 90 19.39 -16.82 -39.34
N ASN K 91 18.10 -17.11 -39.40
CA ASN K 91 17.09 -16.13 -39.01
C ASN K 91 16.97 -15.87 -37.52
N GLY K 92 17.73 -14.88 -37.05
CA GLY K 92 17.70 -14.50 -35.65
C GLY K 92 17.06 -13.13 -35.63
N ILE K 93 17.83 -12.11 -35.29
CA ILE K 93 17.27 -10.76 -35.30
C ILE K 93 17.14 -10.38 -36.77
N CYS K 94 16.04 -9.71 -37.12
CA CYS K 94 15.85 -9.29 -38.51
C CYS K 94 16.17 -7.81 -38.64
N TYR K 95 15.96 -7.05 -37.57
CA TYR K 95 16.30 -5.63 -37.60
C TYR K 95 17.72 -5.57 -37.01
N PRO K 96 18.67 -4.97 -37.73
CA PRO K 96 20.07 -4.86 -37.28
C PRO K 96 20.27 -4.29 -35.89
N GLY K 97 21.21 -4.87 -35.16
CA GLY K 97 21.49 -4.40 -33.82
C GLY K 97 22.26 -5.43 -33.01
N ASP K 98 22.39 -5.19 -31.72
CA ASP K 98 23.10 -6.12 -30.84
C ASP K 98 22.15 -6.72 -29.82
N PHE K 99 22.26 -8.02 -29.61
CA PHE K 99 21.42 -8.73 -28.64
C PHE K 99 22.29 -8.84 -27.39
N ILE K 100 22.03 -7.99 -26.41
CA ILE K 100 22.84 -8.00 -25.19
C ILE K 100 22.70 -9.28 -24.36
N ASP K 101 23.85 -9.84 -24.00
CA ASP K 101 23.97 -11.08 -23.23
C ASP K 101 23.24 -12.23 -23.88
N TYR K 102 23.33 -12.29 -25.20
CA TYR K 102 22.70 -13.34 -25.97
C TYR K 102 23.16 -14.74 -25.57
N GLU K 103 24.46 -14.93 -25.44
CA GLU K 103 24.99 -16.25 -25.09
C GLU K 103 24.47 -16.73 -23.73
N GLU K 104 24.36 -15.80 -22.78
CA GLU K 104 23.85 -16.13 -21.45
C GLU K 104 22.39 -16.55 -21.55
N LEU K 105 21.64 -15.90 -22.45
CA LEU K 105 20.24 -16.23 -22.64
C LEU K 105 20.14 -17.64 -23.21
N ARG K 106 21.05 -17.99 -24.10
CA ARG K 106 21.05 -19.34 -24.69
C ARG K 106 21.29 -20.35 -23.58
N GLU K 107 22.23 -20.03 -22.68
CA GLU K 107 22.56 -20.93 -21.58
C GLU K 107 21.35 -21.07 -20.67
N GLN K 108 20.58 -20.00 -20.51
CA GLN K 108 19.39 -20.03 -19.66
C GLN K 108 18.35 -21.00 -20.25
N LEU K 109 18.06 -20.86 -21.55
CA LEU K 109 17.07 -21.71 -22.21
C LEU K 109 17.49 -23.18 -22.25
N SER K 110 18.78 -23.42 -22.00
CA SER K 110 19.32 -24.78 -22.01
C SER K 110 18.87 -25.62 -20.82
N SER K 111 18.33 -24.97 -19.79
CA SER K 111 17.85 -25.69 -18.61
C SER K 111 16.34 -25.47 -18.46
N VAL K 112 15.70 -25.12 -19.57
CA VAL K 112 14.26 -24.90 -19.58
C VAL K 112 13.62 -26.13 -20.26
N SER K 113 12.69 -26.78 -19.56
CA SER K 113 12.02 -27.95 -20.11
C SER K 113 10.74 -27.55 -20.84
N SER K 114 10.15 -26.43 -20.43
CA SER K 114 8.93 -25.96 -21.05
C SER K 114 8.59 -24.57 -20.55
N PHE K 115 7.75 -23.88 -21.31
CA PHE K 115 7.32 -22.54 -20.93
C PHE K 115 5.96 -22.22 -21.52
N GLU K 116 5.37 -21.12 -21.06
CA GLU K 116 4.11 -20.70 -21.64
C GLU K 116 4.28 -19.29 -22.17
N ARG K 117 3.98 -19.12 -23.45
CA ARG K 117 4.08 -17.81 -24.08
C ARG K 117 2.75 -17.10 -23.80
N PHE K 118 2.79 -15.96 -23.13
CA PHE K 118 1.58 -15.22 -22.81
C PHE K 118 1.75 -13.73 -23.04
N GLU K 119 0.62 -13.04 -23.21
CA GLU K 119 0.63 -11.58 -23.42
C GLU K 119 0.93 -10.85 -22.13
N ILE K 120 2.11 -10.27 -22.03
CA ILE K 120 2.48 -9.52 -20.85
C ILE K 120 1.89 -8.10 -20.95
N PHE K 121 1.83 -7.58 -22.17
CA PHE K 121 1.25 -6.27 -22.43
C PHE K 121 0.38 -6.35 -23.68
N PRO K 122 -0.92 -6.63 -23.51
CA PRO K 122 -1.87 -6.72 -24.62
C PRO K 122 -1.75 -5.59 -25.63
N LYS K 123 -1.57 -5.97 -26.90
CA LYS K 123 -1.45 -5.05 -28.01
C LYS K 123 -2.43 -3.89 -27.89
N GLU K 124 -3.70 -4.23 -27.71
CA GLU K 124 -4.74 -3.23 -27.58
C GLU K 124 -5.22 -3.14 -26.13
N SER K 125 -4.93 -1.99 -25.51
CA SER K 125 -5.31 -1.69 -24.12
C SER K 125 -4.11 -1.25 -23.31
N SER K 126 -2.92 -1.72 -23.70
CA SER K 126 -1.70 -1.38 -22.97
C SER K 126 -1.10 -0.03 -23.36
N TRP K 127 -1.26 0.37 -24.62
CA TRP K 127 -0.70 1.63 -25.09
C TRP K 127 -1.75 2.52 -25.76
N PRO K 128 -2.67 3.08 -24.97
CA PRO K 128 -3.76 3.94 -25.46
C PRO K 128 -3.32 5.19 -26.24
N ASN K 129 -2.22 5.80 -25.82
CA ASN K 129 -1.74 7.03 -26.44
C ASN K 129 -0.53 6.92 -27.35
N HIS K 130 -0.32 5.74 -27.94
CA HIS K 130 0.82 5.56 -28.82
C HIS K 130 0.42 4.69 -29.99
N ASN K 131 1.12 4.83 -31.11
CA ASN K 131 0.85 3.97 -32.25
C ASN K 131 1.66 2.70 -32.02
N THR K 132 1.15 1.58 -32.50
CA THR K 132 1.82 0.29 -32.30
C THR K 132 1.89 -0.49 -33.61
N ASN K 133 1.51 0.13 -34.71
CA ASN K 133 1.51 -0.54 -36.01
C ASN K 133 2.82 -0.45 -36.76
N GLY K 134 3.87 0.06 -36.11
CA GLY K 134 5.15 0.18 -36.77
C GLY K 134 5.71 -1.16 -37.26
N VAL K 135 6.20 -1.17 -38.49
CA VAL K 135 6.76 -2.38 -39.09
C VAL K 135 8.02 -2.03 -39.85
N THR K 136 8.69 -3.04 -40.42
CA THR K 136 9.91 -2.83 -41.17
C THR K 136 10.13 -3.90 -42.23
N ALA K 137 10.77 -3.52 -43.33
CA ALA K 137 11.04 -4.45 -44.43
C ALA K 137 12.14 -5.40 -44.01
N ALA K 138 12.87 -5.04 -42.95
CA ALA K 138 13.93 -5.89 -42.45
C ALA K 138 13.32 -7.14 -41.81
N CYS K 139 12.07 -7.02 -41.36
CA CYS K 139 11.38 -8.16 -40.75
C CYS K 139 10.13 -8.43 -41.60
N SER K 140 10.34 -8.70 -42.88
CA SER K 140 9.23 -8.94 -43.77
C SER K 140 8.67 -10.37 -43.65
N HIS K 141 7.42 -10.52 -44.05
CA HIS K 141 6.76 -11.81 -44.02
C HIS K 141 5.70 -11.81 -45.12
N GLU K 142 5.76 -12.80 -45.99
CA GLU K 142 4.84 -12.90 -47.12
C GLU K 142 5.09 -11.74 -48.08
N GLY K 143 6.35 -11.32 -48.18
CA GLY K 143 6.70 -10.22 -49.06
C GLY K 143 6.29 -8.84 -48.58
N LYS K 144 5.70 -8.76 -47.40
CA LYS K 144 5.26 -7.48 -46.85
C LYS K 144 6.04 -7.14 -45.58
N SER K 145 6.17 -5.84 -45.30
CA SER K 145 6.87 -5.40 -44.10
C SER K 145 6.10 -5.88 -42.86
N SER K 146 6.83 -6.39 -41.88
CA SER K 146 6.19 -6.86 -40.66
C SER K 146 7.06 -6.56 -39.43
N PHE K 147 6.83 -7.30 -38.34
CA PHE K 147 7.60 -7.08 -37.12
C PHE K 147 7.58 -8.31 -36.22
N TYR K 148 8.50 -8.33 -35.25
CA TYR K 148 8.61 -9.42 -34.30
C TYR K 148 7.24 -9.72 -33.70
N ARG K 149 6.94 -10.99 -33.49
CA ARG K 149 5.65 -11.37 -32.93
C ARG K 149 5.54 -11.12 -31.43
N ASN K 150 6.67 -11.01 -30.75
CA ASN K 150 6.63 -10.81 -29.30
C ASN K 150 6.93 -9.41 -28.80
N LEU K 151 7.18 -8.48 -29.73
CA LEU K 151 7.48 -7.10 -29.38
C LEU K 151 6.57 -6.16 -30.16
N LEU K 152 6.49 -4.91 -29.71
CA LEU K 152 5.67 -3.89 -30.36
C LEU K 152 6.48 -2.61 -30.57
N TRP K 153 6.47 -2.09 -31.79
CA TRP K 153 7.21 -0.86 -32.09
C TRP K 153 6.30 0.31 -31.76
N LEU K 154 6.59 1.01 -30.66
CA LEU K 154 5.78 2.14 -30.26
C LEU K 154 6.28 3.42 -30.91
N THR K 155 5.36 4.21 -31.46
CA THR K 155 5.72 5.46 -32.10
C THR K 155 4.72 6.57 -31.77
N GLU K 156 5.07 7.76 -32.20
CA GLU K 156 4.26 8.96 -32.00
C GLU K 156 2.82 8.75 -32.47
N LYS K 157 1.89 9.38 -31.77
CA LYS K 157 0.48 9.31 -32.13
C LYS K 157 -0.12 10.72 -32.16
N GLU K 158 -0.50 11.17 -33.36
CA GLU K 158 -1.07 12.49 -33.52
C GLU K 158 -0.07 13.57 -33.12
N GLY K 159 1.17 13.39 -33.56
CA GLY K 159 2.23 14.35 -33.26
C GLY K 159 2.75 14.36 -31.84
N SER K 160 2.33 13.40 -31.03
CA SER K 160 2.77 13.35 -29.64
C SER K 160 3.16 11.96 -29.15
N TYR K 161 4.17 11.91 -28.28
CA TYR K 161 4.64 10.65 -27.69
C TYR K 161 4.71 10.92 -26.19
N PRO K 162 3.58 10.71 -25.49
CA PRO K 162 3.50 10.93 -24.04
C PRO K 162 4.46 10.01 -23.29
N LYS K 163 4.96 10.46 -22.16
CA LYS K 163 5.85 9.61 -21.37
C LYS K 163 4.96 8.47 -20.91
N LEU K 164 5.40 7.23 -21.12
CA LEU K 164 4.61 6.09 -20.72
C LEU K 164 5.20 5.37 -19.52
N LYS K 165 4.33 4.69 -18.78
CA LYS K 165 4.76 3.92 -17.63
C LYS K 165 3.80 2.76 -17.51
N ASN K 166 4.31 1.55 -17.72
CA ASN K 166 3.51 0.36 -17.64
C ASN K 166 4.26 -0.65 -16.81
N SER K 167 3.55 -1.37 -15.96
CA SER K 167 4.19 -2.37 -15.13
C SER K 167 3.42 -3.66 -15.21
N TYR K 168 4.11 -4.75 -14.88
CA TYR K 168 3.52 -6.07 -14.88
C TYR K 168 3.94 -6.80 -13.61
N VAL K 169 2.95 -7.39 -12.93
CA VAL K 169 3.22 -8.13 -11.71
C VAL K 169 3.22 -9.60 -12.06
N ASN K 170 4.32 -10.28 -11.77
CA ASN K 170 4.45 -11.69 -12.09
C ASN K 170 3.69 -12.61 -11.13
N LYS K 171 2.57 -13.14 -11.60
CA LYS K 171 1.76 -14.05 -10.80
C LYS K 171 1.64 -15.42 -11.48
N LYS K 172 2.63 -15.77 -12.29
CA LYS K 172 2.67 -17.04 -13.00
C LYS K 172 3.19 -18.16 -12.09
N GLY K 173 3.76 -17.77 -10.96
CA GLY K 173 4.29 -18.75 -10.04
C GLY K 173 5.62 -19.28 -10.53
N LYS K 174 6.16 -18.65 -11.57
CA LYS K 174 7.44 -19.06 -12.15
C LYS K 174 8.21 -17.85 -12.68
N GLU K 175 9.49 -18.06 -13.02
CA GLU K 175 10.30 -16.99 -13.59
C GLU K 175 9.70 -16.60 -14.91
N VAL K 176 9.68 -15.31 -15.20
CA VAL K 176 9.15 -14.84 -16.47
C VAL K 176 10.26 -14.15 -17.26
N LEU K 177 10.56 -14.69 -18.43
CA LEU K 177 11.56 -14.12 -19.30
C LEU K 177 10.91 -12.96 -20.06
N VAL K 178 11.45 -11.76 -19.87
CA VAL K 178 10.93 -10.59 -20.55
C VAL K 178 11.98 -10.04 -21.51
N LEU K 179 11.59 -9.79 -22.76
CA LEU K 179 12.50 -9.26 -23.76
C LEU K 179 11.93 -7.96 -24.30
N TRP K 180 12.81 -7.07 -24.73
CA TRP K 180 12.38 -5.78 -25.27
C TRP K 180 13.54 -5.18 -26.05
N GLY K 181 13.28 -4.12 -26.80
CA GLY K 181 14.35 -3.50 -27.56
C GLY K 181 14.37 -1.99 -27.41
N ILE K 182 15.47 -1.40 -27.85
CA ILE K 182 15.63 0.04 -27.83
C ILE K 182 16.03 0.41 -29.24
N HIS K 183 15.27 1.29 -29.87
CA HIS K 183 15.58 1.70 -31.25
C HIS K 183 16.43 2.95 -31.31
N HIS K 184 17.41 2.93 -32.20
CA HIS K 184 18.33 4.05 -32.39
C HIS K 184 18.28 4.62 -33.80
N PRO K 185 17.58 5.76 -34.00
CA PRO K 185 17.51 6.36 -35.34
C PRO K 185 18.91 6.77 -35.80
N PRO K 186 19.11 6.90 -37.12
CA PRO K 186 20.42 7.30 -37.67
C PRO K 186 20.65 8.82 -37.66
N ASN K 187 19.56 9.58 -37.54
CA ASN K 187 19.64 11.05 -37.51
C ASN K 187 18.53 11.64 -36.63
N SER K 188 18.74 12.87 -36.19
CA SER K 188 17.81 13.58 -35.32
C SER K 188 16.41 13.81 -35.88
N LYS K 189 16.32 13.96 -37.20
CA LYS K 189 15.03 14.19 -37.84
C LYS K 189 14.13 13.00 -37.62
N GLU K 190 14.65 11.81 -37.88
CA GLU K 190 13.88 10.59 -37.70
C GLU K 190 13.50 10.38 -36.24
N GLN K 191 14.41 10.70 -35.34
CA GLN K 191 14.15 10.56 -33.91
C GLN K 191 12.92 11.39 -33.57
N GLN K 192 12.84 12.59 -34.15
CA GLN K 192 11.71 13.47 -33.91
C GLN K 192 10.45 12.99 -34.61
N ASN K 193 10.59 12.57 -35.87
CA ASN K 193 9.42 12.08 -36.62
C ASN K 193 8.77 10.90 -35.91
N LEU K 194 9.59 9.99 -35.39
CA LEU K 194 9.06 8.81 -34.72
C LEU K 194 8.66 8.97 -33.26
N TYR K 195 9.46 9.70 -32.49
CA TYR K 195 9.16 9.84 -31.06
C TYR K 195 8.96 11.25 -30.51
N GLN K 196 8.91 12.26 -31.38
CA GLN K 196 8.70 13.64 -30.96
C GLN K 196 9.82 14.23 -30.08
N ASN K 197 9.98 13.70 -28.88
CA ASN K 197 11.00 14.18 -27.96
C ASN K 197 12.41 13.93 -28.51
N GLU K 198 13.25 14.96 -28.48
CA GLU K 198 14.62 14.84 -28.99
C GLU K 198 15.57 14.13 -28.03
N ASN K 199 15.34 14.29 -26.74
CA ASN K 199 16.17 13.66 -25.71
C ASN K 199 15.34 12.64 -24.94
N ALA K 200 15.06 11.52 -25.59
CA ALA K 200 14.26 10.47 -24.98
C ALA K 200 15.09 9.52 -24.12
N TYR K 201 14.40 8.64 -23.40
CA TYR K 201 15.06 7.67 -22.56
C TYR K 201 14.10 6.55 -22.22
N VAL K 202 14.66 5.41 -21.86
CA VAL K 202 13.86 4.26 -21.48
C VAL K 202 14.43 3.73 -20.17
N SER K 203 13.54 3.37 -19.26
CA SER K 203 13.94 2.85 -17.97
C SER K 203 13.19 1.54 -17.77
N VAL K 204 13.89 0.52 -17.28
CA VAL K 204 13.31 -0.78 -17.04
C VAL K 204 13.81 -1.26 -15.68
N VAL K 205 12.90 -1.55 -14.77
CA VAL K 205 13.29 -1.98 -13.45
C VAL K 205 12.41 -3.04 -12.81
N THR K 206 13.02 -3.83 -11.93
CA THR K 206 12.34 -4.88 -11.17
C THR K 206 12.96 -4.75 -9.78
N SER K 207 12.82 -5.77 -8.94
CA SER K 207 13.41 -5.72 -7.61
C SER K 207 14.91 -5.95 -7.69
N ASN K 208 15.35 -6.63 -8.74
CA ASN K 208 16.77 -6.93 -8.89
C ASN K 208 17.38 -6.53 -10.24
N TYR K 209 16.63 -5.78 -11.03
CA TYR K 209 17.13 -5.33 -12.33
C TYR K 209 16.86 -3.83 -12.41
N ASN K 210 17.85 -3.10 -12.90
CA ASN K 210 17.74 -1.66 -12.99
C ASN K 210 18.61 -1.10 -14.11
N ARG K 211 18.01 -0.71 -15.22
CA ARG K 211 18.78 -0.17 -16.32
C ARG K 211 18.09 0.96 -17.06
N ARG K 212 18.89 1.92 -17.52
CA ARG K 212 18.38 3.08 -18.26
C ARG K 212 19.03 3.09 -19.64
N PHE K 213 18.25 3.43 -20.65
CA PHE K 213 18.75 3.45 -22.02
C PHE K 213 18.57 4.80 -22.68
N THR K 214 19.62 5.24 -23.37
CA THR K 214 19.60 6.52 -24.08
C THR K 214 19.85 6.32 -25.57
N PRO K 215 19.01 6.94 -26.42
CA PRO K 215 19.22 6.77 -27.85
C PRO K 215 20.59 7.37 -28.20
N GLU K 216 21.34 6.69 -29.05
CA GLU K 216 22.62 7.19 -29.48
C GLU K 216 22.46 7.28 -30.98
N ILE K 217 22.22 8.51 -31.44
CA ILE K 217 21.98 8.82 -32.84
C ILE K 217 23.24 9.09 -33.64
N ALA K 218 23.32 8.49 -34.82
CA ALA K 218 24.46 8.67 -35.70
C ALA K 218 24.25 7.92 -37.00
N GLU K 219 24.89 8.39 -38.07
CA GLU K 219 24.81 7.76 -39.39
C GLU K 219 25.57 6.45 -39.31
N ARG K 220 25.00 5.38 -39.83
CA ARG K 220 25.65 4.07 -39.78
C ARG K 220 25.52 3.37 -41.13
N PRO K 221 26.43 2.42 -41.41
CA PRO K 221 26.36 1.68 -42.68
C PRO K 221 25.05 0.90 -42.65
N LYS K 222 24.47 0.63 -43.81
CA LYS K 222 23.22 -0.11 -43.86
C LYS K 222 23.39 -1.62 -43.63
N VAL K 223 22.50 -2.19 -42.84
CA VAL K 223 22.51 -3.63 -42.56
C VAL K 223 21.07 -4.03 -42.82
N ARG K 224 20.86 -4.95 -43.75
CA ARG K 224 19.51 -5.38 -44.11
C ARG K 224 18.73 -4.18 -44.60
N ASP K 225 19.44 -3.28 -45.27
CA ASP K 225 18.88 -2.06 -45.83
C ASP K 225 18.45 -1.03 -44.81
N GLN K 226 18.86 -1.21 -43.56
CA GLN K 226 18.51 -0.26 -42.52
C GLN K 226 19.74 0.36 -41.86
N ALA K 227 19.73 1.69 -41.76
CA ALA K 227 20.82 2.42 -41.13
C ALA K 227 20.51 2.52 -39.64
N GLY K 228 19.26 2.25 -39.31
CA GLY K 228 18.86 2.29 -37.92
C GLY K 228 19.41 1.08 -37.21
N ARG K 229 19.23 1.03 -35.90
CA ARG K 229 19.69 -0.09 -35.10
C ARG K 229 18.72 -0.35 -33.96
N MET K 230 18.64 -1.61 -33.56
CA MET K 230 17.78 -2.02 -32.46
C MET K 230 18.59 -2.93 -31.54
N ASN K 231 18.78 -2.51 -30.29
CA ASN K 231 19.52 -3.33 -29.34
C ASN K 231 18.45 -4.06 -28.54
N TYR K 232 18.68 -5.34 -28.30
CA TYR K 232 17.72 -6.16 -27.57
C TYR K 232 18.20 -6.55 -26.19
N TYR K 233 17.28 -6.48 -25.23
CA TYR K 233 17.60 -6.81 -23.84
C TYR K 233 16.58 -7.77 -23.24
N TRP K 234 16.97 -8.43 -22.15
CA TRP K 234 16.10 -9.36 -21.46
C TRP K 234 16.43 -9.44 -19.99
N THR K 235 15.50 -9.99 -19.23
CA THR K 235 15.73 -10.18 -17.81
C THR K 235 14.73 -11.22 -17.31
N LEU K 236 15.06 -11.85 -16.19
CA LEU K 236 14.17 -12.85 -15.60
C LEU K 236 13.44 -12.19 -14.45
N LEU K 237 12.11 -12.10 -14.58
CA LEU K 237 11.29 -11.49 -13.54
C LEU K 237 10.90 -12.61 -12.58
N LYS K 238 11.38 -12.53 -11.34
CA LYS K 238 11.07 -13.55 -10.34
C LYS K 238 9.60 -13.62 -9.99
N PRO K 239 9.13 -14.78 -9.50
CA PRO K 239 7.72 -14.95 -9.13
C PRO K 239 7.32 -13.91 -8.08
N GLY K 240 6.21 -13.21 -8.32
CA GLY K 240 5.75 -12.22 -7.38
C GLY K 240 6.31 -10.81 -7.58
N ASP K 241 7.43 -10.70 -8.28
CA ASP K 241 8.06 -9.40 -8.51
C ASP K 241 7.37 -8.59 -9.61
N THR K 242 7.67 -7.30 -9.68
CA THR K 242 7.07 -6.43 -10.68
C THR K 242 8.11 -5.79 -11.59
N ILE K 243 7.75 -5.61 -12.86
CA ILE K 243 8.66 -4.97 -13.79
C ILE K 243 7.99 -3.69 -14.28
N ILE K 244 8.76 -2.61 -14.32
CA ILE K 244 8.20 -1.34 -14.76
C ILE K 244 8.92 -0.77 -15.96
N PHE K 245 8.16 -0.42 -16.99
CA PHE K 245 8.71 0.18 -18.18
C PHE K 245 8.31 1.65 -18.20
N GLU K 246 9.30 2.52 -18.39
CA GLU K 246 9.06 3.95 -18.46
C GLU K 246 9.85 4.48 -19.64
N ALA K 247 9.22 5.32 -20.46
CA ALA K 247 9.90 5.86 -21.61
C ALA K 247 9.16 7.01 -22.27
N ASN K 248 9.88 7.81 -23.03
CA ASN K 248 9.26 8.90 -23.77
C ASN K 248 9.73 8.80 -25.21
N GLY K 249 10.07 7.57 -25.60
CA GLY K 249 10.51 7.28 -26.96
C GLY K 249 11.48 6.12 -27.08
N ASN K 250 11.68 5.66 -28.31
CA ASN K 250 12.64 4.59 -28.61
C ASN K 250 12.44 3.20 -28.01
N LEU K 251 11.34 2.99 -27.28
CA LEU K 251 11.10 1.68 -26.70
C LEU K 251 10.43 0.68 -27.63
N ILE K 252 11.05 -0.48 -27.79
CA ILE K 252 10.46 -1.55 -28.59
C ILE K 252 9.93 -2.42 -27.44
N ALA K 253 8.67 -2.20 -27.09
CA ALA K 253 8.04 -2.87 -25.96
C ALA K 253 7.66 -4.35 -26.05
N PRO K 254 7.69 -5.03 -24.91
CA PRO K 254 7.34 -6.45 -24.81
C PRO K 254 5.84 -6.60 -25.08
N MET K 255 5.46 -7.66 -25.78
CA MET K 255 4.04 -7.90 -26.01
C MET K 255 3.77 -9.29 -25.44
N TYR K 256 4.65 -10.24 -25.76
CA TYR K 256 4.54 -11.59 -25.23
C TYR K 256 5.79 -11.88 -24.41
N ALA K 257 5.61 -12.63 -23.32
CA ALA K 257 6.71 -13.01 -22.44
C ALA K 257 6.64 -14.52 -22.18
N PHE K 258 7.59 -15.06 -21.44
CA PHE K 258 7.61 -16.50 -21.20
C PHE K 258 7.75 -16.92 -19.75
N ALA K 259 6.79 -17.72 -19.28
CA ALA K 259 6.84 -18.25 -17.91
C ALA K 259 7.61 -19.54 -18.05
N LEU K 260 8.82 -19.57 -17.49
CA LEU K 260 9.70 -20.72 -17.60
C LEU K 260 9.60 -21.81 -16.54
N ARG K 261 9.80 -23.04 -16.99
CA ARG K 261 9.80 -24.19 -16.10
C ARG K 261 11.18 -24.82 -16.34
N ARG K 262 11.90 -25.10 -15.27
CA ARG K 262 13.23 -25.69 -15.37
C ARG K 262 13.23 -27.21 -15.35
N GLY K 263 14.25 -27.79 -15.97
CA GLY K 263 14.39 -29.23 -16.02
C GLY K 263 15.87 -29.56 -16.05
N PHE K 264 16.20 -30.84 -16.17
CA PHE K 264 17.60 -31.24 -16.21
C PHE K 264 17.87 -32.08 -17.45
N GLY K 265 19.14 -32.17 -17.83
CA GLY K 265 19.54 -32.97 -18.98
C GLY K 265 19.34 -32.38 -20.36
N SER K 266 18.77 -31.19 -20.44
CA SER K 266 18.54 -30.58 -21.74
C SER K 266 19.78 -29.81 -22.22
N GLY K 267 19.75 -29.34 -23.45
CA GLY K 267 20.87 -28.62 -24.01
C GLY K 267 20.59 -28.25 -25.46
N ILE K 268 21.50 -27.48 -26.05
CA ILE K 268 21.34 -27.07 -27.44
C ILE K 268 22.39 -27.77 -28.28
N ILE K 269 21.98 -28.38 -29.39
CA ILE K 269 22.95 -29.04 -30.27
C ILE K 269 22.73 -28.53 -31.68
N THR K 270 23.73 -28.74 -32.54
CA THR K 270 23.63 -28.33 -33.92
C THR K 270 23.71 -29.61 -34.75
N SER K 271 22.69 -29.82 -35.56
CA SER K 271 22.63 -31.04 -36.35
C SER K 271 21.94 -30.86 -37.68
N ASN K 272 22.35 -31.63 -38.67
CA ASN K 272 21.70 -31.58 -39.96
C ASN K 272 20.95 -32.91 -40.19
N ALA K 273 20.88 -33.72 -39.14
CA ALA K 273 20.16 -34.99 -39.21
C ALA K 273 18.67 -34.68 -39.12
N SER K 274 17.82 -35.61 -39.54
CA SER K 274 16.38 -35.39 -39.50
C SER K 274 15.66 -36.06 -38.35
N MET K 275 14.58 -35.42 -37.92
CA MET K 275 13.75 -35.93 -36.83
C MET K 275 12.88 -37.07 -37.35
N HIS K 276 12.84 -38.17 -36.60
CA HIS K 276 12.04 -39.34 -36.97
C HIS K 276 11.26 -39.76 -35.72
N GLU K 277 10.27 -40.62 -35.90
CA GLU K 277 9.49 -41.08 -34.75
C GLU K 277 10.20 -42.25 -34.09
N CYS K 278 11.35 -41.95 -33.48
CA CYS K 278 12.17 -42.94 -32.79
C CYS K 278 12.39 -42.46 -31.36
N ASN K 279 12.67 -43.38 -30.46
CA ASN K 279 12.90 -43.02 -29.07
C ASN K 279 14.28 -43.52 -28.68
N THR K 280 14.97 -42.74 -27.85
CA THR K 280 16.33 -43.11 -27.44
C THR K 280 16.63 -42.55 -26.05
N LYS K 281 17.72 -43.03 -25.46
CA LYS K 281 18.15 -42.55 -24.16
C LYS K 281 19.41 -41.73 -24.36
N CYS K 282 20.01 -41.89 -25.53
CA CYS K 282 21.22 -41.16 -25.88
C CYS K 282 21.16 -40.59 -27.29
N GLN K 283 21.29 -39.26 -27.39
CA GLN K 283 21.24 -38.60 -28.69
C GLN K 283 22.49 -37.76 -28.97
N THR K 284 23.01 -37.87 -30.18
CA THR K 284 24.17 -37.08 -30.59
C THR K 284 23.74 -36.34 -31.85
N PRO K 285 24.54 -35.35 -32.29
CA PRO K 285 24.21 -34.57 -33.50
C PRO K 285 24.15 -35.44 -34.76
N LEU K 286 24.81 -36.59 -34.74
CA LEU K 286 24.83 -37.48 -35.90
C LEU K 286 23.69 -38.50 -35.88
N GLY K 287 23.22 -38.84 -34.69
CA GLY K 287 22.15 -39.82 -34.59
C GLY K 287 22.08 -40.37 -33.18
N ALA K 288 21.03 -41.15 -32.92
CA ALA K 288 20.83 -41.73 -31.60
C ALA K 288 21.64 -42.99 -31.38
N ILE K 289 22.03 -43.20 -30.12
CA ILE K 289 22.80 -44.36 -29.71
C ILE K 289 21.97 -45.26 -28.81
N ASN K 290 22.06 -46.57 -29.03
CA ASN K 290 21.35 -47.54 -28.21
C ASN K 290 22.42 -48.56 -27.85
N SER K 291 23.07 -48.36 -26.71
CA SER K 291 24.15 -49.23 -26.29
C SER K 291 24.39 -49.25 -24.78
N SER K 292 25.11 -50.27 -24.33
CA SER K 292 25.46 -50.44 -22.92
C SER K 292 26.98 -50.42 -22.80
N LEU K 293 27.66 -50.24 -23.92
CA LEU K 293 29.12 -50.20 -23.93
C LEU K 293 29.63 -48.97 -23.17
N PRO K 294 30.82 -49.08 -22.58
CA PRO K 294 31.38 -47.94 -21.82
C PRO K 294 31.84 -46.75 -22.66
N TYR K 295 32.27 -47.00 -23.89
CA TYR K 295 32.75 -45.92 -24.74
C TYR K 295 32.07 -45.80 -26.09
N GLN K 296 32.36 -44.68 -26.77
CA GLN K 296 31.82 -44.41 -28.10
C GLN K 296 32.75 -43.39 -28.76
N ASN K 297 32.87 -43.49 -30.08
CA ASN K 297 33.72 -42.58 -30.84
C ASN K 297 32.91 -41.87 -31.91
N ILE K 298 31.60 -41.82 -31.67
CA ILE K 298 30.68 -41.19 -32.59
C ILE K 298 30.69 -39.65 -32.52
N HIS K 299 30.50 -39.09 -31.34
CA HIS K 299 30.49 -37.64 -31.21
C HIS K 299 30.63 -37.19 -29.75
N PRO K 300 31.33 -36.06 -29.51
CA PRO K 300 31.52 -35.55 -28.15
C PRO K 300 30.28 -34.90 -27.57
N VAL K 301 29.39 -34.40 -28.43
CA VAL K 301 28.17 -33.76 -27.97
C VAL K 301 27.15 -34.85 -27.67
N THR K 302 26.62 -34.82 -26.45
CA THR K 302 25.71 -35.82 -25.95
C THR K 302 24.50 -35.31 -25.17
N ILE K 303 23.32 -35.86 -25.45
CA ILE K 303 22.10 -35.52 -24.72
C ILE K 303 21.57 -36.82 -24.11
N GLY K 304 21.38 -36.84 -22.79
CA GLY K 304 20.87 -38.02 -22.12
C GLY K 304 21.85 -38.83 -21.29
N GLU K 305 21.79 -40.15 -21.45
CA GLU K 305 22.69 -41.05 -20.73
C GLU K 305 23.43 -41.81 -21.83
N CYS K 306 24.70 -41.45 -22.01
CA CYS K 306 25.51 -42.02 -23.07
C CYS K 306 26.86 -42.61 -22.67
N PRO K 307 27.52 -43.30 -23.61
CA PRO K 307 28.84 -43.89 -23.34
C PRO K 307 29.80 -42.70 -23.39
N LYS K 308 30.97 -42.82 -22.77
CA LYS K 308 31.94 -41.75 -22.79
C LYS K 308 32.63 -41.66 -24.15
N TYR K 309 32.69 -40.44 -24.69
CA TYR K 309 33.34 -40.23 -25.98
C TYR K 309 34.86 -40.25 -25.85
N VAL K 310 35.49 -41.01 -26.75
CA VAL K 310 36.96 -41.12 -26.82
C VAL K 310 37.34 -41.06 -28.31
N ARG K 311 38.60 -40.74 -28.60
CA ARG K 311 39.02 -40.64 -29.99
C ARG K 311 39.46 -42.00 -30.56
N SER K 312 39.52 -43.01 -29.72
CA SER K 312 39.93 -44.34 -30.13
C SER K 312 39.18 -44.90 -31.33
N ALA K 313 39.88 -45.69 -32.13
CA ALA K 313 39.28 -46.32 -33.31
C ALA K 313 38.86 -47.72 -32.90
N LYS K 314 39.57 -48.27 -31.91
CA LYS K 314 39.27 -49.62 -31.44
C LYS K 314 39.60 -49.85 -29.97
N LEU K 315 38.68 -50.50 -29.27
CA LEU K 315 38.85 -50.85 -27.87
C LEU K 315 38.15 -52.19 -27.70
N ARG K 316 38.94 -53.26 -27.82
CA ARG K 316 38.43 -54.61 -27.70
C ARG K 316 39.23 -55.34 -26.63
N MET K 317 38.50 -55.92 -25.68
CA MET K 317 39.10 -56.63 -24.58
C MET K 317 39.01 -58.13 -24.82
N VAL K 318 40.15 -58.82 -24.79
CA VAL K 318 40.14 -60.26 -25.00
C VAL K 318 39.58 -60.96 -23.76
N THR K 319 38.78 -61.99 -23.98
CA THR K 319 38.23 -62.75 -22.87
C THR K 319 38.79 -64.17 -22.94
N GLY K 320 38.81 -64.72 -24.15
CA GLY K 320 39.34 -66.06 -24.35
C GLY K 320 40.85 -66.04 -24.36
N LEU K 321 41.47 -66.93 -25.14
CA LEU K 321 42.92 -66.99 -25.21
C LEU K 321 43.48 -66.89 -26.61
N ARG K 322 44.81 -66.89 -26.67
CA ARG K 322 45.53 -66.82 -27.92
C ARG K 322 45.02 -68.01 -28.72
N ASN K 323 44.37 -67.73 -29.84
CA ASN K 323 43.81 -68.78 -30.69
C ASN K 323 44.86 -69.45 -31.56
N ILE K 324 45.05 -70.75 -31.33
CA ILE K 324 46.04 -71.52 -32.08
C ILE K 324 45.41 -72.82 -32.58
N PRO K 325 44.67 -72.75 -33.71
CA PRO K 325 44.00 -73.92 -34.31
C PRO K 325 44.93 -75.12 -34.48
N ALA K 326 46.23 -74.86 -34.49
CA ALA K 326 47.23 -75.91 -34.64
C ALA K 326 47.01 -76.72 -35.92
N ARG K 327 46.14 -76.23 -36.79
CA ARG K 327 45.84 -76.90 -38.04
C ARG K 327 47.11 -77.00 -38.91
N GLY L 1 54.24 -67.35 -23.84
CA GLY L 1 53.53 -66.83 -22.69
C GLY L 1 54.39 -66.74 -21.45
N LEU L 2 53.90 -66.01 -20.45
CA LEU L 2 54.64 -65.83 -19.21
C LEU L 2 54.84 -67.14 -18.43
N PHE L 3 53.91 -68.08 -18.54
CA PHE L 3 54.05 -69.34 -17.80
C PHE L 3 54.48 -70.54 -18.65
N GLY L 4 54.88 -70.26 -19.89
CA GLY L 4 55.36 -71.30 -20.80
C GLY L 4 54.46 -72.45 -21.23
N ALA L 5 53.18 -72.43 -20.86
CA ALA L 5 52.27 -73.51 -21.26
C ALA L 5 51.68 -73.27 -22.65
N ILE L 6 50.77 -72.31 -22.75
CA ILE L 6 50.13 -72.00 -24.03
C ILE L 6 51.18 -71.53 -25.03
N ALA L 7 51.11 -72.09 -26.24
CA ALA L 7 52.08 -71.76 -27.28
C ALA L 7 53.47 -72.03 -26.71
N GLY L 8 53.50 -72.88 -25.68
CA GLY L 8 54.75 -73.23 -25.04
C GLY L 8 55.02 -74.72 -25.14
N PHE L 9 55.15 -75.41 -24.00
CA PHE L 9 55.41 -76.84 -24.03
C PHE L 9 54.17 -77.57 -24.53
N ILE L 10 53.09 -76.82 -24.71
CA ILE L 10 51.84 -77.34 -25.24
C ILE L 10 51.60 -76.44 -26.44
N GLU L 11 52.24 -76.82 -27.55
CA GLU L 11 52.23 -76.08 -28.80
C GLU L 11 50.94 -75.48 -29.36
N GLY L 12 49.86 -76.25 -29.43
CA GLY L 12 48.64 -75.70 -29.98
C GLY L 12 47.35 -75.96 -29.22
N GLY L 13 46.26 -75.37 -29.71
CA GLY L 13 44.97 -75.53 -29.08
C GLY L 13 44.13 -76.60 -29.76
N TRP L 14 43.07 -77.04 -29.10
CA TRP L 14 42.21 -78.07 -29.66
C TRP L 14 40.85 -77.58 -30.11
N THR L 15 40.63 -77.58 -31.42
CA THR L 15 39.34 -77.17 -31.96
C THR L 15 38.29 -78.21 -31.57
N GLY L 16 38.77 -79.42 -31.24
CA GLY L 16 37.89 -80.50 -30.84
C GLY L 16 37.32 -80.24 -29.45
N MET L 17 38.02 -79.42 -28.69
CA MET L 17 37.59 -79.04 -27.33
C MET L 17 36.60 -77.89 -27.47
N ILE L 18 35.33 -78.14 -27.21
CA ILE L 18 34.32 -77.10 -27.34
C ILE L 18 33.46 -76.89 -26.10
N ASP L 19 33.84 -77.49 -24.98
CA ASP L 19 33.08 -77.35 -23.75
C ASP L 19 33.66 -76.30 -22.80
N GLY L 20 34.91 -75.93 -23.01
CA GLY L 20 35.55 -74.95 -22.17
C GLY L 20 36.86 -74.46 -22.74
N TRP L 21 37.59 -73.68 -21.95
CA TRP L 21 38.89 -73.13 -22.39
C TRP L 21 40.04 -74.10 -22.12
N TYR L 22 39.91 -74.87 -21.05
CA TYR L 22 40.95 -75.83 -20.65
C TYR L 22 40.31 -77.21 -20.51
N GLY L 23 41.02 -78.25 -20.94
CA GLY L 23 40.47 -79.59 -20.85
C GLY L 23 41.45 -80.73 -21.08
N TYR L 24 40.91 -81.93 -21.27
CA TYR L 24 41.72 -83.12 -21.50
C TYR L 24 41.33 -83.84 -22.77
N HIS L 25 42.20 -84.73 -23.24
CA HIS L 25 41.91 -85.50 -24.45
C HIS L 25 41.55 -86.93 -24.04
N HIS L 26 42.58 -87.71 -23.69
CA HIS L 26 42.43 -89.10 -23.25
C HIS L 26 42.24 -90.18 -24.32
N GLN L 27 43.08 -91.21 -24.22
CA GLN L 27 43.07 -92.38 -25.10
C GLN L 27 42.71 -93.57 -24.21
N ASN L 28 41.53 -94.13 -24.39
CA ASN L 28 41.13 -95.24 -23.53
C ASN L 28 40.80 -96.49 -24.31
N GLU L 29 40.70 -97.62 -23.59
CA GLU L 29 40.36 -98.89 -24.19
C GLU L 29 38.99 -98.72 -24.82
N GLN L 30 38.20 -97.84 -24.22
CA GLN L 30 36.86 -97.55 -24.69
C GLN L 30 36.80 -96.48 -25.77
N GLY L 31 37.91 -95.81 -26.05
CA GLY L 31 37.90 -94.80 -27.09
C GLY L 31 38.66 -93.52 -26.77
N SER L 32 38.54 -92.54 -27.68
CA SER L 32 39.19 -91.25 -27.53
C SER L 32 38.15 -90.14 -27.54
N GLY L 33 38.52 -88.97 -27.00
CA GLY L 33 37.60 -87.85 -26.95
C GLY L 33 38.17 -86.61 -26.28
N TYR L 34 37.30 -85.64 -26.03
CA TYR L 34 37.69 -84.40 -25.37
C TYR L 34 36.74 -84.13 -24.22
N ALA L 35 37.17 -83.33 -23.26
CA ALA L 35 36.35 -82.99 -22.12
C ALA L 35 36.95 -81.78 -21.42
N ALA L 36 36.10 -80.77 -21.17
CA ALA L 36 36.55 -79.56 -20.51
C ALA L 36 36.60 -79.75 -19.01
N ASP L 37 37.49 -79.00 -18.34
CA ASP L 37 37.62 -79.07 -16.89
C ASP L 37 36.75 -77.96 -16.32
N GLN L 38 35.49 -78.27 -16.05
CA GLN L 38 34.54 -77.30 -15.51
C GLN L 38 35.10 -76.47 -14.37
N LYS L 39 35.90 -77.10 -13.52
CA LYS L 39 36.52 -76.44 -12.38
C LYS L 39 37.31 -75.20 -12.81
N SER L 40 38.41 -75.43 -13.53
CA SER L 40 39.27 -74.35 -13.98
C SER L 40 38.62 -73.41 -14.99
N THR L 41 37.84 -73.96 -15.92
CA THR L 41 37.17 -73.14 -16.92
C THR L 41 36.17 -72.17 -16.29
N GLN L 42 35.41 -72.67 -15.32
CA GLN L 42 34.43 -71.82 -14.66
C GLN L 42 35.09 -70.77 -13.79
N ASN L 43 36.15 -71.15 -13.07
CA ASN L 43 36.85 -70.19 -12.22
C ASN L 43 37.41 -69.05 -13.08
N ALA L 44 37.89 -69.42 -14.27
CA ALA L 44 38.45 -68.46 -15.20
C ALA L 44 37.34 -67.57 -15.70
N ILE L 45 36.19 -68.17 -16.01
CA ILE L 45 35.06 -67.41 -16.51
C ILE L 45 34.62 -66.37 -15.51
N ASN L 46 34.55 -66.74 -14.23
CA ASN L 46 34.13 -65.81 -13.20
C ASN L 46 35.11 -64.65 -13.06
N GLY L 47 36.41 -64.97 -13.10
CA GLY L 47 37.43 -63.94 -12.97
C GLY L 47 37.40 -62.94 -14.13
N ILE L 48 37.44 -63.45 -15.35
CA ILE L 48 37.42 -62.59 -16.52
C ILE L 48 36.11 -61.84 -16.69
N THR L 49 35.01 -62.45 -16.24
CA THR L 49 33.71 -61.78 -16.34
C THR L 49 33.74 -60.61 -15.37
N ASN L 50 34.37 -60.83 -14.22
CA ASN L 50 34.46 -59.76 -13.22
C ASN L 50 35.40 -58.66 -13.70
N LYS L 51 36.45 -59.03 -14.44
CA LYS L 51 37.39 -58.04 -14.94
C LYS L 51 36.69 -57.09 -15.90
N VAL L 52 36.01 -57.65 -16.89
CA VAL L 52 35.30 -56.85 -17.89
C VAL L 52 34.23 -55.95 -17.25
N ASN L 53 33.45 -56.52 -16.33
CA ASN L 53 32.41 -55.74 -15.67
C ASN L 53 32.99 -54.62 -14.83
N SER L 54 34.20 -54.83 -14.31
CA SER L 54 34.84 -53.81 -13.51
C SER L 54 35.22 -52.65 -14.44
N VAL L 55 35.85 -52.99 -15.56
CA VAL L 55 36.27 -51.98 -16.51
C VAL L 55 35.06 -51.15 -16.93
N ILE L 56 33.96 -51.82 -17.23
CA ILE L 56 32.75 -51.15 -17.64
C ILE L 56 32.16 -50.28 -16.54
N GLU L 57 32.04 -50.86 -15.35
CA GLU L 57 31.48 -50.15 -14.21
C GLU L 57 32.22 -48.88 -13.81
N LYS L 58 33.54 -48.91 -13.86
CA LYS L 58 34.34 -47.74 -13.49
C LYS L 58 34.04 -46.52 -14.37
N MET L 59 33.64 -46.77 -15.60
CA MET L 59 33.29 -45.70 -16.53
C MET L 59 31.83 -45.33 -16.30
N ASN L 60 31.59 -44.26 -15.55
CA ASN L 60 30.21 -43.87 -15.30
C ASN L 60 29.64 -43.38 -16.61
N ILE L 61 28.31 -43.43 -16.73
CA ILE L 61 27.69 -42.97 -17.96
C ILE L 61 27.93 -41.47 -18.16
N GLN L 62 28.08 -41.08 -19.40
CA GLN L 62 28.32 -39.69 -19.76
C GLN L 62 26.95 -39.00 -19.87
N PHE L 63 26.69 -38.04 -18.98
CA PHE L 63 25.42 -37.33 -19.03
C PHE L 63 25.51 -36.19 -20.04
N THR L 64 24.44 -35.44 -20.20
CA THR L 64 24.42 -34.35 -21.18
C THR L 64 25.66 -33.46 -21.15
N ALA L 65 26.30 -33.36 -22.31
CA ALA L 65 27.49 -32.54 -22.49
C ALA L 65 27.42 -31.94 -23.89
N VAL L 66 27.28 -30.61 -23.96
CA VAL L 66 27.20 -29.92 -25.24
C VAL L 66 28.13 -28.70 -25.33
N GLY L 67 28.14 -28.06 -26.49
CA GLY L 67 28.99 -26.89 -26.68
C GLY L 67 28.38 -25.62 -26.10
N LYS L 68 29.18 -24.55 -26.07
CA LYS L 68 28.73 -23.26 -25.57
C LYS L 68 29.09 -22.21 -26.61
N GLU L 69 28.36 -21.10 -26.62
CA GLU L 69 28.67 -20.02 -27.54
C GLU L 69 29.36 -18.89 -26.77
N PHE L 70 30.18 -18.13 -27.48
CA PHE L 70 30.90 -17.01 -26.87
C PHE L 70 30.88 -15.88 -27.88
N ASN L 71 30.63 -14.65 -27.42
CA ASN L 71 30.60 -13.53 -28.36
C ASN L 71 32.02 -13.18 -28.81
N LYS L 72 32.12 -12.27 -29.79
CA LYS L 72 33.41 -11.86 -30.36
C LYS L 72 34.44 -11.37 -29.36
N LEU L 73 33.99 -10.93 -28.19
CA LEU L 73 34.92 -10.43 -27.18
C LEU L 73 35.18 -11.41 -26.05
N GLU L 74 34.87 -12.68 -26.27
CA GLU L 74 35.10 -13.71 -25.24
C GLU L 74 35.97 -14.82 -25.81
N LYS L 75 36.99 -14.42 -26.55
CA LYS L 75 37.90 -15.37 -27.15
C LYS L 75 38.73 -16.15 -26.13
N ARG L 76 39.17 -15.48 -25.07
CA ARG L 76 39.96 -16.18 -24.05
C ARG L 76 39.10 -17.23 -23.36
N MET L 77 37.85 -16.87 -23.04
CA MET L 77 36.94 -17.81 -22.38
C MET L 77 36.67 -19.00 -23.33
N GLU L 78 36.48 -18.69 -24.61
CA GLU L 78 36.22 -19.72 -25.61
C GLU L 78 37.41 -20.68 -25.69
N ASN L 79 38.61 -20.12 -25.67
CA ASN L 79 39.81 -20.94 -25.72
C ASN L 79 40.03 -21.72 -24.42
N LEU L 80 39.55 -21.18 -23.31
CA LEU L 80 39.69 -21.84 -22.02
C LEU L 80 38.78 -23.08 -22.07
N ASN L 81 37.57 -22.89 -22.59
CA ASN L 81 36.57 -23.94 -22.70
C ASN L 81 37.13 -25.06 -23.59
N ASN L 82 37.80 -24.66 -24.66
CA ASN L 82 38.40 -25.60 -25.60
C ASN L 82 39.51 -26.41 -24.91
N LYS L 83 40.35 -25.72 -24.16
CA LYS L 83 41.44 -26.39 -23.46
C LYS L 83 40.91 -27.44 -22.49
N VAL L 84 39.81 -27.10 -21.81
CA VAL L 84 39.19 -28.01 -20.87
C VAL L 84 38.63 -29.24 -21.57
N ASP L 85 37.89 -29.04 -22.66
CA ASP L 85 37.30 -30.14 -23.40
C ASP L 85 38.34 -31.07 -24.03
N ASP L 86 39.40 -30.51 -24.61
CA ASP L 86 40.45 -31.33 -25.21
C ASP L 86 41.30 -32.02 -24.16
N GLY L 87 41.49 -31.36 -23.02
CA GLY L 87 42.28 -31.92 -21.95
C GLY L 87 41.66 -33.17 -21.35
N PHE L 88 40.35 -33.11 -21.10
CA PHE L 88 39.64 -34.26 -20.55
C PHE L 88 39.56 -35.36 -21.61
N LEU L 89 39.28 -34.98 -22.85
CA LEU L 89 39.20 -35.95 -23.92
C LEU L 89 40.53 -36.70 -24.06
N ASP L 90 41.64 -35.96 -24.00
CA ASP L 90 42.95 -36.60 -24.11
C ASP L 90 43.20 -37.62 -23.01
N ILE L 91 42.84 -37.26 -21.79
CA ILE L 91 43.05 -38.12 -20.65
C ILE L 91 42.21 -39.39 -20.72
N TRP L 92 40.92 -39.26 -21.01
CA TRP L 92 40.05 -40.43 -21.11
C TRP L 92 40.42 -41.36 -22.26
N THR L 93 40.84 -40.79 -23.39
CA THR L 93 41.24 -41.59 -24.54
C THR L 93 42.50 -42.37 -24.18
N TYR L 94 43.40 -41.70 -23.47
CA TYR L 94 44.66 -42.29 -23.02
C TYR L 94 44.35 -43.41 -22.03
N ASN L 95 43.53 -43.09 -21.02
CA ASN L 95 43.16 -44.08 -20.01
C ASN L 95 42.54 -45.33 -20.62
N ALA L 96 41.51 -45.13 -21.43
CA ALA L 96 40.80 -46.24 -22.07
C ALA L 96 41.74 -47.14 -22.87
N GLU L 97 42.58 -46.54 -23.71
CA GLU L 97 43.49 -47.33 -24.52
C GLU L 97 44.55 -48.08 -23.72
N LEU L 98 45.06 -47.44 -22.67
CA LEU L 98 46.08 -48.08 -21.83
C LEU L 98 45.49 -49.22 -21.03
N LEU L 99 44.34 -48.99 -20.40
CA LEU L 99 43.72 -50.02 -19.59
C LEU L 99 43.50 -51.32 -20.39
N VAL L 100 42.97 -51.19 -21.60
CA VAL L 100 42.72 -52.36 -22.44
C VAL L 100 44.01 -53.07 -22.83
N LEU L 101 45.00 -52.32 -23.28
CA LEU L 101 46.29 -52.91 -23.65
C LEU L 101 46.91 -53.67 -22.49
N LEU L 102 46.89 -53.04 -21.32
CA LEU L 102 47.47 -53.65 -20.12
C LEU L 102 46.69 -54.85 -19.63
N GLU L 103 45.36 -54.77 -19.66
CA GLU L 103 44.55 -55.89 -19.20
C GLU L 103 44.50 -57.06 -20.16
N ASN L 104 44.66 -56.79 -21.45
CA ASN L 104 44.67 -57.85 -22.44
C ASN L 104 45.91 -58.70 -22.20
N GLU L 105 47.04 -58.03 -21.96
CA GLU L 105 48.29 -58.72 -21.69
C GLU L 105 48.09 -59.62 -20.47
N ARG L 106 47.51 -59.05 -19.42
CA ARG L 106 47.25 -59.78 -18.19
C ARG L 106 46.30 -60.95 -18.37
N THR L 107 45.29 -60.78 -19.22
CA THR L 107 44.32 -61.83 -19.45
C THR L 107 44.93 -63.05 -20.14
N LEU L 108 45.78 -62.82 -21.14
CA LEU L 108 46.41 -63.93 -21.84
C LEU L 108 47.33 -64.72 -20.91
N ASP L 109 48.05 -64.03 -20.04
CA ASP L 109 48.94 -64.70 -19.11
C ASP L 109 48.15 -65.45 -18.05
N PHE L 110 46.95 -64.95 -17.75
CA PHE L 110 46.09 -65.59 -16.77
C PHE L 110 45.73 -66.98 -17.31
N HIS L 111 45.36 -67.06 -18.58
CA HIS L 111 45.00 -68.33 -19.20
C HIS L 111 46.21 -69.26 -19.19
N ASP L 112 47.34 -68.74 -19.64
CA ASP L 112 48.60 -69.48 -19.69
C ASP L 112 48.83 -70.13 -18.32
N SER L 113 48.64 -69.34 -17.27
CA SER L 113 48.82 -69.81 -15.91
C SER L 113 47.82 -70.91 -15.54
N ASN L 114 46.57 -70.77 -15.97
CA ASN L 114 45.58 -71.77 -15.65
C ASN L 114 45.92 -73.10 -16.29
N VAL L 115 46.42 -73.06 -17.53
CA VAL L 115 46.79 -74.27 -18.24
C VAL L 115 47.95 -74.93 -17.50
N LYS L 116 48.98 -74.13 -17.21
CA LYS L 116 50.17 -74.59 -16.50
C LYS L 116 49.81 -75.29 -15.19
N ASN L 117 48.98 -74.63 -14.37
CA ASN L 117 48.59 -75.21 -13.09
C ASN L 117 47.76 -76.47 -13.25
N LEU L 118 46.92 -76.50 -14.28
CA LEU L 118 46.09 -77.66 -14.54
C LEU L 118 46.98 -78.86 -14.84
N TYR L 119 48.00 -78.62 -15.66
CA TYR L 119 48.94 -79.65 -16.03
C TYR L 119 49.65 -80.19 -14.79
N GLU L 120 50.23 -79.29 -14.01
CA GLU L 120 50.95 -79.67 -12.79
C GLU L 120 50.06 -80.39 -11.79
N LYS L 121 48.78 -80.02 -11.75
CA LYS L 121 47.84 -80.62 -10.82
C LYS L 121 47.62 -82.11 -11.15
N VAL L 122 47.70 -82.45 -12.43
CA VAL L 122 47.51 -83.83 -12.87
C VAL L 122 48.83 -84.59 -12.68
N LYS L 123 49.93 -83.93 -13.02
CA LYS L 123 51.24 -84.54 -12.89
C LYS L 123 51.45 -85.03 -11.46
N SER L 124 51.15 -84.16 -10.49
CA SER L 124 51.32 -84.50 -9.08
C SER L 124 50.36 -85.60 -8.63
N GLN L 125 49.37 -85.90 -9.46
CA GLN L 125 48.41 -86.95 -9.14
C GLN L 125 48.93 -88.29 -9.64
N LEU L 126 49.31 -88.31 -10.92
CA LEU L 126 49.82 -89.51 -11.55
C LEU L 126 51.14 -90.00 -10.96
N LYS L 127 52.12 -89.11 -10.88
CA LYS L 127 53.41 -89.46 -10.33
C LYS L 127 54.07 -90.56 -11.17
N ASN L 128 54.34 -91.70 -10.55
CA ASN L 128 54.98 -92.83 -11.22
C ASN L 128 54.08 -93.71 -12.08
N ASN L 129 52.77 -93.61 -11.89
CA ASN L 129 51.84 -94.42 -12.68
C ASN L 129 51.77 -94.02 -14.14
N ALA L 130 52.50 -92.97 -14.51
CA ALA L 130 52.51 -92.49 -15.89
C ALA L 130 53.80 -91.73 -16.18
N LYS L 131 54.06 -91.49 -17.47
CA LYS L 131 55.26 -90.78 -17.88
C LYS L 131 54.94 -89.59 -18.78
N GLU L 132 55.66 -88.49 -18.55
CA GLU L 132 55.47 -87.29 -19.34
C GLU L 132 56.09 -87.49 -20.71
N ILE L 133 55.28 -87.77 -21.72
CA ILE L 133 55.85 -87.95 -23.05
C ILE L 133 55.97 -86.61 -23.75
N GLY L 134 55.50 -85.55 -23.10
CA GLY L 134 55.58 -84.23 -23.69
C GLY L 134 54.28 -83.71 -24.27
N ASN L 135 54.33 -82.43 -24.62
CA ASN L 135 53.19 -81.69 -25.17
C ASN L 135 51.99 -81.86 -24.25
N GLY L 136 52.25 -81.91 -22.94
CA GLY L 136 51.17 -82.01 -21.98
C GLY L 136 50.41 -83.32 -21.85
N CYS L 137 50.95 -84.39 -22.40
CA CYS L 137 50.28 -85.69 -22.30
C CYS L 137 50.99 -86.62 -21.33
N PHE L 138 50.27 -87.65 -20.88
CA PHE L 138 50.83 -88.65 -19.96
C PHE L 138 50.47 -90.06 -20.40
N GLU L 139 51.47 -90.94 -20.48
CA GLU L 139 51.25 -92.34 -20.86
C GLU L 139 51.14 -93.19 -19.60
N PHE L 140 49.96 -93.75 -19.37
CA PHE L 140 49.74 -94.59 -18.20
C PHE L 140 50.47 -95.92 -18.27
N TYR L 141 51.04 -96.33 -17.13
CA TYR L 141 51.75 -97.60 -17.08
C TYR L 141 50.72 -98.68 -16.79
N HIS L 142 49.64 -98.30 -16.10
CA HIS L 142 48.57 -99.22 -15.78
C HIS L 142 47.39 -98.89 -16.68
N LYS L 143 46.34 -99.71 -16.60
CA LYS L 143 45.14 -99.48 -17.42
C LYS L 143 44.23 -98.46 -16.77
N CYS L 144 43.77 -97.51 -17.56
CA CYS L 144 42.90 -96.46 -17.06
C CYS L 144 41.60 -96.39 -17.86
N ASP L 145 40.55 -97.06 -17.35
CA ASP L 145 39.27 -97.08 -18.05
C ASP L 145 38.58 -95.71 -17.98
N ASN L 146 37.37 -95.64 -18.53
CA ASN L 146 36.60 -94.40 -18.54
C ASN L 146 36.31 -93.89 -17.13
N GLU L 147 36.02 -94.79 -16.21
CA GLU L 147 35.73 -94.42 -14.83
C GLU L 147 37.00 -93.86 -14.18
N CYS L 148 38.14 -94.43 -14.54
CA CYS L 148 39.42 -94.01 -13.99
C CYS L 148 39.86 -92.66 -14.60
N MET L 149 39.61 -92.49 -15.89
CA MET L 149 39.97 -91.24 -16.57
C MET L 149 39.26 -90.08 -15.89
N GLU L 150 38.03 -90.32 -15.46
CA GLU L 150 37.25 -89.29 -14.80
C GLU L 150 37.82 -88.94 -13.43
N SER L 151 38.41 -89.93 -12.76
CA SER L 151 39.00 -89.69 -11.44
C SER L 151 40.15 -88.71 -11.61
N VAL L 152 40.72 -88.66 -12.80
CA VAL L 152 41.83 -87.76 -13.09
C VAL L 152 41.32 -86.37 -13.44
N ARG L 153 40.25 -86.32 -14.23
CA ARG L 153 39.66 -85.05 -14.64
C ARG L 153 39.20 -84.23 -13.44
N ASN L 154 38.69 -84.90 -12.41
CA ASN L 154 38.23 -84.19 -11.23
C ASN L 154 39.12 -84.39 -10.00
N GLY L 155 40.41 -84.59 -10.25
CA GLY L 155 41.38 -84.77 -9.18
C GLY L 155 41.05 -85.68 -8.00
N THR L 156 40.54 -86.88 -8.28
CA THR L 156 40.22 -87.84 -7.23
C THR L 156 40.93 -89.15 -7.56
N TYR L 157 41.88 -89.09 -8.49
CA TYR L 157 42.67 -90.23 -8.94
C TYR L 157 43.30 -90.97 -7.77
N ASP L 158 43.24 -92.30 -7.82
CA ASP L 158 43.82 -93.12 -6.76
C ASP L 158 45.22 -93.52 -7.21
N TYR L 159 46.24 -93.01 -6.54
CA TYR L 159 47.63 -93.32 -6.89
C TYR L 159 47.79 -94.77 -7.33
C1 NAG M . -25.81 86.88 15.79
C2 NAG M . -26.99 86.31 16.61
C3 NAG M . -27.12 84.79 16.35
C4 NAG M . -27.33 84.57 14.84
C5 NAG M . -26.11 85.18 14.06
C6 NAG M . -26.23 85.04 12.54
C7 NAG M . -27.74 86.97 18.87
C8 NAG M . -27.34 87.20 20.31
N2 NAG M . -26.75 86.58 18.03
O3 NAG M . -28.21 84.25 17.08
O4 NAG M . -27.42 83.15 14.56
O5 NAG M . -25.97 86.62 14.36
O6 NAG M . -27.11 86.02 11.99
O7 NAG M . -28.92 87.12 18.51
C1 GAL M . -28.65 82.85 13.90
C2 GAL M . -28.31 81.53 13.15
C3 GAL M . -29.57 81.09 12.33
C4 GAL M . -30.76 80.89 13.31
C5 GAL M . -31.04 82.23 14.07
C6 GAL M . -32.20 82.09 15.07
O2 GAL M . -27.20 81.75 12.27
O3 GAL M . -29.25 79.85 11.64
O4 GAL M . -30.45 79.83 14.23
O5 GAL M . -29.80 82.63 14.79
O6 GAL M . -32.49 83.31 15.71
C1 SIA M . -29.03 78.04 10.21
C2 SIA M . -29.66 79.49 10.36
C3 SIA M . -29.16 80.45 9.21
C4 SIA M . -29.71 79.96 7.84
C5 SIA M . -31.27 80.00 7.89
C6 SIA M . -31.75 79.03 9.04
C7 SIA M . -33.29 78.99 9.24
C8 SIA M . -33.67 78.40 10.61
C9 SIA M . -35.13 78.00 10.58
C10 SIA M . -32.93 80.07 6.02
C11 SIA M . -33.34 79.46 4.69
N5 SIA M . -31.84 79.55 6.60
O1A SIA M . -27.77 77.92 10.21
O1B SIA M . -29.78 77.04 10.08
O4 SIA M . -29.27 80.82 6.80
O6 SIA M . -31.14 79.42 10.33
O7 SIA M . -33.81 80.33 9.18
O8 SIA M . -32.89 77.23 10.91
O9 SIA M . -35.51 77.59 11.88
O10 SIA M . -33.59 80.98 6.50
C1 NAG N . -77.14 69.65 38.95
C2 NAG N . -76.90 69.39 37.46
C3 NAG N . -75.81 68.28 37.30
C4 NAG N . -74.53 68.73 38.02
C5 NAG N . -74.85 69.00 39.52
C6 NAG N . -73.63 69.48 40.33
C7 NAG N . -78.78 69.85 35.96
C8 NAG N . -80.09 69.34 35.35
N2 NAG N . -78.15 69.02 36.81
O3 NAG N . -75.56 68.03 35.92
O4 NAG N . -73.51 67.72 37.91
O5 NAG N . -75.91 70.01 39.65
O6 NAG N . -73.25 70.80 39.93
O7 NAG N . -78.36 70.99 35.66
C1 GAL N . -72.36 68.29 37.24
C2 GAL N . -71.18 67.43 37.73
C3 GAL N . -69.88 68.02 37.09
C4 GAL N . -70.00 67.98 35.54
C5 GAL N . -71.25 68.82 35.10
C6 GAL N . -71.46 68.80 33.58
O2 GAL N . -71.08 67.48 39.17
O3 GAL N . -68.75 67.19 37.53
O4 GAL N . -70.15 66.61 35.08
O5 GAL N . -72.46 68.28 35.78
O6 GAL N . -72.55 69.63 33.19
C1 SIA N . -66.71 66.27 38.12
C2 SIA N . -67.43 67.61 37.73
C3 SIA N . -67.24 68.69 38.87
C4 SIA N . -65.74 69.10 38.98
C5 SIA N . -65.30 69.73 37.63
C6 SIA N . -65.48 68.64 36.50
C7 SIA N . -65.12 69.14 35.09
C8 SIA N . -65.62 68.20 33.97
C9 SIA N . -64.88 68.52 32.69
C10 SIA N . -63.41 71.30 37.15
C11 SIA N . -61.93 71.54 37.30
N5 SIA N . -63.89 70.15 37.67
O1A SIA N . -67.06 65.67 39.18
O1B SIA N . -65.80 65.81 37.38
O4 SIA N . -65.58 70.06 40.01
O6 SIA N . -66.88 68.15 36.46
O7 SIA N . -65.68 70.43 34.90
O8 SIA N . -65.39 66.82 34.29
O9 SIA N . -65.54 67.89 31.60
O10 SIA N . -64.11 72.13 36.58
C1 NAG O . -68.58 67.45 -18.60
C2 NAG O . -67.45 67.79 -17.62
C3 NAG O . -67.09 66.54 -16.79
C4 NAG O . -68.34 66.04 -16.07
C5 NAG O . -69.46 65.73 -17.11
C6 NAG O . -70.77 65.26 -16.46
C7 NAG O . -66.05 69.62 -18.47
C8 NAG O . -64.79 70.02 -19.24
N2 NAG O . -66.28 68.30 -18.33
O3 NAG O . -66.05 66.83 -15.86
O4 NAG O . -68.03 64.85 -15.31
O5 NAG O . -69.76 66.93 -17.91
O6 NAG O . -71.46 66.35 -15.84
O7 NAG O . -66.80 70.50 -17.99
C1 GAL O . -68.20 65.12 -13.92
C2 GAL O . -68.39 63.72 -13.31
C3 GAL O . -68.62 63.90 -11.77
C4 GAL O . -67.40 64.63 -11.14
C5 GAL O . -67.22 66.03 -11.84
C6 GAL O . -66.01 66.79 -11.29
O2 GAL O . -69.51 63.08 -13.91
O3 GAL O . -68.77 62.60 -11.18
O4 GAL O . -66.22 63.83 -11.32
O5 GAL O . -67.06 65.81 -13.30
O6 GAL O . -65.71 67.94 -12.10
C1 SIA O . -69.29 60.74 -9.87
C2 SIA O . -69.57 62.29 -10.07
C3 SIA O . -71.12 62.56 -10.29
C4 SIA O . -71.90 62.22 -8.98
C5 SIA O . -71.38 63.15 -7.85
C6 SIA O . -69.84 62.86 -7.64
C7 SIA O . -69.16 63.75 -6.56
C8 SIA O . -67.62 63.71 -6.64
C9 SIA O . -67.06 64.31 -5.37
C10 SIA O . -72.46 63.77 -5.66
C11 SIA O . -73.20 63.24 -4.44
N5 SIA O . -72.10 62.89 -6.59
O1A SIA O . -69.63 59.93 -10.78
O1B SIA O . -68.72 60.33 -8.83
O4 SIA O . -73.29 62.47 -9.18
O6 SIA O . -69.10 63.07 -8.90
O7 SIA O . -69.59 65.10 -6.75
O8 SIA O . -67.16 62.37 -6.77
O9 SIA O . -65.66 64.52 -5.52
O10 SIA O . -72.20 64.98 -5.73
C1 NAG P . 54.58 26.10 -16.40
C2 NAG P . 53.34 25.42 -15.78
C3 NAG P . 53.35 23.92 -16.15
C4 NAG P . 53.36 23.80 -17.69
C5 NAG P . 54.62 24.52 -18.25
C6 NAG P . 54.70 24.48 -19.78
C7 NAG P . 52.25 25.98 -13.66
C8 NAG P . 52.40 26.14 -12.14
N2 NAG P . 53.35 25.61 -14.33
O3 NAG P . 52.21 23.27 -15.61
O4 NAG P . 53.38 22.40 -18.07
O5 NAG P . 54.63 25.92 -17.85
O6 NAG P . 53.62 25.18 -20.38
O7 NAG P . 51.14 26.19 -14.19
C1 GAL P . 52.19 22.08 -18.81
C2 GAL P . 52.59 20.79 -19.57
C3 GAL P . 51.38 20.35 -20.45
C4 GAL P . 50.13 20.11 -19.56
C5 GAL P . 49.80 21.44 -18.78
C6 GAL P . 48.61 21.28 -17.85
O2 GAL P . 53.73 21.03 -20.39
O3 GAL P . 51.74 19.12 -21.15
O4 GAL P . 50.39 19.04 -18.62
O5 GAL P . 50.99 21.85 -17.99
O6 GAL P . 48.28 22.51 -17.21
C1 SIA P . 51.98 17.30 -22.61
C2 SIA P . 51.34 18.74 -22.44
C3 SIA P . 51.85 19.73 -23.58
C4 SIA P . 51.31 19.23 -24.97
C5 SIA P . 49.76 19.26 -24.92
C6 SIA P . 49.27 18.29 -23.77
C7 SIA P . 47.74 18.27 -23.58
C8 SIA P . 47.32 17.60 -22.24
C9 SIA P . 45.86 17.23 -22.30
C10 SIA P . 48.12 19.28 -26.80
C11 SIA P . 47.72 18.67 -28.15
N5 SIA P . 49.21 18.80 -26.22
O1A SIA P . 53.23 17.19 -22.62
O1B SIA P . 51.24 16.29 -22.74
O4 SIA P . 51.76 20.10 -26.00
O6 SIA P . 49.86 18.68 -22.47
O7 SIA P . 47.26 19.61 -23.56
O8 SIA P . 48.09 16.41 -22.02
O9 SIA P . 45.43 16.81 -21.01
O10 SIA P . 47.42 20.17 -26.33
C1 NAG Q . 4.61 10.19 4.53
C2 NAG Q . 5.29 10.17 5.93
C3 NAG Q . 6.61 9.35 5.85
C4 NAG Q . 6.29 7.93 5.34
C5 NAG Q . 5.58 8.01 3.95
C6 NAG Q . 5.19 6.63 3.39
C7 NAG Q . 6.30 12.50 5.81
C8 NAG Q . 6.37 13.86 6.51
N2 NAG Q . 5.52 11.56 6.43
O3 NAG Q . 7.25 9.29 7.12
O4 NAG Q . 7.49 7.05 5.25
O5 NAG Q . 4.38 8.85 4.02
O6 NAG Q . 4.10 6.05 4.13
O7 NAG Q . 6.92 12.31 4.75
C1 GAL Q . 8.60 7.61 4.51
C2 GAL Q . 9.80 6.73 4.94
C3 GAL Q . 11.09 7.26 4.22
C4 GAL Q . 10.88 7.19 2.69
C5 GAL Q . 9.63 8.07 2.30
C6 GAL Q . 9.34 8.02 0.79
O2 GAL Q . 9.96 6.81 6.37
O3 GAL Q . 12.22 6.42 4.63
O4 GAL Q . 10.68 5.82 2.29
O5 GAL Q . 8.44 7.56 3.04
O6 GAL Q . 8.25 8.87 0.45
C1 SIA Q . 14.28 5.48 5.18
C2 SIA Q . 13.56 6.83 4.80
C3 SIA Q . 13.75 7.92 5.94
C4 SIA Q . 15.27 8.33 6.03
C5 SIA Q . 15.70 8.94 4.67
C6 SIA Q . 15.51 7.85 3.54
C7 SIA Q . 15.86 8.36 2.12
C8 SIA Q . 15.29 7.43 1.01
C9 SIA Q . 15.95 7.79 -0.30
C10 SIA Q . 17.57 10.54 4.26
C11 SIA Q . 19.07 10.77 4.37
N5 SIA Q . 17.12 9.36 4.70
O1A SIA Q . 13.95 4.89 6.24
O1B SIA Q . 15.17 5.00 4.43
O4 SIA Q . 15.44 9.30 7.04
O6 SIA Q . 14.09 7.37 3.52
O7 SIA Q . 15.32 9.67 1.92
O8 SIA Q . 15.57 6.07 1.32
O9 SIA Q . 15.31 7.08 -1.35
O10 SIA Q . 16.85 11.42 3.79
C1 NAG R . 12.42 6.65 -51.69
C2 NAG R . 13.55 7.03 -50.72
C3 NAG R . 13.96 5.79 -49.89
C4 NAG R . 12.71 5.26 -49.15
C5 NAG R . 11.60 4.92 -50.18
C6 NAG R . 10.30 4.43 -49.53
C7 NAG R . 15.31 8.70 -51.06
C8 NAG R . 16.48 9.16 -51.92
N2 NAG R . 14.68 7.57 -51.46
O3 NAG R . 14.99 6.12 -48.98
O4 NAG R . 13.06 4.08 -48.39
O5 NAG R . 11.26 6.10 -50.99
O6 NAG R . 9.61 5.47 -48.86
O7 NAG R . 14.98 9.35 -50.06
C1 GAL R . 12.88 4.35 -47.00
C2 GAL R . 12.71 2.95 -46.37
C3 GAL R . 12.45 3.14 -44.84
C4 GAL R . 13.66 3.88 -44.20
C5 GAL R . 13.83 5.28 -44.92
C6 GAL R . 15.03 6.08 -44.38
O2 GAL R . 11.60 2.28 -46.97
O3 GAL R . 12.30 1.83 -44.23
O4 GAL R . 14.85 3.10 -44.35
O5 GAL R . 14.00 5.06 -46.37
O6 GAL R . 15.04 7.40 -44.88
C1 SIA R . 11.75 -0.02 -42.88
C2 SIA R . 11.49 1.53 -43.11
C3 SIA R . 9.94 1.80 -43.36
C4 SIA R . 9.15 1.46 -42.05
C5 SIA R . 9.66 2.37 -40.92
C6 SIA R . 11.19 2.12 -40.69
C7 SIA R . 11.82 3.02 -39.61
C8 SIA R . 13.36 3.00 -39.62
C9 SIA R . 13.84 3.55 -38.29
C10 SIA R . 8.52 2.96 -38.74
C11 SIA R . 7.78 2.41 -37.53
N5 SIA R . 8.92 2.08 -39.66
O1A SIA R . 11.42 -0.84 -43.79
O1B SIA R . 12.30 -0.40 -41.81
O4 SIA R . 7.77 1.71 -42.25
O6 SIA R . 11.94 2.32 -41.95
O7 SIA R . 11.39 4.36 -39.83
O8 SIA R . 13.84 1.67 -39.78
O9 SIA R . 15.22 3.84 -38.37
O10 SIA R . 8.72 4.17 -38.82
C1 NAG S . -12.94 19.75 30.16
C2 NAG S . -12.18 19.73 28.82
C3 NAG S . -12.99 19.04 27.70
C4 NAG S . -13.70 17.76 28.17
C5 NAG S . -14.38 17.96 29.53
C6 NAG S . -14.96 16.66 30.08
C7 NAG S . -11.27 21.94 29.24
C8 NAG S . -12.17 22.90 30.03
N2 NAG S . -11.86 21.08 28.41
O1 NAG S . -12.10 20.16 31.17
O3 NAG S . -12.11 18.70 26.63
O4 NAG S . -14.67 17.38 27.21
O5 NAG S . -13.42 18.44 30.48
O6 NAG S . -13.96 15.88 30.72
O7 NAG S . -10.05 21.99 29.40
C1 NAG T . -12.03 26.92 -1.69
C2 NAG T . -10.53 27.23 -1.70
C3 NAG T . -10.28 28.59 -1.06
C4 NAG T . -11.13 29.67 -1.75
C5 NAG T . -12.61 29.26 -1.82
C6 NAG T . -13.44 30.21 -2.64
C7 NAG T . -9.68 24.98 -1.53
C8 NAG T . -10.49 23.87 -0.89
N2 NAG T . -9.80 26.19 -1.00
O1 NAG T . -12.27 25.71 -2.32
O3 NAG T . -8.91 28.92 -1.16
O4 NAG T . -11.02 30.91 -1.04
O5 NAG T . -12.74 27.94 -2.42
O6 NAG T . -14.18 29.52 -3.63
O7 NAG T . -8.95 24.74 -2.50
C1 NAG U . -9.76 -19.10 -3.75
C2 NAG U . -8.99 -18.07 -2.91
C3 NAG U . -9.95 -17.17 -2.11
C4 NAG U . -11.05 -16.60 -3.00
C5 NAG U . -11.73 -17.73 -3.79
C6 NAG U . -12.78 -17.20 -4.75
C7 NAG U . -7.01 -19.36 -2.44
C8 NAG U . -7.06 -20.88 -2.58
N2 NAG U . -8.10 -18.75 -1.98
O1 NAG U . -8.89 -19.78 -4.59
O3 NAG U . -9.21 -16.10 -1.54
O4 NAG U . -12.02 -15.95 -2.21
O5 NAG U . -10.75 -18.45 -4.57
O6 NAG U . -12.20 -16.30 -5.68
O7 NAG U . -5.99 -18.75 -2.75
C1 NAG V . -38.22 0.57 51.90
C2 NAG V . -39.72 0.81 51.66
C3 NAG V . -40.43 -0.51 51.34
C4 NAG V . -39.71 -1.28 50.23
C5 NAG V . -38.20 -1.40 50.54
C6 NAG V . -37.40 -2.02 49.41
C7 NAG V . -39.98 2.63 53.26
C8 NAG V . -38.99 2.71 54.40
N2 NAG V . -40.33 1.41 52.85
O1 NAG V . -37.56 1.77 52.09
O3 NAG V . -41.77 -0.27 50.95
O4 NAG V . -40.27 -2.58 50.14
O5 NAG V . -37.64 -0.09 50.77
O6 NAG V . -37.50 -1.24 48.23
O7 NAG V . -40.42 3.66 52.76
C1 NAG W . 69.82 -40.76 -4.62
C2 NAG W . 68.63 -40.43 -3.68
C3 NAG W . 68.32 -41.62 -2.76
C4 NAG W . 68.15 -42.90 -3.58
C5 NAG W . 69.41 -43.11 -4.41
C6 NAG W . 69.41 -44.38 -5.23
C7 NAG W . 69.24 -38.08 -3.41
C8 NAG W . 70.69 -37.68 -3.46
N2 NAG W . 68.95 -39.27 -2.85
O1 NAG W . 69.97 -39.76 -5.55
O3 NAG W . 67.14 -41.37 -2.02
O4 NAG W . 67.95 -44.01 -2.71
O5 NAG W . 69.57 -41.99 -5.31
O6 NAG W . 69.64 -44.11 -6.61
O7 NAG W . 68.37 -37.34 -3.86
C1 NAG X . 68.38 -32.22 -35.75
C2 NAG X . 69.14 -33.25 -36.59
C3 NAG X . 69.15 -34.61 -35.89
C4 NAG X . 69.66 -34.48 -34.45
C5 NAG X . 68.89 -33.37 -33.72
C6 NAG X . 69.42 -33.11 -32.32
C7 NAG X . 68.79 -32.46 -38.84
C8 NAG X . 67.64 -31.60 -39.34
N2 NAG X . 68.53 -33.37 -37.91
O1 NAG X . 68.45 -30.97 -36.34
O3 NAG X . 69.99 -35.52 -36.60
O4 NAG X . 69.49 -35.71 -33.76
O5 NAG X . 68.99 -32.13 -34.46
O6 NAG X . 69.57 -31.72 -32.07
O7 NAG X . 69.93 -32.29 -39.31
C1 NAG Y . 47.26 -39.61 16.60
C2 NAG Y . 48.76 -39.21 16.51
C3 NAG Y . 48.98 -37.75 16.93
C4 NAG Y . 47.99 -36.81 16.25
C5 NAG Y . 46.58 -37.32 16.52
C6 NAG Y . 45.50 -36.44 15.91
C7 NAG Y . 49.66 -41.39 17.14
C8 NAG Y . 49.00 -42.31 18.15
N2 NAG Y . 49.57 -40.08 17.35
O1 NAG Y . 47.06 -40.84 15.98
O3 NAG Y . 50.31 -37.36 16.60
O4 NAG Y . 48.13 -35.49 16.78
O5 NAG Y . 46.44 -38.64 15.95
O6 NAG Y . 44.64 -37.18 15.06
O7 NAG Y . 50.26 -41.87 16.16
C1 NAG Z . 73.60 -74.88 11.77
C2 NAG Z . 75.08 -74.48 11.83
C3 NAG Z . 75.20 -72.96 11.71
C4 NAG Z . 74.46 -72.45 10.47
C5 NAG Z . 73.03 -72.96 10.46
C6 NAG Z . 72.33 -72.58 9.18
C7 NAG Z . 75.86 -76.24 13.31
C8 NAG Z . 75.14 -76.82 14.50
N2 NAG Z . 75.69 -74.94 13.08
O1 NAG Z . 73.47 -76.26 11.79
O3 NAG Z . 76.57 -72.58 11.64
O4 NAG Z . 74.47 -71.03 10.45
O5 NAG Z . 73.01 -74.40 10.56
O6 NAG Z . 72.52 -73.56 8.18
O7 NAG Z . 76.55 -76.96 12.59
C1 NAG AA . 16.35 -52.72 -29.42
C2 NAG AA . 16.40 -51.61 -28.35
C3 NAG AA . 17.68 -51.73 -27.51
C4 NAG AA . 17.93 -53.17 -27.02
C5 NAG AA . 17.80 -54.16 -28.19
C6 NAG AA . 17.92 -55.61 -27.74
C7 NAG AA . 15.24 -49.75 -29.38
C8 NAG AA . 14.88 -49.89 -30.85
N2 NAG AA . 16.39 -50.30 -28.99
O1 NAG AA . 15.11 -52.69 -30.06
O3 NAG AA . 17.58 -50.88 -26.38
O4 NAG AA . 19.24 -53.26 -26.46
O5 NAG AA . 16.51 -54.01 -28.82
O6 NAG AA . 16.87 -55.96 -26.85
O7 NAG AA . 14.48 -49.14 -28.62
C1 NAG BA . 32.89 -90.31 -8.47
C2 NAG BA . 33.09 -90.83 -9.91
C3 NAG BA . 34.52 -90.57 -10.39
C4 NAG BA . 34.92 -89.10 -10.17
C5 NAG BA . 34.69 -88.74 -8.71
C6 NAG BA . 35.03 -87.29 -8.39
C7 NAG BA . 31.64 -92.74 -9.64
C8 NAG BA . 31.48 -93.32 -8.24
N2 NAG BA . 32.82 -92.26 -9.96
O1 NAG BA . 31.55 -90.39 -8.13
O3 NAG BA . 34.63 -90.88 -11.78
O4 NAG BA . 36.28 -88.92 -10.52
O5 NAG BA . 33.30 -88.93 -8.37
O6 NAG BA . 33.90 -86.44 -8.47
O7 NAG BA . 30.67 -92.75 -10.41
#